data_8SXX
#
_entry.id   8SXX
#
_cell.length_a   1.00
_cell.length_b   1.00
_cell.length_c   1.00
_cell.angle_alpha   90.00
_cell.angle_beta   90.00
_cell.angle_gamma   90.00
#
_symmetry.space_group_name_H-M   'P 1'
#
loop_
_entity.id
_entity.type
_entity.pdbx_description
1 polymer 'SIR2-like domain-containing protein'
2 non-polymer NICOTINAMIDE-ADENINE-DINUCLEOTIDE
#
_entity_poly.entity_id   1
_entity_poly.type   'polypeptide(L)'
_entity_poly.pdbx_seq_one_letter_code
;MSIYQGGNKLNEDDFRSHVYSLCQLDNVGVLLGAGASVGCGGKTMKDVWKSFKQNYPELLGALIDKYLLVSQIDSDNNLV
NVELLIDEATKFLSVAKTRRCEDEEEEFRKILSSLYKEVTKAALLTGEQFREKNQGKKDAFKYHKELISKLISNRQPGQS
APAIFTTNYDLALEWAAEDLGIQLFNGFSGLHTRQFYPQNFDLAFRNVNAKGEARFGHYHAYLYKLHGSLTWYQNDSLTV
NEVSASQAYDEYINDIINKDDFYRGQHLIYPGANKYSHTIGFVYGEMFRRFGEFISKPQTALFINGFGFGDYHINRIILG
ALLNPSFHVVIYYPELKEAITKVSKGGGSEAEKAIVTLKNMAFNQVTVVGGGSKAYFNSFVEHLPYPVLFPRDNIVDELV
EAIANLSKGEGNVPF
;
_entity_poly.pdbx_strand_id   A,B,C,D,E,F,G,H,I,J,K,L
#
# COMPACT_ATOMS: atom_id res chain seq x y z
N SER A 2 -6.68 -11.45 -70.35
CA SER A 2 -7.54 -12.59 -70.05
C SER A 2 -8.31 -12.38 -68.76
N ILE A 3 -7.91 -11.37 -67.99
CA ILE A 3 -8.56 -11.03 -66.73
C ILE A 3 -9.11 -9.62 -66.85
N TYR A 4 -10.39 -9.45 -66.51
CA TYR A 4 -11.07 -8.17 -66.61
C TYR A 4 -11.71 -7.83 -65.28
N GLN A 5 -11.57 -6.57 -64.87
CA GLN A 5 -12.15 -6.06 -63.63
C GLN A 5 -13.10 -4.92 -64.01
N GLY A 6 -14.34 -5.27 -64.31
CA GLY A 6 -15.31 -4.26 -64.73
C GLY A 6 -14.87 -3.52 -65.98
N GLY A 7 -14.26 -4.23 -66.93
CA GLY A 7 -13.77 -3.62 -68.14
C GLY A 7 -12.42 -2.95 -68.02
N ASN A 8 -11.79 -3.01 -66.85
CA ASN A 8 -10.49 -2.39 -66.64
C ASN A 8 -9.38 -3.41 -66.84
N LYS A 9 -8.14 -3.01 -66.56
CA LYS A 9 -6.98 -3.86 -66.69
C LYS A 9 -6.32 -4.05 -65.32
N LEU A 10 -5.89 -5.27 -65.05
CA LEU A 10 -5.25 -5.62 -63.78
C LEU A 10 -3.78 -5.92 -64.04
N ASN A 11 -2.91 -5.37 -63.21
CA ASN A 11 -1.47 -5.52 -63.32
C ASN A 11 -0.93 -6.32 -62.14
N GLU A 12 0.38 -6.58 -62.18
CA GLU A 12 1.02 -7.34 -61.10
C GLU A 12 0.96 -6.59 -59.78
N ASP A 13 1.14 -5.26 -59.82
CA ASP A 13 1.16 -4.48 -58.59
C ASP A 13 -0.15 -4.59 -57.84
N ASP A 14 -1.28 -4.47 -58.55
CA ASP A 14 -2.57 -4.55 -57.90
C ASP A 14 -2.79 -5.93 -57.28
N PHE A 15 -2.43 -6.99 -58.01
CA PHE A 15 -2.58 -8.34 -57.47
C PHE A 15 -1.72 -8.53 -56.23
N ARG A 16 -0.48 -8.05 -56.26
CA ARG A 16 0.40 -8.19 -55.10
C ARG A 16 -0.15 -7.42 -53.91
N SER A 17 -0.66 -6.21 -54.14
CA SER A 17 -1.24 -5.43 -53.05
C SER A 17 -2.45 -6.14 -52.46
N HIS A 18 -3.31 -6.69 -53.32
CA HIS A 18 -4.49 -7.41 -52.83
C HIS A 18 -4.09 -8.63 -52.02
N VAL A 19 -3.09 -9.38 -52.50
CA VAL A 19 -2.63 -10.56 -51.76
C VAL A 19 -2.05 -10.16 -50.41
N TYR A 20 -1.26 -9.08 -50.39
CA TYR A 20 -0.69 -8.62 -49.12
C TYR A 20 -1.78 -8.19 -48.16
N SER A 21 -2.80 -7.49 -48.65
CA SER A 21 -3.90 -7.07 -47.79
C SER A 21 -4.64 -8.30 -47.24
N LEU A 22 -4.88 -9.29 -48.08
CA LEU A 22 -5.57 -10.50 -47.62
C LEU A 22 -4.74 -11.24 -46.59
N CYS A 23 -3.42 -11.29 -46.77
CA CYS A 23 -2.57 -12.07 -45.87
C CYS A 23 -2.68 -11.60 -44.42
N GLN A 24 -3.04 -10.34 -44.19
CA GLN A 24 -3.20 -9.80 -42.85
C GLN A 24 -4.66 -9.76 -42.40
N LEU A 25 -5.48 -10.68 -42.88
CA LEU A 25 -6.89 -10.74 -42.54
C LEU A 25 -7.14 -11.92 -41.61
N ASP A 26 -8.35 -11.94 -41.04
CA ASP A 26 -8.69 -12.98 -40.07
C ASP A 26 -8.64 -14.37 -40.69
N ASN A 27 -9.17 -14.52 -41.91
CA ASN A 27 -9.23 -15.81 -42.58
C ASN A 27 -8.72 -15.68 -44.01
N VAL A 28 -7.98 -16.68 -44.46
CA VAL A 28 -7.48 -16.77 -45.83
C VAL A 28 -7.69 -18.19 -46.32
N GLY A 29 -8.19 -18.32 -47.55
CA GLY A 29 -8.46 -19.63 -48.11
C GLY A 29 -8.60 -19.57 -49.61
N VAL A 30 -8.61 -20.77 -50.22
CA VAL A 30 -8.74 -20.92 -51.66
C VAL A 30 -9.75 -22.02 -51.94
N LEU A 31 -10.33 -21.98 -53.14
CA LEU A 31 -11.32 -22.95 -53.56
C LEU A 31 -11.03 -23.37 -55.00
N LEU A 32 -11.33 -24.62 -55.30
CA LEU A 32 -11.14 -25.18 -56.64
C LEU A 32 -12.39 -25.93 -57.06
N GLY A 33 -12.71 -25.86 -58.35
CA GLY A 33 -13.87 -26.53 -58.92
C GLY A 33 -13.49 -27.76 -59.72
N ALA A 34 -14.44 -28.20 -60.55
CA ALA A 34 -14.20 -29.38 -61.39
C ALA A 34 -13.06 -29.14 -62.37
N GLY A 35 -13.00 -27.94 -62.94
CA GLY A 35 -11.95 -27.66 -63.92
C GLY A 35 -10.55 -27.84 -63.36
N ALA A 36 -10.33 -27.38 -62.13
CA ALA A 36 -9.03 -27.48 -61.50
C ALA A 36 -8.85 -28.75 -60.67
N SER A 37 -9.89 -29.57 -60.53
CA SER A 37 -9.83 -30.78 -59.74
C SER A 37 -9.68 -32.04 -60.58
N VAL A 38 -9.35 -31.91 -61.87
CA VAL A 38 -9.23 -33.08 -62.73
C VAL A 38 -8.13 -34.00 -62.25
N GLY A 39 -7.05 -33.44 -61.68
CA GLY A 39 -5.91 -34.26 -61.30
C GLY A 39 -6.11 -35.08 -60.05
N CYS A 40 -7.14 -34.78 -59.25
CA CYS A 40 -7.33 -35.51 -58.00
C CYS A 40 -7.68 -36.97 -58.23
N GLY A 41 -8.13 -37.33 -59.43
CA GLY A 41 -8.46 -38.71 -59.74
C GLY A 41 -9.91 -39.10 -59.49
N GLY A 42 -10.73 -38.21 -58.93
CA GLY A 42 -12.12 -38.50 -58.71
C GLY A 42 -12.93 -38.43 -59.99
N LYS A 43 -14.20 -38.84 -59.90
CA LYS A 43 -15.11 -38.81 -61.02
C LYS A 43 -16.34 -37.99 -60.65
N THR A 44 -16.93 -37.36 -61.66
CA THR A 44 -18.05 -36.46 -61.46
C THR A 44 -19.37 -37.23 -61.56
N MET A 45 -20.48 -36.51 -61.38
CA MET A 45 -21.79 -37.13 -61.47
C MET A 45 -22.07 -37.67 -62.85
N LYS A 46 -21.49 -37.06 -63.89
CA LYS A 46 -21.73 -37.52 -65.25
C LYS A 46 -21.25 -38.95 -65.44
N ASP A 47 -20.08 -39.28 -64.92
CA ASP A 47 -19.56 -40.63 -65.05
C ASP A 47 -20.46 -41.63 -64.34
N VAL A 48 -20.93 -41.30 -63.13
CA VAL A 48 -21.80 -42.20 -62.39
C VAL A 48 -23.11 -42.42 -63.14
N TRP A 49 -23.70 -41.34 -63.64
CA TRP A 49 -24.97 -41.47 -64.36
C TRP A 49 -24.80 -42.29 -65.63
N LYS A 50 -23.73 -42.03 -66.39
CA LYS A 50 -23.49 -42.81 -67.60
C LYS A 50 -23.29 -44.28 -67.27
N SER A 51 -22.49 -44.57 -66.24
CA SER A 51 -22.25 -45.96 -65.88
C SER A 51 -23.53 -46.65 -65.43
N PHE A 52 -24.39 -45.94 -64.69
CA PHE A 52 -25.66 -46.54 -64.28
C PHE A 52 -26.56 -46.80 -65.48
N LYS A 53 -26.70 -45.82 -66.38
CA LYS A 53 -27.59 -46.01 -67.52
C LYS A 53 -27.03 -47.00 -68.53
N GLN A 54 -25.73 -47.31 -68.46
CA GLN A 54 -25.13 -48.30 -69.34
C GLN A 54 -24.99 -49.67 -68.70
N ASN A 55 -25.08 -49.78 -67.37
CA ASN A 55 -24.93 -51.05 -66.68
C ASN A 55 -26.25 -51.60 -66.16
N TYR A 56 -27.24 -50.74 -65.91
CA TYR A 56 -28.59 -51.18 -65.55
C TYR A 56 -29.61 -50.44 -66.39
N PRO A 57 -29.60 -50.62 -67.71
CA PRO A 57 -30.64 -50.00 -68.54
C PRO A 57 -32.04 -50.48 -68.20
N GLU A 58 -32.19 -51.74 -67.78
CA GLU A 58 -33.51 -52.31 -67.55
C GLU A 58 -34.27 -51.57 -66.45
N LEU A 59 -33.58 -50.82 -65.60
CA LEU A 59 -34.21 -50.14 -64.47
C LEU A 59 -34.59 -48.70 -64.79
N LEU A 60 -34.41 -48.25 -66.03
CA LEU A 60 -34.80 -46.90 -66.40
C LEU A 60 -36.31 -46.70 -66.33
N GLY A 61 -37.09 -47.78 -66.36
CA GLY A 61 -38.54 -47.63 -66.32
C GLY A 61 -39.04 -47.10 -64.99
N ALA A 62 -38.46 -47.57 -63.88
CA ALA A 62 -38.94 -47.15 -62.57
C ALA A 62 -38.80 -45.64 -62.39
N LEU A 63 -37.70 -45.06 -62.87
CA LEU A 63 -37.49 -43.62 -62.71
C LEU A 63 -38.57 -42.81 -63.44
N ILE A 64 -39.17 -43.37 -64.48
CA ILE A 64 -40.18 -42.67 -65.26
C ILE A 64 -41.47 -43.49 -65.29
N ASP A 65 -41.40 -44.71 -65.82
CA ASP A 65 -42.59 -45.47 -66.15
C ASP A 65 -43.40 -45.86 -64.92
N LYS A 66 -42.87 -45.76 -63.71
CA LYS A 66 -43.59 -46.14 -62.51
C LYS A 66 -43.61 -45.07 -61.42
N TYR A 67 -42.62 -44.18 -61.36
CA TYR A 67 -42.56 -43.17 -60.30
C TYR A 67 -42.28 -41.76 -60.80
N LEU A 68 -42.01 -41.57 -62.09
CA LEU A 68 -41.79 -40.23 -62.66
C LEU A 68 -40.59 -39.53 -62.02
N LEU A 69 -39.71 -40.28 -61.37
CA LEU A 69 -38.59 -39.67 -60.66
C LEU A 69 -37.74 -38.79 -61.57
N VAL A 70 -37.63 -39.17 -62.85
CA VAL A 70 -36.79 -38.45 -63.79
C VAL A 70 -37.57 -38.21 -65.07
N SER A 71 -37.11 -37.25 -65.86
CA SER A 71 -37.62 -37.01 -67.20
C SER A 71 -36.62 -37.58 -68.22
N GLN A 72 -36.88 -37.31 -69.49
CA GLN A 72 -35.96 -37.72 -70.54
C GLN A 72 -35.02 -36.60 -70.95
N ILE A 73 -35.51 -35.36 -71.03
CA ILE A 73 -34.66 -34.24 -71.38
C ILE A 73 -33.56 -34.05 -70.34
N ASP A 74 -33.92 -34.11 -69.06
CA ASP A 74 -32.92 -33.99 -68.01
C ASP A 74 -31.90 -35.14 -68.11
N SER A 75 -32.38 -36.37 -68.33
CA SER A 75 -31.47 -37.49 -68.50
C SER A 75 -30.70 -37.37 -69.82
N ASP A 76 -31.36 -36.85 -70.86
CA ASP A 76 -30.70 -36.73 -72.16
C ASP A 76 -29.52 -35.77 -72.08
N ASN A 77 -29.70 -34.62 -71.43
CA ASN A 77 -28.66 -33.61 -71.31
C ASN A 77 -27.97 -33.63 -69.96
N ASN A 78 -28.23 -34.63 -69.13
CA ASN A 78 -27.59 -34.77 -67.83
C ASN A 78 -27.84 -33.53 -66.96
N LEU A 79 -29.12 -33.27 -66.68
CA LEU A 79 -29.55 -32.18 -65.84
C LEU A 79 -30.19 -32.68 -64.53
N VAL A 80 -29.71 -33.83 -64.04
CA VAL A 80 -30.24 -34.44 -62.82
C VAL A 80 -29.13 -34.44 -61.78
N ASN A 81 -29.45 -33.92 -60.59
CA ASN A 81 -28.52 -33.91 -59.48
C ASN A 81 -28.75 -35.16 -58.64
N VAL A 82 -27.66 -35.89 -58.34
CA VAL A 82 -27.80 -37.21 -57.74
C VAL A 82 -28.57 -37.13 -56.44
N GLU A 83 -28.24 -36.14 -55.59
CA GLU A 83 -28.79 -36.12 -54.24
C GLU A 83 -30.30 -36.24 -54.24
N LEU A 84 -30.99 -35.54 -55.15
CA LEU A 84 -32.45 -35.59 -55.18
C LEU A 84 -32.93 -36.99 -55.53
N LEU A 85 -32.34 -37.61 -56.56
CA LEU A 85 -32.79 -38.93 -56.99
C LEU A 85 -32.53 -39.97 -55.90
N ILE A 86 -31.36 -39.92 -55.27
CA ILE A 86 -31.04 -40.89 -54.23
C ILE A 86 -31.96 -40.67 -53.02
N ASP A 87 -32.24 -39.41 -52.69
CA ASP A 87 -33.17 -39.14 -51.59
C ASP A 87 -34.54 -39.70 -51.90
N GLU A 88 -35.02 -39.53 -53.14
CA GLU A 88 -36.31 -40.09 -53.52
C GLU A 88 -36.29 -41.61 -53.45
N ALA A 89 -35.17 -42.22 -53.84
CA ALA A 89 -35.05 -43.67 -53.74
C ALA A 89 -35.18 -44.11 -52.28
N THR A 90 -34.52 -43.38 -51.36
CA THR A 90 -34.64 -43.71 -49.95
C THR A 90 -36.07 -43.50 -49.45
N LYS A 91 -36.73 -42.44 -49.91
CA LYS A 91 -38.14 -42.22 -49.54
C LYS A 91 -39.00 -43.41 -49.97
N PHE A 92 -38.83 -43.84 -51.21
CA PHE A 92 -39.59 -44.99 -51.70
C PHE A 92 -39.25 -46.26 -50.94
N LEU A 93 -37.98 -46.44 -50.57
CA LEU A 93 -37.61 -47.61 -49.77
C LEU A 93 -38.28 -47.59 -48.41
N SER A 94 -38.29 -46.42 -47.75
CA SER A 94 -38.91 -46.33 -46.43
C SER A 94 -40.41 -46.56 -46.51
N VAL A 95 -41.08 -45.98 -47.52
CA VAL A 95 -42.51 -46.19 -47.64
C VAL A 95 -42.81 -47.64 -48.01
N ALA A 96 -41.95 -48.28 -48.79
CA ALA A 96 -42.12 -49.71 -49.08
C ALA A 96 -42.01 -50.54 -47.80
N LYS A 97 -41.03 -50.20 -46.95
CA LYS A 97 -40.94 -50.88 -45.66
C LYS A 97 -42.20 -50.68 -44.84
N THR A 98 -42.72 -49.45 -44.83
CA THR A 98 -43.91 -49.15 -44.05
C THR A 98 -45.13 -49.89 -44.58
N ARG A 99 -45.24 -50.01 -45.91
CA ARG A 99 -46.41 -50.58 -46.56
C ARG A 99 -46.28 -52.07 -46.84
N ARG A 100 -45.15 -52.68 -46.52
CA ARG A 100 -44.90 -54.10 -46.79
C ARG A 100 -45.08 -54.40 -48.27
N CYS A 101 -44.40 -53.61 -49.11
CA CYS A 101 -44.37 -53.82 -50.54
C CYS A 101 -43.06 -54.51 -50.90
N GLU A 102 -43.15 -55.65 -51.58
CA GLU A 102 -42.00 -56.51 -51.79
C GLU A 102 -41.27 -56.21 -53.10
N ASP A 103 -42.00 -56.17 -54.22
CA ASP A 103 -41.36 -55.95 -55.51
C ASP A 103 -40.66 -54.60 -55.56
N GLU A 104 -41.35 -53.55 -55.09
CA GLU A 104 -40.74 -52.23 -55.08
C GLU A 104 -39.54 -52.19 -54.15
N GLU A 105 -39.64 -52.86 -53.00
CA GLU A 105 -38.50 -52.95 -52.08
C GLU A 105 -37.28 -53.54 -52.79
N GLU A 106 -37.47 -54.68 -53.47
CA GLU A 106 -36.35 -55.32 -54.16
C GLU A 106 -35.80 -54.44 -55.26
N GLU A 107 -36.68 -53.81 -56.05
CA GLU A 107 -36.22 -52.97 -57.15
C GLU A 107 -35.38 -51.82 -56.62
N PHE A 108 -35.86 -51.14 -55.58
CA PHE A 108 -35.12 -50.01 -55.03
C PHE A 108 -33.83 -50.45 -54.36
N ARG A 109 -33.83 -51.62 -53.72
CA ARG A 109 -32.60 -52.16 -53.15
C ARG A 109 -31.55 -52.36 -54.24
N LYS A 110 -31.94 -52.98 -55.35
CA LYS A 110 -30.98 -53.21 -56.42
C LYS A 110 -30.52 -51.91 -57.06
N ILE A 111 -31.43 -50.95 -57.22
CA ILE A 111 -31.04 -49.65 -57.78
C ILE A 111 -30.03 -48.96 -56.88
N LEU A 112 -30.28 -48.98 -55.56
CA LEU A 112 -29.35 -48.38 -54.61
C LEU A 112 -28.00 -49.07 -54.69
N SER A 113 -28.00 -50.40 -54.78
CA SER A 113 -26.73 -51.13 -54.91
C SER A 113 -25.98 -50.70 -56.17
N SER A 114 -26.69 -50.55 -57.28
CA SER A 114 -26.03 -50.15 -58.52
C SER A 114 -25.41 -48.77 -58.40
N LEU A 115 -26.18 -47.79 -57.89
CA LEU A 115 -25.65 -46.44 -57.76
C LEU A 115 -24.47 -46.40 -56.80
N TYR A 116 -24.55 -47.12 -55.69
CA TYR A 116 -23.42 -47.15 -54.76
C TYR A 116 -22.19 -47.77 -55.42
N LYS A 117 -22.38 -48.87 -56.15
CA LYS A 117 -21.25 -49.52 -56.80
C LYS A 117 -20.58 -48.58 -57.79
N GLU A 118 -21.38 -47.80 -58.52
CA GLU A 118 -20.79 -46.90 -59.51
C GLU A 118 -20.12 -45.70 -58.85
N VAL A 119 -20.76 -45.11 -57.83
CA VAL A 119 -20.23 -43.88 -57.23
C VAL A 119 -18.96 -44.16 -56.45
N THR A 120 -18.90 -45.29 -55.73
CA THR A 120 -17.80 -45.54 -54.81
C THR A 120 -16.45 -45.71 -55.52
N LYS A 121 -16.44 -45.86 -56.85
CA LYS A 121 -15.23 -46.28 -57.53
C LYS A 121 -14.08 -45.29 -57.32
N ALA A 122 -14.32 -44.01 -57.60
CA ALA A 122 -13.24 -43.04 -57.70
C ALA A 122 -12.98 -42.28 -56.41
N ALA A 123 -13.69 -42.59 -55.33
CA ALA A 123 -13.47 -41.88 -54.07
C ALA A 123 -12.17 -42.29 -53.39
N LEU A 124 -11.63 -43.46 -53.72
CA LEU A 124 -10.42 -43.94 -53.05
C LEU A 124 -9.23 -43.03 -53.33
N LEU A 125 -9.05 -42.61 -54.59
CA LEU A 125 -7.91 -41.82 -55.01
C LEU A 125 -6.64 -42.66 -55.09
N THR A 126 -6.73 -43.94 -54.70
CA THR A 126 -5.58 -44.84 -54.73
C THR A 126 -5.90 -46.16 -55.41
N GLY A 127 -7.10 -46.70 -55.23
CA GLY A 127 -7.48 -47.95 -55.84
C GLY A 127 -7.23 -49.14 -54.91
N GLU A 128 -6.59 -50.17 -55.44
CA GLU A 128 -6.32 -51.36 -54.65
C GLU A 128 -5.43 -51.05 -53.46
N GLN A 129 -4.40 -50.22 -53.66
CA GLN A 129 -3.49 -49.85 -52.58
C GLN A 129 -4.10 -48.85 -51.62
N PHE A 130 -5.40 -48.56 -51.73
CA PHE A 130 -6.02 -47.60 -50.83
C PHE A 130 -5.97 -48.09 -49.38
N ARG A 131 -6.15 -49.39 -49.17
CA ARG A 131 -6.10 -49.94 -47.81
C ARG A 131 -4.74 -49.72 -47.17
N GLU A 132 -3.68 -49.66 -47.97
CA GLU A 132 -2.33 -49.57 -47.42
C GLU A 132 -2.15 -48.31 -46.60
N LYS A 133 -1.44 -48.44 -45.49
CA LYS A 133 -1.10 -47.29 -44.67
C LYS A 133 0.09 -46.55 -45.29
N ASN A 134 0.29 -45.31 -44.85
CA ASN A 134 1.28 -44.42 -45.44
C ASN A 134 1.00 -44.23 -46.93
N GLN A 135 -0.20 -43.71 -47.21
CA GLN A 135 -0.66 -43.56 -48.59
C GLN A 135 0.09 -42.45 -49.32
N GLY A 136 0.74 -41.55 -48.59
CA GLY A 136 1.38 -40.41 -49.20
C GLY A 136 2.68 -40.74 -49.93
N LYS A 137 3.00 -42.04 -50.04
CA LYS A 137 4.20 -42.44 -50.74
C LYS A 137 4.16 -42.00 -52.20
N LYS A 138 2.99 -42.13 -52.84
CA LYS A 138 2.86 -41.70 -54.23
C LYS A 138 3.02 -40.19 -54.34
N ASP A 139 3.53 -39.75 -55.50
CA ASP A 139 3.77 -38.34 -55.75
C ASP A 139 2.49 -37.56 -56.06
N ALA A 140 1.36 -38.26 -56.25
CA ALA A 140 0.14 -37.56 -56.62
C ALA A 140 -0.26 -36.51 -55.60
N PHE A 141 0.10 -36.71 -54.34
CA PHE A 141 -0.25 -35.78 -53.26
C PHE A 141 0.80 -34.71 -53.04
N LYS A 142 1.89 -34.71 -53.80
CA LYS A 142 2.93 -33.69 -53.63
C LYS A 142 2.33 -32.30 -53.73
N TYR A 143 1.58 -32.03 -54.81
CA TYR A 143 0.98 -30.71 -54.99
C TYR A 143 0.07 -30.35 -53.82
N HIS A 144 -0.50 -31.34 -53.14
CA HIS A 144 -1.39 -31.05 -52.02
C HIS A 144 -0.63 -30.48 -50.83
N LYS A 145 0.66 -30.83 -50.69
CA LYS A 145 1.40 -30.44 -49.50
C LYS A 145 1.78 -28.96 -49.54
N GLU A 146 2.59 -28.57 -50.53
CA GLU A 146 3.16 -27.23 -50.55
C GLU A 146 2.07 -26.17 -50.46
N LEU A 147 1.01 -26.31 -51.26
CA LEU A 147 -0.06 -25.33 -51.25
C LEU A 147 -0.58 -25.10 -49.84
N ILE A 148 -0.79 -26.18 -49.08
CA ILE A 148 -1.33 -26.04 -47.74
C ILE A 148 -0.44 -25.13 -46.90
N SER A 149 0.88 -25.27 -47.03
CA SER A 149 1.79 -24.40 -46.30
C SER A 149 1.51 -22.94 -46.62
N LYS A 150 1.33 -22.62 -47.91
CA LYS A 150 1.05 -21.24 -48.28
C LYS A 150 -0.25 -20.73 -47.69
N LEU A 151 -1.17 -21.62 -47.34
CA LEU A 151 -2.41 -21.20 -46.70
C LEU A 151 -2.20 -20.83 -45.24
N ILE A 152 -1.16 -21.38 -44.61
CA ILE A 152 -0.89 -21.11 -43.21
C ILE A 152 0.46 -20.41 -42.99
N SER A 153 1.38 -20.47 -43.95
CA SER A 153 2.68 -19.82 -43.78
C SER A 153 2.56 -18.31 -43.73
N ASN A 154 1.45 -17.74 -44.20
CA ASN A 154 1.24 -16.30 -44.17
C ASN A 154 0.69 -15.82 -42.84
N ARG A 155 0.44 -16.71 -41.88
CA ARG A 155 -0.12 -16.35 -40.59
C ARG A 155 1.01 -16.13 -39.59
N GLN A 156 1.05 -14.93 -39.00
CA GLN A 156 2.04 -14.64 -37.98
C GLN A 156 1.68 -15.36 -36.67
N PRO A 157 2.63 -15.50 -35.76
CA PRO A 157 2.34 -16.21 -34.51
C PRO A 157 1.18 -15.55 -33.76
N GLY A 158 0.30 -16.39 -33.21
CA GLY A 158 -0.84 -15.93 -32.45
C GLY A 158 -2.06 -15.57 -33.27
N GLN A 159 -1.92 -15.48 -34.59
CA GLN A 159 -3.06 -15.13 -35.44
C GLN A 159 -4.05 -16.29 -35.51
N SER A 160 -5.31 -15.95 -35.78
CA SER A 160 -6.34 -16.97 -35.88
C SER A 160 -6.05 -17.92 -37.04
N ALA A 161 -6.29 -19.21 -36.80
CA ALA A 161 -5.98 -20.21 -37.80
C ALA A 161 -6.94 -20.08 -39.00
N PRO A 162 -6.50 -20.50 -40.18
CA PRO A 162 -7.35 -20.42 -41.38
C PRO A 162 -8.31 -21.61 -41.45
N ALA A 163 -9.09 -21.64 -42.52
CA ALA A 163 -10.05 -22.70 -42.76
C ALA A 163 -9.94 -23.18 -44.20
N ILE A 164 -10.31 -24.44 -44.42
CA ILE A 164 -10.25 -25.07 -45.74
C ILE A 164 -11.63 -25.63 -46.06
N PHE A 165 -12.11 -25.34 -47.26
CA PHE A 165 -13.41 -25.80 -47.73
C PHE A 165 -13.23 -26.58 -49.03
N THR A 166 -13.95 -27.69 -49.14
CA THR A 166 -13.86 -28.57 -50.29
C THR A 166 -15.26 -28.91 -50.79
N THR A 167 -15.38 -29.09 -52.11
CA THR A 167 -16.68 -29.37 -52.73
C THR A 167 -17.01 -30.85 -52.69
N ASN A 168 -16.14 -31.68 -53.25
CA ASN A 168 -16.36 -33.13 -53.27
C ASN A 168 -16.09 -33.69 -51.88
N TYR A 169 -16.04 -35.02 -51.78
CA TYR A 169 -15.83 -35.71 -50.51
C TYR A 169 -14.55 -36.54 -50.56
N ASP A 170 -13.48 -35.95 -51.10
CA ASP A 170 -12.16 -36.57 -51.09
C ASP A 170 -11.48 -36.35 -49.74
N LEU A 171 -10.38 -37.07 -49.52
CA LEU A 171 -9.66 -37.05 -48.26
C LEU A 171 -8.16 -36.88 -48.51
N ALA A 172 -7.81 -35.94 -49.37
CA ALA A 172 -6.39 -35.64 -49.60
C ALA A 172 -5.79 -34.81 -48.47
N LEU A 173 -6.62 -34.02 -47.78
CA LEU A 173 -6.11 -33.15 -46.72
C LEU A 173 -5.50 -33.95 -45.58
N GLU A 174 -6.11 -35.08 -45.22
CA GLU A 174 -5.57 -35.89 -44.13
C GLU A 174 -4.14 -36.31 -44.43
N TRP A 175 -3.91 -36.90 -45.60
CA TRP A 175 -2.57 -37.38 -45.93
C TRP A 175 -1.60 -36.23 -46.14
N ALA A 176 -2.06 -35.13 -46.74
CA ALA A 176 -1.18 -33.97 -46.90
C ALA A 176 -0.72 -33.42 -45.56
N ALA A 177 -1.64 -33.30 -44.61
CA ALA A 177 -1.28 -32.81 -43.29
C ALA A 177 -0.38 -33.80 -42.56
N GLU A 178 -0.65 -35.10 -42.70
CA GLU A 178 0.22 -36.09 -42.07
C GLU A 178 1.64 -35.99 -42.61
N ASP A 179 1.78 -35.83 -43.92
CA ASP A 179 3.11 -35.63 -44.51
C ASP A 179 3.75 -34.36 -43.98
N LEU A 180 2.97 -33.27 -43.89
CA LEU A 180 3.50 -32.03 -43.36
C LEU A 180 3.66 -32.09 -41.84
N GLY A 181 2.81 -32.86 -41.16
CA GLY A 181 2.88 -32.98 -39.72
C GLY A 181 2.00 -32.00 -38.98
N ILE A 182 0.73 -31.92 -39.38
CA ILE A 182 -0.25 -31.02 -38.78
C ILE A 182 -1.54 -31.80 -38.53
N GLN A 183 -2.20 -31.48 -37.42
CA GLN A 183 -3.48 -32.09 -37.07
C GLN A 183 -4.62 -31.11 -37.35
N LEU A 184 -5.78 -31.66 -37.67
CA LEU A 184 -6.96 -30.87 -37.98
C LEU A 184 -8.15 -31.41 -37.20
N PHE A 185 -8.93 -30.50 -36.62
CA PHE A 185 -10.07 -30.86 -35.79
C PHE A 185 -11.30 -30.99 -36.69
N ASN A 186 -11.84 -32.21 -36.77
CA ASN A 186 -12.94 -32.52 -37.68
C ASN A 186 -14.01 -33.34 -36.96
N GLY A 187 -14.39 -32.92 -35.76
CA GLY A 187 -15.42 -33.60 -35.02
C GLY A 187 -14.96 -34.95 -34.48
N PHE A 188 -14.54 -35.83 -35.38
CA PHE A 188 -14.04 -37.14 -34.95
C PHE A 188 -12.78 -36.96 -34.10
N SER A 189 -12.66 -37.81 -33.08
CA SER A 189 -11.52 -37.74 -32.18
C SER A 189 -11.47 -39.00 -31.32
N GLY A 190 -10.28 -39.52 -31.12
CA GLY A 190 -10.04 -40.72 -30.34
C GLY A 190 -9.09 -41.64 -31.08
N LEU A 191 -8.87 -42.82 -30.52
CA LEU A 191 -8.05 -43.85 -31.16
C LEU A 191 -8.86 -45.07 -31.55
N HIS A 192 -9.53 -45.71 -30.60
CA HIS A 192 -10.38 -46.87 -30.90
C HIS A 192 -11.78 -46.43 -31.34
N THR A 193 -12.51 -45.77 -30.44
CA THR A 193 -13.88 -45.33 -30.71
C THR A 193 -13.86 -43.82 -30.96
N ARG A 194 -13.56 -43.45 -32.19
CA ARG A 194 -13.66 -42.05 -32.60
C ARG A 194 -15.14 -41.67 -32.72
N GLN A 195 -15.51 -40.53 -32.14
CA GLN A 195 -16.87 -40.04 -32.21
C GLN A 195 -16.85 -38.54 -32.53
N PHE A 196 -18.01 -38.03 -32.90
CA PHE A 196 -18.15 -36.70 -33.49
C PHE A 196 -18.38 -35.67 -32.37
N TYR A 197 -17.35 -34.88 -32.06
CA TYR A 197 -17.45 -33.79 -31.10
C TYR A 197 -17.56 -32.48 -31.86
N PRO A 198 -18.74 -31.84 -31.93
CA PRO A 198 -18.82 -30.55 -32.59
C PRO A 198 -18.33 -29.40 -31.72
N GLN A 199 -18.41 -29.58 -30.40
CA GLN A 199 -17.77 -28.62 -29.50
C GLN A 199 -16.28 -28.54 -29.75
N ASN A 200 -15.70 -29.59 -30.36
CA ASN A 200 -14.28 -29.59 -30.69
C ASN A 200 -13.84 -28.32 -31.41
N PHE A 201 -14.78 -27.63 -32.07
CA PHE A 201 -14.41 -26.42 -32.80
C PHE A 201 -13.82 -25.38 -31.86
N ASP A 202 -14.43 -25.18 -30.70
CA ASP A 202 -14.03 -24.13 -29.77
C ASP A 202 -12.90 -24.65 -28.89
N LEU A 203 -11.70 -24.70 -29.46
CA LEU A 203 -10.51 -25.14 -28.74
C LEU A 203 -9.29 -24.46 -29.34
N ALA A 204 -8.22 -24.41 -28.54
CA ALA A 204 -6.98 -23.79 -28.97
C ALA A 204 -5.84 -24.37 -28.15
N PHE A 205 -4.61 -24.18 -28.65
CA PHE A 205 -3.41 -24.64 -27.99
C PHE A 205 -2.61 -23.45 -27.47
N ARG A 206 -1.67 -23.73 -26.58
CA ARG A 206 -0.82 -22.72 -25.99
C ARG A 206 0.58 -23.29 -25.78
N ASN A 207 1.55 -22.38 -25.66
CA ASN A 207 2.94 -22.75 -25.45
C ASN A 207 3.28 -22.60 -23.97
N VAL A 208 3.74 -23.69 -23.35
CA VAL A 208 4.09 -23.65 -21.94
C VAL A 208 5.36 -22.83 -21.73
N ASN A 209 6.36 -23.04 -22.57
CA ASN A 209 7.63 -22.35 -22.46
C ASN A 209 8.04 -21.73 -23.81
N HIS A 218 1.95 -24.39 -33.43
CA HIS A 218 0.60 -24.36 -32.88
C HIS A 218 -0.43 -24.07 -33.98
N TYR A 219 0.06 -23.78 -35.18
CA TYR A 219 -0.85 -23.51 -36.29
C TYR A 219 -1.60 -24.76 -36.69
N HIS A 220 -2.89 -24.60 -36.97
CA HIS A 220 -3.76 -25.69 -37.41
C HIS A 220 -4.78 -25.12 -38.37
N ALA A 221 -5.82 -25.90 -38.64
CA ALA A 221 -6.93 -25.43 -39.47
C ALA A 221 -8.16 -26.26 -39.15
N TYR A 222 -9.32 -25.68 -39.46
CA TYR A 222 -10.60 -26.36 -39.25
C TYR A 222 -10.95 -27.13 -40.51
N LEU A 223 -11.08 -28.45 -40.38
CA LEU A 223 -11.34 -29.33 -41.51
C LEU A 223 -12.84 -29.57 -41.62
N TYR A 224 -13.39 -29.38 -42.82
CA TYR A 224 -14.81 -29.57 -43.09
C TYR A 224 -14.98 -30.59 -44.21
N LYS A 225 -15.81 -31.60 -43.96
CA LYS A 225 -16.18 -32.59 -44.97
C LYS A 225 -17.61 -32.28 -45.41
N LEU A 226 -17.76 -31.82 -46.65
CA LEU A 226 -19.02 -31.23 -47.09
C LEU A 226 -20.00 -32.25 -47.67
N HIS A 227 -19.59 -32.96 -48.71
CA HIS A 227 -20.51 -33.76 -49.54
C HIS A 227 -20.41 -35.25 -49.21
N GLY A 228 -20.20 -35.61 -47.96
CA GLY A 228 -20.03 -37.00 -47.58
C GLY A 228 -18.58 -37.37 -47.41
N SER A 229 -18.35 -38.68 -47.37
CA SER A 229 -16.99 -39.20 -47.22
C SER A 229 -17.02 -40.72 -47.33
N LEU A 230 -15.92 -41.28 -47.84
CA LEU A 230 -15.78 -42.74 -47.85
C LEU A 230 -15.54 -43.29 -46.46
N THR A 231 -14.65 -42.63 -45.70
CA THR A 231 -14.31 -43.12 -44.36
C THR A 231 -15.43 -42.97 -43.37
N TRP A 232 -16.50 -42.23 -43.71
CA TRP A 232 -17.63 -42.10 -42.82
C TRP A 232 -18.35 -43.44 -42.68
N TYR A 233 -18.98 -43.65 -41.52
CA TYR A 233 -19.78 -44.84 -41.29
C TYR A 233 -20.54 -44.66 -39.97
N GLN A 234 -21.26 -45.70 -39.57
CA GLN A 234 -21.99 -45.75 -38.31
C GLN A 234 -21.68 -47.08 -37.63
N ASN A 235 -21.99 -47.17 -36.34
CA ASN A 235 -21.82 -48.41 -35.58
C ASN A 235 -23.08 -48.68 -34.77
N ASP A 236 -24.08 -49.27 -35.43
CA ASP A 236 -25.21 -49.93 -34.79
C ASP A 236 -25.88 -49.08 -33.72
N SER A 237 -25.58 -47.79 -33.68
CA SER A 237 -26.15 -46.91 -32.66
C SER A 237 -26.47 -45.52 -33.18
N LEU A 238 -26.30 -45.27 -34.48
CA LEU A 238 -26.46 -43.97 -35.13
C LEU A 238 -25.38 -42.99 -34.72
N THR A 239 -24.45 -43.38 -33.86
CA THR A 239 -23.33 -42.52 -33.51
C THR A 239 -22.33 -42.46 -34.66
N VAL A 240 -21.83 -41.25 -34.91
CA VAL A 240 -20.97 -40.98 -36.06
C VAL A 240 -19.53 -41.31 -35.68
N ASN A 241 -18.87 -42.10 -36.52
CA ASN A 241 -17.50 -42.56 -36.28
C ASN A 241 -16.67 -42.39 -37.54
N GLU A 242 -15.36 -42.21 -37.34
CA GLU A 242 -14.38 -42.20 -38.43
C GLU A 242 -13.25 -43.15 -38.07
N VAL A 243 -12.67 -43.77 -39.10
CA VAL A 243 -11.56 -44.68 -38.93
C VAL A 243 -10.61 -44.49 -40.11
N SER A 244 -9.34 -44.82 -39.89
CA SER A 244 -8.34 -44.72 -40.94
C SER A 244 -8.78 -45.53 -42.16
N ALA A 245 -8.18 -45.23 -43.32
CA ALA A 245 -8.70 -45.78 -44.57
C ALA A 245 -8.58 -47.30 -44.63
N SER A 246 -7.60 -47.88 -43.95
CA SER A 246 -7.30 -49.30 -44.12
C SER A 246 -8.49 -50.17 -43.73
N GLN A 247 -9.02 -49.97 -42.52
CA GLN A 247 -10.14 -50.80 -42.07
C GLN A 247 -11.36 -50.59 -42.95
N ALA A 248 -11.63 -49.34 -43.36
CA ALA A 248 -12.79 -49.07 -44.19
C ALA A 248 -12.68 -49.81 -45.52
N TYR A 249 -11.50 -49.80 -46.15
CA TYR A 249 -11.33 -50.51 -47.41
C TYR A 249 -11.28 -52.02 -47.22
N ASP A 250 -10.97 -52.49 -46.01
CA ASP A 250 -10.88 -53.93 -45.78
C ASP A 250 -12.23 -54.56 -45.49
N GLU A 251 -12.96 -54.06 -44.49
CA GLU A 251 -14.10 -54.80 -43.97
C GLU A 251 -15.32 -54.72 -44.88
N TYR A 252 -15.87 -53.51 -45.08
CA TYR A 252 -17.18 -53.36 -45.68
C TYR A 252 -17.18 -52.78 -47.09
N ILE A 253 -16.23 -51.91 -47.43
CA ILE A 253 -16.28 -51.24 -48.72
C ILE A 253 -16.17 -52.25 -49.86
N ASN A 254 -15.23 -53.19 -49.74
CA ASN A 254 -15.02 -54.15 -50.82
C ASN A 254 -16.26 -55.01 -51.05
N ASP A 255 -16.93 -55.43 -49.97
CA ASP A 255 -18.16 -56.20 -50.14
C ASP A 255 -19.20 -55.41 -50.90
N ILE A 256 -19.37 -54.13 -50.56
CA ILE A 256 -20.31 -53.30 -51.30
C ILE A 256 -19.92 -53.24 -52.77
N ILE A 257 -18.61 -53.15 -53.05
CA ILE A 257 -18.16 -52.99 -54.43
C ILE A 257 -18.45 -54.25 -55.24
N ASN A 258 -18.06 -55.42 -54.73
CA ASN A 258 -18.05 -56.65 -55.53
C ASN A 258 -18.59 -57.85 -54.75
N LYS A 259 -19.74 -57.69 -54.09
CA LYS A 259 -20.41 -58.82 -53.45
C LYS A 259 -21.80 -59.06 -54.03
N ASP A 260 -22.13 -58.45 -55.16
CA ASP A 260 -23.41 -58.67 -55.82
C ASP A 260 -24.58 -58.19 -54.94
N ASP A 261 -25.42 -59.12 -54.50
CA ASP A 261 -26.64 -58.77 -53.76
C ASP A 261 -26.32 -58.79 -52.26
N PHE A 262 -25.92 -57.62 -51.74
CA PHE A 262 -25.63 -57.49 -50.32
C PHE A 262 -25.79 -56.02 -49.94
N TYR A 263 -26.90 -55.70 -49.28
CA TYR A 263 -27.16 -54.35 -48.80
C TYR A 263 -27.91 -54.42 -47.48
N ARG A 264 -27.79 -53.35 -46.70
CA ARG A 264 -28.35 -53.31 -45.35
C ARG A 264 -29.00 -51.95 -45.08
N GLY A 265 -29.38 -51.70 -43.83
CA GLY A 265 -30.05 -50.47 -43.48
C GLY A 265 -29.11 -49.32 -43.18
N GLN A 266 -29.21 -48.76 -41.97
CA GLN A 266 -28.46 -47.56 -41.59
C GLN A 266 -27.06 -47.97 -41.15
N HIS A 267 -26.14 -47.98 -42.11
CA HIS A 267 -24.72 -48.26 -41.84
C HIS A 267 -23.79 -47.23 -42.45
N LEU A 268 -24.16 -46.58 -43.53
CA LEU A 268 -23.30 -45.66 -44.26
C LEU A 268 -23.92 -44.27 -44.27
N ILE A 269 -23.07 -43.25 -44.27
CA ILE A 269 -23.53 -41.86 -44.31
C ILE A 269 -22.82 -41.21 -45.49
N TYR A 270 -23.42 -41.32 -46.68
CA TYR A 270 -23.09 -40.48 -47.82
C TYR A 270 -23.94 -40.89 -49.03
N PRO A 271 -24.21 -39.98 -49.98
CA PRO A 271 -23.98 -38.54 -49.97
C PRO A 271 -25.26 -37.80 -49.61
N GLY A 272 -25.32 -37.11 -48.47
CA GLY A 272 -26.55 -36.49 -48.04
C GLY A 272 -27.68 -37.50 -48.04
N ALA A 273 -27.35 -38.75 -47.72
CA ALA A 273 -28.26 -39.86 -47.97
C ALA A 273 -29.44 -39.83 -47.01
N ASN A 274 -29.18 -39.99 -45.71
CA ASN A 274 -30.23 -40.20 -44.72
C ASN A 274 -30.50 -38.89 -43.99
N LYS A 275 -31.35 -38.06 -44.60
CA LYS A 275 -31.80 -36.84 -43.95
C LYS A 275 -33.10 -37.00 -43.20
N TYR A 276 -33.92 -37.99 -43.56
CA TYR A 276 -35.14 -38.25 -42.80
C TYR A 276 -34.84 -38.69 -41.37
N SER A 277 -33.60 -39.07 -41.09
CA SER A 277 -33.14 -39.36 -39.74
C SER A 277 -32.36 -38.16 -39.22
N HIS A 278 -32.76 -37.65 -38.06
CA HIS A 278 -32.12 -36.47 -37.49
C HIS A 278 -30.64 -36.72 -37.22
N THR A 279 -30.30 -37.94 -36.80
CA THR A 279 -28.93 -38.23 -36.38
C THR A 279 -27.94 -37.89 -37.49
N ILE A 280 -28.18 -38.35 -38.71
CA ILE A 280 -27.26 -38.05 -39.81
C ILE A 280 -27.31 -36.57 -40.15
N GLY A 281 -28.49 -36.08 -40.52
CA GLY A 281 -28.66 -34.69 -40.89
C GLY A 281 -27.88 -33.75 -40.00
N PHE A 282 -27.91 -34.04 -38.69
CA PHE A 282 -27.17 -33.27 -37.70
C PHE A 282 -25.80 -32.83 -38.20
N VAL A 283 -25.07 -33.77 -38.82
CA VAL A 283 -23.69 -33.47 -39.23
C VAL A 283 -23.66 -32.35 -40.26
N TYR A 284 -24.45 -32.49 -41.32
CA TYR A 284 -24.45 -31.50 -42.38
C TYR A 284 -25.03 -30.18 -41.90
N GLY A 285 -26.10 -30.25 -41.11
CA GLY A 285 -26.66 -29.03 -40.55
C GLY A 285 -25.66 -28.28 -39.69
N GLU A 286 -24.86 -29.01 -38.92
CA GLU A 286 -23.88 -28.36 -38.05
C GLU A 286 -22.73 -27.76 -38.84
N MET A 287 -22.23 -28.49 -39.85
CA MET A 287 -21.18 -27.94 -40.68
C MET A 287 -21.66 -26.68 -41.39
N PHE A 288 -22.88 -26.71 -41.92
CA PHE A 288 -23.42 -25.52 -42.58
C PHE A 288 -23.67 -24.40 -41.57
N ARG A 289 -24.06 -24.73 -40.35
CA ARG A 289 -24.25 -23.71 -39.32
C ARG A 289 -22.95 -23.02 -38.99
N ARG A 290 -21.86 -23.79 -38.83
CA ARG A 290 -20.56 -23.19 -38.57
C ARG A 290 -20.11 -22.34 -39.75
N PHE A 291 -20.38 -22.80 -40.97
CA PHE A 291 -20.07 -21.98 -42.14
C PHE A 291 -20.84 -20.67 -42.13
N GLY A 292 -22.15 -20.74 -41.87
CA GLY A 292 -22.98 -19.56 -41.93
C GLY A 292 -22.66 -18.55 -40.86
N GLU A 293 -22.37 -19.02 -39.64
CA GLU A 293 -21.96 -18.12 -38.58
C GLU A 293 -20.49 -17.73 -38.69
N PHE A 294 -19.72 -18.39 -39.56
CA PHE A 294 -18.36 -17.97 -39.84
C PHE A 294 -18.35 -16.72 -40.71
N ILE A 295 -19.19 -16.68 -41.75
CA ILE A 295 -19.26 -15.51 -42.61
C ILE A 295 -19.80 -14.30 -41.86
N SER A 296 -20.54 -14.52 -40.77
CA SER A 296 -21.02 -13.41 -39.95
C SER A 296 -19.89 -12.70 -39.22
N LYS A 297 -18.68 -13.27 -39.21
CA LYS A 297 -17.55 -12.62 -38.55
C LYS A 297 -17.21 -11.31 -39.25
N PRO A 298 -16.68 -10.34 -38.52
CA PRO A 298 -16.15 -9.13 -39.16
C PRO A 298 -14.70 -9.30 -39.58
N GLN A 299 -14.31 -8.52 -40.59
CA GLN A 299 -12.95 -8.54 -41.12
C GLN A 299 -12.55 -9.95 -41.55
N THR A 300 -13.46 -10.63 -42.23
CA THR A 300 -13.25 -11.98 -42.73
C THR A 300 -13.29 -11.97 -44.25
N ALA A 301 -12.41 -12.75 -44.87
CA ALA A 301 -12.32 -12.84 -46.32
C ALA A 301 -12.93 -14.16 -46.79
N LEU A 302 -13.84 -14.07 -47.76
CA LEU A 302 -14.50 -15.23 -48.33
C LEU A 302 -14.12 -15.35 -49.80
N PHE A 303 -13.90 -16.58 -50.25
CA PHE A 303 -13.44 -16.85 -51.61
C PHE A 303 -14.40 -17.80 -52.31
N ILE A 304 -14.80 -17.45 -53.52
CA ILE A 304 -15.59 -18.33 -54.39
C ILE A 304 -14.87 -18.32 -55.74
N ASN A 305 -14.00 -19.29 -55.96
CA ASN A 305 -13.12 -19.32 -57.12
C ASN A 305 -13.42 -20.54 -57.98
N GLY A 306 -13.60 -20.32 -59.28
CA GLY A 306 -13.78 -21.40 -60.22
C GLY A 306 -14.96 -22.29 -59.88
N PHE A 307 -16.10 -21.69 -59.56
CA PHE A 307 -17.29 -22.41 -59.15
C PHE A 307 -18.38 -22.26 -60.21
N GLY A 308 -19.03 -23.37 -60.56
CA GLY A 308 -20.11 -23.34 -61.52
C GLY A 308 -21.45 -22.90 -60.96
N PHE A 309 -21.55 -22.74 -59.64
CA PHE A 309 -22.78 -22.29 -58.99
C PHE A 309 -23.95 -23.21 -59.34
N GLY A 310 -23.73 -24.51 -59.17
CA GLY A 310 -24.77 -25.50 -59.38
C GLY A 310 -25.69 -25.70 -58.20
N ASP A 311 -25.50 -24.96 -57.12
CA ASP A 311 -26.31 -25.05 -55.92
C ASP A 311 -27.23 -23.84 -55.82
N TYR A 312 -28.33 -24.02 -55.07
CA TYR A 312 -29.34 -22.99 -54.89
C TYR A 312 -29.26 -22.30 -53.54
N HIS A 313 -29.04 -23.06 -52.47
CA HIS A 313 -29.02 -22.46 -51.13
C HIS A 313 -27.88 -21.46 -50.99
N ILE A 314 -26.71 -21.77 -51.56
CA ILE A 314 -25.54 -20.91 -51.39
C ILE A 314 -25.81 -19.53 -51.99
N ASN A 315 -26.36 -19.50 -53.21
CA ASN A 315 -26.59 -18.23 -53.88
C ASN A 315 -27.59 -17.37 -53.13
N ARG A 316 -28.70 -17.97 -52.68
CA ARG A 316 -29.71 -17.23 -51.94
C ARG A 316 -29.15 -16.72 -50.61
N ILE A 317 -28.36 -17.55 -49.92
CA ILE A 317 -27.75 -17.12 -48.67
C ILE A 317 -26.81 -15.95 -48.91
N ILE A 318 -26.02 -16.02 -49.99
CA ILE A 318 -25.11 -14.92 -50.30
C ILE A 318 -25.89 -13.65 -50.60
N LEU A 319 -26.97 -13.76 -51.38
CA LEU A 319 -27.77 -12.60 -51.71
C LEU A 319 -28.36 -11.97 -50.45
N GLY A 320 -28.88 -12.81 -49.54
CA GLY A 320 -29.44 -12.30 -48.30
C GLY A 320 -28.43 -11.87 -47.26
N ALA A 321 -27.15 -12.19 -47.47
CA ALA A 321 -26.09 -11.83 -46.54
C ALA A 321 -25.22 -10.70 -47.07
N LEU A 322 -25.74 -9.91 -48.02
CA LEU A 322 -24.98 -8.80 -48.57
C LEU A 322 -24.86 -7.65 -47.58
N LEU A 323 -25.54 -7.71 -46.44
CA LEU A 323 -25.44 -6.63 -45.46
C LEU A 323 -23.99 -6.40 -45.02
N ASN A 324 -23.17 -7.43 -45.09
CA ASN A 324 -21.76 -7.29 -44.75
C ASN A 324 -21.05 -6.48 -45.84
N PRO A 325 -20.44 -5.34 -45.53
CA PRO A 325 -19.72 -4.58 -46.56
C PRO A 325 -18.34 -5.11 -46.89
N SER A 326 -17.99 -6.33 -46.45
CA SER A 326 -16.64 -6.86 -46.67
C SER A 326 -16.68 -8.15 -47.48
N PHE A 327 -17.46 -8.16 -48.56
CA PHE A 327 -17.57 -9.32 -49.44
C PHE A 327 -16.79 -9.06 -50.72
N HIS A 328 -15.84 -9.93 -51.02
CA HIS A 328 -15.04 -9.86 -52.24
C HIS A 328 -15.02 -11.23 -52.90
N VAL A 329 -15.24 -11.24 -54.21
CA VAL A 329 -15.38 -12.49 -54.96
C VAL A 329 -14.57 -12.41 -56.24
N VAL A 330 -13.81 -13.47 -56.52
CA VAL A 330 -13.09 -13.64 -57.78
C VAL A 330 -13.44 -15.01 -58.32
N ILE A 331 -14.02 -15.06 -59.52
CA ILE A 331 -14.52 -16.29 -60.11
C ILE A 331 -13.91 -16.47 -61.49
N TYR A 332 -13.50 -17.70 -61.79
CA TYR A 332 -12.99 -18.07 -63.10
C TYR A 332 -14.13 -18.69 -63.91
N TYR A 333 -14.26 -18.26 -65.16
CA TYR A 333 -15.34 -18.73 -66.04
C TYR A 333 -14.79 -18.82 -67.45
N PRO A 334 -14.38 -20.02 -67.90
CA PRO A 334 -13.61 -20.09 -69.16
C PRO A 334 -14.30 -19.50 -70.37
N GLU A 335 -15.59 -19.78 -70.57
CA GLU A 335 -16.28 -19.47 -71.82
C GLU A 335 -17.48 -18.58 -71.52
N LEU A 336 -17.33 -17.27 -71.76
CA LEU A 336 -18.35 -16.30 -71.42
C LEU A 336 -19.12 -15.77 -72.63
N LYS A 337 -18.46 -15.51 -73.76
CA LYS A 337 -19.16 -15.03 -74.94
C LYS A 337 -20.17 -16.06 -75.44
N GLU A 338 -19.79 -17.33 -75.45
CA GLU A 338 -20.69 -18.37 -75.91
C GLU A 338 -21.94 -18.45 -75.03
N ALA A 339 -21.75 -18.41 -73.70
CA ALA A 339 -22.89 -18.49 -72.80
C ALA A 339 -23.78 -17.25 -72.91
N ILE A 340 -23.17 -16.08 -73.10
CA ILE A 340 -23.96 -14.86 -73.30
C ILE A 340 -24.80 -14.99 -74.55
N THR A 341 -24.21 -15.50 -75.64
CA THR A 341 -24.98 -15.70 -76.86
C THR A 341 -26.11 -16.70 -76.65
N LYS A 342 -25.84 -17.78 -75.92
CA LYS A 342 -26.87 -18.80 -75.69
C LYS A 342 -28.03 -18.23 -74.89
N VAL A 343 -27.73 -17.53 -73.79
CA VAL A 343 -28.80 -17.00 -72.94
C VAL A 343 -29.56 -15.90 -73.66
N SER A 344 -28.87 -15.08 -74.46
CA SER A 344 -29.54 -14.02 -75.18
C SER A 344 -30.61 -14.56 -76.12
N LYS A 345 -30.31 -15.66 -76.80
CA LYS A 345 -31.27 -16.27 -77.70
C LYS A 345 -32.44 -16.94 -76.98
N GLY A 346 -32.35 -17.07 -75.65
CA GLY A 346 -33.40 -17.68 -74.87
C GLY A 346 -33.05 -19.02 -74.27
N GLY A 347 -31.83 -19.52 -74.46
CA GLY A 347 -31.38 -20.78 -73.92
C GLY A 347 -30.63 -20.62 -72.63
N GLY A 348 -29.76 -21.60 -72.35
CA GLY A 348 -28.95 -21.57 -71.15
C GLY A 348 -29.57 -22.36 -70.00
N SER A 349 -28.70 -22.81 -69.10
CA SER A 349 -29.11 -23.58 -67.94
C SER A 349 -29.24 -22.66 -66.72
N GLU A 350 -29.63 -23.24 -65.59
CA GLU A 350 -29.80 -22.46 -64.37
C GLU A 350 -28.49 -21.84 -63.92
N ALA A 351 -27.40 -22.61 -63.99
CA ALA A 351 -26.11 -22.10 -63.55
C ALA A 351 -25.66 -20.92 -64.38
N GLU A 352 -25.80 -21.01 -65.71
CA GLU A 352 -25.40 -19.92 -66.58
C GLU A 352 -26.20 -18.66 -66.30
N LYS A 353 -27.52 -18.79 -66.14
CA LYS A 353 -28.35 -17.64 -65.82
C LYS A 353 -27.95 -17.04 -64.48
N ALA A 354 -27.69 -17.89 -63.48
CA ALA A 354 -27.33 -17.39 -62.16
C ALA A 354 -26.02 -16.62 -62.21
N ILE A 355 -25.01 -17.16 -62.90
CA ILE A 355 -23.73 -16.48 -62.96
C ILE A 355 -23.83 -15.19 -63.76
N VAL A 356 -24.62 -15.19 -64.84
CA VAL A 356 -24.80 -13.98 -65.63
C VAL A 356 -25.45 -12.89 -64.78
N THR A 357 -26.49 -13.27 -64.03
CA THR A 357 -27.16 -12.29 -63.17
C THR A 357 -26.22 -11.78 -62.09
N LEU A 358 -25.43 -12.67 -61.50
CA LEU A 358 -24.50 -12.27 -60.45
C LEU A 358 -23.47 -11.29 -60.99
N LYS A 359 -22.93 -11.55 -62.18
CA LYS A 359 -21.90 -10.69 -62.74
C LYS A 359 -22.43 -9.34 -63.20
N ASN A 360 -23.76 -9.16 -63.23
CA ASN A 360 -24.37 -7.94 -63.72
C ASN A 360 -24.52 -6.87 -62.64
N MET A 361 -23.70 -6.91 -61.59
CA MET A 361 -23.72 -5.92 -60.53
C MET A 361 -22.61 -4.90 -60.78
N ALA A 362 -22.99 -3.62 -60.83
CA ALA A 362 -22.05 -2.54 -61.14
C ALA A 362 -21.18 -2.27 -59.91
N PHE A 363 -20.19 -3.13 -59.72
CA PHE A 363 -19.24 -3.01 -58.63
C PHE A 363 -17.84 -3.24 -59.14
N ASN A 364 -16.86 -2.64 -58.46
CA ASN A 364 -15.45 -2.77 -58.83
C ASN A 364 -14.82 -4.05 -58.29
N GLN A 365 -15.55 -4.84 -57.51
CA GLN A 365 -15.04 -6.08 -56.96
C GLN A 365 -15.29 -7.28 -57.85
N VAL A 366 -15.88 -7.08 -59.03
CA VAL A 366 -16.20 -8.17 -59.93
C VAL A 366 -15.03 -8.38 -60.87
N THR A 367 -14.49 -9.60 -60.89
CA THR A 367 -13.39 -9.97 -61.77
C THR A 367 -13.78 -11.22 -62.55
N VAL A 368 -13.47 -11.23 -63.84
CA VAL A 368 -13.82 -12.33 -64.73
C VAL A 368 -12.58 -12.76 -65.49
N VAL A 369 -12.35 -14.07 -65.57
CA VAL A 369 -11.22 -14.65 -66.27
C VAL A 369 -11.74 -15.53 -67.39
N GLY A 370 -11.19 -15.33 -68.59
CA GLY A 370 -11.60 -16.10 -69.75
C GLY A 370 -10.43 -16.75 -70.45
N GLY A 371 -9.45 -17.21 -69.68
CA GLY A 371 -8.24 -17.79 -70.22
C GLY A 371 -8.36 -19.24 -70.64
N GLY A 372 -9.53 -19.85 -70.49
CA GLY A 372 -9.73 -21.23 -70.89
C GLY A 372 -8.89 -22.20 -70.08
N SER A 373 -8.04 -22.97 -70.75
CA SER A 373 -7.22 -23.96 -70.06
C SER A 373 -6.32 -23.33 -69.02
N LYS A 374 -6.05 -22.03 -69.12
CA LYS A 374 -5.24 -21.36 -68.10
C LYS A 374 -5.88 -21.44 -66.73
N ALA A 375 -7.19 -21.64 -66.66
CA ALA A 375 -7.87 -21.79 -65.37
C ALA A 375 -7.57 -23.14 -64.71
N TYR A 376 -6.95 -24.07 -65.43
CA TYR A 376 -6.65 -25.38 -64.87
C TYR A 376 -5.53 -25.27 -63.84
N PHE A 377 -5.48 -26.27 -62.95
CA PHE A 377 -4.47 -26.28 -61.91
C PHE A 377 -3.06 -26.39 -62.51
N ASN A 378 -2.91 -27.20 -63.55
CA ASN A 378 -1.58 -27.38 -64.15
C ASN A 378 -1.05 -26.07 -64.70
N SER A 379 -1.88 -25.33 -65.44
CA SER A 379 -1.44 -24.05 -65.99
C SER A 379 -1.12 -23.05 -64.90
N PHE A 380 -1.95 -23.01 -63.85
CA PHE A 380 -1.70 -22.09 -62.74
C PHE A 380 -0.38 -22.40 -62.06
N VAL A 381 -0.08 -23.68 -61.86
CA VAL A 381 1.19 -24.07 -61.26
C VAL A 381 2.35 -23.70 -62.18
N GLU A 382 2.20 -23.97 -63.48
CA GLU A 382 3.29 -23.70 -64.42
C GLU A 382 3.61 -22.21 -64.48
N HIS A 383 2.57 -21.37 -64.49
CA HIS A 383 2.80 -19.92 -64.59
C HIS A 383 3.58 -19.40 -63.38
N LEU A 384 3.29 -19.93 -62.20
CA LEU A 384 3.95 -19.43 -61.00
C LEU A 384 5.44 -19.75 -61.03
N PRO A 385 6.29 -18.85 -60.52
CA PRO A 385 7.69 -19.20 -60.29
C PRO A 385 7.90 -19.74 -58.88
N TYR A 386 9.12 -20.18 -58.63
CA TYR A 386 9.48 -20.72 -57.33
C TYR A 386 10.79 -20.10 -56.84
N PRO A 387 10.96 -19.93 -55.54
CA PRO A 387 12.23 -19.41 -55.03
C PRO A 387 13.37 -20.37 -55.27
N VAL A 388 14.58 -19.81 -55.43
CA VAL A 388 15.76 -20.63 -55.67
C VAL A 388 16.04 -21.51 -54.45
N LEU A 389 15.92 -20.94 -53.25
CA LEU A 389 16.22 -21.66 -52.02
C LEU A 389 15.04 -22.49 -51.50
N PHE A 390 13.87 -22.37 -52.13
CA PHE A 390 12.73 -23.16 -51.67
C PHE A 390 13.00 -24.64 -51.87
N PRO A 391 12.70 -25.49 -50.89
CA PRO A 391 12.99 -26.93 -51.03
C PRO A 391 11.94 -27.61 -51.90
N ARG A 392 12.35 -27.96 -53.13
CA ARG A 392 11.48 -28.69 -54.04
C ARG A 392 12.00 -30.09 -54.36
N ASP A 393 13.29 -30.34 -54.21
CA ASP A 393 13.83 -31.67 -54.46
C ASP A 393 13.40 -32.64 -53.36
N ASN A 394 13.44 -33.92 -53.69
CA ASN A 394 13.05 -34.98 -52.77
C ASN A 394 14.30 -35.63 -52.20
N ILE A 395 14.45 -35.59 -50.88
CA ILE A 395 15.58 -36.20 -50.20
C ILE A 395 15.18 -37.32 -49.26
N VAL A 396 13.91 -37.40 -48.85
CA VAL A 396 13.48 -38.47 -47.94
C VAL A 396 13.67 -39.83 -48.61
N ASP A 397 13.32 -39.94 -49.89
CA ASP A 397 13.45 -41.22 -50.58
C ASP A 397 14.89 -41.69 -50.61
N GLU A 398 15.82 -40.78 -50.92
CA GLU A 398 17.23 -41.16 -50.99
C GLU A 398 17.74 -41.60 -49.62
N LEU A 399 17.38 -40.86 -48.56
CA LEU A 399 17.81 -41.24 -47.22
C LEU A 399 17.25 -42.59 -46.81
N VAL A 400 15.98 -42.85 -47.13
CA VAL A 400 15.37 -44.13 -46.80
C VAL A 400 16.06 -45.26 -47.55
N GLU A 401 16.36 -45.04 -48.83
CA GLU A 401 17.06 -46.06 -49.61
C GLU A 401 18.44 -46.33 -49.04
N ALA A 402 19.17 -45.27 -48.67
CA ALA A 402 20.49 -45.46 -48.09
C ALA A 402 20.41 -46.22 -46.77
N ILE A 403 19.43 -45.90 -45.93
CA ILE A 403 19.27 -46.60 -44.66
C ILE A 403 18.96 -48.07 -44.90
N ALA A 404 18.07 -48.36 -45.85
CA ALA A 404 17.74 -49.75 -46.16
C ALA A 404 18.93 -50.50 -46.73
N ASN A 405 19.81 -49.80 -47.45
CA ASN A 405 20.97 -50.46 -48.04
C ASN A 405 21.89 -51.04 -46.98
N LEU A 406 21.98 -50.39 -45.83
CA LEU A 406 22.84 -50.89 -44.76
C LEU A 406 22.40 -52.27 -44.32
N SER A 407 23.37 -53.16 -44.12
CA SER A 407 23.09 -54.52 -43.70
C SER A 407 24.11 -54.99 -42.66
N SER B 2 -31.42 -33.78 -2.40
CA SER B 2 -31.74 -34.55 -3.60
C SER B 2 -30.88 -34.12 -4.78
N ILE B 3 -29.68 -33.64 -4.48
CA ILE B 3 -28.75 -33.14 -5.51
C ILE B 3 -27.57 -34.10 -5.56
N TYR B 4 -27.24 -34.55 -6.78
CA TYR B 4 -26.15 -35.48 -7.00
C TYR B 4 -25.07 -34.81 -7.83
N GLN B 5 -23.81 -34.96 -7.40
CA GLN B 5 -22.70 -34.41 -8.16
C GLN B 5 -21.48 -35.30 -7.93
N GLY B 6 -20.77 -35.61 -9.02
CA GLY B 6 -19.59 -36.44 -8.93
C GLY B 6 -19.86 -37.79 -8.30
N GLY B 7 -21.08 -38.29 -8.41
CA GLY B 7 -21.44 -39.56 -7.80
C GLY B 7 -21.67 -39.50 -6.30
N ASN B 8 -21.75 -38.30 -5.72
CA ASN B 8 -21.93 -38.17 -4.28
C ASN B 8 -22.97 -37.08 -4.00
N LYS B 9 -23.60 -37.19 -2.84
CA LYS B 9 -24.69 -36.29 -2.45
C LYS B 9 -24.14 -34.97 -1.91
N LEU B 10 -25.01 -33.97 -1.86
CA LEU B 10 -24.70 -32.66 -1.29
C LEU B 10 -25.78 -32.27 -0.29
N ASN B 11 -25.39 -31.49 0.70
CA ASN B 11 -26.28 -31.13 1.81
C ASN B 11 -26.94 -29.78 1.55
N GLU B 12 -27.95 -29.48 2.37
CA GLU B 12 -28.73 -28.26 2.18
C GLU B 12 -27.89 -27.01 2.40
N ASP B 13 -27.02 -27.01 3.42
CA ASP B 13 -26.16 -25.86 3.65
C ASP B 13 -25.24 -25.62 2.46
N ASP B 14 -24.67 -26.70 1.91
CA ASP B 14 -23.84 -26.57 0.72
C ASP B 14 -24.68 -26.09 -0.46
N PHE B 15 -25.94 -26.52 -0.55
CA PHE B 15 -26.82 -26.03 -1.61
C PHE B 15 -27.03 -24.52 -1.49
N ARG B 16 -27.27 -24.04 -0.27
CA ARG B 16 -27.47 -22.61 -0.06
C ARG B 16 -26.21 -21.83 -0.39
N SER B 17 -25.04 -22.35 0.02
CA SER B 17 -23.78 -21.69 -0.32
C SER B 17 -23.58 -21.66 -1.83
N HIS B 18 -23.89 -22.77 -2.51
CA HIS B 18 -23.83 -22.80 -3.96
C HIS B 18 -24.70 -21.72 -4.56
N VAL B 19 -25.95 -21.60 -4.09
CA VAL B 19 -26.86 -20.61 -4.63
C VAL B 19 -26.33 -19.19 -4.40
N TYR B 20 -25.89 -18.91 -3.17
CA TYR B 20 -25.44 -17.56 -2.85
C TYR B 20 -24.21 -17.18 -3.65
N SER B 21 -23.22 -18.06 -3.72
CA SER B 21 -22.07 -17.81 -4.58
C SER B 21 -22.51 -17.62 -6.02
N LEU B 22 -23.49 -18.43 -6.47
CA LEU B 22 -23.82 -18.47 -7.88
C LEU B 22 -24.48 -17.17 -8.32
N CYS B 23 -25.37 -16.61 -7.48
CA CYS B 23 -26.14 -15.44 -7.89
C CYS B 23 -25.23 -14.31 -8.34
N GLN B 24 -24.06 -14.17 -7.72
CA GLN B 24 -23.15 -13.06 -8.00
C GLN B 24 -22.15 -13.35 -9.11
N LEU B 25 -22.20 -14.51 -9.75
CA LEU B 25 -21.26 -14.77 -10.83
C LEU B 25 -21.48 -13.79 -11.98
N ASP B 26 -20.53 -13.78 -12.90
CA ASP B 26 -20.57 -12.82 -14.01
C ASP B 26 -21.79 -13.06 -14.90
N ASN B 27 -22.10 -14.32 -15.19
CA ASN B 27 -23.17 -14.65 -16.12
C ASN B 27 -24.06 -15.74 -15.54
N VAL B 28 -25.36 -15.62 -15.81
CA VAL B 28 -26.35 -16.63 -15.39
C VAL B 28 -27.43 -16.70 -16.47
N GLY B 29 -27.93 -17.91 -16.71
CA GLY B 29 -28.98 -18.10 -17.69
C GLY B 29 -29.92 -19.22 -17.24
N VAL B 30 -31.12 -19.20 -17.82
CA VAL B 30 -32.18 -20.14 -17.43
C VAL B 30 -32.85 -20.68 -18.69
N LEU B 31 -32.99 -22.01 -18.75
CA LEU B 31 -33.80 -22.70 -19.75
C LEU B 31 -34.73 -23.64 -19.01
N LEU B 32 -35.96 -23.80 -19.51
CA LEU B 32 -36.89 -24.70 -18.84
C LEU B 32 -37.90 -25.24 -19.83
N GLY B 33 -38.41 -26.44 -19.53
CA GLY B 33 -39.36 -27.10 -20.38
C GLY B 33 -40.80 -26.83 -19.97
N ALA B 34 -41.50 -27.88 -19.52
CA ALA B 34 -42.89 -27.77 -19.11
C ALA B 34 -43.06 -27.93 -17.60
N GLY B 35 -42.08 -27.48 -16.83
CA GLY B 35 -42.18 -27.52 -15.39
C GLY B 35 -43.10 -26.49 -14.78
N ALA B 36 -43.56 -25.54 -15.57
CA ALA B 36 -44.45 -24.47 -15.11
C ALA B 36 -45.71 -24.34 -15.94
N SER B 37 -45.63 -24.59 -17.26
CA SER B 37 -46.80 -24.45 -18.11
C SER B 37 -47.91 -25.42 -17.76
N VAL B 38 -47.60 -26.50 -17.04
CA VAL B 38 -48.63 -27.46 -16.66
C VAL B 38 -49.66 -26.79 -15.76
N GLY B 39 -49.21 -26.03 -14.77
CA GLY B 39 -50.14 -25.35 -13.88
C GLY B 39 -50.99 -24.32 -14.59
N CYS B 40 -50.38 -23.55 -15.51
CA CYS B 40 -51.10 -22.52 -16.24
C CYS B 40 -52.11 -23.10 -17.22
N GLY B 41 -52.07 -24.40 -17.49
CA GLY B 41 -52.99 -25.03 -18.41
C GLY B 41 -52.45 -25.23 -19.81
N GLY B 42 -51.13 -25.12 -20.01
CA GLY B 42 -50.57 -25.31 -21.32
C GLY B 42 -50.62 -26.76 -21.77
N LYS B 43 -50.45 -26.95 -23.07
CA LYS B 43 -50.49 -28.26 -23.70
C LYS B 43 -49.15 -28.57 -24.33
N THR B 44 -48.67 -29.79 -24.09
CA THR B 44 -47.40 -30.27 -24.63
C THR B 44 -47.65 -31.27 -25.75
N MET B 45 -46.56 -31.83 -26.28
CA MET B 45 -46.69 -32.81 -27.35
C MET B 45 -47.50 -34.02 -26.89
N LYS B 46 -47.40 -34.39 -25.61
CA LYS B 46 -48.21 -35.47 -25.08
C LYS B 46 -49.69 -35.13 -25.17
N ASP B 47 -50.06 -33.89 -24.86
CA ASP B 47 -51.45 -33.48 -25.00
C ASP B 47 -51.87 -33.42 -26.47
N VAL B 48 -50.95 -33.07 -27.37
CA VAL B 48 -51.25 -33.13 -28.80
C VAL B 48 -51.60 -34.56 -29.19
N TRP B 49 -50.80 -35.53 -28.73
CA TRP B 49 -51.08 -36.93 -29.03
C TRP B 49 -52.42 -37.36 -28.41
N LYS B 50 -52.69 -36.92 -27.19
CA LYS B 50 -53.96 -37.27 -26.55
C LYS B 50 -55.14 -36.76 -27.35
N SER B 51 -55.09 -35.49 -27.77
CA SER B 51 -56.17 -34.92 -28.56
C SER B 51 -56.32 -35.63 -29.88
N PHE B 52 -55.21 -35.93 -30.55
CA PHE B 52 -55.27 -36.63 -31.83
C PHE B 52 -55.91 -38.00 -31.66
N LYS B 53 -55.55 -38.70 -30.58
CA LYS B 53 -56.17 -40.00 -30.31
C LYS B 53 -57.67 -39.87 -30.05
N GLN B 54 -58.07 -38.87 -29.28
CA GLN B 54 -59.44 -38.75 -28.82
C GLN B 54 -60.36 -38.01 -29.79
N ASN B 55 -59.83 -37.50 -30.91
CA ASN B 55 -60.64 -36.75 -31.84
C ASN B 55 -60.63 -37.27 -33.28
N TYR B 56 -59.64 -38.07 -33.67
CA TYR B 56 -59.46 -38.48 -35.07
C TYR B 56 -59.34 -39.99 -35.17
N PRO B 57 -60.46 -40.70 -35.35
CA PRO B 57 -60.37 -42.15 -35.55
C PRO B 57 -60.03 -42.52 -36.99
N GLU B 58 -60.51 -41.73 -37.95
CA GLU B 58 -60.28 -42.06 -39.37
C GLU B 58 -58.80 -42.11 -39.69
N LEU B 59 -58.10 -40.99 -39.49
CA LEU B 59 -56.69 -40.91 -39.87
C LEU B 59 -55.84 -41.85 -39.04
N LEU B 60 -56.10 -41.95 -37.74
CA LEU B 60 -55.34 -42.84 -36.88
C LEU B 60 -55.52 -44.30 -37.31
N GLY B 61 -56.75 -44.70 -37.62
CA GLY B 61 -56.97 -46.05 -38.08
C GLY B 61 -56.33 -46.33 -39.43
N ALA B 62 -56.35 -45.34 -40.33
CA ALA B 62 -55.66 -45.50 -41.60
C ALA B 62 -54.17 -45.70 -41.39
N LEU B 63 -53.58 -44.94 -40.47
CA LEU B 63 -52.17 -45.12 -40.14
C LEU B 63 -51.91 -46.50 -39.53
N ILE B 64 -52.84 -46.96 -38.69
CA ILE B 64 -52.61 -48.20 -37.95
C ILE B 64 -52.57 -49.40 -38.88
N ASP B 65 -53.42 -49.42 -39.91
CA ASP B 65 -53.55 -50.57 -40.79
C ASP B 65 -53.00 -50.30 -42.18
N LYS B 66 -53.48 -49.25 -42.86
CA LYS B 66 -53.05 -49.01 -44.23
C LYS B 66 -51.59 -48.55 -44.30
N TYR B 67 -51.01 -48.13 -43.19
CA TYR B 67 -49.61 -47.71 -43.18
C TYR B 67 -48.82 -48.48 -42.12
N LEU B 68 -49.47 -48.83 -41.02
CA LEU B 68 -48.82 -49.59 -39.93
C LEU B 68 -47.64 -48.81 -39.35
N LEU B 69 -47.92 -47.59 -38.90
CA LEU B 69 -46.91 -46.72 -38.30
C LEU B 69 -47.01 -46.67 -36.78
N VAL B 70 -47.90 -47.46 -36.17
CA VAL B 70 -47.98 -47.55 -34.72
C VAL B 70 -48.82 -48.76 -34.38
N SER B 71 -48.63 -49.28 -33.17
CA SER B 71 -49.44 -50.36 -32.62
C SER B 71 -50.30 -49.84 -31.49
N GLN B 72 -51.35 -50.59 -31.18
CA GLN B 72 -52.29 -50.15 -30.15
C GLN B 72 -51.61 -50.00 -28.80
N ILE B 73 -50.75 -50.95 -28.44
CA ILE B 73 -50.08 -50.91 -27.14
C ILE B 73 -49.17 -49.68 -27.05
N ASP B 74 -48.42 -49.41 -28.10
CA ASP B 74 -47.51 -48.26 -28.08
C ASP B 74 -48.29 -46.97 -27.92
N SER B 75 -49.41 -46.82 -28.63
CA SER B 75 -50.23 -45.63 -28.48
C SER B 75 -50.80 -45.53 -27.07
N ASP B 76 -51.24 -46.66 -26.51
CA ASP B 76 -51.76 -46.66 -25.14
C ASP B 76 -50.69 -46.22 -24.16
N ASN B 77 -49.44 -46.60 -24.40
CA ASN B 77 -48.34 -46.20 -23.53
C ASN B 77 -48.09 -44.71 -23.54
N ASN B 78 -48.65 -43.97 -24.50
CA ASN B 78 -48.49 -42.52 -24.59
C ASN B 78 -47.02 -42.16 -24.79
N LEU B 79 -46.40 -42.77 -25.79
CA LEU B 79 -45.00 -42.52 -26.11
C LEU B 79 -44.77 -42.23 -27.59
N VAL B 80 -45.83 -42.21 -28.41
CA VAL B 80 -45.65 -41.97 -29.84
C VAL B 80 -45.07 -40.58 -30.05
N ASN B 81 -44.23 -40.45 -31.06
CA ASN B 81 -43.65 -39.17 -31.44
C ASN B 81 -44.50 -38.49 -32.49
N VAL B 82 -44.50 -37.17 -32.46
CA VAL B 82 -45.31 -36.36 -33.37
C VAL B 82 -44.44 -35.62 -34.39
N GLU B 83 -43.27 -35.12 -33.97
CA GLU B 83 -42.40 -34.42 -34.90
C GLU B 83 -41.87 -35.36 -35.98
N LEU B 84 -41.43 -36.56 -35.60
CA LEU B 84 -41.04 -37.55 -36.59
C LEU B 84 -42.24 -38.01 -37.40
N LEU B 85 -43.44 -38.01 -36.81
CA LEU B 85 -44.64 -38.31 -37.58
C LEU B 85 -44.86 -37.28 -38.67
N ILE B 86 -44.64 -36.00 -38.38
CA ILE B 86 -44.79 -34.98 -39.41
C ILE B 86 -43.70 -35.11 -40.46
N ASP B 87 -42.49 -35.49 -40.04
CA ASP B 87 -41.42 -35.72 -41.01
C ASP B 87 -41.80 -36.83 -41.97
N GLU B 88 -42.26 -37.97 -41.44
CA GLU B 88 -42.70 -39.06 -42.30
C GLU B 88 -43.94 -38.68 -43.10
N ALA B 89 -44.76 -37.77 -42.58
CA ALA B 89 -45.89 -37.27 -43.36
C ALA B 89 -45.39 -36.55 -44.60
N THR B 90 -44.38 -35.69 -44.43
CA THR B 90 -43.79 -35.03 -45.58
C THR B 90 -43.16 -36.05 -46.52
N LYS B 91 -42.51 -37.08 -45.97
CA LYS B 91 -41.96 -38.15 -46.79
C LYS B 91 -43.06 -38.78 -47.66
N PHE B 92 -44.12 -39.26 -47.02
CA PHE B 92 -45.22 -39.88 -47.74
C PHE B 92 -45.80 -38.95 -48.80
N LEU B 93 -46.02 -37.69 -48.44
CA LEU B 93 -46.75 -36.80 -49.32
C LEU B 93 -45.88 -36.35 -50.49
N SER B 94 -44.57 -36.20 -50.28
CA SER B 94 -43.68 -35.91 -51.39
C SER B 94 -43.52 -37.14 -52.28
N VAL B 95 -43.54 -38.34 -51.71
CA VAL B 95 -43.55 -39.54 -52.54
C VAL B 95 -44.80 -39.56 -53.42
N ALA B 96 -45.95 -39.22 -52.82
CA ALA B 96 -47.20 -39.17 -53.58
C ALA B 96 -47.13 -38.12 -54.69
N LYS B 97 -46.63 -36.93 -54.37
CA LYS B 97 -46.46 -35.89 -55.37
C LYS B 97 -45.41 -36.25 -56.41
N THR B 98 -44.57 -37.25 -56.12
CA THR B 98 -43.63 -37.76 -57.11
C THR B 98 -44.31 -38.73 -58.06
N ARG B 99 -44.99 -39.75 -57.52
CA ARG B 99 -45.73 -40.70 -58.33
C ARG B 99 -47.18 -40.30 -58.54
N ARG B 100 -47.63 -39.22 -57.90
CA ARG B 100 -48.97 -38.65 -58.14
C ARG B 100 -50.07 -39.67 -57.85
N CYS B 101 -50.16 -40.06 -56.59
CA CYS B 101 -51.29 -40.83 -56.06
C CYS B 101 -52.26 -39.82 -55.44
N GLU B 102 -53.31 -39.48 -56.18
CA GLU B 102 -54.21 -38.41 -55.81
C GLU B 102 -55.31 -38.86 -54.85
N ASP B 103 -55.13 -39.99 -54.16
CA ASP B 103 -56.02 -40.41 -53.08
C ASP B 103 -55.33 -40.34 -51.73
N GLU B 104 -54.08 -40.81 -51.65
CA GLU B 104 -53.35 -40.73 -50.39
C GLU B 104 -53.14 -39.28 -49.97
N GLU B 105 -52.84 -38.41 -50.93
CA GLU B 105 -52.70 -36.98 -50.67
C GLU B 105 -53.81 -36.49 -49.76
N GLU B 106 -55.03 -36.97 -49.99
CA GLU B 106 -56.16 -36.52 -49.17
C GLU B 106 -55.92 -36.83 -47.70
N GLU B 107 -55.65 -38.10 -47.39
CA GLU B 107 -55.49 -38.49 -45.98
C GLU B 107 -54.26 -37.85 -45.36
N PHE B 108 -53.14 -37.81 -46.10
CA PHE B 108 -51.91 -37.27 -45.53
C PHE B 108 -52.01 -35.77 -45.29
N ARG B 109 -52.63 -35.04 -46.22
CA ARG B 109 -52.81 -33.61 -46.01
C ARG B 109 -53.86 -33.33 -44.94
N LYS B 110 -54.84 -34.22 -44.78
CA LYS B 110 -55.74 -34.10 -43.64
C LYS B 110 -54.99 -34.29 -42.33
N ILE B 111 -54.07 -35.27 -42.29
CA ILE B 111 -53.26 -35.49 -41.11
C ILE B 111 -52.42 -34.26 -40.80
N LEU B 112 -51.78 -33.70 -41.82
CA LEU B 112 -50.97 -32.51 -41.62
C LEU B 112 -51.81 -31.33 -41.16
N SER B 113 -52.99 -31.15 -41.76
CA SER B 113 -53.88 -30.08 -41.33
C SER B 113 -54.20 -30.21 -39.85
N SER B 114 -54.67 -31.39 -39.43
CA SER B 114 -55.01 -31.60 -38.03
C SER B 114 -53.79 -31.43 -37.13
N LEU B 115 -52.62 -31.88 -37.59
CA LEU B 115 -51.43 -31.84 -36.76
C LEU B 115 -50.98 -30.41 -36.53
N TYR B 116 -50.69 -29.67 -37.60
CA TYR B 116 -50.30 -28.28 -37.45
C TYR B 116 -51.40 -27.44 -36.83
N LYS B 117 -52.67 -27.86 -36.95
CA LYS B 117 -53.73 -27.20 -36.20
C LYS B 117 -53.55 -27.41 -34.70
N GLU B 118 -53.36 -28.65 -34.27
CA GLU B 118 -53.10 -28.91 -32.86
C GLU B 118 -51.85 -28.20 -32.39
N VAL B 119 -50.93 -27.90 -33.31
CA VAL B 119 -49.70 -27.22 -32.94
C VAL B 119 -49.96 -25.73 -32.72
N THR B 120 -50.50 -25.04 -33.72
CA THR B 120 -50.69 -23.59 -33.66
C THR B 120 -52.05 -23.21 -33.08
N LYS B 121 -52.73 -24.13 -32.39
CA LYS B 121 -53.98 -23.80 -31.73
C LYS B 121 -54.02 -24.26 -30.28
N ALA B 122 -52.89 -24.73 -29.75
CA ALA B 122 -52.77 -25.09 -28.34
C ALA B 122 -51.80 -24.17 -27.60
N ALA B 123 -51.57 -22.97 -28.15
CA ALA B 123 -50.64 -22.01 -27.59
C ALA B 123 -51.34 -20.85 -26.90
N LEU B 124 -52.65 -20.94 -26.69
CA LEU B 124 -53.43 -19.84 -26.14
C LEU B 124 -53.54 -19.90 -24.62
N LEU B 125 -54.04 -21.01 -24.10
CA LEU B 125 -54.26 -21.26 -22.67
C LEU B 125 -55.36 -20.37 -22.09
N THR B 126 -56.02 -19.54 -22.89
CA THR B 126 -57.06 -18.65 -22.38
C THR B 126 -58.28 -18.58 -23.29
N GLY B 127 -58.37 -19.46 -24.29
CA GLY B 127 -59.51 -19.39 -25.20
C GLY B 127 -59.47 -18.12 -26.04
N GLU B 128 -60.66 -17.75 -26.52
CA GLU B 128 -60.76 -16.58 -27.39
C GLU B 128 -60.49 -15.28 -26.63
N GLN B 129 -60.38 -15.32 -25.31
CA GLN B 129 -59.89 -14.18 -24.55
C GLN B 129 -58.48 -13.81 -24.95
N PHE B 130 -57.75 -14.72 -25.60
CA PHE B 130 -56.34 -14.50 -25.90
C PHE B 130 -56.13 -13.17 -26.63
N ARG B 131 -57.01 -12.84 -27.57
CA ARG B 131 -56.84 -11.63 -28.37
C ARG B 131 -57.26 -10.37 -27.63
N GLU B 132 -57.95 -10.50 -26.50
CA GLU B 132 -58.42 -9.33 -25.75
C GLU B 132 -57.25 -8.72 -24.98
N LYS B 133 -57.55 -7.74 -24.13
CA LYS B 133 -56.54 -7.00 -23.39
C LYS B 133 -56.65 -7.31 -21.90
N ASN B 134 -55.83 -6.62 -21.11
CA ASN B 134 -55.72 -6.88 -19.67
C ASN B 134 -55.31 -8.33 -19.43
N GLN B 135 -54.13 -8.67 -19.93
CA GLN B 135 -53.61 -10.03 -19.91
C GLN B 135 -52.60 -10.29 -18.80
N GLY B 136 -51.55 -9.47 -18.73
CA GLY B 136 -50.50 -9.69 -17.75
C GLY B 136 -50.97 -9.59 -16.31
N LYS B 137 -52.05 -8.85 -16.06
CA LYS B 137 -52.41 -8.49 -14.70
C LYS B 137 -52.89 -9.68 -13.87
N LYS B 138 -53.28 -10.79 -14.50
CA LYS B 138 -53.86 -11.89 -13.74
C LYS B 138 -52.83 -12.45 -12.76
N ASP B 139 -53.34 -12.86 -11.58
CA ASP B 139 -52.48 -13.39 -10.53
C ASP B 139 -52.09 -14.84 -10.76
N ALA B 140 -52.61 -15.49 -11.80
CA ALA B 140 -52.26 -16.88 -12.08
C ALA B 140 -50.76 -17.05 -12.30
N PHE B 141 -50.02 -15.95 -12.48
CA PHE B 141 -48.57 -15.97 -12.61
C PHE B 141 -47.87 -15.87 -11.27
N LYS B 142 -48.53 -16.30 -10.18
CA LYS B 142 -48.10 -16.02 -8.82
C LYS B 142 -46.58 -16.09 -8.66
N TYR B 143 -45.98 -17.21 -9.06
CA TYR B 143 -44.54 -17.39 -8.92
C TYR B 143 -43.78 -16.93 -10.15
N HIS B 144 -44.36 -17.13 -11.34
CA HIS B 144 -43.68 -16.77 -12.58
C HIS B 144 -43.08 -15.37 -12.47
N LYS B 145 -43.92 -14.37 -12.24
CA LYS B 145 -43.45 -13.00 -12.13
C LYS B 145 -42.30 -12.90 -11.14
N GLU B 146 -42.48 -13.48 -9.96
CA GLU B 146 -41.43 -13.50 -8.94
C GLU B 146 -40.06 -13.77 -9.56
N LEU B 147 -39.96 -14.86 -10.32
CA LEU B 147 -38.69 -15.24 -10.92
C LEU B 147 -38.01 -14.03 -11.55
N ILE B 148 -38.69 -13.38 -12.50
CA ILE B 148 -38.06 -12.29 -13.22
C ILE B 148 -37.57 -11.24 -12.24
N SER B 149 -38.43 -10.86 -11.29
CA SER B 149 -38.03 -9.88 -10.29
C SER B 149 -36.73 -10.31 -9.61
N LYS B 150 -36.70 -11.54 -9.11
CA LYS B 150 -35.54 -11.99 -8.36
C LYS B 150 -34.27 -11.94 -9.20
N LEU B 151 -34.40 -12.02 -10.52
CA LEU B 151 -33.24 -12.07 -11.39
C LEU B 151 -32.83 -10.70 -11.92
N ILE B 152 -33.50 -9.63 -11.49
CA ILE B 152 -33.09 -8.28 -11.85
C ILE B 152 -32.65 -7.48 -10.64
N SER B 153 -32.51 -8.13 -9.48
CA SER B 153 -31.96 -7.50 -8.28
C SER B 153 -30.62 -8.06 -7.86
N ASN B 154 -30.34 -9.33 -8.19
CA ASN B 154 -29.04 -9.93 -7.94
C ASN B 154 -28.05 -9.44 -9.00
N ARG B 155 -27.80 -8.13 -8.97
CA ARG B 155 -26.97 -7.49 -9.97
C ARG B 155 -26.21 -6.34 -9.32
N GLN B 156 -25.13 -5.94 -9.97
CA GLN B 156 -24.32 -4.80 -9.58
C GLN B 156 -23.95 -4.01 -10.82
N PRO B 157 -23.61 -2.73 -10.67
CA PRO B 157 -23.31 -1.92 -11.86
C PRO B 157 -22.20 -2.53 -12.70
N GLY B 158 -22.38 -2.44 -14.02
CA GLY B 158 -21.39 -3.00 -14.93
C GLY B 158 -21.55 -4.47 -15.20
N GLN B 159 -22.78 -4.99 -15.16
CA GLN B 159 -23.05 -6.40 -15.42
C GLN B 159 -24.12 -6.53 -16.48
N SER B 160 -23.97 -7.54 -17.34
CA SER B 160 -24.93 -7.78 -18.41
C SER B 160 -26.21 -8.39 -17.86
N ALA B 161 -27.29 -8.20 -18.59
CA ALA B 161 -28.59 -8.70 -18.16
C ALA B 161 -28.64 -10.23 -18.29
N PRO B 162 -29.40 -10.90 -17.43
CA PRO B 162 -29.55 -12.35 -17.57
C PRO B 162 -30.23 -12.73 -18.86
N ALA B 163 -29.89 -13.92 -19.36
CA ALA B 163 -30.49 -14.48 -20.57
C ALA B 163 -31.45 -15.61 -20.19
N ILE B 164 -32.62 -15.63 -20.82
CA ILE B 164 -33.70 -16.54 -20.48
C ILE B 164 -34.03 -17.41 -21.68
N PHE B 165 -34.31 -18.68 -21.41
CA PHE B 165 -34.71 -19.65 -22.42
C PHE B 165 -35.89 -20.44 -21.87
N THR B 166 -36.63 -21.09 -22.77
CA THR B 166 -37.80 -21.87 -22.36
C THR B 166 -38.23 -22.74 -23.54
N THR B 167 -39.37 -23.43 -23.37
CA THR B 167 -39.98 -24.24 -24.42
C THR B 167 -41.46 -23.90 -24.57
N ASN B 168 -41.84 -22.67 -24.26
CA ASN B 168 -43.24 -22.28 -24.18
C ASN B 168 -43.74 -21.85 -25.56
N TYR B 169 -44.77 -22.53 -26.06
CA TYR B 169 -45.47 -22.05 -27.24
C TYR B 169 -46.12 -20.70 -26.98
N ASP B 170 -46.77 -20.57 -25.82
CA ASP B 170 -47.58 -19.40 -25.51
C ASP B 170 -46.71 -18.22 -25.08
N LEU B 171 -47.35 -17.17 -24.61
CA LEU B 171 -46.71 -15.91 -24.26
C LEU B 171 -46.96 -15.54 -22.80
N ALA B 172 -46.87 -16.52 -21.90
CA ALA B 172 -47.17 -16.28 -20.49
C ALA B 172 -46.15 -15.31 -19.88
N LEU B 173 -44.86 -15.55 -20.14
CA LEU B 173 -43.84 -14.72 -19.51
C LEU B 173 -43.82 -13.31 -20.08
N GLU B 174 -44.13 -13.16 -21.37
CA GLU B 174 -44.31 -11.82 -21.92
C GLU B 174 -45.51 -11.13 -21.28
N TRP B 175 -46.54 -11.89 -20.92
CA TRP B 175 -47.67 -11.31 -20.21
C TRP B 175 -47.25 -10.81 -18.83
N ALA B 176 -46.48 -11.63 -18.09
CA ALA B 176 -45.96 -11.18 -16.81
C ALA B 176 -45.09 -9.94 -16.98
N ALA B 177 -44.29 -9.90 -18.05
CA ALA B 177 -43.45 -8.74 -18.31
C ALA B 177 -44.30 -7.49 -18.52
N GLU B 178 -45.31 -7.58 -19.40
CA GLU B 178 -46.21 -6.45 -19.61
C GLU B 178 -46.85 -6.02 -18.30
N ASP B 179 -47.17 -6.97 -17.43
CA ASP B 179 -47.70 -6.62 -16.11
C ASP B 179 -46.70 -5.79 -15.32
N LEU B 180 -45.45 -6.23 -15.28
CA LEU B 180 -44.45 -5.61 -14.40
C LEU B 180 -43.72 -4.44 -15.04
N GLY B 181 -44.00 -4.12 -16.30
CA GLY B 181 -43.35 -2.98 -16.93
C GLY B 181 -41.89 -3.18 -17.24
N ILE B 182 -41.44 -4.43 -17.33
CA ILE B 182 -40.04 -4.76 -17.55
C ILE B 182 -39.75 -4.78 -19.04
N GLN B 183 -38.52 -4.43 -19.40
CA GLN B 183 -38.11 -4.28 -20.80
C GLN B 183 -37.48 -5.60 -21.26
N LEU B 184 -38.30 -6.49 -21.80
CA LEU B 184 -37.79 -7.73 -22.37
C LEU B 184 -37.24 -7.47 -23.77
N PHE B 185 -36.74 -8.53 -24.41
CA PHE B 185 -36.19 -8.43 -25.75
C PHE B 185 -36.25 -9.81 -26.38
N ASN B 186 -36.96 -9.93 -27.51
CA ASN B 186 -37.05 -11.19 -28.22
C ASN B 186 -36.88 -10.99 -29.73
N GLY B 187 -35.98 -10.10 -30.13
CA GLY B 187 -35.47 -10.04 -31.49
C GLY B 187 -35.91 -8.85 -32.32
N PHE B 188 -37.09 -8.28 -32.06
CA PHE B 188 -37.66 -7.30 -32.95
C PHE B 188 -37.79 -5.95 -32.26
N SER B 189 -37.97 -4.90 -33.08
CA SER B 189 -38.12 -3.53 -32.61
C SER B 189 -39.17 -2.83 -33.46
N GLY B 190 -39.95 -1.96 -32.81
CA GLY B 190 -41.00 -1.23 -33.49
C GLY B 190 -42.38 -1.83 -33.22
N LEU B 191 -43.38 -1.25 -33.88
CA LEU B 191 -44.73 -1.80 -33.88
C LEU B 191 -45.24 -2.11 -35.27
N HIS B 192 -45.13 -1.15 -36.20
CA HIS B 192 -45.71 -1.33 -37.52
C HIS B 192 -44.88 -2.28 -38.39
N THR B 193 -43.56 -2.20 -38.29
CA THR B 193 -42.67 -3.05 -39.06
C THR B 193 -41.67 -3.72 -38.13
N ARG B 194 -41.58 -5.04 -38.22
CA ARG B 194 -40.64 -5.83 -37.44
C ARG B 194 -39.94 -6.80 -38.38
N GLN B 195 -38.62 -6.66 -38.51
CA GLN B 195 -37.85 -7.51 -39.40
C GLN B 195 -36.68 -8.12 -38.64
N PHE B 196 -36.31 -9.34 -39.03
CA PHE B 196 -35.23 -10.05 -38.36
C PHE B 196 -33.89 -9.39 -38.66
N TYR B 197 -33.11 -9.13 -37.62
CA TYR B 197 -31.79 -8.54 -37.76
C TYR B 197 -30.94 -9.02 -36.61
N PRO B 198 -29.75 -9.59 -36.86
CA PRO B 198 -28.88 -9.95 -35.74
C PRO B 198 -28.54 -8.77 -34.84
N GLN B 199 -28.33 -7.59 -35.43
CA GLN B 199 -27.93 -6.43 -34.65
C GLN B 199 -28.94 -6.09 -33.57
N ASN B 200 -30.21 -6.41 -33.79
CA ASN B 200 -31.24 -6.09 -32.81
C ASN B 200 -31.18 -6.95 -31.56
N PHE B 201 -30.37 -8.01 -31.56
CA PHE B 201 -30.26 -8.87 -30.39
C PHE B 201 -29.26 -8.36 -29.35
N ASP B 202 -28.54 -7.28 -29.66
CA ASP B 202 -27.44 -6.79 -28.83
C ASP B 202 -27.69 -5.36 -28.37
N LEU B 203 -28.90 -5.09 -27.87
CA LEU B 203 -29.25 -3.77 -27.37
C LEU B 203 -29.26 -3.77 -25.86
N ALA B 204 -28.60 -2.77 -25.26
CA ALA B 204 -28.50 -2.64 -23.82
C ALA B 204 -28.89 -1.23 -23.41
N PHE B 205 -29.49 -1.11 -22.23
CA PHE B 205 -29.96 0.17 -21.73
C PHE B 205 -28.95 0.79 -20.79
N ARG B 206 -28.90 2.12 -20.78
CA ARG B 206 -28.03 2.88 -19.89
C ARG B 206 -28.87 3.93 -19.19
N ASN B 207 -28.98 3.82 -17.86
CA ASN B 207 -29.76 4.77 -17.08
C ASN B 207 -29.07 6.13 -17.06
N VAL B 208 -29.87 7.19 -17.14
CA VAL B 208 -29.34 8.55 -17.11
C VAL B 208 -30.24 9.42 -16.23
N HIS B 218 -31.66 -0.62 -13.41
CA HIS B 218 -32.87 -0.68 -14.23
C HIS B 218 -33.48 -2.08 -14.20
N TYR B 219 -34.77 -2.17 -14.52
CA TYR B 219 -35.49 -3.43 -14.57
C TYR B 219 -35.67 -3.84 -16.03
N HIS B 220 -34.95 -4.88 -16.44
CA HIS B 220 -35.12 -5.45 -17.77
C HIS B 220 -34.62 -6.89 -17.74
N ALA B 221 -34.72 -7.56 -18.88
CA ALA B 221 -34.34 -8.96 -18.99
C ALA B 221 -34.40 -9.33 -20.47
N TYR B 222 -34.05 -10.58 -20.76
CA TYR B 222 -34.00 -11.09 -22.13
C TYR B 222 -34.98 -12.25 -22.29
N LEU B 223 -35.26 -12.58 -23.55
CA LEU B 223 -36.17 -13.67 -23.88
C LEU B 223 -35.69 -14.35 -25.15
N TYR B 224 -35.84 -15.67 -25.20
CA TYR B 224 -35.44 -16.44 -26.38
C TYR B 224 -36.23 -17.74 -26.38
N LYS B 225 -37.09 -17.90 -27.39
CA LYS B 225 -37.99 -19.04 -27.47
C LYS B 225 -37.43 -20.07 -28.44
N LEU B 226 -37.42 -21.34 -28.00
CA LEU B 226 -37.10 -22.42 -28.94
C LEU B 226 -38.23 -22.62 -29.94
N HIS B 227 -39.48 -22.45 -29.49
CA HIS B 227 -40.63 -22.55 -30.39
C HIS B 227 -40.86 -21.27 -31.19
N GLY B 228 -40.27 -20.14 -30.80
CA GLY B 228 -40.23 -19.01 -31.69
C GLY B 228 -41.56 -18.35 -32.00
N SER B 229 -42.08 -18.67 -33.18
CA SER B 229 -43.04 -17.85 -33.90
C SER B 229 -44.46 -17.91 -33.34
N THR B 231 -46.90 -14.92 -33.42
CA THR B 231 -46.96 -13.52 -33.84
C THR B 231 -46.01 -13.25 -35.00
N TRP B 232 -45.10 -14.17 -35.29
CA TRP B 232 -44.19 -14.06 -36.43
C TRP B 232 -44.86 -14.69 -37.65
N TYR B 233 -45.36 -13.86 -38.55
CA TYR B 233 -46.16 -14.31 -39.68
C TYR B 233 -45.42 -14.09 -40.99
N GLN B 234 -45.52 -15.08 -41.89
CA GLN B 234 -45.03 -14.96 -43.26
C GLN B 234 -46.16 -15.37 -44.19
N ASN B 235 -46.66 -14.42 -44.98
CA ASN B 235 -47.72 -14.71 -45.95
C ASN B 235 -47.13 -15.02 -47.31
N ASP B 236 -46.26 -16.02 -47.34
CA ASP B 236 -45.57 -16.44 -48.56
C ASP B 236 -44.85 -15.27 -49.20
N SER B 237 -44.20 -14.45 -48.36
CA SER B 237 -43.45 -13.29 -48.82
C SER B 237 -41.96 -13.39 -48.48
N LEU B 238 -41.50 -14.54 -48.01
CA LEU B 238 -40.09 -14.76 -47.69
C LEU B 238 -39.62 -13.81 -46.59
N THR B 239 -40.54 -13.32 -45.77
CA THR B 239 -40.20 -12.43 -44.67
C THR B 239 -41.16 -12.67 -43.52
N VAL B 240 -40.74 -12.24 -42.33
CA VAL B 240 -41.49 -12.44 -41.10
C VAL B 240 -41.63 -11.11 -40.38
N ASN B 241 -42.80 -10.86 -39.80
CA ASN B 241 -43.08 -9.63 -39.10
C ASN B 241 -43.95 -9.95 -37.88
N GLU B 242 -43.98 -9.01 -36.93
CA GLU B 242 -44.67 -9.19 -35.66
C GLU B 242 -45.60 -8.03 -35.39
N VAL B 243 -46.85 -8.36 -35.06
CA VAL B 243 -47.81 -7.39 -34.53
C VAL B 243 -48.70 -8.11 -33.53
N SER B 244 -49.65 -7.39 -32.94
CA SER B 244 -50.41 -7.90 -31.79
C SER B 244 -51.02 -9.25 -32.06
N ALA B 245 -51.32 -10.00 -30.98
CA ALA B 245 -52.07 -11.23 -31.14
C ALA B 245 -53.45 -10.97 -31.72
N SER B 246 -54.04 -9.83 -31.39
CA SER B 246 -55.39 -9.53 -31.85
C SER B 246 -55.43 -9.26 -33.36
N GLN B 247 -54.47 -8.50 -33.87
CA GLN B 247 -54.43 -8.22 -35.30
C GLN B 247 -54.17 -9.50 -36.09
N ALA B 248 -53.13 -10.25 -35.71
CA ALA B 248 -52.85 -11.52 -36.38
C ALA B 248 -54.04 -12.45 -36.30
N TYR B 249 -54.77 -12.43 -35.19
CA TYR B 249 -55.97 -13.25 -35.08
C TYR B 249 -57.02 -12.81 -36.09
N ASP B 250 -57.32 -11.51 -36.11
CA ASP B 250 -58.33 -10.99 -37.04
C ASP B 250 -57.93 -11.22 -38.50
N GLU B 251 -56.64 -11.40 -38.78
CA GLU B 251 -56.15 -11.43 -40.15
C GLU B 251 -56.10 -12.85 -40.72
N TYR B 252 -55.31 -13.74 -40.09
CA TYR B 252 -54.94 -15.01 -40.70
C TYR B 252 -55.59 -16.21 -40.00
N ILE B 253 -55.35 -16.38 -38.70
CA ILE B 253 -55.81 -17.59 -38.02
C ILE B 253 -57.31 -17.67 -37.91
N ASN B 254 -58.03 -16.58 -38.18
CA ASN B 254 -59.49 -16.65 -38.24
C ASN B 254 -59.94 -17.66 -39.29
N ASP B 255 -59.27 -17.67 -40.44
CA ASP B 255 -59.60 -18.63 -41.49
C ASP B 255 -59.34 -20.06 -41.05
N ILE B 256 -58.61 -20.26 -39.95
CA ILE B 256 -58.32 -21.59 -39.45
C ILE B 256 -59.30 -21.92 -38.33
N ILE B 257 -60.42 -21.22 -38.29
CA ILE B 257 -61.44 -21.41 -37.26
C ILE B 257 -62.57 -22.31 -37.76
N ASN B 258 -63.14 -21.99 -38.93
CA ASN B 258 -64.29 -22.71 -39.46
C ASN B 258 -64.08 -23.03 -40.94
N LYS B 259 -62.92 -23.55 -41.28
CA LYS B 259 -62.65 -23.95 -42.66
C LYS B 259 -62.16 -25.39 -42.77
N ASP B 260 -61.34 -25.86 -41.83
CA ASP B 260 -60.84 -27.22 -41.83
C ASP B 260 -60.21 -27.58 -43.18
N ASP B 261 -59.33 -26.68 -43.64
CA ASP B 261 -58.65 -26.85 -44.92
C ASP B 261 -57.22 -27.34 -44.68
N PHE B 262 -56.47 -27.47 -45.78
CA PHE B 262 -55.10 -27.93 -45.70
C PHE B 262 -54.21 -26.85 -45.08
N TYR B 263 -53.08 -27.30 -44.54
CA TYR B 263 -52.11 -26.40 -43.89
C TYR B 263 -50.89 -26.27 -44.79
N ARG B 264 -50.73 -25.09 -45.37
CA ARG B 264 -49.48 -24.70 -46.02
C ARG B 264 -48.58 -24.03 -44.99
N GLY B 265 -47.27 -24.19 -45.18
CA GLY B 265 -46.32 -23.61 -44.25
C GLY B 265 -46.08 -22.14 -44.50
N GLN B 266 -47.11 -21.31 -44.30
CA GLN B 266 -46.97 -19.89 -44.56
C GLN B 266 -46.09 -19.23 -43.51
N HIS B 267 -46.52 -19.24 -42.25
CA HIS B 267 -45.74 -18.70 -41.15
C HIS B 267 -44.98 -19.84 -40.49
N LEU B 268 -43.74 -19.57 -40.12
CA LEU B 268 -42.78 -20.61 -39.73
C LEU B 268 -42.88 -20.90 -38.25
N ILE B 269 -43.24 -22.14 -37.92
CA ILE B 269 -43.07 -22.72 -36.59
C ILE B 269 -42.51 -24.12 -36.78
N TYR B 270 -41.57 -24.51 -35.92
CA TYR B 270 -40.71 -25.67 -36.17
C TYR B 270 -40.78 -26.65 -35.02
N PRO B 271 -41.80 -27.50 -34.97
CA PRO B 271 -41.78 -28.64 -34.05
C PRO B 271 -41.28 -29.91 -34.70
N GLY B 272 -41.10 -29.88 -36.02
CA GLY B 272 -40.69 -31.07 -36.76
C GLY B 272 -39.20 -31.34 -36.59
N ALA B 273 -38.86 -32.60 -36.29
CA ALA B 273 -37.47 -32.95 -36.04
C ALA B 273 -36.63 -32.83 -37.30
N ASN B 274 -37.12 -33.35 -38.42
CA ASN B 274 -36.36 -33.33 -39.68
C ASN B 274 -36.34 -31.90 -40.20
N LYS B 275 -35.38 -31.13 -39.69
CA LYS B 275 -35.22 -29.75 -40.14
C LYS B 275 -35.21 -29.65 -41.66
N TYR B 276 -34.76 -30.71 -42.34
CA TYR B 276 -34.71 -30.69 -43.79
C TYR B 276 -36.09 -30.77 -44.43
N SER B 277 -37.14 -31.10 -43.66
CA SER B 277 -38.49 -30.92 -44.17
C SER B 277 -38.72 -29.47 -44.58
N HIS B 278 -38.10 -28.55 -43.86
CA HIS B 278 -38.03 -27.13 -44.21
C HIS B 278 -36.56 -26.75 -44.18
N THR B 279 -35.89 -26.95 -45.32
CA THR B 279 -34.42 -26.91 -45.35
C THR B 279 -33.86 -25.55 -44.97
N ILE B 280 -34.68 -24.50 -44.97
CA ILE B 280 -34.19 -23.16 -44.71
C ILE B 280 -34.86 -22.57 -43.47
N GLY B 281 -35.23 -23.43 -42.51
CA GLY B 281 -35.69 -22.93 -41.23
C GLY B 281 -34.65 -22.04 -40.60
N PHE B 282 -35.02 -20.82 -40.23
CA PHE B 282 -34.05 -19.81 -39.81
C PHE B 282 -34.53 -19.11 -38.53
N VAL B 283 -34.98 -19.89 -37.55
CA VAL B 283 -35.26 -19.38 -36.21
C VAL B 283 -34.51 -20.21 -35.18
N TYR B 284 -34.25 -21.47 -35.53
CA TYR B 284 -33.43 -22.33 -34.69
C TYR B 284 -32.02 -21.78 -34.55
N GLY B 285 -31.45 -21.28 -35.65
CA GLY B 285 -30.04 -20.90 -35.64
C GLY B 285 -29.72 -19.88 -34.59
N GLU B 286 -30.56 -18.85 -34.46
CA GLU B 286 -30.29 -17.80 -33.48
C GLU B 286 -30.38 -18.33 -32.05
N MET B 287 -31.42 -19.10 -31.75
CA MET B 287 -31.57 -19.63 -30.40
C MET B 287 -30.36 -20.48 -30.01
N PHE B 288 -29.92 -21.35 -30.91
CA PHE B 288 -28.82 -22.22 -30.52
C PHE B 288 -27.45 -21.55 -30.64
N ARG B 289 -27.33 -20.50 -31.45
CA ARG B 289 -26.16 -19.63 -31.34
C ARG B 289 -26.08 -19.00 -29.96
N ARG B 290 -27.21 -18.50 -29.45
CA ARG B 290 -27.24 -17.96 -28.10
C ARG B 290 -26.86 -19.03 -27.09
N PHE B 291 -27.40 -20.23 -27.23
CA PHE B 291 -27.11 -21.28 -26.26
C PHE B 291 -25.63 -21.64 -26.29
N GLY B 292 -25.07 -21.78 -27.49
CA GLY B 292 -23.65 -22.09 -27.61
C GLY B 292 -22.77 -21.02 -27.01
N GLU B 293 -23.11 -19.74 -27.24
CA GLU B 293 -22.37 -18.66 -26.61
C GLU B 293 -22.46 -18.77 -25.09
N PHE B 294 -23.65 -19.09 -24.58
CA PHE B 294 -23.83 -19.18 -23.14
C PHE B 294 -23.00 -20.32 -22.54
N ILE B 295 -22.85 -21.42 -23.28
CA ILE B 295 -22.01 -22.52 -22.79
C ILE B 295 -20.55 -22.08 -22.66
N SER B 296 -20.03 -21.39 -23.69
CA SER B 296 -18.61 -21.10 -23.78
C SER B 296 -18.22 -19.94 -22.87
N LYS B 297 -18.32 -20.18 -21.56
CA LYS B 297 -17.92 -19.20 -20.56
C LYS B 297 -17.84 -19.85 -19.19
N PRO B 298 -16.83 -19.55 -18.39
CA PRO B 298 -16.85 -19.96 -16.97
C PRO B 298 -17.79 -19.05 -16.19
N GLN B 299 -17.99 -19.40 -14.93
CA GLN B 299 -18.87 -18.66 -14.04
C GLN B 299 -20.28 -18.56 -14.64
N THR B 300 -20.89 -19.72 -14.85
CA THR B 300 -22.16 -19.84 -15.54
C THR B 300 -23.10 -20.74 -14.73
N ALA B 301 -24.38 -20.77 -15.12
CA ALA B 301 -25.33 -21.69 -14.53
C ALA B 301 -26.49 -21.90 -15.49
N LEU B 302 -26.84 -23.16 -15.73
CA LEU B 302 -28.04 -23.54 -16.46
C LEU B 302 -28.92 -24.38 -15.55
N PHE B 303 -30.20 -24.02 -15.47
CA PHE B 303 -31.20 -24.77 -14.72
C PHE B 303 -32.17 -25.39 -15.71
N ILE B 304 -32.56 -26.64 -15.44
CA ILE B 304 -33.63 -27.29 -16.20
C ILE B 304 -34.46 -28.10 -15.22
N ASN B 305 -35.78 -28.12 -15.44
CA ASN B 305 -36.72 -28.71 -14.49
C ASN B 305 -37.80 -29.46 -15.25
N GLY B 306 -37.74 -30.78 -15.21
CA GLY B 306 -38.69 -31.60 -15.93
C GLY B 306 -38.69 -31.25 -17.41
N PHE B 307 -37.50 -30.90 -17.90
CA PHE B 307 -37.28 -30.60 -19.30
C PHE B 307 -37.26 -31.91 -20.08
N GLY B 308 -38.30 -32.14 -20.87
CA GLY B 308 -38.39 -33.37 -21.64
C GLY B 308 -37.18 -33.58 -22.51
N PHE B 309 -36.34 -34.54 -22.13
CA PHE B 309 -35.15 -34.89 -22.90
C PHE B 309 -35.63 -35.65 -24.13
N GLY B 310 -36.05 -34.89 -25.14
CA GLY B 310 -36.61 -35.48 -26.35
C GLY B 310 -35.97 -34.95 -27.62
N ASP B 311 -35.24 -33.85 -27.52
CA ASP B 311 -34.54 -33.26 -28.66
C ASP B 311 -33.12 -33.80 -28.71
N TYR B 312 -32.70 -34.25 -29.90
CA TYR B 312 -31.34 -34.74 -30.06
C TYR B 312 -30.30 -33.63 -30.00
N HIS B 313 -30.66 -32.43 -30.45
CA HIS B 313 -29.71 -31.33 -30.46
C HIS B 313 -29.62 -30.60 -29.13
N ILE B 314 -30.41 -30.99 -28.14
CA ILE B 314 -30.30 -30.40 -26.82
C ILE B 314 -29.55 -31.32 -25.84
N ASN B 315 -29.39 -32.59 -26.20
CA ASN B 315 -28.66 -33.54 -25.38
C ASN B 315 -27.19 -33.63 -25.74
N ARG B 316 -26.71 -32.80 -26.67
CA ARG B 316 -25.35 -32.88 -27.17
C ARG B 316 -24.49 -31.73 -26.66
N ILE B 317 -24.92 -30.48 -26.85
CA ILE B 317 -24.11 -29.35 -26.42
C ILE B 317 -23.87 -29.42 -24.92
N ILE B 318 -24.76 -30.07 -24.18
CA ILE B 318 -24.60 -30.15 -22.73
C ILE B 318 -23.42 -31.05 -22.37
N LEU B 319 -23.24 -32.16 -23.08
CA LEU B 319 -22.09 -33.02 -22.81
C LEU B 319 -20.78 -32.28 -23.02
N GLY B 320 -20.69 -31.50 -24.10
CA GLY B 320 -19.56 -30.60 -24.24
C GLY B 320 -19.53 -29.55 -23.14
N ALA B 321 -20.71 -29.03 -22.76
CA ALA B 321 -20.76 -28.00 -21.73
C ALA B 321 -20.18 -28.48 -20.41
N LEU B 322 -20.26 -29.78 -20.13
CA LEU B 322 -19.69 -30.29 -18.89
C LEU B 322 -18.19 -30.01 -18.80
N LEU B 323 -17.52 -29.86 -19.94
CA LEU B 323 -16.09 -29.63 -19.95
C LEU B 323 -15.73 -28.20 -19.56
N ASN B 324 -16.71 -27.38 -19.21
CA ASN B 324 -16.48 -26.13 -18.50
C ASN B 324 -16.85 -26.35 -17.04
N PRO B 325 -15.89 -26.36 -16.11
CA PRO B 325 -16.20 -26.85 -14.76
C PRO B 325 -17.18 -25.97 -14.00
N SER B 326 -16.93 -24.67 -13.91
CA SER B 326 -17.82 -23.78 -13.18
C SER B 326 -19.19 -23.73 -13.84
N PHE B 327 -19.35 -24.38 -14.99
CA PHE B 327 -20.66 -24.62 -15.56
C PHE B 327 -21.30 -25.80 -14.81
N HIS B 328 -21.80 -25.49 -13.63
CA HIS B 328 -22.43 -26.50 -12.78
C HIS B 328 -23.82 -26.80 -13.33
N VAL B 329 -23.89 -27.39 -14.52
CA VAL B 329 -25.17 -27.62 -15.17
C VAL B 329 -26.12 -28.27 -14.18
N VAL B 330 -27.34 -27.75 -14.11
CA VAL B 330 -28.32 -28.16 -13.11
C VAL B 330 -29.48 -28.86 -13.80
N ILE B 331 -30.02 -29.86 -13.12
CA ILE B 331 -31.12 -30.66 -13.62
C ILE B 331 -32.16 -30.79 -12.51
N TYR B 332 -33.43 -30.72 -12.88
CA TYR B 332 -34.53 -31.06 -12.00
C TYR B 332 -35.47 -31.96 -12.80
N TYR B 333 -35.79 -33.13 -12.26
CA TYR B 333 -36.59 -34.13 -12.98
C TYR B 333 -37.29 -35.01 -11.96
N PRO B 334 -38.55 -34.72 -11.63
CA PRO B 334 -39.23 -35.56 -10.63
C PRO B 334 -39.28 -37.03 -11.01
N GLU B 335 -39.52 -37.34 -12.28
CA GLU B 335 -39.62 -38.73 -12.74
C GLU B 335 -38.29 -39.19 -13.34
N LEU B 336 -37.23 -39.10 -12.53
CA LEU B 336 -35.91 -39.53 -12.98
C LEU B 336 -35.69 -41.03 -12.82
N LYS B 337 -36.56 -41.72 -12.07
CA LYS B 337 -36.39 -43.15 -11.88
C LYS B 337 -36.53 -43.91 -13.20
N GLU B 338 -37.35 -43.41 -14.12
CA GLU B 338 -37.59 -44.12 -15.37
C GLU B 338 -36.30 -44.28 -16.18
N ALA B 339 -35.52 -43.21 -16.28
CA ALA B 339 -34.30 -43.26 -17.09
C ALA B 339 -33.31 -44.26 -16.51
N ILE B 340 -33.10 -44.23 -15.19
CA ILE B 340 -32.16 -45.15 -14.57
C ILE B 340 -32.65 -46.59 -14.70
N THR B 341 -33.94 -46.81 -14.48
CA THR B 341 -34.49 -48.16 -14.61
C THR B 341 -34.32 -48.69 -16.03
N LYS B 342 -34.59 -47.86 -17.03
CA LYS B 342 -34.40 -48.28 -18.41
C LYS B 342 -32.94 -48.58 -18.70
N VAL B 343 -32.03 -47.75 -18.19
CA VAL B 343 -30.61 -47.97 -18.42
C VAL B 343 -30.18 -49.30 -17.81
N SER B 344 -30.66 -49.60 -16.60
CA SER B 344 -30.23 -50.82 -15.92
C SER B 344 -30.62 -52.06 -16.72
N LYS B 345 -31.86 -52.11 -17.21
CA LYS B 345 -32.38 -53.26 -17.93
C LYS B 345 -32.94 -52.82 -19.28
N GLY B 346 -32.44 -53.42 -20.35
CA GLY B 346 -32.96 -53.18 -21.68
C GLY B 346 -32.49 -51.90 -22.34
N GLY B 347 -31.65 -51.11 -21.69
CA GLY B 347 -31.19 -49.85 -22.24
C GLY B 347 -32.25 -48.78 -22.17
N GLY B 348 -31.82 -47.55 -22.50
CA GLY B 348 -32.68 -46.40 -22.50
C GLY B 348 -32.87 -45.80 -23.88
N SER B 349 -33.52 -44.64 -23.89
CA SER B 349 -33.73 -43.91 -25.12
C SER B 349 -32.45 -43.16 -25.49
N GLU B 350 -32.54 -42.23 -26.44
CA GLU B 350 -31.35 -41.50 -26.88
C GLU B 350 -31.02 -40.36 -25.93
N ALA B 351 -31.94 -39.41 -25.77
CA ALA B 351 -31.70 -38.28 -24.89
C ALA B 351 -31.69 -38.70 -23.42
N GLU B 352 -32.47 -39.71 -23.06
CA GLU B 352 -32.41 -40.21 -21.68
C GLU B 352 -31.03 -40.77 -21.37
N LYS B 353 -30.49 -41.58 -22.30
CA LYS B 353 -29.12 -42.07 -22.12
C LYS B 353 -28.14 -40.91 -22.08
N ALA B 354 -28.34 -39.90 -22.93
CA ALA B 354 -27.43 -38.76 -22.95
C ALA B 354 -27.41 -38.05 -21.61
N ILE B 355 -28.57 -37.83 -21.01
CA ILE B 355 -28.62 -37.09 -19.74
C ILE B 355 -28.07 -37.95 -18.59
N VAL B 356 -28.42 -39.24 -18.57
CA VAL B 356 -27.89 -40.08 -17.50
C VAL B 356 -26.37 -40.21 -17.64
N THR B 357 -25.85 -40.08 -18.86
CA THR B 357 -24.40 -40.01 -19.05
C THR B 357 -23.85 -38.67 -18.58
N LEU B 358 -24.57 -37.59 -18.85
CA LEU B 358 -24.19 -36.28 -18.32
C LEU B 358 -23.99 -36.35 -16.81
N LYS B 359 -24.97 -36.93 -16.11
CA LYS B 359 -24.88 -36.99 -14.66
C LYS B 359 -23.65 -37.78 -14.21
N ASN B 360 -23.42 -38.94 -14.82
CA ASN B 360 -22.36 -39.85 -14.39
C ASN B 360 -21.04 -39.50 -15.09
N MET B 361 -20.66 -38.23 -14.95
CA MET B 361 -19.31 -37.77 -15.24
C MET B 361 -18.64 -37.46 -13.91
N ALA B 362 -17.41 -37.94 -13.73
CA ALA B 362 -16.77 -37.92 -12.42
C ALA B 362 -16.76 -36.54 -11.77
N PHE B 363 -17.01 -35.48 -12.53
CA PHE B 363 -16.97 -34.14 -11.97
C PHE B 363 -18.06 -33.97 -10.91
N ASN B 364 -17.72 -33.24 -9.85
CA ASN B 364 -18.72 -32.71 -8.94
C ASN B 364 -19.37 -31.45 -9.50
N GLN B 365 -18.88 -30.94 -10.63
CA GLN B 365 -19.50 -29.78 -11.25
C GLN B 365 -20.89 -30.12 -11.77
N VAL B 366 -21.04 -31.29 -12.39
CA VAL B 366 -22.36 -31.71 -12.85
C VAL B 366 -23.26 -31.93 -11.64
N THR B 367 -24.40 -31.24 -11.62
CA THR B 367 -25.35 -31.33 -10.53
C THR B 367 -26.73 -31.67 -11.09
N VAL B 368 -27.36 -32.70 -10.53
CA VAL B 368 -28.62 -33.23 -11.02
C VAL B 368 -29.54 -33.45 -9.83
N VAL B 369 -30.82 -33.10 -10.00
CA VAL B 369 -31.81 -33.21 -8.95
C VAL B 369 -32.90 -34.17 -9.39
N GLY B 370 -33.16 -35.18 -8.58
CA GLY B 370 -34.24 -36.12 -8.82
C GLY B 370 -35.09 -36.33 -7.58
N GLY B 371 -35.27 -35.25 -6.80
CA GLY B 371 -36.00 -35.36 -5.55
C GLY B 371 -37.45 -35.79 -5.69
N GLY B 372 -38.12 -35.35 -6.75
CA GLY B 372 -39.51 -35.69 -6.95
C GLY B 372 -40.46 -34.53 -6.71
N SER B 373 -41.32 -34.67 -5.71
CA SER B 373 -42.32 -33.64 -5.42
C SER B 373 -41.68 -32.29 -5.11
N LYS B 374 -40.42 -32.27 -4.69
CA LYS B 374 -39.73 -31.04 -4.35
C LYS B 374 -38.99 -30.42 -5.53
N ALA B 375 -39.09 -31.02 -6.72
CA ALA B 375 -38.34 -30.55 -7.87
C ALA B 375 -39.13 -29.64 -8.80
N TYR B 376 -40.37 -29.31 -8.45
CA TYR B 376 -41.23 -28.54 -9.35
C TYR B 376 -40.74 -27.10 -9.47
N PHE B 377 -41.43 -26.32 -10.30
CA PHE B 377 -41.10 -24.91 -10.48
C PHE B 377 -41.21 -24.14 -9.16
N ASN B 378 -42.03 -24.62 -8.22
CA ASN B 378 -42.17 -23.93 -6.94
C ASN B 378 -40.84 -23.89 -6.21
N SER B 379 -40.13 -25.03 -6.18
CA SER B 379 -38.81 -25.05 -5.56
C SER B 379 -37.83 -24.16 -6.31
N PHE B 380 -37.92 -24.13 -7.64
CA PHE B 380 -37.03 -23.29 -8.43
C PHE B 380 -37.20 -21.82 -8.07
N VAL B 381 -38.46 -21.36 -7.95
CA VAL B 381 -38.69 -19.96 -7.61
C VAL B 381 -38.31 -19.68 -6.17
N GLU B 382 -38.66 -20.58 -5.25
CA GLU B 382 -38.45 -20.30 -3.84
C GLU B 382 -36.97 -20.35 -3.46
N HIS B 383 -36.19 -21.19 -4.13
CA HIS B 383 -34.79 -21.36 -3.74
C HIS B 383 -34.00 -20.07 -3.93
N LEU B 384 -34.25 -19.36 -5.03
CA LEU B 384 -33.52 -18.13 -5.30
C LEU B 384 -33.85 -17.10 -4.22
N PRO B 385 -32.85 -16.56 -3.50
CA PRO B 385 -33.15 -15.54 -2.50
C PRO B 385 -33.05 -14.13 -3.07
N TYR B 386 -33.36 -13.12 -2.23
CA TYR B 386 -33.25 -11.73 -2.63
C TYR B 386 -31.93 -11.13 -2.18
N PRO B 387 -31.42 -10.13 -2.88
CA PRO B 387 -30.08 -9.62 -2.57
C PRO B 387 -30.05 -8.83 -1.27
N VAL B 388 -28.85 -8.75 -0.70
CA VAL B 388 -28.56 -7.91 0.45
C VAL B 388 -27.63 -6.80 -0.03
N LEU B 389 -28.08 -5.55 0.11
CA LEU B 389 -27.33 -4.44 -0.48
C LEU B 389 -26.02 -4.19 0.25
N PHE B 390 -26.04 -4.21 1.58
CA PHE B 390 -24.87 -3.88 2.39
C PHE B 390 -24.61 -5.00 3.39
N PRO B 391 -23.83 -6.02 3.01
CA PRO B 391 -23.47 -7.06 3.98
C PRO B 391 -22.76 -6.51 5.20
N ARG B 392 -21.96 -5.45 5.05
CA ARG B 392 -21.28 -4.82 6.17
C ARG B 392 -20.34 -5.80 6.86
N ASP B 393 -19.71 -5.37 7.94
CA ASP B 393 -18.78 -6.22 8.69
C ASP B 393 -19.58 -7.09 9.64
N ASN B 394 -19.40 -8.40 9.54
CA ASN B 394 -20.15 -9.37 10.32
C ASN B 394 -19.33 -9.99 11.45
N ILE B 395 -18.20 -9.39 11.79
CA ILE B 395 -17.31 -9.94 12.82
C ILE B 395 -17.46 -9.14 14.11
N SER C 2 -39.88 39.82 -52.84
CA SER C 2 -38.79 40.76 -52.56
C SER C 2 -38.16 40.46 -51.21
N ILE C 3 -36.85 40.24 -51.21
CA ILE C 3 -36.09 39.95 -50.01
C ILE C 3 -35.06 41.05 -49.81
N TYR C 4 -35.04 41.64 -48.61
CA TYR C 4 -34.11 42.70 -48.25
C TYR C 4 -33.30 42.25 -47.06
N GLN C 5 -31.97 42.35 -47.17
CA GLN C 5 -31.07 41.97 -46.08
C GLN C 5 -29.85 42.89 -46.14
N GLY C 6 -29.92 43.98 -45.37
CA GLY C 6 -28.80 44.90 -45.25
C GLY C 6 -28.57 45.80 -46.45
N GLY C 7 -29.33 45.65 -47.52
CA GLY C 7 -29.15 46.48 -48.70
C GLY C 7 -27.92 46.15 -49.51
N ASN C 8 -27.23 45.05 -49.22
CA ASN C 8 -26.02 44.67 -49.93
C ASN C 8 -26.08 43.18 -50.25
N LYS C 9 -25.35 42.80 -51.29
CA LYS C 9 -25.35 41.40 -51.74
C LYS C 9 -24.62 40.51 -50.73
N LEU C 10 -25.06 39.25 -50.67
CA LEU C 10 -24.45 38.25 -49.81
C LEU C 10 -24.57 36.89 -50.48
N ASN C 11 -23.88 35.91 -49.91
CA ASN C 11 -23.86 34.56 -50.43
C ASN C 11 -24.67 33.62 -49.54
N GLU C 12 -25.16 32.55 -50.15
CA GLU C 12 -25.94 31.55 -49.42
C GLU C 12 -25.07 30.71 -48.49
N ASP C 13 -23.75 30.84 -48.56
CA ASP C 13 -22.88 30.04 -47.70
C ASP C 13 -23.15 30.31 -46.22
N ASP C 14 -23.37 31.57 -45.87
CA ASP C 14 -23.65 31.91 -44.47
C ASP C 14 -24.93 31.24 -44.00
N PHE C 15 -25.99 31.29 -44.82
CA PHE C 15 -27.25 30.66 -44.45
C PHE C 15 -27.09 29.15 -44.33
N ARG C 16 -26.35 28.53 -45.25
CA ARG C 16 -26.13 27.10 -45.17
C ARG C 16 -25.36 26.73 -43.91
N SER C 17 -24.35 27.52 -43.56
CA SER C 17 -23.60 27.26 -42.33
C SER C 17 -24.48 27.41 -41.11
N HIS C 18 -25.35 28.42 -41.09
CA HIS C 18 -26.27 28.59 -39.97
C HIS C 18 -27.22 27.42 -39.87
N VAL C 19 -27.72 26.93 -41.01
CA VAL C 19 -28.61 25.77 -40.99
C VAL C 19 -27.89 24.54 -40.46
N TYR C 20 -26.64 24.33 -40.88
CA TYR C 20 -25.85 23.22 -40.37
C TYR C 20 -25.64 23.34 -38.86
N SER C 21 -25.33 24.54 -38.39
CA SER C 21 -25.15 24.76 -36.95
C SER C 21 -26.44 24.44 -36.20
N LEU C 22 -27.59 24.89 -36.74
CA LEU C 22 -28.87 24.57 -36.12
C LEU C 22 -29.09 23.07 -36.06
N CYS C 23 -28.74 22.37 -37.14
CA CYS C 23 -28.84 20.91 -37.15
C CYS C 23 -27.86 20.26 -36.19
N GLN C 24 -26.81 20.98 -35.77
CA GLN C 24 -25.78 20.43 -34.90
C GLN C 24 -25.95 20.88 -33.45
N LEU C 25 -27.18 20.99 -32.97
CA LEU C 25 -27.44 21.29 -31.56
C LEU C 25 -27.69 20.02 -30.77
N ASP C 26 -27.34 20.04 -29.49
CA ASP C 26 -27.51 18.88 -28.64
C ASP C 26 -28.98 18.51 -28.50
N ASN C 27 -29.82 19.49 -28.15
CA ASN C 27 -31.26 19.29 -28.00
C ASN C 27 -31.98 20.14 -29.02
N VAL C 28 -32.83 19.50 -29.82
CA VAL C 28 -33.57 20.18 -30.89
C VAL C 28 -34.99 19.64 -30.92
N GLY C 29 -35.95 20.53 -31.16
CA GLY C 29 -37.32 20.13 -31.32
C GLY C 29 -37.91 20.77 -32.57
N VAL C 30 -38.87 20.07 -33.17
CA VAL C 30 -39.51 20.50 -34.41
C VAL C 30 -41.02 20.36 -34.24
N LEU C 31 -41.76 21.39 -34.65
CA LEU C 31 -43.22 21.38 -34.60
C LEU C 31 -43.76 21.37 -36.02
N LEU C 32 -44.61 20.40 -36.33
CA LEU C 32 -45.22 20.25 -37.64
C LEU C 32 -46.70 19.93 -37.45
N GLY C 33 -47.55 20.94 -37.69
CA GLY C 33 -48.98 20.73 -37.59
C GLY C 33 -49.53 19.99 -38.79
N ALA C 34 -50.76 20.29 -39.18
CA ALA C 34 -51.37 19.65 -40.34
C ALA C 34 -50.80 20.14 -41.66
N GLY C 35 -50.03 21.23 -41.65
CA GLY C 35 -49.45 21.74 -42.88
C GLY C 35 -48.36 20.88 -43.46
N ALA C 36 -47.70 20.06 -42.63
CA ALA C 36 -46.65 19.18 -43.12
C ALA C 36 -47.19 17.96 -43.85
N SER C 37 -48.46 17.61 -43.62
CA SER C 37 -49.08 16.46 -44.27
C SER C 37 -49.78 16.83 -45.58
N VAL C 38 -49.70 18.10 -46.00
CA VAL C 38 -50.37 18.50 -47.23
C VAL C 38 -49.83 17.73 -48.42
N GLY C 39 -48.57 17.29 -48.35
CA GLY C 39 -47.96 16.54 -49.43
C GLY C 39 -48.33 15.08 -49.50
N CYS C 40 -49.12 14.59 -48.54
CA CYS C 40 -49.52 13.19 -48.53
C CYS C 40 -50.98 12.99 -48.16
N GLY C 41 -51.78 14.05 -48.11
CA GLY C 41 -53.19 13.91 -47.78
C GLY C 41 -53.70 14.97 -46.83
N GLY C 42 -52.85 15.92 -46.46
CA GLY C 42 -53.27 16.97 -45.55
C GLY C 42 -54.34 17.85 -46.17
N LYS C 43 -55.23 18.36 -45.33
CA LYS C 43 -56.33 19.21 -45.76
C LYS C 43 -56.45 20.40 -44.84
N THR C 44 -56.98 21.50 -45.38
CA THR C 44 -57.16 22.73 -44.62
C THR C 44 -58.49 22.71 -43.90
N MET C 45 -58.52 23.28 -42.69
CA MET C 45 -59.74 23.31 -41.89
C MET C 45 -60.84 24.12 -42.54
N LYS C 46 -60.50 25.08 -43.41
CA LYS C 46 -61.53 25.82 -44.13
C LYS C 46 -62.34 24.88 -45.01
N ASP C 47 -61.67 23.97 -45.72
CA ASP C 47 -62.39 22.96 -46.49
C ASP C 47 -63.21 22.06 -45.57
N VAL C 48 -62.69 21.78 -44.38
CA VAL C 48 -63.44 20.95 -43.43
C VAL C 48 -64.77 21.62 -43.07
N TRP C 49 -64.72 22.92 -42.74
CA TRP C 49 -65.94 23.62 -42.38
C TRP C 49 -66.86 23.81 -43.59
N LYS C 50 -66.30 23.99 -44.79
CA LYS C 50 -67.13 24.09 -45.98
C LYS C 50 -67.88 22.78 -46.22
N SER C 51 -67.20 21.64 -46.09
CA SER C 51 -67.87 20.36 -46.21
C SER C 51 -68.91 20.18 -45.10
N PHE C 52 -68.60 20.66 -43.89
CA PHE C 52 -69.56 20.61 -42.81
C PHE C 52 -70.83 21.37 -43.18
N LYS C 53 -70.69 22.58 -43.70
CA LYS C 53 -71.85 23.36 -44.13
C LYS C 53 -72.61 22.62 -45.23
N GLN C 54 -71.89 22.10 -46.22
CA GLN C 54 -72.55 21.38 -47.31
C GLN C 54 -73.20 20.09 -46.84
N ASN C 55 -72.85 19.60 -45.65
CA ASN C 55 -73.36 18.32 -45.17
C ASN C 55 -74.60 18.49 -44.31
N TYR C 56 -74.48 19.22 -43.19
CA TYR C 56 -75.54 19.33 -42.19
C TYR C 56 -75.74 20.79 -41.79
N PRO C 57 -76.41 21.58 -42.63
CA PRO C 57 -76.86 22.90 -42.15
C PRO C 57 -77.91 22.82 -41.06
N GLU C 58 -78.57 21.66 -40.91
CA GLU C 58 -79.54 21.48 -39.83
C GLU C 58 -78.89 21.71 -38.48
N LEU C 59 -77.70 21.12 -38.27
CA LEU C 59 -76.97 21.36 -37.02
C LEU C 59 -76.52 22.82 -36.93
N LEU C 60 -76.08 23.40 -38.05
CA LEU C 60 -75.70 24.80 -38.04
C LEU C 60 -76.83 25.68 -37.53
N GLY C 61 -78.07 25.29 -37.82
CA GLY C 61 -79.21 26.00 -37.26
C GLY C 61 -79.26 25.95 -35.74
N ALA C 62 -78.56 25.00 -35.13
CA ALA C 62 -78.48 24.89 -33.68
C ALA C 62 -77.29 25.63 -33.08
N LEU C 63 -76.46 26.26 -33.92
CA LEU C 63 -75.33 27.03 -33.39
C LEU C 63 -75.81 28.19 -32.54
N ILE C 64 -76.88 28.88 -32.97
CA ILE C 64 -77.31 30.11 -32.31
C ILE C 64 -78.77 30.08 -31.88
N ASP C 65 -79.59 29.13 -32.34
CA ASP C 65 -80.99 29.14 -31.96
C ASP C 65 -81.16 29.08 -30.45
N LYS C 66 -80.63 28.03 -29.81
CA LYS C 66 -80.72 27.85 -28.37
C LYS C 66 -79.36 27.56 -27.74
N TYR C 67 -78.26 27.78 -28.45
CA TYR C 67 -76.96 27.40 -27.93
C TYR C 67 -75.94 28.52 -28.06
N LEU C 68 -76.14 29.41 -29.03
CA LEU C 68 -75.34 30.64 -29.15
C LEU C 68 -73.85 30.33 -29.10
N LEU C 69 -73.45 29.17 -29.61
CA LEU C 69 -72.07 28.73 -29.47
C LEU C 69 -71.09 29.59 -30.25
N VAL C 70 -71.56 30.35 -31.23
CA VAL C 70 -70.68 31.19 -32.04
C VAL C 70 -71.54 32.20 -32.78
N SER C 71 -70.93 33.31 -33.18
CA SER C 71 -71.59 34.25 -34.09
C SER C 71 -71.52 33.70 -35.51
N GLN C 72 -72.00 34.50 -36.47
CA GLN C 72 -72.06 34.04 -37.86
C GLN C 72 -70.97 34.64 -38.73
N ILE C 73 -70.61 35.90 -38.52
CA ILE C 73 -69.54 36.50 -39.33
C ILE C 73 -68.25 35.70 -39.18
N ASP C 74 -67.89 35.39 -37.93
CA ASP C 74 -66.72 34.55 -37.70
C ASP C 74 -66.94 33.15 -38.25
N SER C 75 -68.14 32.60 -38.06
CA SER C 75 -68.43 31.26 -38.55
C SER C 75 -68.32 31.19 -40.07
N ASP C 76 -68.85 32.20 -40.76
CA ASP C 76 -68.74 32.23 -42.22
C ASP C 76 -67.30 32.45 -42.66
N ASN C 77 -66.57 33.30 -41.94
CA ASN C 77 -65.19 33.61 -42.32
C ASN C 77 -64.23 32.47 -42.05
N ASN C 78 -64.66 31.41 -41.36
CA ASN C 78 -63.81 30.27 -41.04
C ASN C 78 -62.68 30.63 -40.08
N LEU C 79 -62.82 31.74 -39.36
CA LEU C 79 -61.84 32.16 -38.37
C LEU C 79 -62.14 31.61 -36.98
N VAL C 80 -63.20 30.83 -36.82
CA VAL C 80 -63.54 30.28 -35.51
C VAL C 80 -62.59 29.15 -35.16
N ASN C 81 -62.51 28.85 -33.86
CA ASN C 81 -61.68 27.77 -33.35
C ASN C 81 -62.60 26.63 -32.93
N VAL C 82 -62.29 25.42 -33.39
CA VAL C 82 -63.21 24.30 -33.28
C VAL C 82 -63.04 23.55 -31.95
N GLU C 83 -61.79 23.33 -31.51
CA GLU C 83 -61.58 22.59 -30.28
C GLU C 83 -62.38 23.19 -29.14
N LEU C 84 -62.52 24.52 -29.11
CA LEU C 84 -63.40 25.14 -28.12
C LEU C 84 -64.83 24.65 -28.28
N LEU C 85 -65.33 24.59 -29.52
CA LEU C 85 -66.70 24.14 -29.75
C LEU C 85 -66.89 22.73 -29.23
N ILE C 86 -65.90 21.85 -29.45
CA ILE C 86 -66.00 20.52 -28.82
C ILE C 86 -66.01 20.64 -27.31
N ASP C 87 -65.27 21.61 -26.75
CA ASP C 87 -65.26 21.77 -25.30
C ASP C 87 -66.66 22.08 -24.77
N GLU C 88 -67.29 23.12 -25.31
CA GLU C 88 -68.65 23.43 -24.85
C GLU C 88 -69.64 22.33 -25.24
N ALA C 89 -69.39 21.60 -26.32
CA ALA C 89 -70.27 20.48 -26.66
C ALA C 89 -70.23 19.42 -25.57
N THR C 90 -69.03 19.04 -25.14
CA THR C 90 -68.92 18.07 -24.05
C THR C 90 -69.51 18.62 -22.76
N LYS C 91 -69.31 19.92 -22.52
CA LYS C 91 -69.81 20.51 -21.28
C LYS C 91 -71.34 20.45 -21.23
N PHE C 92 -72.00 20.97 -22.26
CA PHE C 92 -73.46 20.86 -22.33
C PHE C 92 -73.91 19.41 -22.36
N LEU C 93 -73.08 18.52 -22.91
CA LEU C 93 -73.45 17.10 -22.98
C LEU C 93 -73.53 16.51 -21.58
N SER C 94 -72.50 16.73 -20.76
CA SER C 94 -72.55 16.26 -19.38
C SER C 94 -73.67 16.93 -18.60
N VAL C 95 -73.88 18.23 -18.84
CA VAL C 95 -74.97 18.95 -18.19
C VAL C 95 -76.29 18.23 -18.45
N ALA C 96 -76.63 18.05 -19.72
CA ALA C 96 -77.89 17.40 -20.07
C ALA C 96 -77.93 15.96 -19.58
N LYS C 97 -76.78 15.27 -19.60
CA LYS C 97 -76.74 13.88 -19.17
C LYS C 97 -77.12 13.73 -17.71
N THR C 98 -76.60 14.61 -16.86
CA THR C 98 -76.84 14.46 -15.42
C THR C 98 -78.03 15.26 -14.92
N ARG C 99 -78.57 16.18 -15.71
CA ARG C 99 -79.71 17.01 -15.29
C ARG C 99 -81.03 16.55 -15.87
N ARG C 100 -81.08 15.38 -16.50
CA ARG C 100 -82.31 14.85 -17.09
C ARG C 100 -82.85 15.79 -18.17
N CYS C 101 -82.03 15.98 -19.21
CA CYS C 101 -82.44 16.72 -20.40
C CYS C 101 -82.20 15.84 -21.62
N GLU C 102 -83.22 15.74 -22.49
CA GLU C 102 -83.19 14.84 -23.63
C GLU C 102 -83.12 15.56 -24.96
N ASP C 103 -83.90 16.62 -25.16
CA ASP C 103 -83.88 17.32 -26.45
C ASP C 103 -82.50 17.84 -26.77
N GLU C 104 -81.85 18.49 -25.80
CA GLU C 104 -80.48 18.96 -26.01
C GLU C 104 -79.51 17.80 -26.07
N GLU C 105 -79.77 16.72 -25.32
CA GLU C 105 -78.88 15.56 -25.37
C GLU C 105 -78.81 15.00 -26.78
N GLU C 106 -79.97 14.80 -27.42
CA GLU C 106 -79.97 14.28 -28.78
C GLU C 106 -79.48 15.33 -29.78
N GLU C 107 -79.83 16.59 -29.56
CA GLU C 107 -79.34 17.66 -30.44
C GLU C 107 -77.83 17.83 -30.33
N PHE C 108 -77.21 17.31 -29.28
CA PHE C 108 -75.77 17.38 -29.10
C PHE C 108 -75.06 16.12 -29.58
N ARG C 109 -75.68 14.95 -29.41
CA ARG C 109 -75.06 13.72 -29.90
C ARG C 109 -74.71 13.84 -31.37
N LYS C 110 -75.63 14.38 -32.18
CA LYS C 110 -75.43 14.40 -33.62
C LYS C 110 -74.41 15.46 -34.03
N ILE C 111 -74.40 16.62 -33.36
CA ILE C 111 -73.38 17.62 -33.70
C ILE C 111 -72.00 17.12 -33.30
N LEU C 112 -71.88 16.45 -32.15
CA LEU C 112 -70.60 15.86 -31.77
C LEU C 112 -70.18 14.79 -32.77
N SER C 113 -71.12 13.96 -33.22
CA SER C 113 -70.81 12.97 -34.24
C SER C 113 -70.33 13.63 -35.52
N SER C 114 -70.99 14.72 -35.93
CA SER C 114 -70.59 15.42 -37.15
C SER C 114 -69.19 16.00 -37.01
N LEU C 115 -68.86 16.55 -35.83
CA LEU C 115 -67.50 17.01 -35.61
C LEU C 115 -66.51 15.86 -35.70
N TYR C 116 -66.87 14.70 -35.15
CA TYR C 116 -66.02 13.53 -35.29
C TYR C 116 -65.80 13.17 -36.76
N LYS C 117 -66.87 13.20 -37.56
CA LYS C 117 -66.75 12.87 -38.97
C LYS C 117 -65.84 13.85 -39.69
N GLU C 118 -66.01 15.15 -39.44
CA GLU C 118 -65.19 16.14 -40.14
C GLU C 118 -63.74 16.00 -39.76
N VAL C 119 -63.44 15.76 -38.47
CA VAL C 119 -62.04 15.60 -38.08
C VAL C 119 -61.46 14.32 -38.66
N THR C 120 -62.25 13.24 -38.69
CA THR C 120 -61.77 11.99 -39.28
C THR C 120 -61.52 12.13 -40.77
N LYS C 121 -62.24 13.03 -41.43
CA LYS C 121 -62.07 13.20 -42.88
C LYS C 121 -60.61 13.38 -43.24
N ALA C 122 -59.87 14.18 -42.48
CA ALA C 122 -58.45 14.43 -42.72
C ALA C 122 -57.55 13.58 -41.81
N ALA C 123 -58.12 12.66 -41.05
CA ALA C 123 -57.31 11.85 -40.14
C ALA C 123 -56.59 10.73 -40.87
N LEU C 124 -57.35 9.83 -41.50
CA LEU C 124 -56.77 8.75 -42.29
C LEU C 124 -56.72 9.20 -43.75
N LEU C 125 -55.50 9.24 -44.31
CA LEU C 125 -55.28 9.89 -45.58
C LEU C 125 -55.75 9.07 -46.77
N THR C 126 -55.94 7.76 -46.61
CA THR C 126 -56.36 6.91 -47.72
C THR C 126 -57.50 5.95 -47.38
N GLY C 127 -57.76 5.65 -46.11
CA GLY C 127 -58.91 4.85 -45.74
C GLY C 127 -58.62 3.37 -45.60
N GLU C 128 -59.07 2.57 -46.57
CA GLU C 128 -58.91 1.12 -46.47
C GLU C 128 -57.45 0.72 -46.33
N GLN C 129 -56.53 1.56 -46.84
CA GLN C 129 -55.11 1.29 -46.68
C GLN C 129 -54.67 1.33 -45.23
N PHE C 130 -55.51 1.85 -44.33
CA PHE C 130 -55.26 1.74 -42.91
C PHE C 130 -55.17 0.29 -42.46
N ARG C 131 -55.73 -0.65 -43.22
CA ARG C 131 -55.70 -2.06 -42.87
C ARG C 131 -54.45 -2.77 -43.36
N GLU C 132 -53.79 -2.26 -44.39
CA GLU C 132 -52.66 -2.95 -44.98
C GLU C 132 -51.37 -2.59 -44.24
N LYS C 133 -50.32 -3.36 -44.52
CA LYS C 133 -49.01 -3.17 -43.92
C LYS C 133 -48.00 -2.80 -45.00
N ASN C 134 -46.79 -2.46 -44.56
CA ASN C 134 -45.72 -2.05 -45.46
C ASN C 134 -46.18 -0.88 -46.32
N GLN C 135 -46.92 0.05 -45.71
CA GLN C 135 -47.49 1.16 -46.45
C GLN C 135 -46.40 2.06 -47.03
N GLY C 136 -45.24 2.14 -46.37
CA GLY C 136 -44.16 2.97 -46.84
C GLY C 136 -43.35 2.39 -47.97
N LYS C 137 -43.65 1.16 -48.40
CA LYS C 137 -42.94 0.54 -49.51
C LYS C 137 -43.39 1.07 -50.87
N LYS C 138 -44.46 1.87 -50.91
CA LYS C 138 -44.93 2.41 -52.18
C LYS C 138 -43.87 3.28 -52.83
N ASP C 139 -44.04 3.53 -54.13
CA ASP C 139 -43.13 4.43 -54.83
C ASP C 139 -43.20 5.83 -54.25
N ALA C 140 -44.40 6.32 -53.94
CA ALA C 140 -44.54 7.65 -53.37
C ALA C 140 -43.79 7.76 -52.05
N PHE C 141 -43.85 6.73 -51.22
CA PHE C 141 -43.11 6.70 -49.98
C PHE C 141 -41.66 6.26 -50.16
N LYS C 142 -41.26 5.89 -51.37
CA LYS C 142 -39.86 5.54 -51.61
C LYS C 142 -38.94 6.68 -51.21
N TYR C 143 -39.38 7.92 -51.42
CA TYR C 143 -38.58 9.07 -51.01
C TYR C 143 -38.44 9.12 -49.49
N HIS C 144 -39.52 8.79 -48.76
CA HIS C 144 -39.48 8.88 -47.31
C HIS C 144 -38.29 8.10 -46.74
N LYS C 145 -38.09 6.87 -47.22
CA LYS C 145 -36.98 6.07 -46.73
C LYS C 145 -35.66 6.82 -46.83
N GLU C 146 -35.44 7.50 -47.95
CA GLU C 146 -34.20 8.25 -48.12
C GLU C 146 -34.02 9.27 -47.00
N LEU C 147 -35.09 9.99 -46.65
CA LEU C 147 -35.00 10.95 -45.56
C LEU C 147 -34.51 10.28 -44.29
N ILE C 148 -34.96 9.06 -44.03
CA ILE C 148 -34.55 8.36 -42.80
C ILE C 148 -33.04 8.23 -42.74
N SER C 149 -32.38 8.07 -43.89
CA SER C 149 -30.92 8.01 -43.90
C SER C 149 -30.34 9.27 -43.29
N LYS C 150 -30.81 10.44 -43.74
CA LYS C 150 -30.35 11.69 -43.16
C LYS C 150 -30.71 11.81 -41.69
N LEU C 151 -31.74 11.08 -41.24
CA LEU C 151 -32.11 11.07 -39.84
C LEU C 151 -31.13 10.29 -38.98
N ILE C 152 -30.21 9.53 -39.58
CA ILE C 152 -29.30 8.68 -38.85
C ILE C 152 -27.94 9.35 -38.64
N SER C 153 -27.42 10.04 -39.67
CA SER C 153 -26.10 10.63 -39.62
C SER C 153 -26.10 12.07 -39.12
N ASN C 154 -27.24 12.59 -38.70
CA ASN C 154 -27.33 13.99 -38.28
C ASN C 154 -26.98 14.22 -36.82
N ARG C 155 -26.75 13.15 -36.04
CA ARG C 155 -26.45 13.29 -34.62
C ARG C 155 -25.18 12.52 -34.30
N GLN C 156 -24.28 13.16 -33.56
CA GLN C 156 -23.03 12.54 -33.15
C GLN C 156 -23.28 11.53 -32.03
N PRO C 157 -22.38 10.57 -31.85
CA PRO C 157 -22.55 9.60 -30.76
C PRO C 157 -22.49 10.29 -29.40
N GLY C 158 -23.23 9.72 -28.45
CA GLY C 158 -23.32 10.27 -27.11
C GLY C 158 -24.30 11.41 -26.95
N GLN C 159 -25.03 11.77 -28.00
CA GLN C 159 -26.01 12.84 -27.93
C GLN C 159 -27.40 12.28 -27.60
N SER C 160 -28.19 13.08 -26.92
CA SER C 160 -29.55 12.68 -26.57
C SER C 160 -30.40 12.54 -27.82
N ALA C 161 -31.36 11.63 -27.77
CA ALA C 161 -32.19 11.36 -28.94
C ALA C 161 -33.02 12.59 -29.30
N PRO C 162 -33.29 12.79 -30.59
CA PRO C 162 -34.09 13.95 -31.00
C PRO C 162 -35.53 13.84 -30.54
N ALA C 163 -36.16 15.01 -30.38
CA ALA C 163 -37.56 15.10 -29.98
C ALA C 163 -38.36 15.72 -31.11
N ILE C 164 -39.52 15.12 -31.40
CA ILE C 164 -40.40 15.55 -32.48
C ILE C 164 -41.72 15.99 -31.87
N PHE C 165 -42.18 17.18 -32.23
CA PHE C 165 -43.44 17.73 -31.76
C PHE C 165 -44.41 17.86 -32.94
N THR C 166 -45.68 17.60 -32.68
CA THR C 166 -46.71 17.69 -33.72
C THR C 166 -48.05 17.97 -33.07
N THR C 167 -48.88 18.76 -33.77
CA THR C 167 -50.22 19.08 -33.28
C THR C 167 -51.29 18.15 -33.82
N ASN C 168 -51.02 17.46 -34.93
CA ASN C 168 -52.03 16.60 -35.53
C ASN C 168 -52.36 15.42 -34.61
N TYR C 169 -53.30 14.61 -35.05
CA TYR C 169 -53.79 13.44 -34.32
C TYR C 169 -53.83 12.23 -35.23
N ASP C 170 -52.79 12.06 -36.04
CA ASP C 170 -52.67 10.93 -36.95
C ASP C 170 -51.32 10.26 -36.73
N LEU C 171 -51.26 8.97 -37.07
CA LEU C 171 -50.06 8.16 -36.89
C LEU C 171 -49.18 8.14 -38.13
N ALA C 172 -49.22 9.19 -38.95
CA ALA C 172 -48.42 9.22 -40.17
C ALA C 172 -46.93 9.21 -39.87
N LEU C 173 -46.52 9.89 -38.80
CA LEU C 173 -45.10 9.97 -38.47
C LEU C 173 -44.52 8.58 -38.20
N GLU C 174 -45.26 7.73 -37.50
CA GLU C 174 -44.76 6.40 -37.18
C GLU C 174 -44.49 5.60 -38.45
N TRP C 175 -45.40 5.69 -39.44
CA TRP C 175 -45.18 4.97 -40.69
C TRP C 175 -44.08 5.61 -41.53
N ALA C 176 -43.93 6.93 -41.43
CA ALA C 176 -42.87 7.59 -42.19
C ALA C 176 -41.50 7.28 -41.65
N ALA C 177 -41.37 7.05 -40.34
CA ALA C 177 -40.07 6.87 -39.70
C ALA C 177 -39.72 5.43 -39.37
N GLU C 178 -40.71 4.56 -39.17
CA GLU C 178 -40.47 3.21 -38.70
C GLU C 178 -40.22 2.21 -39.83
N ASP C 179 -39.98 2.68 -41.05
CA ASP C 179 -39.65 1.75 -42.13
C ASP C 179 -38.46 0.88 -41.76
N LEU C 180 -37.53 1.41 -40.95
CA LEU C 180 -36.42 0.62 -40.45
C LEU C 180 -36.85 -0.29 -39.31
N GLY C 181 -37.81 0.14 -38.50
CA GLY C 181 -38.32 -0.69 -37.41
C GLY C 181 -37.75 -0.33 -36.05
N ILE C 182 -37.75 0.96 -35.71
CA ILE C 182 -37.26 1.42 -34.42
C ILE C 182 -38.42 1.43 -33.43
N GLN C 183 -38.09 1.24 -32.15
CA GLN C 183 -39.12 1.22 -31.11
C GLN C 183 -39.71 2.61 -30.92
N LEU C 184 -40.66 2.72 -29.99
CA LEU C 184 -41.36 3.97 -29.69
C LEU C 184 -41.25 4.23 -28.19
N PHE C 185 -40.26 5.05 -27.80
CA PHE C 185 -40.13 5.52 -26.43
C PHE C 185 -40.81 6.88 -26.28
N ASN C 186 -42.14 6.85 -26.35
CA ASN C 186 -42.95 8.02 -26.03
C ASN C 186 -44.17 7.61 -25.22
N GLY C 187 -43.96 6.70 -24.26
CA GLY C 187 -45.03 6.31 -23.36
C GLY C 187 -45.70 5.00 -23.74
N PHE C 188 -44.91 3.99 -24.08
CA PHE C 188 -45.47 2.68 -24.40
C PHE C 188 -44.43 1.60 -24.11
N SER C 189 -44.80 0.62 -23.28
CA SER C 189 -43.94 -0.51 -22.96
C SER C 189 -44.82 -1.74 -22.79
N GLY C 190 -44.93 -2.53 -23.86
CA GLY C 190 -45.79 -3.70 -23.86
C GLY C 190 -46.32 -3.95 -25.26
N LEU C 191 -46.95 -5.11 -25.42
CA LEU C 191 -47.47 -5.52 -26.73
C LEU C 191 -48.94 -5.88 -26.67
N HIS C 192 -49.39 -6.48 -25.56
CA HIS C 192 -50.80 -6.80 -25.40
C HIS C 192 -51.53 -5.69 -24.64
N THR C 193 -51.12 -5.44 -23.40
CA THR C 193 -51.65 -4.32 -22.61
C THR C 193 -50.68 -3.15 -22.64
N ARG C 194 -50.53 -2.58 -23.83
CA ARG C 194 -49.55 -1.52 -24.05
C ARG C 194 -50.07 -0.22 -23.43
N GLN C 195 -49.26 0.39 -22.58
CA GLN C 195 -49.73 1.43 -21.64
C GLN C 195 -49.00 2.75 -21.91
N PHE C 196 -49.20 3.70 -21.00
CA PHE C 196 -48.54 5.00 -21.02
C PHE C 196 -47.59 5.08 -19.84
N TYR C 197 -46.29 5.17 -20.12
CA TYR C 197 -45.25 5.24 -19.10
C TYR C 197 -44.43 6.50 -19.31
N PRO C 198 -44.68 7.60 -18.58
CA PRO C 198 -43.86 8.81 -18.78
C PRO C 198 -42.41 8.62 -18.39
N GLN C 199 -42.09 7.58 -17.63
CA GLN C 199 -40.72 7.35 -17.19
C GLN C 199 -39.78 7.17 -18.38
N ASN C 200 -40.30 6.67 -19.51
CA ASN C 200 -39.47 6.48 -20.69
C ASN C 200 -38.87 7.80 -21.17
N PHE C 201 -39.46 8.93 -20.78
CA PHE C 201 -38.91 10.22 -21.15
C PHE C 201 -37.60 10.55 -20.40
N ASP C 202 -37.06 9.63 -19.60
CA ASP C 202 -35.81 9.86 -18.88
C ASP C 202 -34.91 8.64 -18.97
N LEU C 203 -34.77 8.09 -20.18
CA LEU C 203 -33.98 6.88 -20.38
C LEU C 203 -33.31 6.94 -21.76
N ALA C 204 -32.29 6.11 -21.93
CA ALA C 204 -31.54 6.05 -23.17
C ALA C 204 -30.85 4.70 -23.29
N PHE C 205 -30.40 4.39 -24.51
CA PHE C 205 -29.71 3.14 -24.78
C PHE C 205 -28.29 3.18 -24.25
N ARG C 206 -27.63 2.01 -24.28
CA ARG C 206 -26.23 1.87 -23.92
C ARG C 206 -25.44 1.32 -25.11
N ASN C 207 -24.17 1.70 -25.19
CA ASN C 207 -23.29 1.28 -26.26
C ASN C 207 -22.30 0.25 -25.73
N VAL C 208 -22.17 -0.87 -26.44
CA VAL C 208 -21.24 -1.92 -26.03
C VAL C 208 -19.79 -1.59 -26.34
N ASN C 209 -19.55 -0.55 -27.13
CA ASN C 209 -18.18 -0.17 -27.47
C ASN C 209 -18.06 1.35 -27.55
N HIS C 218 -30.85 9.32 -32.34
CA HIS C 218 -31.91 8.79 -33.18
C HIS C 218 -32.13 7.30 -32.91
N TYR C 219 -31.29 6.72 -32.06
CA TYR C 219 -31.46 5.31 -31.71
C TYR C 219 -32.82 5.09 -31.07
N HIS C 220 -33.23 5.97 -30.17
CA HIS C 220 -34.59 6.06 -29.67
C HIS C 220 -35.14 7.44 -30.03
N ALA C 221 -36.33 7.74 -29.53
CA ALA C 221 -36.93 9.04 -29.81
C ALA C 221 -38.00 9.34 -28.77
N TYR C 222 -38.33 10.62 -28.65
CA TYR C 222 -39.41 11.10 -27.79
C TYR C 222 -40.35 11.94 -28.63
N LEU C 223 -41.52 11.39 -28.94
CA LEU C 223 -42.54 12.07 -29.74
C LEU C 223 -43.73 12.35 -28.85
N TYR C 224 -44.08 13.63 -28.72
CA TYR C 224 -45.15 14.07 -27.83
C TYR C 224 -46.37 14.43 -28.68
N LYS C 225 -47.34 13.53 -28.73
CA LYS C 225 -48.58 13.79 -29.44
C LYS C 225 -49.41 14.77 -28.62
N LEU C 226 -49.67 15.94 -29.19
CA LEU C 226 -50.18 17.07 -28.43
C LEU C 226 -51.70 17.17 -28.43
N HIS C 227 -52.40 16.28 -29.12
CA HIS C 227 -53.86 16.36 -29.17
C HIS C 227 -54.55 15.00 -29.08
N GLY C 228 -53.83 13.93 -28.73
CA GLY C 228 -54.44 12.62 -28.72
C GLY C 228 -54.52 12.07 -30.13
N SER C 229 -54.13 10.82 -30.32
CA SER C 229 -53.98 10.27 -31.67
C SER C 229 -54.96 9.13 -31.87
N LEU C 230 -55.02 8.68 -33.13
CA LEU C 230 -56.12 7.82 -33.59
C LEU C 230 -56.38 6.63 -32.68
N THR C 231 -55.35 5.81 -32.43
CA THR C 231 -55.51 4.58 -31.67
C THR C 231 -55.33 4.77 -30.17
N TRP C 232 -55.55 5.98 -29.67
CA TRP C 232 -55.40 6.27 -28.24
C TRP C 232 -56.72 6.07 -27.49
N TYR C 233 -57.29 4.88 -27.65
CA TYR C 233 -58.56 4.55 -27.00
C TYR C 233 -58.30 4.25 -25.53
N GLN C 234 -59.33 3.81 -24.81
CA GLN C 234 -59.26 3.69 -23.37
C GLN C 234 -60.18 2.57 -22.90
N ASN C 235 -59.86 2.03 -21.73
CA ASN C 235 -60.60 0.91 -21.16
C ASN C 235 -60.58 1.06 -19.64
N ASP C 236 -60.89 -0.03 -18.94
CA ASP C 236 -60.98 0.02 -17.48
C ASP C 236 -59.70 0.57 -16.86
N SER C 237 -58.55 0.21 -17.41
CA SER C 237 -57.29 0.79 -16.96
C SER C 237 -57.15 2.19 -17.56
N LEU C 238 -57.15 3.21 -16.69
CA LEU C 238 -57.20 4.60 -17.13
C LEU C 238 -55.83 4.96 -17.69
N THR C 239 -55.64 4.66 -18.97
CA THR C 239 -54.38 4.89 -19.66
C THR C 239 -54.69 5.16 -21.13
N VAL C 240 -53.66 5.15 -21.96
CA VAL C 240 -53.81 5.18 -23.42
C VAL C 240 -53.00 4.04 -24.00
N ASN C 241 -53.64 3.23 -24.85
CA ASN C 241 -53.01 2.10 -25.51
C ASN C 241 -52.81 2.42 -26.99
N GLU C 242 -52.01 1.58 -27.66
CA GLU C 242 -51.69 1.82 -29.06
C GLU C 242 -51.34 0.49 -29.72
N VAL C 243 -52.31 -0.08 -30.44
CA VAL C 243 -52.07 -1.23 -31.27
C VAL C 243 -52.02 -0.77 -32.72
N SER C 244 -51.58 -1.65 -33.61
CA SER C 244 -51.43 -1.29 -35.01
C SER C 244 -52.75 -0.79 -35.57
N ALA C 245 -52.66 -0.13 -36.73
CA ALA C 245 -53.81 0.51 -37.33
C ALA C 245 -54.94 -0.48 -37.64
N SER C 246 -54.60 -1.75 -37.85
CA SER C 246 -55.60 -2.70 -38.34
C SER C 246 -56.66 -3.00 -37.29
N GLN C 247 -56.25 -3.28 -36.05
CA GLN C 247 -57.23 -3.57 -35.03
C GLN C 247 -58.05 -2.32 -34.69
N ALA C 248 -57.45 -1.14 -34.85
CA ALA C 248 -58.23 0.09 -34.72
C ALA C 248 -59.30 0.19 -35.80
N TYR C 249 -58.95 -0.17 -37.04
CA TYR C 249 -59.92 -0.16 -38.13
C TYR C 249 -61.01 -1.19 -37.94
N ASP C 250 -60.70 -2.30 -37.28
CA ASP C 250 -61.66 -3.40 -37.13
C ASP C 250 -62.37 -3.41 -35.79
N GLU C 251 -62.05 -2.50 -34.87
CA GLU C 251 -62.63 -2.52 -33.53
C GLU C 251 -63.65 -1.41 -33.32
N TYR C 252 -63.25 -0.14 -33.46
CA TYR C 252 -64.15 0.97 -33.18
C TYR C 252 -64.16 2.02 -34.28
N ILE C 253 -63.05 2.13 -35.03
CA ILE C 253 -62.98 3.12 -36.08
C ILE C 253 -63.88 2.76 -37.27
N ASN C 254 -64.35 1.51 -37.33
CA ASN C 254 -65.12 1.08 -38.48
C ASN C 254 -66.48 1.75 -38.56
N ASP C 255 -66.95 2.33 -37.46
CA ASP C 255 -68.29 2.90 -37.38
C ASP C 255 -68.30 4.42 -37.50
N ILE C 256 -67.30 5.00 -38.16
CA ILE C 256 -67.19 6.46 -38.28
C ILE C 256 -67.43 6.95 -39.71
N ILE C 257 -67.46 6.06 -40.69
CA ILE C 257 -67.75 6.48 -42.07
C ILE C 257 -68.83 5.60 -42.68
N ASN C 258 -69.24 4.54 -41.97
CA ASN C 258 -70.20 3.60 -42.52
C ASN C 258 -71.24 3.16 -41.49
N LYS C 259 -71.57 4.02 -40.53
CA LYS C 259 -72.69 3.78 -39.64
C LYS C 259 -72.96 5.03 -38.83
N ASP C 260 -74.25 5.35 -38.66
CA ASP C 260 -74.66 6.49 -37.84
C ASP C 260 -75.09 5.99 -36.46
N ASP C 261 -74.09 5.65 -35.65
CA ASP C 261 -74.32 5.14 -34.30
C ASP C 261 -73.18 5.60 -33.39
N PHE C 262 -73.54 6.30 -32.31
CA PHE C 262 -72.55 6.77 -31.35
C PHE C 262 -73.22 7.23 -30.06
N TYR C 263 -72.68 6.80 -28.92
CA TYR C 263 -73.24 7.22 -27.63
C TYR C 263 -72.20 7.47 -26.55
N ARG C 264 -70.90 7.40 -26.84
CA ARG C 264 -69.88 7.56 -25.82
C ARG C 264 -68.63 8.13 -26.46
N GLY C 265 -68.34 9.41 -26.19
CA GLY C 265 -67.15 10.05 -26.67
C GLY C 265 -65.90 9.77 -25.87
N GLN C 266 -66.03 9.06 -24.75
CA GLN C 266 -64.86 8.74 -23.93
C GLN C 266 -63.99 7.66 -24.57
N HIS C 267 -64.59 6.73 -25.30
CA HIS C 267 -63.82 5.67 -25.93
C HIS C 267 -62.72 6.26 -26.81
N LEU C 268 -63.02 7.36 -27.50
CA LEU C 268 -62.02 8.08 -28.27
C LEU C 268 -61.35 9.13 -27.40
N ILE C 269 -60.08 9.41 -27.70
CA ILE C 269 -59.33 10.42 -26.97
C ILE C 269 -58.70 11.39 -27.95
N TYR C 270 -59.32 11.56 -29.12
CA TYR C 270 -58.85 12.55 -30.07
C TYR C 270 -60.04 13.25 -30.71
N PRO C 271 -59.86 14.50 -31.16
CA PRO C 271 -58.72 15.40 -30.97
C PRO C 271 -58.98 16.48 -29.92
N GLY C 272 -58.07 16.66 -28.96
CA GLY C 272 -58.18 17.79 -28.03
C GLY C 272 -59.49 17.88 -27.29
N ALA C 273 -60.00 16.75 -26.80
CA ALA C 273 -61.29 16.71 -26.13
C ALA C 273 -61.17 15.88 -24.86
N ASN C 274 -62.27 15.78 -24.11
CA ASN C 274 -62.32 15.05 -22.86
C ASN C 274 -61.28 15.57 -21.86
N LYS C 275 -61.45 16.82 -21.46
CA LYS C 275 -60.67 17.39 -20.37
C LYS C 275 -61.40 17.36 -19.02
N TYR C 276 -62.71 17.13 -19.02
CA TYR C 276 -63.52 17.25 -17.81
C TYR C 276 -63.53 15.96 -16.98
N SER C 277 -62.54 15.10 -17.16
CA SER C 277 -62.32 13.95 -16.30
C SER C 277 -60.86 13.92 -15.88
N HIS C 278 -60.58 13.26 -14.76
CA HIS C 278 -59.23 13.25 -14.22
C HIS C 278 -58.25 12.65 -15.22
N THR C 279 -58.66 11.59 -15.92
CA THR C 279 -57.70 10.78 -16.67
C THR C 279 -57.19 11.50 -17.92
N ILE C 280 -58.08 11.81 -18.86
CA ILE C 280 -57.63 12.39 -20.12
C ILE C 280 -57.14 13.82 -19.91
N GLY C 281 -57.83 14.58 -19.07
CA GLY C 281 -57.32 15.88 -18.69
C GLY C 281 -55.95 15.79 -18.06
N PHE C 282 -55.71 14.74 -17.28
CA PHE C 282 -54.38 14.51 -16.72
C PHE C 282 -53.36 14.20 -17.81
N VAL C 283 -53.75 13.43 -18.82
CA VAL C 283 -52.81 13.14 -19.91
C VAL C 283 -52.39 14.43 -20.58
N TYR C 284 -53.36 15.31 -20.86
CA TYR C 284 -53.01 16.56 -21.52
C TYR C 284 -52.26 17.51 -20.60
N GLY C 285 -52.56 17.50 -19.30
CA GLY C 285 -51.79 18.30 -18.36
C GLY C 285 -50.35 17.82 -18.25
N GLU C 286 -50.15 16.51 -18.23
CA GLU C 286 -48.80 15.96 -18.30
C GLU C 286 -48.11 16.38 -19.59
N MET C 287 -48.83 16.37 -20.70
CA MET C 287 -48.25 16.83 -21.96
C MET C 287 -47.76 18.26 -21.86
N PHE C 288 -48.59 19.15 -21.30
CA PHE C 288 -48.21 20.54 -21.17
C PHE C 288 -47.03 20.71 -20.20
N ARG C 289 -47.05 19.97 -19.09
CA ARG C 289 -45.94 20.03 -18.14
C ARG C 289 -44.65 19.56 -18.78
N ARG C 290 -44.71 18.48 -19.57
CA ARG C 290 -43.51 17.98 -20.23
C ARG C 290 -43.03 18.96 -21.29
N PHE C 291 -43.95 19.63 -21.98
CA PHE C 291 -43.56 20.69 -22.90
C PHE C 291 -42.79 21.79 -22.17
N GLY C 292 -43.34 22.24 -21.04
CA GLY C 292 -42.68 23.27 -20.26
C GLY C 292 -41.32 22.84 -19.77
N GLU C 293 -41.21 21.60 -19.30
CA GLU C 293 -39.93 21.12 -18.79
C GLU C 293 -38.92 20.94 -19.91
N PHE C 294 -39.35 20.48 -21.08
CA PHE C 294 -38.44 20.34 -22.21
C PHE C 294 -37.92 21.70 -22.64
N ILE C 295 -38.78 22.71 -22.68
CA ILE C 295 -38.32 24.06 -22.98
C ILE C 295 -37.56 24.68 -21.80
N SER C 296 -37.61 24.05 -20.63
CA SER C 296 -36.90 24.56 -19.46
C SER C 296 -35.40 24.29 -19.55
N LYS C 297 -34.99 23.18 -20.17
CA LYS C 297 -33.57 22.85 -20.22
C LYS C 297 -32.82 23.93 -21.00
N PRO C 298 -31.61 24.28 -20.59
CA PRO C 298 -30.88 25.35 -21.26
C PRO C 298 -30.41 24.95 -22.65
N GLN C 299 -30.24 25.95 -23.51
CA GLN C 299 -29.73 25.76 -24.86
C GLN C 299 -30.60 24.78 -25.64
N THR C 300 -31.86 25.18 -25.82
CA THR C 300 -32.84 24.40 -26.58
C THR C 300 -33.35 25.22 -27.74
N ALA C 301 -33.44 24.59 -28.91
CA ALA C 301 -33.91 25.24 -30.13
C ALA C 301 -35.16 24.54 -30.63
N LEU C 302 -36.13 25.32 -31.08
CA LEU C 302 -37.39 24.82 -31.59
C LEU C 302 -37.62 25.37 -32.99
N PHE C 303 -38.10 24.51 -33.89
CA PHE C 303 -38.36 24.87 -35.27
C PHE C 303 -39.87 24.94 -35.50
N ILE C 304 -40.32 26.02 -36.11
CA ILE C 304 -41.72 26.22 -36.47
C ILE C 304 -41.77 26.70 -37.91
N ASN C 305 -42.67 26.13 -38.70
CA ASN C 305 -42.72 26.44 -40.13
C ASN C 305 -44.17 26.39 -40.62
N GLY C 306 -44.68 27.53 -41.05
CA GLY C 306 -45.96 27.58 -41.74
C GLY C 306 -47.13 27.02 -40.96
N PHE C 307 -47.24 27.40 -39.69
CA PHE C 307 -48.35 26.97 -38.83
C PHE C 307 -49.10 28.20 -38.34
N GLY C 308 -50.42 28.19 -38.51
CA GLY C 308 -51.21 29.30 -38.04
C GLY C 308 -51.17 29.40 -36.52
N PHE C 309 -51.15 30.64 -36.02
CA PHE C 309 -51.04 30.87 -34.59
C PHE C 309 -52.38 30.58 -33.91
N GLY C 310 -52.74 29.31 -33.81
CA GLY C 310 -54.01 28.90 -33.24
C GLY C 310 -54.04 28.76 -31.74
N ASP C 311 -52.92 29.00 -31.05
CA ASP C 311 -52.84 28.84 -29.60
C ASP C 311 -52.34 30.14 -28.98
N TYR C 312 -53.05 30.62 -27.97
CA TYR C 312 -52.61 31.81 -27.24
C TYR C 312 -51.60 31.45 -26.16
N HIS C 313 -51.76 30.29 -25.53
CA HIS C 313 -50.80 29.86 -24.52
C HIS C 313 -49.40 29.73 -25.11
N ILE C 314 -49.31 29.24 -26.35
CA ILE C 314 -48.01 29.11 -27.00
C ILE C 314 -47.39 30.48 -27.23
N ASN C 315 -48.20 31.46 -27.62
CA ASN C 315 -47.69 32.82 -27.78
C ASN C 315 -47.20 33.39 -26.46
N ARG C 316 -47.95 33.14 -25.37
CA ARG C 316 -47.51 33.60 -24.06
C ARG C 316 -46.19 32.95 -23.67
N ILE C 317 -46.05 31.64 -23.92
CA ILE C 317 -44.82 30.94 -23.58
C ILE C 317 -43.66 31.48 -24.39
N ILE C 318 -43.88 31.76 -25.68
CA ILE C 318 -42.83 32.31 -26.51
C ILE C 318 -42.40 33.68 -26.00
N LEU C 319 -43.38 34.53 -25.66
CA LEU C 319 -43.05 35.85 -25.14
C LEU C 319 -42.26 35.74 -23.84
N GLY C 320 -42.65 34.83 -22.96
CA GLY C 320 -41.90 34.64 -21.72
C GLY C 320 -40.49 34.14 -21.97
N ALA C 321 -40.33 33.21 -22.90
CA ALA C 321 -39.01 32.66 -23.19
C ALA C 321 -38.10 33.69 -23.86
N LEU C 322 -38.68 34.64 -24.60
CA LEU C 322 -37.87 35.68 -25.21
C LEU C 322 -37.26 36.63 -24.18
N LEU C 323 -37.69 36.55 -22.92
CA LEU C 323 -37.09 37.40 -21.89
C LEU C 323 -35.59 37.15 -21.78
N ASN C 324 -35.17 35.89 -21.83
CA ASN C 324 -33.75 35.57 -21.77
C ASN C 324 -33.06 36.10 -23.02
N PRO C 325 -31.97 36.88 -22.88
CA PRO C 325 -31.29 37.39 -24.08
C PRO C 325 -30.72 36.30 -24.96
N SER C 326 -30.49 35.10 -24.43
CA SER C 326 -29.88 34.00 -25.17
C SER C 326 -30.91 33.01 -25.72
N PHE C 327 -32.09 33.51 -26.09
CA PHE C 327 -33.15 32.67 -26.65
C PHE C 327 -33.37 33.05 -28.10
N HIS C 328 -33.44 32.05 -28.98
CA HIS C 328 -33.62 32.26 -30.41
C HIS C 328 -34.82 31.47 -30.89
N VAL C 329 -35.49 32.00 -31.92
CA VAL C 329 -36.65 31.35 -32.52
C VAL C 329 -36.78 31.81 -33.96
N VAL C 330 -37.30 30.92 -34.80
CA VAL C 330 -37.52 31.19 -36.22
C VAL C 330 -38.99 30.97 -36.52
N ILE C 331 -39.61 31.93 -37.21
CA ILE C 331 -41.03 31.90 -37.51
C ILE C 331 -41.22 32.10 -39.02
N TYR C 332 -42.08 31.28 -39.61
CA TYR C 332 -42.43 31.38 -41.02
C TYR C 332 -43.93 31.63 -41.15
N TYR C 333 -44.29 32.57 -42.03
CA TYR C 333 -45.70 32.89 -42.27
C TYR C 333 -45.86 33.38 -43.70
N PRO C 334 -46.52 32.62 -44.58
CA PRO C 334 -46.64 33.08 -45.97
C PRO C 334 -47.35 34.42 -46.10
N GLU C 335 -48.33 34.69 -45.25
CA GLU C 335 -49.10 35.94 -45.31
C GLU C 335 -48.36 37.01 -44.52
N LEU C 336 -47.28 37.53 -45.13
CA LEU C 336 -46.49 38.59 -44.54
C LEU C 336 -46.85 39.95 -45.11
N LYS C 337 -46.75 40.11 -46.44
CA LYS C 337 -47.13 41.36 -47.06
C LYS C 337 -48.62 41.63 -46.92
N GLU C 338 -49.44 40.58 -46.95
CA GLU C 338 -50.88 40.76 -46.76
C GLU C 338 -51.18 41.36 -45.39
N ALA C 339 -50.49 40.90 -44.36
CA ALA C 339 -50.67 41.47 -43.03
C ALA C 339 -50.27 42.94 -43.00
N ILE C 340 -49.17 43.28 -43.67
CA ILE C 340 -48.73 44.67 -43.71
C ILE C 340 -49.77 45.54 -44.38
N THR C 341 -50.31 45.07 -45.51
CA THR C 341 -51.34 45.83 -46.20
C THR C 341 -52.58 45.98 -45.34
N LYS C 342 -52.98 44.91 -44.64
CA LYS C 342 -54.17 44.97 -43.79
C LYS C 342 -53.98 45.98 -42.67
N VAL C 343 -52.83 45.95 -42.00
CA VAL C 343 -52.62 46.87 -40.88
C VAL C 343 -52.53 48.30 -41.38
N SER C 344 -51.87 48.52 -42.52
CA SER C 344 -51.80 49.88 -43.07
C SER C 344 -53.18 50.40 -43.44
N LYS C 345 -54.00 49.56 -44.09
CA LYS C 345 -55.35 49.94 -44.46
C LYS C 345 -56.35 49.74 -43.33
N GLY C 346 -55.99 49.02 -42.28
CA GLY C 346 -56.88 48.76 -41.16
C GLY C 346 -57.42 47.35 -41.19
N GLY C 347 -57.71 46.84 -40.01
CA GLY C 347 -58.22 45.48 -39.86
C GLY C 347 -57.15 44.49 -39.48
N GLY C 348 -57.42 43.24 -39.79
CA GLY C 348 -56.50 42.16 -39.46
C GLY C 348 -56.78 41.55 -38.11
N SER C 349 -56.47 40.26 -37.98
CA SER C 349 -56.71 39.52 -36.76
C SER C 349 -55.54 39.75 -35.78
N GLU C 350 -55.66 39.14 -34.60
CA GLU C 350 -54.62 39.30 -33.58
C GLU C 350 -53.31 38.69 -34.05
N ALA C 351 -53.37 37.56 -34.75
CA ALA C 351 -52.15 36.91 -35.22
C ALA C 351 -51.39 37.81 -36.19
N GLU C 352 -52.10 38.46 -37.10
CA GLU C 352 -51.45 39.35 -38.06
C GLU C 352 -50.76 40.50 -37.34
N LYS C 353 -51.43 41.12 -36.38
CA LYS C 353 -50.81 42.21 -35.62
C LYS C 353 -49.59 41.72 -34.85
N ALA C 354 -49.70 40.54 -34.24
CA ALA C 354 -48.57 40.00 -33.48
C ALA C 354 -47.37 39.76 -34.37
N ILE C 355 -47.58 39.13 -35.53
CA ILE C 355 -46.47 38.85 -36.43
C ILE C 355 -45.88 40.15 -36.96
N VAL C 356 -46.74 41.14 -37.24
CA VAL C 356 -46.25 42.43 -37.74
C VAL C 356 -45.37 43.10 -36.69
N THR C 357 -45.82 43.11 -35.43
CA THR C 357 -45.07 43.81 -34.40
C THR C 357 -43.77 43.08 -34.05
N LEU C 358 -43.79 41.75 -34.06
CA LEU C 358 -42.57 41.00 -33.75
C LEU C 358 -41.64 40.87 -34.94
N LYS C 359 -42.08 41.19 -36.15
CA LYS C 359 -41.25 41.12 -37.33
C LYS C 359 -40.49 42.41 -37.61
N ASN C 360 -40.96 43.55 -37.08
CA ASN C 360 -40.32 44.83 -37.35
C ASN C 360 -38.92 44.94 -36.77
N MET C 361 -38.54 44.05 -35.85
CA MET C 361 -37.21 44.12 -35.26
C MET C 361 -36.15 43.94 -36.33
N ALA C 362 -35.16 44.84 -36.32
CA ALA C 362 -34.05 44.78 -37.28
C ALA C 362 -32.84 44.11 -36.64
N PHE C 363 -33.00 42.84 -36.33
CA PHE C 363 -31.97 42.04 -35.67
C PHE C 363 -31.58 40.86 -36.56
N ASN C 364 -30.30 40.51 -36.52
CA ASN C 364 -29.82 39.38 -37.30
C ASN C 364 -30.37 38.05 -36.79
N GLN C 365 -30.86 38.01 -35.55
CA GLN C 365 -31.44 36.79 -34.99
C GLN C 365 -32.80 36.47 -35.56
N VAL C 366 -33.40 37.39 -36.31
CA VAL C 366 -34.72 37.18 -36.92
C VAL C 366 -34.56 37.27 -38.43
N THR C 367 -35.04 36.24 -39.12
CA THR C 367 -34.96 36.16 -40.58
C THR C 367 -36.35 36.25 -41.17
N VAL C 368 -36.47 36.96 -42.29
CA VAL C 368 -37.74 37.19 -42.97
C VAL C 368 -37.69 36.45 -44.31
N VAL C 369 -38.65 35.56 -44.53
CA VAL C 369 -38.76 34.81 -45.78
C VAL C 369 -40.17 35.00 -46.30
N GLY C 370 -40.29 35.38 -47.57
CA GLY C 370 -41.58 35.61 -48.18
C GLY C 370 -41.66 34.96 -49.55
N GLY C 371 -42.85 34.46 -49.87
CA GLY C 371 -43.08 33.83 -51.16
C GLY C 371 -44.31 32.97 -51.12
N GLY C 372 -44.75 32.57 -52.33
CA GLY C 372 -45.92 31.71 -52.44
C GLY C 372 -45.67 30.28 -52.00
N SER C 373 -44.41 29.82 -52.06
CA SER C 373 -44.07 28.48 -51.64
C SER C 373 -42.83 28.39 -50.77
N LYS C 374 -42.06 29.47 -50.62
CA LYS C 374 -40.84 29.42 -49.81
C LYS C 374 -41.16 29.10 -48.36
N ALA C 375 -42.20 29.72 -47.81
CA ALA C 375 -42.60 29.47 -46.44
C ALA C 375 -43.33 28.15 -46.26
N TYR C 376 -43.76 27.51 -47.34
CA TYR C 376 -44.46 26.25 -47.25
C TYR C 376 -43.48 25.11 -46.93
N PHE C 377 -44.04 23.95 -46.57
CA PHE C 377 -43.20 22.80 -46.23
C PHE C 377 -42.44 22.28 -47.44
N ASN C 378 -42.97 22.49 -48.66
CA ASN C 378 -42.33 21.94 -49.85
C ASN C 378 -40.93 22.49 -50.03
N SER C 379 -40.75 23.80 -49.84
CA SER C 379 -39.45 24.43 -50.06
C SER C 379 -38.41 23.95 -49.07
N PHE C 380 -38.81 23.43 -47.92
CA PHE C 380 -37.86 23.01 -46.89
C PHE C 380 -37.11 21.74 -47.28
N VAL C 381 -37.66 20.93 -48.18
CA VAL C 381 -37.03 19.65 -48.51
C VAL C 381 -35.67 19.87 -49.15
N GLU C 382 -35.60 20.80 -50.12
CA GLU C 382 -34.37 21.00 -50.87
C GLU C 382 -33.31 21.77 -50.08
N HIS C 383 -33.69 22.48 -49.02
CA HIS C 383 -32.74 23.30 -48.28
C HIS C 383 -31.69 22.46 -47.55
N LEU C 384 -31.95 21.18 -47.33
CA LEU C 384 -31.01 20.34 -46.59
C LEU C 384 -29.78 20.06 -47.44
N PRO C 385 -28.57 20.37 -46.95
CA PRO C 385 -27.37 20.05 -47.72
C PRO C 385 -26.84 18.65 -47.45
N TYR C 386 -26.24 18.07 -48.49
CA TYR C 386 -25.65 16.75 -48.37
C TYR C 386 -24.31 16.83 -47.62
N PRO C 387 -23.96 15.81 -46.85
CA PRO C 387 -22.66 15.83 -46.18
C PRO C 387 -21.51 15.77 -47.18
N VAL C 388 -20.39 16.38 -46.80
CA VAL C 388 -19.23 16.44 -47.68
C VAL C 388 -18.66 15.04 -47.91
N LEU C 389 -18.54 14.25 -46.85
CA LEU C 389 -17.90 12.94 -46.94
C LEU C 389 -18.88 11.81 -47.20
N PHE C 390 -20.17 12.01 -46.94
CA PHE C 390 -21.14 10.95 -47.15
C PHE C 390 -21.28 10.65 -48.65
N PRO C 391 -21.27 9.38 -49.05
CA PRO C 391 -21.40 9.07 -50.48
C PRO C 391 -22.74 9.54 -51.02
N ARG C 392 -22.74 9.95 -52.29
CA ARG C 392 -23.93 10.47 -52.95
C ARG C 392 -24.57 9.47 -53.91
N ASP C 393 -23.82 8.49 -54.39
CA ASP C 393 -24.38 7.51 -55.31
C ASP C 393 -25.43 6.66 -54.63
N ASN C 394 -26.51 6.36 -55.36
CA ASN C 394 -27.61 5.55 -54.85
C ASN C 394 -27.42 4.12 -55.36
N ILE C 395 -27.17 3.19 -54.44
CA ILE C 395 -26.94 1.79 -54.79
C ILE C 395 -27.84 0.90 -53.94
N VAL C 396 -28.93 1.47 -53.42
CA VAL C 396 -29.87 0.68 -52.62
C VAL C 396 -30.85 -0.05 -53.52
N ASP C 397 -31.34 0.61 -54.57
CA ASP C 397 -32.27 -0.04 -55.49
C ASP C 397 -31.60 -1.21 -56.19
N GLU C 398 -30.32 -1.07 -56.54
CA GLU C 398 -29.60 -2.18 -57.17
C GLU C 398 -29.54 -3.38 -56.24
N LEU C 399 -29.23 -3.14 -54.95
CA LEU C 399 -29.20 -4.24 -54.00
C LEU C 399 -30.57 -4.88 -53.85
N VAL C 400 -31.62 -4.06 -53.78
CA VAL C 400 -32.98 -4.59 -53.60
C VAL C 400 -33.36 -5.46 -54.79
N GLU C 401 -33.11 -4.98 -56.01
CA GLU C 401 -33.49 -5.75 -57.19
C GLU C 401 -32.64 -7.01 -57.31
N ALA C 402 -31.35 -6.93 -56.95
CA ALA C 402 -30.53 -8.13 -56.97
C ALA C 402 -31.05 -9.18 -56.00
N ILE C 403 -31.43 -8.76 -54.80
CA ILE C 403 -32.00 -9.69 -53.83
C ILE C 403 -33.30 -10.28 -54.36
N ALA C 404 -34.15 -9.44 -54.96
CA ALA C 404 -35.43 -9.93 -55.45
C ALA C 404 -35.24 -10.94 -56.58
N ASN C 405 -34.29 -10.69 -57.48
CA ASN C 405 -34.12 -11.55 -58.65
C ASN C 405 -33.32 -12.81 -58.31
N LEU C 406 -32.06 -12.64 -57.91
CA LEU C 406 -31.23 -13.80 -57.63
C LEU C 406 -31.76 -14.59 -56.44
N SER C 407 -32.21 -13.91 -55.41
CA SER C 407 -32.80 -14.58 -54.24
C SER C 407 -34.32 -14.45 -54.27
N SER D 2 -44.39 -8.09 12.22
CA SER D 2 -45.62 -7.60 11.58
C SER D 2 -45.28 -6.69 10.40
N ILE D 3 -44.06 -6.80 9.90
CA ILE D 3 -43.59 -5.99 8.77
C ILE D 3 -43.01 -6.93 7.72
N TYR D 4 -43.43 -6.75 6.47
CA TYR D 4 -42.96 -7.57 5.36
C TYR D 4 -42.54 -6.67 4.20
N GLN D 5 -41.58 -7.16 3.43
CA GLN D 5 -41.13 -6.48 2.22
C GLN D 5 -40.66 -7.51 1.22
N GLY D 6 -41.37 -7.61 0.10
CA GLY D 6 -40.95 -8.55 -0.94
C GLY D 6 -40.82 -9.97 -0.45
N GLY D 7 -41.67 -10.37 0.48
CA GLY D 7 -41.61 -11.71 1.02
C GLY D 7 -40.59 -11.92 2.11
N ASN D 8 -40.03 -10.85 2.66
CA ASN D 8 -39.05 -10.93 3.74
C ASN D 8 -39.60 -10.28 4.99
N LYS D 9 -39.47 -10.97 6.12
CA LYS D 9 -40.01 -10.51 7.39
C LYS D 9 -39.01 -9.63 8.12
N LEU D 10 -39.54 -8.65 8.87
CA LEU D 10 -38.72 -7.76 9.68
C LEU D 10 -39.47 -7.46 10.97
N ASN D 11 -38.72 -7.24 12.04
CA ASN D 11 -39.28 -6.97 13.37
C ASN D 11 -38.98 -5.54 13.78
N GLU D 12 -39.40 -5.20 15.01
CA GLU D 12 -39.28 -3.82 15.48
C GLU D 12 -37.82 -3.38 15.56
N ASP D 13 -36.98 -4.16 16.22
CA ASP D 13 -35.57 -3.80 16.32
C ASP D 13 -34.90 -3.81 14.95
N ASP D 14 -35.19 -4.84 14.16
CA ASP D 14 -34.64 -4.88 12.80
C ASP D 14 -35.15 -3.71 11.97
N PHE D 15 -36.42 -3.33 12.16
CA PHE D 15 -36.94 -2.18 11.44
C PHE D 15 -36.23 -0.90 11.85
N ARG D 16 -35.96 -0.74 13.14
CA ARG D 16 -35.23 0.44 13.60
C ARG D 16 -33.83 0.48 13.01
N SER D 17 -33.15 -0.66 12.99
CA SER D 17 -31.83 -0.71 12.38
C SER D 17 -31.91 -0.39 10.89
N HIS D 18 -32.94 -0.91 10.22
CA HIS D 18 -33.11 -0.65 8.79
C HIS D 18 -33.30 0.85 8.52
N VAL D 19 -34.17 1.49 9.31
CA VAL D 19 -34.44 2.91 9.08
C VAL D 19 -33.19 3.74 9.40
N TYR D 20 -32.44 3.36 10.44
CA TYR D 20 -31.21 4.08 10.73
C TYR D 20 -30.22 3.95 9.58
N SER D 21 -29.99 2.72 9.11
CA SER D 21 -29.07 2.51 8.00
C SER D 21 -29.51 3.29 6.77
N LEU D 22 -30.81 3.30 6.49
CA LEU D 22 -31.32 4.09 5.38
C LEU D 22 -31.04 5.56 5.59
N CYS D 23 -31.28 6.07 6.81
CA CYS D 23 -31.03 7.47 7.09
C CYS D 23 -29.57 7.82 6.88
N GLN D 24 -28.66 6.86 7.08
CA GLN D 24 -27.28 7.09 6.69
C GLN D 24 -27.11 7.24 5.18
N LEU D 25 -28.10 6.85 4.39
CA LEU D 25 -28.05 7.13 2.97
C LEU D 25 -27.97 8.64 2.73
N ASP D 26 -27.66 9.00 1.49
CA ASP D 26 -27.42 10.41 1.17
C ASP D 26 -28.66 11.26 1.42
N ASN D 27 -29.82 10.84 0.91
CA ASN D 27 -31.00 11.69 0.88
C ASN D 27 -32.25 10.93 1.33
N VAL D 28 -33.07 11.62 2.11
CA VAL D 28 -34.33 11.08 2.65
C VAL D 28 -35.41 12.13 2.42
N GLY D 29 -36.56 11.70 1.90
CA GLY D 29 -37.69 12.56 1.67
C GLY D 29 -38.75 12.44 2.74
N VAL D 30 -39.83 13.19 2.56
CA VAL D 30 -40.85 13.36 3.58
C VAL D 30 -42.22 13.51 2.94
N LEU D 31 -43.25 13.08 3.67
CA LEU D 31 -44.62 13.51 3.43
C LEU D 31 -45.31 13.61 4.79
N LEU D 32 -45.35 14.82 5.34
CA LEU D 32 -46.05 15.09 6.59
C LEU D 32 -47.52 15.35 6.27
N GLY D 33 -48.19 14.28 5.83
CA GLY D 33 -49.57 14.34 5.40
C GLY D 33 -50.49 14.97 6.43
N ALA D 34 -51.73 15.26 6.02
CA ALA D 34 -52.68 15.92 6.92
C ALA D 34 -52.77 15.24 8.28
N GLY D 35 -52.36 13.98 8.39
CA GLY D 35 -52.41 13.28 9.65
C GLY D 35 -51.28 13.68 10.60
N ALA D 36 -50.79 14.91 10.46
CA ALA D 36 -49.81 15.47 11.37
C ALA D 36 -50.35 16.71 12.09
N SER D 37 -50.98 17.63 11.36
CA SER D 37 -51.60 18.80 11.97
C SER D 37 -53.09 18.64 12.19
N VAL D 38 -53.73 17.67 11.53
CA VAL D 38 -55.15 17.42 11.76
C VAL D 38 -55.37 16.98 13.21
N GLY D 39 -54.49 16.11 13.72
CA GLY D 39 -54.61 15.69 15.11
C GLY D 39 -54.45 16.83 16.08
N CYS D 40 -53.57 17.77 15.77
CA CYS D 40 -53.35 18.92 16.64
C CYS D 40 -54.53 19.87 16.68
N GLY D 41 -55.51 19.71 15.79
CA GLY D 41 -56.66 20.60 15.76
C GLY D 41 -57.08 20.99 14.35
N GLY D 42 -56.40 20.44 13.35
CA GLY D 42 -56.74 20.72 11.97
C GLY D 42 -57.97 19.95 11.52
N LYS D 43 -58.36 20.20 10.27
CA LYS D 43 -59.55 19.59 9.69
C LYS D 43 -59.21 19.00 8.33
N THR D 44 -59.86 17.88 8.02
CA THR D 44 -59.68 17.21 6.73
C THR D 44 -60.71 17.74 5.73
N MET D 45 -60.64 17.25 4.50
CA MET D 45 -61.58 17.67 3.48
C MET D 45 -63.00 17.27 3.83
N LYS D 46 -63.17 16.09 4.43
CA LYS D 46 -64.50 15.64 4.83
C LYS D 46 -65.10 16.54 5.90
N ASP D 47 -64.28 16.97 6.87
CA ASP D 47 -64.77 17.89 7.89
C ASP D 47 -65.19 19.22 7.27
N VAL D 48 -64.41 19.71 6.30
CA VAL D 48 -64.79 20.94 5.61
C VAL D 48 -66.10 20.74 4.85
N TRP D 49 -66.28 19.57 4.23
CA TRP D 49 -67.53 19.29 3.53
C TRP D 49 -68.71 19.31 4.48
N LYS D 50 -68.55 18.70 5.66
CA LYS D 50 -69.64 18.72 6.64
C LYS D 50 -69.92 20.13 7.13
N SER D 51 -68.87 20.92 7.37
CA SER D 51 -69.05 22.30 7.80
C SER D 51 -69.79 23.11 6.74
N PHE D 52 -69.46 22.89 5.47
CA PHE D 52 -70.20 23.54 4.39
C PHE D 52 -71.64 23.06 4.36
N LYS D 53 -71.87 21.77 4.62
CA LYS D 53 -73.22 21.23 4.60
C LYS D 53 -74.09 21.91 5.66
N GLN D 54 -73.57 22.04 6.88
CA GLN D 54 -74.34 22.75 7.90
C GLN D 54 -74.53 24.21 7.54
N ASN D 55 -73.50 24.84 6.96
CA ASN D 55 -73.65 26.19 6.43
C ASN D 55 -74.47 26.16 5.15
N TYR D 56 -74.98 27.34 4.77
CA TYR D 56 -75.80 27.49 3.57
C TYR D 56 -76.86 26.39 3.48
N PRO D 57 -77.78 26.32 4.44
CA PRO D 57 -78.77 25.24 4.44
C PRO D 57 -79.87 25.40 3.40
N GLU D 58 -79.78 26.40 2.53
CA GLU D 58 -80.86 26.69 1.59
C GLU D 58 -80.71 26.00 0.24
N LEU D 59 -79.47 25.65 -0.16
CA LEU D 59 -79.28 25.00 -1.44
C LEU D 59 -79.66 23.52 -1.42
N LEU D 60 -79.50 22.85 -0.27
CA LEU D 60 -79.60 21.40 -0.25
C LEU D 60 -80.88 20.90 -0.93
N GLY D 61 -82.00 21.58 -0.70
CA GLY D 61 -83.25 21.16 -1.31
C GLY D 61 -83.23 21.25 -2.82
N ALA D 62 -82.76 22.39 -3.34
CA ALA D 62 -82.81 22.62 -4.79
C ALA D 62 -81.75 21.82 -5.53
N LEU D 63 -80.51 21.80 -5.02
CA LEU D 63 -79.42 21.15 -5.75
C LEU D 63 -79.69 19.66 -5.93
N ILE D 64 -80.16 18.99 -4.88
CA ILE D 64 -80.51 17.59 -4.98
C ILE D 64 -81.71 17.36 -5.89
N ASP D 65 -82.40 18.42 -6.29
CA ASP D 65 -83.53 18.33 -7.20
C ASP D 65 -83.23 18.95 -8.56
N LYS D 66 -82.63 20.13 -8.59
CA LYS D 66 -82.38 20.82 -9.86
C LYS D 66 -81.19 20.23 -10.60
N TYR D 67 -80.18 19.76 -9.88
CA TYR D 67 -78.94 19.30 -10.48
C TYR D 67 -78.54 17.89 -10.09
N LEU D 68 -78.82 17.47 -8.86
CA LEU D 68 -78.53 16.11 -8.40
C LEU D 68 -77.04 15.80 -8.52
N LEU D 69 -76.23 16.53 -7.75
CA LEU D 69 -74.81 16.22 -7.66
C LEU D 69 -74.50 15.18 -6.60
N VAL D 70 -75.48 14.80 -5.77
CA VAL D 70 -75.32 13.72 -4.80
C VAL D 70 -76.68 13.31 -4.29
N SER D 71 -76.84 12.04 -3.94
CA SER D 71 -78.08 11.51 -3.42
C SER D 71 -77.94 11.23 -1.92
N GLN D 72 -79.07 10.98 -1.28
CA GLN D 72 -79.06 10.73 0.16
C GLN D 72 -78.22 9.50 0.49
N ILE D 73 -78.40 8.42 -0.28
CA ILE D 73 -77.61 7.21 -0.06
C ILE D 73 -76.13 7.48 -0.31
N ASP D 74 -75.83 8.19 -1.40
CA ASP D 74 -74.44 8.53 -1.69
C ASP D 74 -73.84 9.41 -0.60
N SER D 75 -74.62 10.37 -0.11
CA SER D 75 -74.13 11.22 0.97
C SER D 75 -73.86 10.40 2.23
N ASP D 76 -74.74 9.45 2.54
CA ASP D 76 -74.51 8.59 3.70
C ASP D 76 -73.25 7.74 3.51
N ASN D 77 -73.02 7.26 2.29
CA ASN D 77 -71.85 6.43 2.04
C ASN D 77 -70.55 7.19 2.25
N ASN D 78 -70.59 8.51 2.28
CA ASN D 78 -69.40 9.34 2.48
C ASN D 78 -68.35 9.07 1.41
N LEU D 79 -68.75 9.36 0.17
CA LEU D 79 -67.88 9.20 -1.00
C LEU D 79 -67.82 10.50 -1.79
N VAL D 80 -67.63 11.60 -1.06
CA VAL D 80 -67.57 12.94 -1.66
C VAL D 80 -66.11 13.39 -1.71
N ASN D 81 -65.84 14.29 -2.66
CA ASN D 81 -64.49 14.82 -2.82
C ASN D 81 -64.60 16.16 -3.53
N VAL D 82 -64.26 17.24 -2.82
CA VAL D 82 -64.31 18.57 -3.42
C VAL D 82 -63.39 18.68 -4.62
N GLU D 83 -62.40 17.78 -4.71
CA GLU D 83 -61.45 17.84 -5.82
C GLU D 83 -62.16 17.92 -7.17
N LEU D 84 -63.12 17.02 -7.39
CA LEU D 84 -63.88 17.03 -8.63
C LEU D 84 -65.12 17.92 -8.55
N LEU D 85 -65.62 18.20 -7.36
CA LEU D 85 -66.83 19.02 -7.24
C LEU D 85 -66.56 20.47 -7.62
N ILE D 86 -65.38 21.00 -7.28
CA ILE D 86 -65.03 22.34 -7.73
C ILE D 86 -64.94 22.38 -9.25
N ASP D 87 -64.33 21.37 -9.86
CA ASP D 87 -64.22 21.33 -11.31
C ASP D 87 -65.59 21.26 -11.96
N GLU D 88 -66.48 20.43 -11.41
CA GLU D 88 -67.83 20.33 -11.96
C GLU D 88 -68.60 21.64 -11.80
N ALA D 89 -68.41 22.33 -10.67
CA ALA D 89 -69.05 23.63 -10.50
C ALA D 89 -68.54 24.64 -11.52
N THR D 90 -67.22 24.66 -11.76
CA THR D 90 -66.68 25.58 -12.75
C THR D 90 -67.20 25.26 -14.14
N LYS D 91 -67.28 23.98 -14.49
CA LYS D 91 -67.83 23.59 -15.79
C LYS D 91 -69.29 24.02 -15.91
N PHE D 92 -70.07 23.78 -14.86
CA PHE D 92 -71.46 24.22 -14.82
C PHE D 92 -71.56 25.70 -15.08
N LEU D 93 -70.75 26.50 -14.38
CA LEU D 93 -70.87 27.95 -14.49
C LEU D 93 -70.40 28.44 -15.85
N SER D 94 -69.39 27.79 -16.44
CA SER D 94 -68.98 28.15 -17.78
C SER D 94 -70.09 27.86 -18.78
N VAL D 95 -70.78 26.73 -18.61
CA VAL D 95 -71.94 26.43 -19.45
C VAL D 95 -73.00 27.51 -19.26
N ALA D 96 -73.26 27.90 -18.02
CA ALA D 96 -74.26 28.92 -17.74
C ALA D 96 -73.91 30.23 -18.44
N LYS D 97 -72.64 30.65 -18.36
CA LYS D 97 -72.22 31.89 -18.99
C LYS D 97 -72.32 31.80 -20.51
N THR D 98 -71.99 30.64 -21.08
CA THR D 98 -72.15 30.44 -22.51
C THR D 98 -73.61 30.41 -22.92
N ARG D 99 -74.53 30.12 -22.00
CA ARG D 99 -75.95 30.02 -22.31
C ARG D 99 -76.79 31.09 -21.63
N ARG D 100 -76.26 31.78 -20.63
CA ARG D 100 -76.93 32.92 -19.99
C ARG D 100 -78.26 32.51 -19.34
N CYS D 101 -78.15 31.59 -18.37
CA CYS D 101 -79.24 31.29 -17.45
C CYS D 101 -78.95 32.04 -16.15
N GLU D 102 -79.31 33.32 -16.13
CA GLU D 102 -78.93 34.24 -15.06
C GLU D 102 -79.08 33.61 -13.68
N ASP D 103 -80.16 32.85 -13.48
CA ASP D 103 -80.33 32.14 -12.21
C ASP D 103 -79.20 31.15 -12.00
N GLU D 104 -78.81 30.44 -13.06
CA GLU D 104 -77.70 29.50 -12.95
C GLU D 104 -76.40 30.22 -12.61
N GLU D 105 -76.16 31.37 -13.25
CA GLU D 105 -74.94 32.12 -12.96
C GLU D 105 -74.90 32.57 -11.51
N GLU D 106 -76.00 33.14 -11.01
CA GLU D 106 -76.04 33.58 -9.61
C GLU D 106 -75.88 32.39 -8.66
N GLU D 107 -76.57 31.29 -8.95
CA GLU D 107 -76.49 30.11 -8.09
C GLU D 107 -75.07 29.58 -8.02
N PHE D 108 -74.39 29.49 -9.17
CA PHE D 108 -73.06 28.91 -9.16
C PHE D 108 -72.00 29.89 -8.66
N ARG D 109 -72.24 31.19 -8.79
CA ARG D 109 -71.39 32.15 -8.10
C ARG D 109 -71.50 31.98 -6.59
N LYS D 110 -72.73 31.81 -6.09
CA LYS D 110 -72.90 31.51 -4.67
C LYS D 110 -72.19 30.22 -4.31
N ILE D 111 -72.32 29.19 -5.16
CA ILE D 111 -71.70 27.90 -4.86
C ILE D 111 -70.19 28.05 -4.76
N LEU D 112 -69.58 28.75 -5.71
CA LEU D 112 -68.12 28.91 -5.70
C LEU D 112 -67.67 29.74 -4.51
N SER D 113 -68.29 30.90 -4.29
CA SER D 113 -67.85 31.79 -3.23
C SER D 113 -68.28 31.31 -1.85
N SER D 114 -69.04 30.23 -1.77
CA SER D 114 -69.30 29.56 -0.50
C SER D 114 -68.43 28.33 -0.30
N LEU D 115 -67.99 27.69 -1.38
CA LEU D 115 -67.16 26.50 -1.26
C LEU D 115 -65.69 26.83 -1.09
N TYR D 116 -65.25 27.99 -1.60
CA TYR D 116 -63.87 28.43 -1.46
C TYR D 116 -63.60 29.15 -0.15
N LYS D 117 -64.46 29.00 0.85
CA LYS D 117 -64.29 29.65 2.15
C LYS D 117 -64.09 28.63 3.26
N GLU D 118 -64.91 27.58 3.30
CA GLU D 118 -64.79 26.60 4.38
C GLU D 118 -63.42 25.94 4.38
N VAL D 119 -62.88 25.67 3.19
CA VAL D 119 -61.55 25.07 3.10
C VAL D 119 -60.47 26.03 3.59
N THR D 120 -60.71 27.34 3.50
CA THR D 120 -59.75 28.34 3.97
C THR D 120 -60.03 28.77 5.40
N LYS D 121 -61.24 29.25 5.67
CA LYS D 121 -61.53 29.87 6.95
C LYS D 121 -61.39 28.90 8.13
N ALA D 122 -61.23 27.60 7.86
CA ALA D 122 -60.89 26.63 8.89
C ALA D 122 -59.47 26.11 8.74
N ALA D 123 -58.61 26.85 8.03
CA ALA D 123 -57.24 26.45 7.78
C ALA D 123 -56.22 27.40 8.41
N LEU D 124 -56.66 28.22 9.37
CA LEU D 124 -55.77 29.13 10.09
C LEU D 124 -55.22 28.53 11.37
N LEU D 125 -56.08 27.89 12.16
CA LEU D 125 -55.72 27.27 13.42
C LEU D 125 -55.26 28.29 14.47
N THR D 126 -55.56 29.57 14.27
CA THR D 126 -55.21 30.59 15.24
C THR D 126 -56.30 31.65 15.43
N GLY D 127 -57.44 31.53 14.78
CA GLY D 127 -58.47 32.55 14.93
C GLY D 127 -57.97 33.89 14.45
N GLU D 128 -58.38 34.94 15.17
CA GLU D 128 -57.93 36.29 14.85
C GLU D 128 -56.52 36.58 15.34
N GLN D 129 -55.93 35.69 16.14
CA GLN D 129 -54.54 35.87 16.57
C GLN D 129 -53.57 35.81 15.40
N PHE D 130 -54.00 35.33 14.24
CA PHE D 130 -53.11 35.15 13.10
C PHE D 130 -52.39 36.43 12.72
N ARG D 131 -52.88 37.59 13.17
CA ARG D 131 -52.21 38.86 12.96
C ARG D 131 -51.20 39.20 14.05
N GLU D 132 -51.19 38.45 15.15
CA GLU D 132 -50.30 38.73 16.27
C GLU D 132 -48.93 38.12 15.99
N LYS D 133 -48.07 38.11 17.01
CA LYS D 133 -46.73 37.54 16.88
C LYS D 133 -46.47 36.65 18.09
N ASN D 134 -45.21 36.21 18.23
CA ASN D 134 -44.79 35.24 19.23
C ASN D 134 -45.47 33.89 19.05
N GLN D 135 -46.12 33.66 17.91
CA GLN D 135 -46.76 32.39 17.67
C GLN D 135 -45.77 31.28 17.32
N GLY D 136 -44.51 31.62 17.04
CA GLY D 136 -43.53 30.59 16.79
C GLY D 136 -43.30 29.73 18.01
N LYS D 137 -43.12 30.34 19.17
CA LYS D 137 -42.90 29.64 20.42
C LYS D 137 -44.12 28.87 20.90
N LYS D 138 -45.22 28.89 20.15
CA LYS D 138 -46.43 28.20 20.59
C LYS D 138 -46.15 26.73 20.83
N ASP D 139 -46.69 26.20 21.93
CA ASP D 139 -46.44 24.83 22.34
C ASP D 139 -47.05 23.80 21.39
N ALA D 140 -47.90 24.23 20.47
CA ALA D 140 -48.59 23.30 19.58
C ALA D 140 -47.73 22.83 18.41
N PHE D 141 -46.54 23.41 18.22
CA PHE D 141 -45.71 23.09 17.07
C PHE D 141 -44.35 22.51 17.47
N LYS D 142 -44.12 22.24 18.76
CA LYS D 142 -42.83 21.75 19.20
C LYS D 142 -42.37 20.57 18.37
N TYR D 143 -43.30 19.65 18.08
CA TYR D 143 -42.98 18.51 17.21
C TYR D 143 -42.16 18.96 16.02
N HIS D 144 -42.76 19.80 15.17
CA HIS D 144 -42.08 20.30 13.98
C HIS D 144 -40.66 20.70 14.34
N LYS D 145 -40.53 21.59 15.32
CA LYS D 145 -39.23 22.09 15.73
C LYS D 145 -38.23 20.95 15.83
N GLU D 146 -38.49 20.02 16.76
CA GLU D 146 -37.52 18.96 17.01
C GLU D 146 -37.15 18.27 15.71
N LEU D 147 -38.15 17.88 14.92
CA LEU D 147 -37.89 17.10 13.73
C LEU D 147 -36.86 17.79 12.86
N ILE D 148 -37.05 19.08 12.60
CA ILE D 148 -36.15 19.76 11.69
C ILE D 148 -34.72 19.64 12.20
N SER D 149 -34.52 19.91 13.49
CA SER D 149 -33.17 19.80 14.05
C SER D 149 -32.57 18.45 13.72
N LYS D 150 -33.32 17.37 13.96
CA LYS D 150 -32.78 16.05 13.70
C LYS D 150 -32.30 15.94 12.26
N LEU D 151 -33.15 16.35 11.32
CA LEU D 151 -32.84 16.13 9.92
C LEU D 151 -31.68 17.01 9.45
N ILE D 152 -31.11 17.81 10.35
CA ILE D 152 -29.92 18.60 10.03
C ILE D 152 -28.73 18.21 10.89
N SER D 153 -28.89 17.35 11.89
CA SER D 153 -27.77 16.98 12.74
C SER D 153 -26.90 15.91 12.09
N ASN D 154 -27.51 14.77 11.73
CA ASN D 154 -26.78 13.69 11.06
C ASN D 154 -26.69 13.96 9.55
N ARG D 155 -26.13 15.13 9.24
CA ARG D 155 -25.89 15.56 7.85
C ARG D 155 -24.42 15.96 7.78
N GLN D 156 -23.55 14.98 7.55
CA GLN D 156 -22.12 15.23 7.51
C GLN D 156 -21.72 15.88 6.19
N PRO D 157 -20.59 16.58 6.16
CA PRO D 157 -20.21 17.29 4.93
C PRO D 157 -20.05 16.34 3.76
N GLY D 158 -20.42 16.83 2.58
CA GLY D 158 -20.39 16.03 1.37
C GLY D 158 -21.71 15.39 1.00
N GLN D 159 -22.79 15.73 1.69
CA GLN D 159 -24.11 15.17 1.41
C GLN D 159 -25.11 16.31 1.21
N SER D 160 -26.00 16.13 0.24
CA SER D 160 -26.95 17.17 -0.11
C SER D 160 -27.94 17.40 1.02
N ALA D 161 -28.56 18.58 1.00
CA ALA D 161 -29.53 18.94 2.02
C ALA D 161 -30.78 18.07 1.90
N PRO D 162 -31.52 17.90 2.99
CA PRO D 162 -32.68 16.99 2.98
C PRO D 162 -33.88 17.61 2.27
N ALA D 163 -34.94 16.82 2.18
CA ALA D 163 -36.15 17.19 1.46
C ALA D 163 -37.38 17.02 2.34
N ILE D 164 -38.19 18.07 2.44
CA ILE D 164 -39.54 17.99 3.00
C ILE D 164 -40.52 18.25 1.88
N PHE D 165 -41.41 17.29 1.64
CA PHE D 165 -42.40 17.34 0.58
C PHE D 165 -43.78 17.13 1.19
N THR D 166 -44.55 18.21 1.31
CA THR D 166 -45.94 18.09 1.70
C THR D 166 -46.67 19.35 1.23
N THR D 167 -48.00 19.31 1.38
CA THR D 167 -48.86 20.34 0.78
C THR D 167 -49.91 20.87 1.74
N ASN D 168 -50.18 20.20 2.85
CA ASN D 168 -51.36 20.44 3.65
C ASN D 168 -51.47 21.90 4.08
N TYR D 169 -52.67 22.33 4.45
CA TYR D 169 -53.01 23.73 4.74
C TYR D 169 -52.51 24.19 6.10
N ASP D 170 -51.64 23.46 6.80
CA ASP D 170 -51.20 23.83 8.14
C ASP D 170 -50.01 24.78 8.04
N LEU D 171 -50.20 26.01 8.50
CA LEU D 171 -49.13 27.01 8.56
C LEU D 171 -48.28 26.70 9.80
N ALA D 172 -47.41 25.71 9.66
CA ALA D 172 -46.68 25.14 10.79
C ALA D 172 -45.16 25.24 10.66
N LEU D 173 -44.61 24.87 9.50
CA LEU D 173 -43.17 24.64 9.41
C LEU D 173 -42.37 25.91 9.70
N GLU D 174 -42.79 27.04 9.15
CA GLU D 174 -42.12 28.30 9.51
C GLU D 174 -42.52 28.78 10.89
N TRP D 175 -43.59 28.25 11.47
CA TRP D 175 -43.91 28.43 12.88
C TRP D 175 -43.20 27.40 13.76
N ALA D 176 -42.16 26.76 13.22
CA ALA D 176 -41.27 25.93 14.01
C ALA D 176 -39.81 26.13 13.62
N ALA D 177 -39.51 27.03 12.67
CA ALA D 177 -38.15 27.28 12.23
C ALA D 177 -37.59 28.58 12.81
N GLU D 178 -38.42 29.41 13.41
CA GLU D 178 -38.00 30.71 13.94
C GLU D 178 -37.65 30.66 15.42
N ASP D 179 -38.27 29.77 16.20
CA ASP D 179 -37.76 29.52 17.55
C ASP D 179 -36.36 28.92 17.48
N LEU D 180 -36.15 27.96 16.59
CA LEU D 180 -34.91 27.23 16.49
C LEU D 180 -33.86 27.94 15.66
N GLY D 181 -34.20 29.06 15.02
CA GLY D 181 -33.28 29.72 14.14
C GLY D 181 -33.06 29.01 12.82
N ILE D 182 -33.81 27.95 12.53
CA ILE D 182 -33.64 27.25 11.28
C ILE D 182 -34.02 28.19 10.13
N GLN D 183 -33.53 27.87 8.93
CA GLN D 183 -33.78 28.67 7.73
C GLN D 183 -34.21 27.73 6.61
N LEU D 184 -35.51 27.45 6.54
CA LEU D 184 -36.05 26.66 5.44
C LEU D 184 -36.15 27.50 4.17
N PHE D 185 -36.23 26.82 3.04
CA PHE D 185 -36.33 27.47 1.74
C PHE D 185 -37.58 26.94 1.03
N ASN D 186 -38.39 27.86 0.52
CA ASN D 186 -39.58 27.50 -0.26
C ASN D 186 -39.63 28.30 -1.56
N GLY D 187 -38.47 28.50 -2.18
CA GLY D 187 -38.39 29.14 -3.48
C GLY D 187 -38.68 30.61 -3.52
N PHE D 188 -39.15 31.21 -2.42
CA PHE D 188 -39.50 32.62 -2.42
C PHE D 188 -38.40 33.43 -1.75
N SER D 189 -38.64 34.74 -1.58
CA SER D 189 -37.65 35.64 -1.01
C SER D 189 -38.31 36.94 -0.60
N GLY D 190 -37.98 37.40 0.60
CA GLY D 190 -38.26 38.77 1.01
C GLY D 190 -39.38 38.86 2.03
N LEU D 191 -39.28 39.87 2.91
CA LEU D 191 -40.32 40.16 3.88
C LEU D 191 -41.54 40.80 3.23
N HIS D 192 -41.34 41.92 2.53
CA HIS D 192 -42.45 42.74 2.05
C HIS D 192 -42.96 42.28 0.70
N THR D 193 -42.07 42.05 -0.26
CA THR D 193 -42.42 41.59 -1.60
C THR D 193 -41.96 40.15 -1.70
N ARG D 194 -42.81 39.22 -1.27
CA ARG D 194 -42.51 37.80 -1.25
C ARG D 194 -43.15 37.14 -2.47
N GLN D 195 -42.32 36.60 -3.36
CA GLN D 195 -42.79 35.98 -4.59
C GLN D 195 -41.88 34.80 -4.91
N PHE D 196 -42.18 34.13 -6.02
CA PHE D 196 -41.34 33.02 -6.46
C PHE D 196 -40.14 33.54 -7.22
N TYR D 197 -38.98 32.92 -6.96
CA TYR D 197 -37.73 33.32 -7.59
C TYR D 197 -36.81 32.10 -7.72
N PRO D 198 -36.62 31.56 -8.91
CA PRO D 198 -35.76 30.37 -9.03
C PRO D 198 -34.33 30.63 -8.60
N GLN D 199 -33.86 31.88 -8.66
CA GLN D 199 -32.48 32.18 -8.28
C GLN D 199 -32.20 31.84 -6.82
N ASN D 200 -33.23 31.71 -5.99
CA ASN D 200 -33.06 31.35 -4.60
C ASN D 200 -32.89 29.86 -4.37
N PHE D 201 -32.93 29.05 -5.43
CA PHE D 201 -32.81 27.61 -5.29
C PHE D 201 -31.38 27.13 -5.16
N ASP D 202 -30.40 28.03 -5.26
CA ASP D 202 -28.99 27.68 -5.30
C ASP D 202 -28.20 28.50 -4.28
N LEU D 203 -28.72 28.58 -3.05
CA LEU D 203 -28.07 29.28 -1.96
C LEU D 203 -27.69 28.28 -0.87
N ALA D 204 -26.44 28.33 -0.42
CA ALA D 204 -25.95 27.47 0.64
C ALA D 204 -25.16 28.29 1.64
N PHE D 205 -25.21 27.87 2.91
CA PHE D 205 -24.59 28.62 3.98
C PHE D 205 -23.08 28.37 4.03
N ARG D 206 -22.33 29.43 4.26
CA ARG D 206 -20.89 29.35 4.37
C ARG D 206 -20.42 30.28 5.50
N ASN D 207 -19.29 29.93 6.10
CA ASN D 207 -18.70 30.71 7.17
C ASN D 207 -17.63 31.62 6.57
N VAL D 208 -17.80 32.93 6.72
CA VAL D 208 -16.86 33.89 6.13
C VAL D 208 -15.50 33.76 6.79
N ASN D 209 -15.46 33.61 8.12
CA ASN D 209 -14.19 33.51 8.82
C ASN D 209 -13.43 32.26 8.39
N ALA D 210 -14.13 31.14 8.24
CA ALA D 210 -13.49 29.88 7.83
C ALA D 210 -14.53 28.92 7.27
N GLY D 217 -22.94 28.25 13.25
CA GLY D 217 -24.34 28.00 13.55
C GLY D 217 -25.23 28.16 12.34
N HIS D 218 -25.27 27.12 11.50
CA HIS D 218 -26.03 27.14 10.26
C HIS D 218 -26.89 25.89 10.17
N TYR D 219 -28.21 26.08 10.04
CA TYR D 219 -29.15 25.01 9.78
C TYR D 219 -30.03 25.36 8.59
N HIS D 220 -30.48 24.31 7.89
CA HIS D 220 -31.23 24.47 6.66
C HIS D 220 -32.15 23.27 6.48
N ALA D 221 -33.06 23.39 5.52
CA ALA D 221 -33.89 22.29 5.05
C ALA D 221 -34.76 22.85 3.92
N TYR D 222 -35.46 21.95 3.23
CA TYR D 222 -36.15 22.29 2.00
C TYR D 222 -37.66 22.16 2.18
N LEU D 223 -38.38 23.23 1.82
CA LEU D 223 -39.83 23.26 1.84
C LEU D 223 -40.36 23.31 0.40
N TYR D 224 -41.46 22.60 0.16
CA TYR D 224 -42.09 22.59 -1.15
C TYR D 224 -43.56 22.27 -0.98
N LYS D 225 -44.42 23.19 -1.42
CA LYS D 225 -45.86 23.06 -1.32
C LYS D 225 -46.44 22.85 -2.72
N LEU D 226 -47.46 22.01 -2.83
CA LEU D 226 -48.00 21.62 -4.13
C LEU D 226 -49.47 22.01 -4.30
N HIS D 227 -50.00 22.85 -3.42
CA HIS D 227 -51.41 23.27 -3.51
C HIS D 227 -51.61 24.77 -3.37
N GLY D 228 -50.65 25.50 -2.80
CA GLY D 228 -50.82 26.91 -2.54
C GLY D 228 -51.00 27.18 -1.07
N SER D 229 -50.21 28.11 -0.53
CA SER D 229 -50.31 28.47 0.87
C SER D 229 -51.43 29.50 1.05
N LEU D 230 -51.99 29.52 2.26
CA LEU D 230 -53.06 30.49 2.54
C LEU D 230 -52.65 31.91 2.21
N THR D 231 -51.35 32.19 2.14
CA THR D 231 -50.84 33.50 1.76
C THR D 231 -50.34 33.53 0.32
N TRP D 232 -50.64 32.52 -0.47
CA TRP D 232 -50.21 32.46 -1.87
C TRP D 232 -51.34 32.97 -2.75
N TYR D 233 -51.09 34.04 -3.49
CA TYR D 233 -52.13 34.70 -4.26
C TYR D 233 -51.50 35.40 -5.45
N GLN D 234 -52.36 35.95 -6.31
CA GLN D 234 -51.93 36.81 -7.40
C GLN D 234 -52.93 37.95 -7.55
N ASN D 235 -52.46 39.05 -8.13
CA ASN D 235 -53.32 40.17 -8.45
C ASN D 235 -54.12 39.96 -9.72
N ASP D 236 -54.07 38.75 -10.29
CA ASP D 236 -54.78 38.44 -11.54
C ASP D 236 -54.29 39.30 -12.69
N SER D 237 -53.03 39.74 -12.62
CA SER D 237 -52.41 40.53 -13.67
C SER D 237 -50.99 40.04 -13.92
N LEU D 238 -50.81 38.72 -13.93
CA LEU D 238 -49.50 38.12 -14.14
C LEU D 238 -48.53 38.51 -13.02
N THR D 239 -49.02 38.40 -11.78
CA THR D 239 -48.21 38.75 -10.61
C THR D 239 -48.67 37.87 -9.45
N VAL D 240 -47.95 36.78 -9.21
CA VAL D 240 -48.20 35.90 -8.07
C VAL D 240 -47.37 36.40 -6.90
N ASN D 241 -48.01 36.57 -5.74
CA ASN D 241 -47.38 37.15 -4.57
C ASN D 241 -47.68 36.32 -3.34
N GLU D 242 -46.76 36.38 -2.37
CA GLU D 242 -46.98 35.89 -1.03
C GLU D 242 -46.84 37.05 -0.05
N VAL D 243 -47.57 36.98 1.06
CA VAL D 243 -47.63 38.07 2.03
C VAL D 243 -47.54 37.52 3.44
N SER D 244 -47.05 38.36 4.35
CA SER D 244 -46.95 37.98 5.74
C SER D 244 -48.33 37.61 6.31
N ALA D 245 -48.32 37.02 7.51
CA ALA D 245 -49.57 36.58 8.12
C ALA D 245 -50.49 37.76 8.44
N SER D 246 -49.95 38.78 9.11
CA SER D 246 -50.78 39.88 9.56
C SER D 246 -51.35 40.68 8.39
N GLN D 247 -50.49 41.06 7.45
CA GLN D 247 -50.98 41.79 6.28
C GLN D 247 -51.97 40.95 5.49
N ALA D 248 -51.72 39.64 5.40
CA ALA D 248 -52.65 38.76 4.70
C ALA D 248 -54.02 38.78 5.37
N TYR D 249 -54.05 38.72 6.70
CA TYR D 249 -55.32 38.81 7.42
C TYR D 249 -55.98 40.17 7.20
N ASP D 250 -55.16 41.22 7.05
CA ASP D 250 -55.71 42.57 6.99
C ASP D 250 -56.31 42.88 5.63
N GLU D 251 -55.65 42.47 4.55
CA GLU D 251 -56.02 42.97 3.23
C GLU D 251 -57.22 42.22 2.65
N TYR D 252 -57.07 40.91 2.42
CA TYR D 252 -58.05 40.19 1.61
C TYR D 252 -58.43 38.83 2.20
N ILE D 253 -58.47 38.72 3.53
CA ILE D 253 -58.82 37.44 4.14
C ILE D 253 -59.88 37.61 5.22
N ASN D 254 -60.10 38.85 5.68
CA ASN D 254 -61.07 39.06 6.76
C ASN D 254 -62.49 39.09 6.21
N ASP D 255 -62.73 39.84 5.13
CA ASP D 255 -64.06 39.90 4.56
C ASP D 255 -64.52 38.51 4.13
N ILE D 256 -63.66 37.77 3.43
CA ILE D 256 -64.04 36.44 2.97
C ILE D 256 -64.45 35.57 4.14
N ILE D 257 -63.74 35.67 5.26
CA ILE D 257 -64.09 34.89 6.44
C ILE D 257 -65.45 35.31 6.97
N ASN D 258 -65.67 36.62 7.11
CA ASN D 258 -66.81 37.12 7.87
C ASN D 258 -67.49 38.30 7.18
N LYS D 259 -67.75 38.17 5.87
CA LYS D 259 -68.60 39.13 5.18
C LYS D 259 -69.56 38.50 4.17
N ASP D 260 -69.51 37.19 3.98
CA ASP D 260 -70.41 36.47 3.07
C ASP D 260 -70.62 37.24 1.77
N ASP D 261 -69.51 37.52 1.10
CA ASP D 261 -69.49 38.21 -0.19
C ASP D 261 -69.02 37.26 -1.28
N PHE D 262 -68.93 37.79 -2.50
CA PHE D 262 -68.49 36.99 -3.63
C PHE D 262 -67.00 36.70 -3.52
N TYR D 263 -66.55 35.73 -4.32
CA TYR D 263 -65.14 35.32 -4.28
C TYR D 263 -64.82 34.57 -5.57
N ARG D 264 -63.91 35.14 -6.36
CA ARG D 264 -63.28 34.40 -7.44
C ARG D 264 -61.96 33.83 -6.90
N GLY D 265 -61.13 33.27 -7.77
CA GLY D 265 -59.90 32.66 -7.32
C GLY D 265 -58.91 33.70 -6.85
N GLN D 266 -59.23 34.36 -5.74
CA GLN D 266 -58.43 35.48 -5.26
C GLN D 266 -57.00 35.02 -4.95
N HIS D 267 -56.85 34.14 -3.96
CA HIS D 267 -55.56 33.59 -3.60
C HIS D 267 -55.50 32.14 -4.06
N LEU D 268 -54.45 31.81 -4.81
CA LEU D 268 -54.39 30.54 -5.53
C LEU D 268 -54.25 29.39 -4.53
N ILE D 269 -55.36 28.70 -4.28
CA ILE D 269 -55.38 27.45 -3.53
C ILE D 269 -56.05 26.42 -4.43
N TYR D 270 -55.38 25.29 -4.64
CA TYR D 270 -55.88 24.28 -5.56
C TYR D 270 -56.25 23.00 -4.84
N PRO D 271 -57.45 22.94 -4.24
CA PRO D 271 -57.99 21.67 -3.77
C PRO D 271 -58.85 20.93 -4.78
N GLY D 272 -58.88 21.37 -6.04
CA GLY D 272 -59.63 20.70 -7.08
C GLY D 272 -58.94 19.45 -7.58
N ALA D 273 -59.63 18.75 -8.47
CA ALA D 273 -59.13 17.48 -9.03
C ALA D 273 -58.39 17.71 -10.34
N ASN D 274 -59.06 18.33 -11.32
CA ASN D 274 -58.46 18.48 -12.64
C ASN D 274 -57.13 19.22 -12.55
N LYS D 275 -57.07 20.27 -11.75
CA LYS D 275 -55.84 21.04 -11.53
C LYS D 275 -55.18 21.47 -12.85
N TYR D 276 -55.95 21.46 -13.94
CA TYR D 276 -55.44 21.84 -15.26
C TYR D 276 -56.39 22.84 -15.91
N SER D 277 -57.66 22.80 -15.51
CA SER D 277 -58.58 23.87 -15.88
C SER D 277 -58.01 25.22 -15.47
N HIS D 278 -57.37 25.27 -14.30
CA HIS D 278 -56.64 26.45 -13.85
C HIS D 278 -55.22 26.45 -14.41
N THR D 279 -55.13 26.46 -15.74
CA THR D 279 -53.83 26.59 -16.40
C THR D 279 -53.20 27.96 -16.17
N ILE D 280 -53.92 28.86 -15.50
CA ILE D 280 -53.34 30.12 -15.05
C ILE D 280 -52.23 29.86 -14.05
N GLY D 281 -52.39 28.85 -13.20
CA GLY D 281 -51.44 28.57 -12.15
C GLY D 281 -50.27 27.73 -12.59
N PHE D 282 -49.14 28.36 -12.85
CA PHE D 282 -47.93 27.66 -13.26
C PHE D 282 -47.25 26.93 -12.11
N VAL D 283 -47.69 27.16 -10.87
CA VAL D 283 -47.03 26.61 -9.69
C VAL D 283 -46.74 25.13 -9.89
N TYR D 284 -47.80 24.35 -10.07
CA TYR D 284 -47.66 22.92 -10.36
C TYR D 284 -46.52 22.65 -11.32
N GLY D 285 -46.59 23.25 -12.51
CA GLY D 285 -45.65 22.98 -13.57
C GLY D 285 -44.20 22.91 -13.12
N GLU D 286 -43.86 23.58 -12.03
CA GLU D 286 -42.48 23.57 -11.55
C GLU D 286 -42.27 22.62 -10.37
N MET D 287 -43.19 22.59 -9.41
CA MET D 287 -42.92 21.88 -8.16
C MET D 287 -42.71 20.40 -8.40
N PHE D 288 -43.59 19.77 -9.18
CA PHE D 288 -43.41 18.35 -9.47
C PHE D 288 -42.14 18.11 -10.28
N ARG D 289 -41.70 19.12 -11.05
CA ARG D 289 -40.40 19.03 -11.71
C ARG D 289 -39.32 18.57 -10.73
N ARG D 290 -39.53 18.83 -9.44
CA ARG D 290 -38.60 18.39 -8.41
C ARG D 290 -38.99 17.04 -7.81
N PHE D 291 -40.29 16.82 -7.55
CA PHE D 291 -40.70 15.60 -6.87
C PHE D 291 -40.22 14.36 -7.62
N GLY D 292 -40.55 14.26 -8.91
CA GLY D 292 -39.99 13.18 -9.70
C GLY D 292 -38.48 13.21 -9.70
N GLU D 293 -37.90 14.41 -9.89
CA GLU D 293 -36.46 14.55 -9.87
C GLU D 293 -35.88 14.20 -8.50
N PHE D 294 -36.69 14.20 -7.46
CA PHE D 294 -36.21 13.76 -6.15
C PHE D 294 -36.08 12.25 -6.08
N ILE D 295 -36.91 11.51 -6.83
CA ILE D 295 -37.00 10.07 -6.66
C ILE D 295 -36.27 9.29 -7.74
N SER D 296 -35.67 9.97 -8.72
CA SER D 296 -34.90 9.28 -9.74
C SER D 296 -33.53 8.81 -9.25
N LYS D 297 -33.10 9.25 -8.07
CA LYS D 297 -31.78 8.91 -7.58
C LYS D 297 -31.75 7.51 -6.98
N PRO D 298 -30.61 6.82 -7.04
CA PRO D 298 -30.44 5.58 -6.28
C PRO D 298 -29.89 5.83 -4.89
N GLN D 299 -30.14 4.87 -4.00
CA GLN D 299 -29.73 4.97 -2.61
C GLN D 299 -30.35 6.18 -1.92
N THR D 300 -31.56 6.55 -2.36
CA THR D 300 -32.33 7.64 -1.78
C THR D 300 -33.67 7.10 -1.32
N ALA D 301 -34.11 7.53 -0.14
CA ALA D 301 -35.38 7.07 0.42
C ALA D 301 -36.40 8.20 0.43
N LEU D 302 -37.68 7.81 0.53
CA LEU D 302 -38.76 8.76 0.75
C LEU D 302 -39.63 8.25 1.89
N PHE D 303 -39.97 9.16 2.81
CA PHE D 303 -40.90 8.85 3.90
C PHE D 303 -42.27 9.44 3.58
N ILE D 304 -43.31 8.65 3.84
CA ILE D 304 -44.68 9.08 3.65
C ILE D 304 -45.45 8.83 4.94
N ASN D 305 -46.05 9.90 5.48
CA ASN D 305 -46.75 9.85 6.76
C ASN D 305 -48.26 9.87 6.50
N GLY D 306 -48.86 8.68 6.45
CA GLY D 306 -50.31 8.57 6.36
C GLY D 306 -50.89 9.14 5.08
N PHE D 307 -50.60 8.48 3.95
CA PHE D 307 -51.05 8.92 2.64
C PHE D 307 -51.85 7.81 1.97
N GLY D 308 -53.07 8.12 1.54
CA GLY D 308 -53.85 7.18 0.76
C GLY D 308 -53.49 7.14 -0.70
N PHE D 309 -52.78 8.17 -1.19
CA PHE D 309 -52.34 8.25 -2.59
C PHE D 309 -53.51 8.48 -3.53
N GLY D 310 -54.48 9.29 -3.10
CA GLY D 310 -55.67 9.51 -3.89
C GLY D 310 -55.38 10.12 -5.25
N ASP D 311 -54.43 11.04 -5.30
CA ASP D 311 -54.19 11.78 -6.54
C ASP D 311 -53.66 10.87 -7.63
N TYR D 312 -54.06 11.17 -8.88
CA TYR D 312 -53.56 10.40 -10.02
C TYR D 312 -52.09 10.71 -10.29
N HIS D 313 -51.72 11.98 -10.24
CA HIS D 313 -50.36 12.37 -10.59
C HIS D 313 -49.32 11.83 -9.62
N ILE D 314 -49.67 11.66 -8.34
CA ILE D 314 -48.68 11.19 -7.38
C ILE D 314 -48.28 9.75 -7.68
N ASN D 315 -49.26 8.90 -8.02
CA ASN D 315 -48.96 7.53 -8.43
C ASN D 315 -48.80 7.42 -9.94
N ARG D 316 -47.98 8.31 -10.51
CA ARG D 316 -47.58 8.21 -11.91
C ARG D 316 -46.11 8.52 -12.13
N ILE D 317 -45.43 9.14 -11.18
CA ILE D 317 -43.97 9.26 -11.20
C ILE D 317 -43.33 8.41 -10.10
N ILE D 318 -44.13 7.79 -9.24
CA ILE D 318 -43.62 7.00 -8.13
C ILE D 318 -43.51 5.52 -8.50
N LEU D 319 -44.61 4.91 -8.93
CA LEU D 319 -44.55 3.52 -9.37
C LEU D 319 -43.44 3.31 -10.38
N GLY D 320 -43.24 4.28 -11.27
CA GLY D 320 -42.12 4.24 -12.19
C GLY D 320 -40.91 4.94 -11.64
N ALA D 321 -40.55 4.64 -10.40
CA ALA D 321 -39.33 5.15 -9.80
C ALA D 321 -38.54 3.99 -9.23
N LEU D 322 -39.24 2.94 -8.81
CA LEU D 322 -38.60 1.73 -8.32
C LEU D 322 -37.75 1.05 -9.39
N LEU D 323 -37.93 1.41 -10.66
CA LEU D 323 -37.12 0.80 -11.71
C LEU D 323 -35.64 1.04 -11.46
N ASN D 324 -35.28 2.23 -11.03
CA ASN D 324 -33.92 2.45 -10.54
C ASN D 324 -33.75 1.62 -9.27
N PRO D 325 -32.77 0.73 -9.20
CA PRO D 325 -32.81 -0.31 -8.16
C PRO D 325 -32.74 0.22 -6.73
N SER D 326 -31.69 1.00 -6.43
CA SER D 326 -31.39 1.34 -5.04
C SER D 326 -32.32 2.40 -4.46
N PHE D 327 -33.21 2.98 -5.25
CA PHE D 327 -34.17 3.92 -4.70
C PHE D 327 -35.13 3.17 -3.79
N HIS D 328 -34.96 3.32 -2.49
CA HIS D 328 -35.91 2.77 -1.53
C HIS D 328 -37.10 3.71 -1.39
N VAL D 329 -38.08 3.31 -0.59
CA VAL D 329 -39.25 4.14 -0.34
C VAL D 329 -39.93 3.63 0.91
N VAL D 330 -40.57 4.54 1.65
CA VAL D 330 -41.19 4.24 2.92
C VAL D 330 -42.59 4.83 2.95
N ILE D 331 -43.56 4.06 3.45
CA ILE D 331 -44.94 4.50 3.57
C ILE D 331 -45.43 4.17 4.97
N TYR D 332 -46.07 5.13 5.61
CA TYR D 332 -46.72 4.93 6.90
C TYR D 332 -48.22 4.78 6.65
N TYR D 333 -48.79 3.67 7.10
CA TYR D 333 -50.20 3.41 6.87
C TYR D 333 -50.78 2.54 7.98
N PRO D 334 -51.61 3.10 8.88
CA PRO D 334 -52.19 2.27 9.95
C PRO D 334 -53.11 1.19 9.43
N GLU D 335 -54.09 1.58 8.62
CA GLU D 335 -55.13 0.66 8.15
C GLU D 335 -54.81 0.14 6.76
N LEU D 336 -53.70 -0.59 6.66
CA LEU D 336 -53.32 -1.20 5.39
C LEU D 336 -54.26 -2.33 5.00
N LYS D 337 -54.78 -3.06 5.99
CA LYS D 337 -55.68 -4.18 5.70
C LYS D 337 -56.92 -3.69 4.98
N GLU D 338 -57.46 -2.54 5.37
CA GLU D 338 -58.65 -2.00 4.72
C GLU D 338 -58.39 -1.73 3.25
N ALA D 339 -57.27 -1.08 2.93
CA ALA D 339 -56.96 -0.80 1.54
C ALA D 339 -56.73 -2.09 0.75
N ILE D 340 -56.04 -3.06 1.36
CA ILE D 340 -55.80 -4.33 0.67
C ILE D 340 -57.14 -5.00 0.35
N THR D 341 -58.04 -5.05 1.33
CA THR D 341 -59.34 -5.69 1.11
C THR D 341 -60.14 -4.95 0.04
N LYS D 342 -60.14 -3.61 0.08
CA LYS D 342 -60.91 -2.85 -0.89
C LYS D 342 -60.37 -3.06 -2.30
N VAL D 343 -59.05 -3.10 -2.46
CA VAL D 343 -58.48 -3.41 -3.77
C VAL D 343 -58.87 -4.81 -4.21
N SER D 344 -58.77 -5.78 -3.30
CA SER D 344 -59.17 -7.14 -3.64
C SER D 344 -60.63 -7.20 -4.08
N LYS D 345 -61.47 -6.32 -3.54
CA LYS D 345 -62.87 -6.25 -3.96
C LYS D 345 -63.05 -5.55 -5.29
N GLY D 346 -62.01 -4.95 -5.85
CA GLY D 346 -62.12 -4.33 -7.16
C GLY D 346 -63.05 -3.13 -7.20
N GLY D 347 -62.98 -2.27 -6.19
CA GLY D 347 -63.82 -1.09 -6.15
C GLY D 347 -63.08 0.14 -5.65
N GLY D 348 -61.77 0.19 -5.91
CA GLY D 348 -60.93 1.26 -5.42
C GLY D 348 -60.56 2.26 -6.50
N SER D 349 -60.12 3.43 -6.03
CA SER D 349 -59.65 4.50 -6.90
C SER D 349 -58.12 4.49 -6.91
N GLU D 350 -57.53 5.52 -7.55
CA GLU D 350 -56.09 5.69 -7.58
C GLU D 350 -55.43 5.31 -6.26
N ALA D 351 -55.97 5.80 -5.15
CA ALA D 351 -55.36 5.59 -3.84
C ALA D 351 -55.15 4.10 -3.55
N GLU D 352 -56.25 3.36 -3.45
CA GLU D 352 -56.18 1.98 -3.01
C GLU D 352 -55.40 1.13 -4.00
N LYS D 353 -55.70 1.30 -5.30
CA LYS D 353 -55.00 0.51 -6.31
C LYS D 353 -53.49 0.72 -6.23
N ALA D 354 -53.05 1.98 -6.23
CA ALA D 354 -51.62 2.26 -6.23
C ALA D 354 -50.96 1.79 -4.95
N ILE D 355 -51.59 2.02 -3.79
CA ILE D 355 -50.95 1.65 -2.53
C ILE D 355 -50.83 0.13 -2.44
N VAL D 356 -51.90 -0.60 -2.78
CA VAL D 356 -51.83 -2.05 -2.69
C VAL D 356 -50.87 -2.60 -3.75
N THR D 357 -50.75 -1.93 -4.90
CA THR D 357 -49.80 -2.37 -5.91
C THR D 357 -48.37 -2.22 -5.40
N LEU D 358 -48.04 -1.06 -4.83
CA LEU D 358 -46.67 -0.83 -4.36
C LEU D 358 -46.36 -1.65 -3.11
N LYS D 359 -47.38 -2.04 -2.34
CA LYS D 359 -47.15 -2.97 -1.24
C LYS D 359 -46.99 -4.40 -1.73
N ASN D 360 -47.68 -4.77 -2.81
CA ASN D 360 -47.65 -6.13 -3.33
C ASN D 360 -46.46 -6.40 -4.23
N MET D 361 -45.73 -5.38 -4.67
CA MET D 361 -44.60 -5.60 -5.56
C MET D 361 -43.58 -6.50 -4.87
N ALA D 362 -43.07 -7.48 -5.62
CA ALA D 362 -42.22 -8.52 -5.05
C ALA D 362 -40.89 -7.98 -4.54
N PHE D 363 -40.52 -6.75 -4.89
CA PHE D 363 -39.26 -6.18 -4.44
C PHE D 363 -39.33 -5.82 -2.96
N ASN D 364 -38.18 -5.44 -2.42
CA ASN D 364 -38.05 -5.08 -1.01
C ASN D 364 -37.83 -3.59 -0.77
N GLN D 365 -37.70 -2.79 -1.83
CA GLN D 365 -37.54 -1.35 -1.64
C GLN D 365 -38.72 -0.74 -0.89
N VAL D 366 -39.84 -1.45 -0.81
CA VAL D 366 -40.99 -0.99 -0.04
C VAL D 366 -40.70 -1.14 1.45
N THR D 367 -40.94 -0.08 2.21
CA THR D 367 -40.89 -0.10 3.66
C THR D 367 -42.25 0.30 4.19
N VAL D 368 -42.76 -0.44 5.17
CA VAL D 368 -44.13 -0.30 5.64
C VAL D 368 -44.12 0.01 7.13
N VAL D 369 -44.90 1.02 7.53
CA VAL D 369 -45.10 1.36 8.93
C VAL D 369 -46.59 1.46 9.17
N GLY D 370 -47.07 0.81 10.24
CA GLY D 370 -48.48 0.80 10.54
C GLY D 370 -48.72 0.32 11.96
N GLY D 371 -49.99 0.18 12.30
CA GLY D 371 -50.39 -0.31 13.62
C GLY D 371 -51.20 0.70 14.42
N GLY D 372 -51.94 1.55 13.72
CA GLY D 372 -52.77 2.54 14.39
C GLY D 372 -52.04 3.86 14.53
N SER D 373 -52.06 4.41 15.75
CA SER D 373 -51.36 5.66 16.02
C SER D 373 -49.84 5.54 15.88
N LYS D 374 -49.31 4.31 15.85
CA LYS D 374 -47.88 4.10 15.72
C LYS D 374 -47.31 4.63 14.41
N ALA D 375 -48.15 4.86 13.41
CA ALA D 375 -47.72 5.39 12.12
C ALA D 375 -47.85 6.90 12.03
N TYR D 376 -48.27 7.56 13.10
CA TYR D 376 -48.49 9.00 13.09
C TYR D 376 -47.14 9.73 13.19
N PHE D 377 -47.19 11.05 13.33
CA PHE D 377 -45.98 11.87 13.40
C PHE D 377 -45.11 11.48 14.59
N ASN D 378 -45.69 10.85 15.61
CA ASN D 378 -44.91 10.50 16.80
C ASN D 378 -43.77 9.54 16.44
N SER D 379 -44.08 8.52 15.63
CA SER D 379 -43.04 7.59 15.20
C SER D 379 -42.02 8.30 14.31
N PHE D 380 -42.47 9.23 13.49
CA PHE D 380 -41.54 9.98 12.65
C PHE D 380 -40.54 10.75 13.50
N VAL D 381 -41.01 11.40 14.57
CA VAL D 381 -40.11 12.12 15.46
C VAL D 381 -39.20 11.14 16.19
N GLU D 382 -39.74 10.01 16.66
CA GLU D 382 -38.96 9.10 17.47
C GLU D 382 -37.86 8.41 16.67
N HIS D 383 -38.13 8.06 15.42
CA HIS D 383 -37.27 7.13 14.70
C HIS D 383 -36.08 7.82 14.03
N LEU D 384 -36.32 8.92 13.34
CA LEU D 384 -35.26 9.56 12.58
C LEU D 384 -34.08 9.86 13.52
N PRO D 385 -32.88 9.36 13.23
CA PRO D 385 -31.88 9.18 14.29
C PRO D 385 -30.92 10.34 14.50
N TYR D 386 -30.54 10.53 15.76
CA TYR D 386 -29.44 11.41 16.13
C TYR D 386 -28.11 10.67 15.99
N PRO D 387 -27.00 11.40 15.83
CA PRO D 387 -25.68 10.76 15.85
C PRO D 387 -25.25 10.43 17.27
N VAL D 388 -24.60 9.28 17.42
CA VAL D 388 -24.12 8.80 18.72
C VAL D 388 -22.64 8.46 18.59
N LEU D 389 -21.83 8.99 19.51
CA LEU D 389 -20.39 8.74 19.53
C LEU D 389 -19.92 8.16 20.86
N PHE D 390 -20.48 8.61 21.98
CA PHE D 390 -20.06 8.16 23.32
C PHE D 390 -21.31 7.77 24.11
N PRO D 391 -21.94 6.64 23.75
CA PRO D 391 -23.15 6.17 24.46
C PRO D 391 -22.84 5.61 25.84
N SER E 2 -11.68 72.71 -9.80
CA SER E 2 -11.76 72.63 -8.35
C SER E 2 -11.59 71.19 -7.88
N ILE E 3 -10.41 70.63 -8.13
CA ILE E 3 -10.07 69.26 -7.74
C ILE E 3 -8.86 69.31 -6.83
N TYR E 4 -8.96 68.67 -5.67
CA TYR E 4 -7.87 68.61 -4.70
C TYR E 4 -7.52 67.15 -4.45
N GLN E 5 -6.23 66.82 -4.57
CA GLN E 5 -5.77 65.45 -4.35
C GLN E 5 -4.35 65.53 -3.79
N GLY E 6 -4.22 65.50 -2.46
CA GLY E 6 -2.93 65.48 -1.82
C GLY E 6 -2.10 66.72 -2.06
N GLY E 7 -2.73 67.79 -2.53
CA GLY E 7 -2.05 69.04 -2.78
C GLY E 7 -1.28 69.12 -4.08
N ASN E 8 -1.28 68.05 -4.88
CA ASN E 8 -0.60 68.01 -6.16
C ASN E 8 -1.63 67.93 -7.28
N LYS E 9 -1.54 68.86 -8.22
CA LYS E 9 -2.50 68.90 -9.33
C LYS E 9 -2.13 67.88 -10.40
N LEU E 10 -3.14 67.21 -10.94
CA LEU E 10 -2.97 66.23 -11.99
C LEU E 10 -4.08 66.41 -13.03
N ASN E 11 -3.80 65.98 -14.26
CA ASN E 11 -4.72 66.21 -15.36
C ASN E 11 -5.99 65.39 -15.18
N GLU E 12 -7.00 65.74 -15.99
CA GLU E 12 -8.30 65.08 -15.88
C GLU E 12 -8.22 63.59 -16.18
N ASP E 13 -7.41 63.22 -17.18
CA ASP E 13 -7.31 61.82 -17.56
C ASP E 13 -6.80 60.98 -16.40
N ASP E 14 -5.73 61.44 -15.73
CA ASP E 14 -5.21 60.70 -14.59
C ASP E 14 -6.22 60.66 -13.46
N PHE E 15 -6.94 61.76 -13.23
CA PHE E 15 -7.95 61.78 -12.18
C PHE E 15 -9.01 60.73 -12.43
N ARG E 16 -9.57 60.69 -13.64
CA ARG E 16 -10.62 59.72 -13.95
C ARG E 16 -10.08 58.30 -13.90
N SER E 17 -8.85 58.09 -14.38
CA SER E 17 -8.27 56.75 -14.32
C SER E 17 -8.12 56.29 -12.87
N HIS E 18 -7.63 57.16 -12.00
CA HIS E 18 -7.47 56.79 -10.60
C HIS E 18 -8.83 56.53 -9.95
N VAL E 19 -9.82 57.35 -10.26
CA VAL E 19 -11.16 57.15 -9.69
C VAL E 19 -11.72 55.80 -10.14
N TYR E 20 -11.58 55.48 -11.42
CA TYR E 20 -12.06 54.19 -11.92
C TYR E 20 -11.33 53.04 -11.26
N SER E 21 -10.01 53.16 -11.11
CA SER E 21 -9.25 52.09 -10.46
C SER E 21 -9.68 51.89 -9.02
N LEU E 22 -9.91 52.98 -8.30
CA LEU E 22 -10.33 52.86 -6.91
C LEU E 22 -11.77 52.36 -6.80
N CYS E 23 -12.58 52.57 -7.84
CA CYS E 23 -13.98 52.17 -7.79
C CYS E 23 -14.16 50.66 -7.92
N GLN E 24 -13.12 49.93 -8.35
CA GLN E 24 -13.19 48.49 -8.53
C GLN E 24 -12.31 47.76 -7.52
N LEU E 25 -12.26 48.26 -6.29
CA LEU E 25 -11.46 47.64 -5.26
C LEU E 25 -12.16 46.41 -4.69
N ASP E 26 -11.35 45.45 -4.24
CA ASP E 26 -11.92 44.24 -3.63
C ASP E 26 -12.56 44.54 -2.29
N ASN E 27 -11.92 45.39 -1.48
CA ASN E 27 -12.44 45.78 -0.18
C ASN E 27 -12.94 47.21 -0.24
N VAL E 28 -14.18 47.43 0.20
CA VAL E 28 -14.78 48.76 0.21
C VAL E 28 -15.47 48.96 1.56
N GLY E 29 -15.12 50.04 2.25
CA GLY E 29 -15.79 50.42 3.48
C GLY E 29 -16.23 51.87 3.42
N VAL E 30 -17.53 52.12 3.46
CA VAL E 30 -18.09 53.44 3.24
C VAL E 30 -18.98 53.80 4.41
N LEU E 31 -18.80 55.02 4.92
CA LEU E 31 -19.66 55.58 5.97
C LEU E 31 -20.17 56.93 5.46
N LEU E 32 -21.36 56.93 4.85
CA LEU E 32 -21.94 58.14 4.32
C LEU E 32 -22.63 58.95 5.41
N GLY E 33 -22.46 60.26 5.35
CA GLY E 33 -23.07 61.15 6.32
C GLY E 33 -24.49 61.54 5.96
N ALA E 34 -25.05 62.43 6.77
CA ALA E 34 -26.43 62.87 6.56
C ALA E 34 -26.56 63.64 5.25
N GLY E 35 -25.60 64.51 4.93
CA GLY E 35 -25.69 65.32 3.75
C GLY E 35 -25.41 64.60 2.44
N ALA E 36 -24.74 63.45 2.51
CA ALA E 36 -24.39 62.73 1.29
C ALA E 36 -25.62 62.23 0.55
N SER E 37 -26.72 62.01 1.26
CA SER E 37 -27.96 61.51 0.67
C SER E 37 -29.00 62.62 0.49
N VAL E 38 -28.57 63.88 0.52
CA VAL E 38 -29.52 64.98 0.35
C VAL E 38 -30.19 64.91 -1.01
N GLY E 39 -29.44 64.48 -2.04
CA GLY E 39 -29.99 64.37 -3.37
C GLY E 39 -30.90 63.18 -3.56
N CYS E 40 -31.01 62.29 -2.58
CA CYS E 40 -31.87 61.12 -2.65
C CYS E 40 -33.28 61.39 -2.13
N GLY E 41 -33.57 62.62 -1.71
CA GLY E 41 -34.87 62.98 -1.20
C GLY E 41 -34.99 63.02 0.30
N GLY E 42 -33.90 62.83 1.03
CA GLY E 42 -33.95 62.89 2.48
C GLY E 42 -34.11 64.31 2.99
N LYS E 43 -34.50 64.42 4.25
CA LYS E 43 -34.71 65.69 4.92
C LYS E 43 -33.72 65.82 6.08
N THR E 44 -33.04 66.97 6.13
CA THR E 44 -32.09 67.21 7.21
C THR E 44 -32.82 67.45 8.52
N MET E 45 -32.12 67.17 9.62
CA MET E 45 -32.73 67.33 10.94
C MET E 45 -33.11 68.78 11.24
N LYS E 46 -32.47 69.74 10.56
CA LYS E 46 -32.85 71.14 10.77
C LYS E 46 -34.30 71.37 10.37
N ASP E 47 -34.73 70.80 9.25
CA ASP E 47 -36.12 70.94 8.84
C ASP E 47 -37.05 70.25 9.83
N VAL E 48 -36.63 69.11 10.38
CA VAL E 48 -37.44 68.41 11.37
C VAL E 48 -37.64 69.29 12.59
N TRP E 49 -36.56 69.90 13.09
CA TRP E 49 -36.67 70.77 14.25
C TRP E 49 -37.51 72.00 13.94
N LYS E 50 -37.36 72.56 12.74
CA LYS E 50 -38.13 73.74 12.37
C LYS E 50 -39.62 73.44 12.34
N SER E 51 -39.99 72.32 11.72
CA SER E 51 -41.41 71.93 11.70
C SER E 51 -41.90 71.61 13.10
N PHE E 52 -41.04 71.04 13.94
CA PHE E 52 -41.42 70.77 15.32
C PHE E 52 -41.75 72.07 16.05
N LYS E 53 -40.88 73.07 15.93
CA LYS E 53 -41.12 74.33 16.63
C LYS E 53 -42.34 75.04 16.07
N GLN E 54 -42.57 74.94 14.75
CA GLN E 54 -43.80 75.49 14.19
C GLN E 54 -45.02 74.80 14.76
N ASN E 55 -44.96 73.48 14.93
CA ASN E 55 -46.06 72.75 15.54
C ASN E 55 -46.29 73.19 16.98
N TYR E 56 -45.22 73.35 17.75
CA TYR E 56 -45.29 73.75 19.16
C TYR E 56 -44.21 74.78 19.43
N PRO E 57 -44.47 76.05 19.10
CA PRO E 57 -43.48 77.11 19.33
C PRO E 57 -43.44 77.67 20.74
N GLU E 58 -44.09 77.02 21.70
CA GLU E 58 -44.05 77.45 23.10
C GLU E 58 -43.13 76.61 23.96
N LEU E 59 -42.29 75.77 23.34
CA LEU E 59 -41.46 74.81 24.07
C LEU E 59 -40.03 75.29 24.29
N LEU E 60 -39.43 75.97 23.31
CA LEU E 60 -38.02 76.32 23.43
C LEU E 60 -37.77 77.22 24.63
N GLY E 61 -38.62 78.24 24.82
CA GLY E 61 -38.40 79.15 25.93
C GLY E 61 -38.43 78.45 27.27
N ALA E 62 -39.51 77.69 27.53
CA ALA E 62 -39.61 76.97 28.79
C ALA E 62 -38.54 75.89 28.90
N LEU E 63 -38.24 75.23 27.77
CA LEU E 63 -37.19 74.21 27.77
C LEU E 63 -35.89 74.78 28.29
N ILE E 64 -35.44 75.90 27.71
CA ILE E 64 -34.21 76.53 28.18
C ILE E 64 -34.36 77.01 29.61
N ASP E 65 -35.52 77.60 29.94
CA ASP E 65 -35.68 78.23 31.25
C ASP E 65 -35.54 77.22 32.38
N LYS E 66 -36.17 76.05 32.25
CA LYS E 66 -36.24 75.11 33.36
C LYS E 66 -35.40 73.86 33.19
N TYR E 67 -34.78 73.65 32.02
CA TYR E 67 -33.98 72.44 31.79
C TYR E 67 -32.63 72.70 31.17
N LEU E 68 -32.41 73.81 30.47
CA LEU E 68 -31.13 74.12 29.84
C LEU E 68 -30.66 72.99 28.93
N LEU E 69 -31.59 72.16 28.46
CA LEU E 69 -31.23 71.05 27.59
C LEU E 69 -30.54 71.52 26.32
N VAL E 70 -30.75 72.77 25.91
CA VAL E 70 -30.15 73.32 24.71
C VAL E 70 -29.86 74.80 24.95
N SER E 71 -28.93 75.33 24.17
CA SER E 71 -28.64 76.76 24.18
C SER E 71 -29.50 77.46 23.14
N GLN E 72 -29.92 78.69 23.46
CA GLN E 72 -30.83 79.41 22.58
C GLN E 72 -30.22 79.62 21.20
N ILE E 73 -28.94 80.00 21.15
CA ILE E 73 -28.31 80.31 19.88
C ILE E 73 -28.22 79.07 19.00
N ASP E 74 -27.84 77.93 19.59
CA ASP E 74 -27.71 76.71 18.80
C ASP E 74 -29.06 76.29 18.23
N SER E 75 -30.12 76.35 19.04
CA SER E 75 -31.45 76.00 18.54
C SER E 75 -31.90 76.97 17.45
N ASP E 76 -31.61 78.26 17.63
CA ASP E 76 -31.98 79.25 16.62
C ASP E 76 -31.26 78.97 15.30
N ASN E 77 -29.98 78.58 15.36
CA ASN E 77 -29.19 78.29 14.17
C ASN E 77 -29.28 76.83 13.74
N ASN E 78 -30.13 76.04 14.38
CA ASN E 78 -30.32 74.63 14.04
C ASN E 78 -29.03 73.85 14.25
N LEU E 79 -28.53 73.91 15.48
CA LEU E 79 -27.32 73.20 15.90
C LEU E 79 -27.62 72.36 17.12
N VAL E 80 -28.73 71.62 17.08
CA VAL E 80 -29.17 70.77 18.18
C VAL E 80 -29.22 69.34 17.68
N ASN E 81 -29.12 68.40 18.62
CA ASN E 81 -29.15 66.98 18.32
C ASN E 81 -30.53 66.43 18.68
N VAL E 82 -31.19 65.80 17.71
CA VAL E 82 -32.55 65.30 17.93
C VAL E 82 -32.52 64.03 18.76
N GLU E 83 -31.69 63.06 18.37
CA GLU E 83 -31.65 61.80 19.11
C GLU E 83 -31.12 62.01 20.52
N LEU E 84 -30.10 62.86 20.68
CA LEU E 84 -29.61 63.16 22.02
C LEU E 84 -30.67 63.86 22.86
N LEU E 85 -31.40 64.80 22.26
CA LEU E 85 -32.47 65.46 22.99
C LEU E 85 -33.54 64.47 23.41
N ILE E 86 -33.89 63.53 22.54
CA ILE E 86 -34.90 62.52 22.87
C ILE E 86 -34.41 61.63 24.00
N ASP E 87 -33.14 61.21 23.94
CA ASP E 87 -32.60 60.35 24.99
C ASP E 87 -32.56 61.08 26.32
N GLU E 88 -32.15 62.35 26.31
CA GLU E 88 -32.13 63.12 27.55
C GLU E 88 -33.53 63.41 28.05
N ALA E 89 -34.50 63.52 27.15
CA ALA E 89 -35.89 63.62 27.56
C ALA E 89 -36.34 62.36 28.27
N THR E 90 -35.98 61.19 27.71
CA THR E 90 -36.27 59.93 28.40
C THR E 90 -35.58 59.88 29.76
N LYS E 91 -34.37 60.43 29.85
CA LYS E 91 -33.65 60.46 31.12
C LYS E 91 -34.40 61.30 32.15
N PHE E 92 -34.76 62.54 31.77
CA PHE E 92 -35.59 63.37 32.65
C PHE E 92 -36.89 62.66 33.01
N LEU E 93 -37.48 61.93 32.07
CA LEU E 93 -38.76 61.27 32.32
C LEU E 93 -38.61 60.17 33.36
N SER E 94 -37.56 59.35 33.24
CA SER E 94 -37.31 58.32 34.23
C SER E 94 -36.98 58.93 35.58
N VAL E 95 -36.23 60.05 35.59
CA VAL E 95 -35.92 60.72 36.84
C VAL E 95 -37.20 61.19 37.51
N ALA E 96 -38.11 61.79 36.74
CA ALA E 96 -39.38 62.25 37.29
C ALA E 96 -40.21 61.08 37.79
N LYS E 97 -40.22 59.98 37.05
CA LYS E 97 -40.94 58.79 37.50
C LYS E 97 -40.39 58.30 38.83
N THR E 98 -39.07 58.31 38.98
CA THR E 98 -38.46 57.93 40.26
C THR E 98 -38.89 58.88 41.37
N ARG E 99 -38.87 60.19 41.10
CA ARG E 99 -39.15 61.20 42.12
C ARG E 99 -40.56 61.75 42.04
N ARG E 100 -41.41 61.23 41.14
CA ARG E 100 -42.79 61.69 41.01
C ARG E 100 -42.86 63.19 40.76
N CYS E 101 -42.12 63.65 39.76
CA CYS E 101 -42.15 65.04 39.31
C CYS E 101 -43.09 65.18 38.12
N GLU E 102 -44.39 64.99 38.39
CA GLU E 102 -45.36 64.91 37.31
C GLU E 102 -45.43 66.19 36.51
N ASP E 103 -45.42 67.34 37.20
CA ASP E 103 -45.53 68.61 36.49
C ASP E 103 -44.47 68.74 35.41
N GLU E 104 -43.41 67.93 35.51
CA GLU E 104 -42.40 67.84 34.47
C GLU E 104 -42.64 66.63 33.57
N GLU E 105 -43.26 65.56 34.08
CA GLU E 105 -43.58 64.40 33.24
C GLU E 105 -44.55 64.79 32.12
N GLU E 106 -45.64 65.48 32.46
CA GLU E 106 -46.54 65.93 31.40
C GLU E 106 -45.97 67.09 30.59
N GLU E 107 -44.98 67.82 31.10
CA GLU E 107 -44.31 68.81 30.26
C GLU E 107 -43.36 68.17 29.26
N PHE E 108 -42.88 66.96 29.55
CA PHE E 108 -42.03 66.24 28.61
C PHE E 108 -42.79 65.32 27.67
N ARG E 109 -43.92 64.75 28.11
CA ARG E 109 -44.65 63.78 27.29
C ARG E 109 -45.11 64.40 25.98
N LYS E 110 -45.74 65.57 26.05
CA LYS E 110 -46.28 66.19 24.85
C LYS E 110 -45.18 66.50 23.85
N ILE E 111 -44.06 67.06 24.32
CA ILE E 111 -42.98 67.41 23.42
C ILE E 111 -42.34 66.16 22.83
N LEU E 112 -42.25 65.09 23.62
CA LEU E 112 -41.72 63.84 23.11
C LEU E 112 -42.59 63.29 21.99
N SER E 113 -43.91 63.24 22.23
CA SER E 113 -44.82 62.74 21.21
C SER E 113 -44.84 63.65 19.99
N SER E 114 -44.63 64.95 20.17
CA SER E 114 -44.58 65.86 19.02
C SER E 114 -43.29 65.66 18.24
N LEU E 115 -42.18 65.38 18.93
CA LEU E 115 -40.96 65.02 18.22
C LEU E 115 -41.17 63.76 17.40
N TYR E 116 -41.87 62.76 17.98
CA TYR E 116 -42.27 61.60 17.18
C TYR E 116 -43.05 62.04 15.95
N LYS E 117 -44.09 62.86 16.16
CA LYS E 117 -44.97 63.26 15.07
C LYS E 117 -44.21 63.96 13.96
N GLU E 118 -43.15 64.68 14.29
CA GLU E 118 -42.40 65.43 13.30
C GLU E 118 -41.22 64.67 12.71
N VAL E 119 -40.76 63.61 13.35
CA VAL E 119 -39.61 62.84 12.88
C VAL E 119 -40.04 61.60 12.11
N THR E 120 -40.99 60.83 12.65
CA THR E 120 -41.41 59.60 11.99
C THR E 120 -42.06 59.89 10.64
N LYS E 121 -42.85 60.96 10.57
CA LYS E 121 -43.59 61.28 9.34
C LYS E 121 -42.66 61.49 8.15
N ALA E 122 -41.39 61.80 8.38
CA ALA E 122 -40.46 62.07 7.28
C ALA E 122 -39.69 60.85 6.82
N ALA E 123 -39.49 59.86 7.69
CA ALA E 123 -38.65 58.72 7.34
C ALA E 123 -39.32 57.74 6.39
N LEU E 124 -40.66 57.70 6.35
CA LEU E 124 -41.33 56.74 5.48
C LEU E 124 -41.01 57.00 4.02
N LEU E 125 -41.02 58.27 3.59
CA LEU E 125 -40.66 58.73 2.25
C LEU E 125 -41.77 58.51 1.23
N THR E 126 -42.92 57.93 1.61
CA THR E 126 -44.00 57.68 0.66
C THR E 126 -45.37 58.09 1.15
N GLY E 127 -45.54 58.40 2.43
CA GLY E 127 -46.83 58.86 2.91
C GLY E 127 -47.92 57.83 2.67
N GLU E 128 -49.00 58.26 2.02
CA GLU E 128 -50.14 57.38 1.80
C GLU E 128 -49.77 56.14 0.99
N GLN E 129 -48.69 56.20 0.21
CA GLN E 129 -48.27 55.06 -0.60
C GLN E 129 -47.41 54.07 0.18
N PHE E 130 -47.13 54.34 1.45
CA PHE E 130 -46.36 53.39 2.26
C PHE E 130 -47.06 52.05 2.37
N ARG E 131 -48.38 52.02 2.22
CA ARG E 131 -49.16 50.79 2.36
C ARG E 131 -49.16 49.93 1.11
N GLU E 132 -48.54 50.40 0.01
CA GLU E 132 -48.58 49.70 -1.25
C GLU E 132 -47.29 48.91 -1.48
N LYS E 133 -47.43 47.73 -2.06
CA LYS E 133 -46.28 46.88 -2.34
C LYS E 133 -45.48 47.45 -3.52
N ASN E 134 -44.26 46.95 -3.68
CA ASN E 134 -43.43 47.25 -4.83
C ASN E 134 -43.17 48.74 -4.99
N GLN E 135 -43.29 49.51 -3.91
CA GLN E 135 -43.16 50.96 -4.00
C GLN E 135 -41.76 51.40 -4.38
N GLY E 136 -40.77 50.51 -4.30
CA GLY E 136 -39.42 50.84 -4.72
C GLY E 136 -39.18 50.74 -6.21
N LYS E 137 -40.19 50.39 -6.99
CA LYS E 137 -40.04 50.29 -8.44
C LYS E 137 -39.90 51.65 -9.11
N LYS E 138 -40.12 52.74 -8.37
CA LYS E 138 -40.03 54.07 -8.97
C LYS E 138 -38.65 54.27 -9.60
N ASP E 139 -38.64 54.90 -10.77
CA ASP E 139 -37.39 55.06 -11.51
C ASP E 139 -36.36 55.85 -10.71
N ALA E 140 -36.83 56.83 -9.93
CA ALA E 140 -35.89 57.67 -9.18
C ALA E 140 -34.98 56.82 -8.31
N PHE E 141 -35.55 55.88 -7.56
CA PHE E 141 -34.76 54.97 -6.75
C PHE E 141 -34.24 53.77 -7.53
N LYS E 142 -34.76 53.53 -8.74
CA LYS E 142 -34.30 52.39 -9.52
C LYS E 142 -32.80 52.44 -9.74
N TYR E 143 -32.25 53.64 -9.95
CA TYR E 143 -30.81 53.77 -10.15
C TYR E 143 -30.03 53.11 -9.01
N HIS E 144 -30.53 53.25 -7.78
CA HIS E 144 -29.85 52.61 -6.66
C HIS E 144 -29.69 51.12 -6.90
N LYS E 145 -30.78 50.45 -7.31
CA LYS E 145 -30.68 49.04 -7.65
C LYS E 145 -29.61 48.82 -8.71
N GLU E 146 -29.61 49.65 -9.76
CA GLU E 146 -28.58 49.53 -10.78
C GLU E 146 -27.19 49.60 -10.16
N LEU E 147 -26.99 50.54 -9.24
CA LEU E 147 -25.68 50.62 -8.58
C LEU E 147 -25.32 49.30 -7.93
N ILE E 148 -26.28 48.66 -7.25
CA ILE E 148 -26.02 47.35 -6.66
C ILE E 148 -25.56 46.38 -7.74
N SER E 149 -26.25 46.38 -8.88
CA SER E 149 -25.80 45.54 -9.99
C SER E 149 -24.40 45.95 -10.43
N LYS E 150 -24.15 47.26 -10.54
CA LYS E 150 -22.81 47.72 -10.89
C LYS E 150 -21.81 47.40 -9.79
N LEU E 151 -22.27 47.12 -8.58
CA LEU E 151 -21.42 46.67 -7.50
C LEU E 151 -21.40 45.15 -7.36
N ILE E 152 -22.16 44.43 -8.19
CA ILE E 152 -22.18 42.97 -8.15
C ILE E 152 -21.89 42.33 -9.50
N SER E 153 -22.12 43.02 -10.62
CA SER E 153 -21.89 42.44 -11.94
C SER E 153 -20.43 42.51 -12.37
N ASN E 154 -19.57 43.19 -11.61
CA ASN E 154 -18.15 43.32 -11.92
C ASN E 154 -17.31 42.85 -10.74
N ARG E 155 -17.70 41.74 -10.13
CA ARG E 155 -17.03 41.20 -8.96
C ARG E 155 -16.69 39.74 -9.20
N GLN E 156 -15.45 39.36 -8.91
CA GLN E 156 -15.00 38.00 -9.14
C GLN E 156 -15.45 37.08 -8.01
N PRO E 157 -15.51 35.78 -8.26
CA PRO E 157 -15.91 34.84 -7.20
C PRO E 157 -14.94 34.87 -6.03
N GLY E 158 -15.47 34.61 -4.84
CA GLY E 158 -14.66 34.56 -3.64
C GLY E 158 -13.97 35.86 -3.31
N GLN E 159 -14.70 36.96 -3.44
CA GLN E 159 -14.17 38.29 -3.13
C GLN E 159 -14.63 38.73 -1.74
N SER E 160 -13.82 39.58 -1.12
CA SER E 160 -14.09 39.99 0.26
C SER E 160 -15.35 40.84 0.33
N ALA E 161 -15.96 40.84 1.52
CA ALA E 161 -17.24 41.52 1.71
C ALA E 161 -17.02 42.98 2.08
N PRO E 162 -17.52 43.93 1.31
CA PRO E 162 -17.49 45.34 1.72
C PRO E 162 -18.67 45.67 2.62
N ALA E 163 -18.77 46.95 2.98
CA ALA E 163 -19.87 47.40 3.82
C ALA E 163 -20.07 48.89 3.62
N ILE E 164 -21.32 49.31 3.44
CA ILE E 164 -21.69 50.71 3.27
C ILE E 164 -22.79 51.03 4.29
N PHE E 165 -22.52 51.99 5.17
CA PHE E 165 -23.48 52.41 6.18
C PHE E 165 -23.82 53.88 5.97
N THR E 166 -25.10 54.20 5.90
CA THR E 166 -25.57 55.56 5.71
C THR E 166 -26.44 55.98 6.89
N THR E 167 -26.42 57.27 7.19
CA THR E 167 -27.18 57.77 8.35
C THR E 167 -28.67 57.51 8.19
N ASN E 168 -29.21 57.76 7.00
CA ASN E 168 -30.61 57.46 6.75
C ASN E 168 -30.87 55.97 6.95
N TYR E 169 -31.99 55.65 7.59
CA TYR E 169 -32.32 54.29 7.98
C TYR E 169 -33.73 53.93 7.55
N ASP E 170 -34.16 54.42 6.39
CA ASP E 170 -35.43 54.02 5.83
C ASP E 170 -35.38 52.56 5.37
N LEU E 171 -36.55 51.96 5.22
CA LEU E 171 -36.66 50.58 4.78
C LEU E 171 -36.66 50.44 3.27
N ALA E 172 -36.32 51.50 2.53
CA ALA E 172 -36.23 51.39 1.09
C ALA E 172 -35.28 50.29 0.67
N LEU E 173 -34.23 50.04 1.46
CA LEU E 173 -33.33 48.93 1.17
C LEU E 173 -34.06 47.60 1.21
N GLU E 174 -34.92 47.41 2.22
CA GLU E 174 -35.66 46.15 2.32
C GLU E 174 -36.57 45.96 1.12
N TRP E 175 -37.35 46.98 0.78
CA TRP E 175 -38.26 46.85 -0.35
C TRP E 175 -37.50 46.61 -1.66
N ALA E 176 -36.39 47.33 -1.84
CA ALA E 176 -35.59 47.14 -3.05
C ALA E 176 -35.06 45.71 -3.15
N ALA E 177 -34.41 45.24 -2.10
CA ALA E 177 -33.83 43.90 -2.12
C ALA E 177 -34.91 42.84 -2.28
N GLU E 178 -36.09 43.07 -1.71
CA GLU E 178 -37.12 42.04 -1.70
C GLU E 178 -37.91 42.03 -3.00
N ASP E 179 -37.97 43.16 -3.70
CA ASP E 179 -38.39 43.14 -5.09
C ASP E 179 -37.31 42.52 -5.98
N LEU E 180 -36.05 42.61 -5.55
CA LEU E 180 -34.94 41.95 -6.24
C LEU E 180 -34.82 40.48 -5.88
N GLY E 181 -35.52 40.00 -4.85
CA GLY E 181 -35.47 38.61 -4.48
C GLY E 181 -34.21 38.18 -3.79
N ILE E 182 -33.63 39.03 -2.94
CA ILE E 182 -32.42 38.71 -2.19
C ILE E 182 -32.81 38.44 -0.74
N GLN E 183 -32.38 37.30 -0.22
CA GLN E 183 -32.63 36.99 1.19
C GLN E 183 -31.78 37.88 2.08
N LEU E 184 -32.25 38.06 3.32
CA LEU E 184 -31.65 39.00 4.25
C LEU E 184 -31.36 38.31 5.57
N PHE E 185 -30.12 38.43 6.05
CA PHE E 185 -29.70 37.95 7.37
C PHE E 185 -29.23 39.15 8.17
N ASN E 186 -30.17 39.82 8.85
CA ASN E 186 -29.86 40.93 9.72
C ASN E 186 -30.01 40.59 11.20
N GLY E 187 -30.71 39.51 11.52
CA GLY E 187 -31.03 39.14 12.89
C GLY E 187 -32.48 38.75 12.99
N PHE E 188 -33.32 39.42 12.20
CA PHE E 188 -34.72 39.04 12.07
C PHE E 188 -34.84 38.06 10.90
N SER E 189 -34.42 36.83 11.17
CA SER E 189 -34.48 35.75 10.19
C SER E 189 -35.74 34.92 10.47
N GLY E 190 -36.60 34.84 9.46
CA GLY E 190 -37.98 34.43 9.64
C GLY E 190 -38.93 35.46 9.08
N LEU E 191 -40.22 35.11 9.11
CA LEU E 191 -41.22 35.99 8.53
C LEU E 191 -42.50 36.14 9.32
N HIS E 192 -42.81 35.26 10.26
CA HIS E 192 -44.13 35.24 10.87
C HIS E 192 -44.13 35.59 12.35
N THR E 193 -43.13 35.13 13.11
CA THR E 193 -42.98 35.47 14.52
C THR E 193 -41.48 35.68 14.76
N ARG E 194 -41.02 36.92 14.59
CA ARG E 194 -39.60 37.17 14.39
C ARG E 194 -38.85 37.24 15.72
N GLN E 195 -37.53 37.16 15.62
CA GLN E 195 -36.62 37.29 16.75
C GLN E 195 -35.28 37.77 16.21
N PHE E 196 -34.37 38.12 17.13
CA PHE E 196 -33.06 38.64 16.77
C PHE E 196 -32.02 37.56 16.98
N TYR E 197 -31.50 37.01 15.88
CA TYR E 197 -30.47 35.98 15.91
C TYR E 197 -29.21 36.51 15.24
N PRO E 198 -28.18 36.90 15.99
CA PRO E 198 -27.08 37.67 15.40
C PRO E 198 -25.89 36.89 14.89
N GLN E 199 -25.80 35.57 15.10
CA GLN E 199 -24.64 34.83 14.60
C GLN E 199 -24.58 34.87 13.08
N ASN E 200 -25.73 34.71 12.42
CA ASN E 200 -25.79 34.75 10.96
C ASN E 200 -25.22 36.04 10.38
N PHE E 201 -24.91 37.03 11.23
CA PHE E 201 -24.21 38.21 10.77
C PHE E 201 -22.96 37.83 9.98
N ASP E 202 -22.24 36.80 10.43
CA ASP E 202 -20.96 36.42 9.85
C ASP E 202 -21.07 35.19 8.94
N LEU E 203 -22.18 35.05 8.22
CA LEU E 203 -22.35 33.98 7.26
C LEU E 203 -22.81 34.56 5.93
N ALA E 204 -22.59 33.79 4.86
CA ALA E 204 -22.93 34.23 3.52
C ALA E 204 -23.51 33.07 2.74
N PHE E 205 -24.25 33.40 1.68
CA PHE E 205 -24.88 32.41 0.82
C PHE E 205 -23.93 32.02 -0.31
N ARG E 206 -23.86 30.73 -0.60
CA ARG E 206 -23.03 30.20 -1.66
C ARG E 206 -23.82 29.19 -2.49
N ASN E 207 -23.30 28.91 -3.68
CA ASN E 207 -23.91 27.96 -4.60
C ASN E 207 -23.27 26.59 -4.42
N VAL E 208 -24.10 25.56 -4.26
CA VAL E 208 -23.58 24.21 -4.07
C VAL E 208 -22.82 23.74 -5.31
N ASN E 209 -23.35 24.04 -6.50
CA ASN E 209 -22.70 23.60 -7.73
C ASN E 209 -21.49 24.47 -8.06
N ALA E 210 -21.70 25.78 -8.17
CA ALA E 210 -20.62 26.71 -8.49
C ALA E 210 -20.21 27.49 -7.25
N GLY E 217 -26.88 33.61 -8.67
CA GLY E 217 -25.71 32.90 -8.19
C GLY E 217 -25.06 33.58 -7.00
N HIS E 218 -24.01 34.36 -7.27
CA HIS E 218 -23.28 35.08 -6.23
C HIS E 218 -23.98 36.42 -5.94
N TYR E 219 -25.23 36.32 -5.50
CA TYR E 219 -26.05 37.48 -5.15
C TYR E 219 -26.40 37.38 -3.68
N HIS E 220 -25.70 38.14 -2.85
CA HIS E 220 -25.98 38.16 -1.42
C HIS E 220 -25.40 39.45 -0.83
N ALA E 221 -26.10 39.97 0.19
CA ALA E 221 -25.68 41.18 0.86
C ALA E 221 -25.96 41.04 2.35
N TYR E 222 -25.23 41.82 3.14
CA TYR E 222 -25.36 41.82 4.59
C TYR E 222 -26.13 43.08 5.00
N LEU E 223 -27.23 42.88 5.72
CA LEU E 223 -28.09 43.99 6.15
C LEU E 223 -27.56 44.51 7.48
N TYR E 224 -26.63 45.47 7.39
CA TYR E 224 -26.00 46.06 8.57
C TYR E 224 -26.70 47.40 8.83
N LYS E 225 -27.86 47.33 9.47
CA LYS E 225 -28.63 48.53 9.80
C LYS E 225 -28.31 48.92 11.24
N LEU E 226 -27.15 49.58 11.39
CA LEU E 226 -26.67 49.98 12.70
C LEU E 226 -27.62 50.95 13.39
N HIS E 227 -28.51 51.57 12.62
CA HIS E 227 -29.36 52.66 13.10
C HIS E 227 -30.67 52.15 13.69
N GLY E 228 -30.88 50.85 13.67
CA GLY E 228 -32.22 50.34 13.79
C GLY E 228 -32.95 50.49 12.47
N SER E 229 -34.27 50.51 12.53
CA SER E 229 -35.07 50.78 11.34
C SER E 229 -36.51 51.00 11.77
N LEU E 230 -37.29 51.56 10.84
CA LEU E 230 -38.63 52.05 11.18
C LEU E 230 -39.48 50.94 11.79
N THR E 231 -39.39 49.73 11.25
CA THR E 231 -40.16 48.62 11.79
C THR E 231 -39.74 48.31 13.22
N TRP E 232 -38.44 48.35 13.50
CA TRP E 232 -37.89 47.83 14.75
C TRP E 232 -38.67 48.35 15.95
N TYR E 233 -39.23 47.41 16.71
CA TYR E 233 -39.90 47.75 17.97
C TYR E 233 -39.84 46.56 18.91
N GLN E 234 -39.42 46.80 20.14
CA GLN E 234 -39.44 45.76 21.16
C GLN E 234 -40.85 45.62 21.70
N ASN E 235 -41.41 44.41 21.61
CA ASN E 235 -42.74 44.15 22.13
C ASN E 235 -42.65 43.97 23.65
N ASP E 236 -43.72 43.47 24.27
CA ASP E 236 -43.72 43.31 25.71
C ASP E 236 -42.60 42.37 26.16
N SER E 237 -42.42 41.27 25.45
CA SER E 237 -41.34 40.35 25.76
C SER E 237 -39.99 41.03 25.55
N LEU E 238 -39.02 40.66 26.39
CA LEU E 238 -37.69 41.24 26.31
C LEU E 238 -36.95 40.69 25.09
N THR E 239 -37.43 41.04 23.91
CA THR E 239 -36.84 40.60 22.65
C THR E 239 -36.93 41.76 21.66
N VAL E 240 -36.67 41.46 20.38
CA VAL E 240 -36.84 42.42 19.31
C VAL E 240 -37.49 41.71 18.13
N ASN E 241 -38.41 42.40 17.47
CA ASN E 241 -39.18 41.81 16.38
C ASN E 241 -39.10 42.65 15.12
N GLU E 242 -39.83 42.25 14.08
CA GLU E 242 -39.94 43.04 12.86
C GLU E 242 -41.33 42.81 12.29
N VAL E 243 -41.76 43.74 11.45
CA VAL E 243 -43.10 43.70 10.85
C VAL E 243 -43.01 44.00 9.37
N SER E 244 -43.85 43.32 8.59
CA SER E 244 -44.10 43.74 7.22
C SER E 244 -44.56 45.19 7.22
N ALA E 245 -44.47 45.86 6.07
CA ALA E 245 -44.65 47.30 6.05
C ALA E 245 -46.05 47.70 6.51
N SER E 246 -47.08 46.98 6.05
CA SER E 246 -48.44 47.38 6.38
C SER E 246 -48.73 47.23 7.87
N GLN E 247 -48.12 46.25 8.53
CA GLN E 247 -48.29 46.11 9.97
C GLN E 247 -47.95 47.42 10.69
N ALA E 248 -46.76 47.96 10.41
CA ALA E 248 -46.35 49.20 11.06
C ALA E 248 -47.18 50.38 10.55
N TYR E 249 -47.43 50.43 9.25
CA TYR E 249 -48.17 51.56 8.69
C TYR E 249 -49.62 51.60 9.15
N ASP E 250 -50.14 50.54 9.76
CA ASP E 250 -51.51 50.55 10.25
C ASP E 250 -51.63 50.11 11.71
N GLU E 251 -50.54 50.05 12.46
CA GLU E 251 -50.64 49.78 13.90
C GLU E 251 -49.83 50.69 14.80
N TYR E 252 -48.72 51.28 14.35
CA TYR E 252 -48.09 52.33 15.16
C TYR E 252 -47.60 53.54 14.38
N ILE E 253 -47.46 53.48 13.06
CA ILE E 253 -47.08 54.67 12.31
C ILE E 253 -48.23 55.68 12.32
N ASN E 254 -49.46 55.20 12.25
CA ASN E 254 -50.63 56.06 12.10
C ASN E 254 -50.73 57.07 13.23
N ASP E 255 -50.92 56.59 14.46
CA ASP E 255 -51.05 57.50 15.60
C ASP E 255 -49.80 58.36 15.72
N ILE E 256 -48.64 57.81 15.40
CA ILE E 256 -47.41 58.58 15.39
C ILE E 256 -47.47 59.69 14.35
N ILE E 257 -48.38 59.61 13.38
CA ILE E 257 -48.52 60.64 12.37
C ILE E 257 -49.90 61.30 12.37
N ASN E 258 -50.94 60.63 12.86
CA ASN E 258 -52.31 61.13 12.74
C ASN E 258 -52.88 61.60 14.07
N LYS E 259 -52.89 60.75 15.09
CA LYS E 259 -53.46 61.13 16.36
C LYS E 259 -52.55 62.15 17.06
N ASP E 260 -53.10 62.81 18.08
CA ASP E 260 -52.44 63.99 18.64
C ASP E 260 -51.33 63.62 19.61
N ASP E 261 -51.67 62.97 20.73
CA ASP E 261 -50.72 62.74 21.81
C ASP E 261 -50.83 61.29 22.30
N PHE E 262 -50.84 60.34 21.36
CA PHE E 262 -50.96 58.93 21.70
C PHE E 262 -49.58 58.37 22.02
N TYR E 263 -49.12 58.65 23.24
CA TYR E 263 -47.85 58.14 23.75
C TYR E 263 -48.10 57.47 25.09
N ARG E 264 -47.60 56.24 25.22
CA ARG E 264 -47.80 55.44 26.44
C ARG E 264 -46.49 55.15 27.17
N GLY E 265 -45.51 54.58 26.50
CA GLY E 265 -44.30 54.16 27.17
C GLY E 265 -43.15 53.93 26.21
N GLN E 266 -42.06 53.39 26.76
CA GLN E 266 -40.85 53.13 25.99
C GLN E 266 -41.02 51.86 25.18
N HIS E 267 -41.27 52.01 23.89
CA HIS E 267 -41.59 50.89 23.00
C HIS E 267 -40.69 50.82 21.79
N LEU E 268 -40.46 51.94 21.10
CA LEU E 268 -39.89 51.93 19.76
C LEU E 268 -38.37 51.84 19.80
N ILE E 269 -37.79 51.60 18.62
CA ILE E 269 -36.35 51.41 18.47
C ILE E 269 -35.81 52.46 17.50
N TYR E 270 -36.43 53.64 17.50
CA TYR E 270 -35.86 54.75 16.74
C TYR E 270 -36.30 56.08 17.36
N PRO E 271 -35.40 57.04 17.57
CA PRO E 271 -33.93 57.02 17.39
C PRO E 271 -33.17 56.77 18.69
N GLY E 272 -32.35 55.72 18.75
CA GLY E 272 -31.54 55.45 19.93
C GLY E 272 -32.28 55.68 21.24
N ALA E 273 -33.49 55.13 21.34
CA ALA E 273 -34.42 55.55 22.39
C ALA E 273 -33.99 55.05 23.77
N ASN E 274 -33.92 53.74 23.95
CA ASN E 274 -33.65 53.16 25.26
C ASN E 274 -32.26 52.52 25.32
N LYS E 275 -31.23 53.34 25.17
CA LYS E 275 -29.85 52.85 25.36
C LYS E 275 -29.64 52.37 26.79
N TYR E 276 -30.10 53.15 27.78
CA TYR E 276 -29.81 52.82 29.16
C TYR E 276 -30.40 51.47 29.56
N SER E 277 -31.39 50.97 28.82
CA SER E 277 -31.86 49.61 29.01
C SER E 277 -30.96 48.65 28.24
N HIS E 278 -30.60 47.55 28.89
CA HIS E 278 -29.66 46.59 28.31
C HIS E 278 -30.10 46.14 26.93
N THR E 279 -31.39 45.89 26.75
CA THR E 279 -31.87 45.23 25.53
C THR E 279 -31.49 46.03 24.29
N ILE E 280 -32.02 47.26 24.17
CA ILE E 280 -31.76 48.04 22.97
C ILE E 280 -30.28 48.38 22.86
N GLY E 281 -29.55 48.40 23.97
CA GLY E 281 -28.11 48.59 23.88
C GLY E 281 -27.44 47.45 23.15
N PHE E 282 -27.80 46.21 23.49
CA PHE E 282 -27.32 45.06 22.74
C PHE E 282 -27.89 45.03 21.32
N VAL E 283 -29.03 45.68 21.10
CA VAL E 283 -29.58 45.74 19.76
C VAL E 283 -28.73 46.63 18.87
N TYR E 284 -28.32 47.79 19.39
CA TYR E 284 -27.61 48.79 18.58
C TYR E 284 -26.11 48.51 18.54
N GLY E 285 -25.46 48.49 19.70
CA GLY E 285 -24.01 48.47 19.74
C GLY E 285 -23.37 47.23 19.15
N GLU E 286 -24.14 46.13 19.02
CA GLU E 286 -23.57 44.92 18.47
C GLU E 286 -23.16 45.09 17.01
N MET E 287 -23.97 45.79 16.22
CA MET E 287 -23.58 46.06 14.83
C MET E 287 -22.34 46.93 14.78
N PHE E 288 -22.27 47.95 15.64
CA PHE E 288 -21.05 48.76 15.74
C PHE E 288 -19.84 47.89 16.01
N ARG E 289 -19.95 47.00 16.99
CA ARG E 289 -18.83 46.13 17.34
C ARG E 289 -18.47 45.23 16.17
N ARG E 290 -19.46 44.57 15.57
CA ARG E 290 -19.17 43.57 14.56
C ARG E 290 -18.64 44.21 13.28
N PHE E 291 -18.97 45.47 13.03
CA PHE E 291 -18.22 46.23 12.03
C PHE E 291 -16.79 46.47 12.51
N GLY E 292 -16.64 46.93 13.75
CA GLY E 292 -15.31 47.05 14.33
C GLY E 292 -14.61 45.71 14.46
N GLU E 293 -15.38 44.63 14.59
CA GLU E 293 -14.82 43.28 14.55
C GLU E 293 -14.40 42.88 13.15
N PHE E 294 -14.64 43.74 12.15
CA PHE E 294 -14.27 43.49 10.77
C PHE E 294 -13.26 44.50 10.22
N ILE E 295 -13.00 45.60 10.93
CA ILE E 295 -12.10 46.63 10.43
C ILE E 295 -10.66 46.27 10.79
N SER E 296 -10.44 45.03 11.27
CA SER E 296 -9.11 44.60 11.64
C SER E 296 -8.13 44.60 10.47
N LYS E 297 -8.63 44.64 9.24
CA LYS E 297 -7.78 44.65 8.06
C LYS E 297 -7.06 45.99 7.92
N PRO E 298 -5.94 46.03 7.21
CA PRO E 298 -5.15 47.26 7.10
C PRO E 298 -5.64 48.24 6.05
N GLN E 299 -6.70 47.91 5.31
CA GLN E 299 -7.22 48.76 4.24
C GLN E 299 -8.61 49.29 4.56
N THR E 300 -8.83 49.71 5.80
CA THR E 300 -10.11 50.29 6.19
C THR E 300 -10.31 51.63 5.48
N ALA E 301 -11.54 51.85 5.01
CA ALA E 301 -11.90 53.07 4.29
C ALA E 301 -12.98 53.81 5.07
N LEU E 302 -12.84 55.13 5.14
CA LEU E 302 -13.75 55.98 5.89
C LEU E 302 -14.19 57.16 5.04
N PHE E 303 -15.43 57.62 5.28
CA PHE E 303 -15.99 58.78 4.62
C PHE E 303 -16.69 59.64 5.65
N ILE E 304 -16.54 60.96 5.52
CA ILE E 304 -17.08 61.92 6.48
C ILE E 304 -17.92 62.94 5.73
N ASN E 305 -19.10 63.24 6.26
CA ASN E 305 -19.99 64.21 5.63
C ASN E 305 -20.94 64.76 6.70
N GLY E 306 -20.80 66.05 7.02
CA GLY E 306 -21.74 66.70 7.91
C GLY E 306 -21.81 66.10 9.30
N PHE E 307 -20.65 65.83 9.90
CA PHE E 307 -20.60 65.31 11.26
C PHE E 307 -20.43 66.48 12.24
N GLY E 308 -21.31 66.52 13.25
CA GLY E 308 -21.33 67.62 14.19
C GLY E 308 -20.29 67.59 15.28
N PHE E 309 -19.49 66.53 15.36
CA PHE E 309 -18.47 66.40 16.40
C PHE E 309 -19.09 66.54 17.79
N GLY E 310 -20.25 65.92 17.96
CA GLY E 310 -20.95 65.94 19.24
C GLY E 310 -21.06 64.55 19.85
N ASP E 311 -20.95 63.52 19.02
CA ASP E 311 -21.01 62.15 19.49
C ASP E 311 -19.71 61.76 20.18
N TYR E 312 -19.77 60.68 20.96
CA TYR E 312 -18.64 60.21 21.73
C TYR E 312 -18.15 58.84 21.29
N HIS E 313 -19.04 57.85 21.19
CA HIS E 313 -18.62 56.50 20.89
C HIS E 313 -18.05 56.40 19.48
N ILE E 314 -18.74 56.98 18.50
CA ILE E 314 -18.20 57.06 17.15
C ILE E 314 -16.91 57.87 17.15
N ASN E 315 -16.91 59.00 17.86
CA ASN E 315 -15.68 59.78 17.99
C ASN E 315 -14.61 58.97 18.73
N ARG E 316 -15.01 58.15 19.70
CA ARG E 316 -14.06 57.32 20.41
C ARG E 316 -13.34 56.38 19.45
N ILE E 317 -14.10 55.67 18.62
CA ILE E 317 -13.48 54.74 17.66
C ILE E 317 -12.67 55.52 16.63
N ILE E 318 -13.15 56.70 16.23
CA ILE E 318 -12.41 57.51 15.27
C ILE E 318 -11.03 57.86 15.82
N LEU E 319 -10.99 58.35 17.07
CA LEU E 319 -9.71 58.69 17.68
C LEU E 319 -8.84 57.45 17.85
N GLY E 320 -9.44 56.32 18.21
CA GLY E 320 -8.67 55.10 18.36
C GLY E 320 -8.02 54.65 17.06
N ALA E 321 -8.75 54.74 15.95
CA ALA E 321 -8.29 54.23 14.66
C ALA E 321 -7.64 55.29 13.78
N LEU E 322 -7.59 56.55 14.21
CA LEU E 322 -6.99 57.59 13.39
C LEU E 322 -5.48 57.44 13.26
N LEU E 323 -4.85 56.60 14.07
CA LEU E 323 -3.41 56.37 13.99
C LEU E 323 -3.08 55.19 13.07
N ASN E 324 -3.65 55.21 11.87
CA ASN E 324 -3.47 54.14 10.90
C ASN E 324 -2.72 54.67 9.67
N PRO E 325 -1.47 54.27 9.44
CA PRO E 325 -0.75 54.79 8.27
C PRO E 325 -1.39 54.42 6.95
N SER E 326 -2.13 53.32 6.89
CA SER E 326 -2.76 52.85 5.66
C SER E 326 -4.22 53.26 5.59
N PHE E 327 -4.54 54.46 6.08
CA PHE E 327 -5.92 54.94 6.14
C PHE E 327 -6.18 55.88 4.97
N HIS E 328 -7.23 55.58 4.20
CA HIS E 328 -7.63 56.39 3.06
C HIS E 328 -8.88 57.17 3.42
N VAL E 329 -8.85 58.49 3.18
CA VAL E 329 -9.93 59.39 3.60
C VAL E 329 -10.44 60.11 2.36
N VAL E 330 -11.75 60.10 2.17
CA VAL E 330 -12.41 60.86 1.11
C VAL E 330 -13.53 61.67 1.75
N ILE E 331 -13.60 62.96 1.44
CA ILE E 331 -14.53 63.88 2.07
C ILE E 331 -15.41 64.49 0.99
N TYR E 332 -16.72 64.47 1.22
CA TYR E 332 -17.70 65.09 0.33
C TYR E 332 -18.45 66.15 1.14
N TYR E 333 -18.21 67.42 0.81
CA TYR E 333 -18.86 68.52 1.50
C TYR E 333 -18.83 69.78 0.64
N PRO E 334 -19.66 69.87 -0.40
CA PRO E 334 -19.64 71.05 -1.27
C PRO E 334 -20.22 72.29 -0.60
N GLU E 335 -19.64 72.70 0.53
CA GLU E 335 -20.09 73.90 1.23
C GLU E 335 -18.94 74.74 1.76
N LEU E 336 -17.69 74.38 1.47
CA LEU E 336 -16.56 75.14 1.99
C LEU E 336 -16.54 76.55 1.42
N LYS E 337 -16.88 76.70 0.14
CA LYS E 337 -16.85 78.02 -0.48
C LYS E 337 -17.84 78.96 0.21
N GLU E 338 -19.04 78.47 0.51
CA GLU E 338 -20.05 79.28 1.20
C GLU E 338 -19.82 79.34 2.71
N ALA E 339 -18.94 78.50 3.25
CA ALA E 339 -18.70 78.47 4.68
C ALA E 339 -17.48 79.28 5.11
N ILE E 340 -16.53 79.52 4.21
CA ILE E 340 -15.33 80.29 4.57
C ILE E 340 -15.72 81.71 4.97
N THR E 341 -16.59 82.34 4.19
CA THR E 341 -17.01 83.69 4.51
C THR E 341 -17.78 83.74 5.83
N LYS E 342 -18.66 82.76 6.05
CA LYS E 342 -19.41 82.73 7.31
C LYS E 342 -18.47 82.57 8.50
N VAL E 343 -17.47 81.69 8.37
CA VAL E 343 -16.51 81.51 9.47
C VAL E 343 -15.73 82.79 9.70
N SER E 344 -15.29 83.45 8.63
CA SER E 344 -14.52 84.68 8.79
C SER E 344 -15.35 85.76 9.46
N LYS E 345 -16.61 85.92 9.05
CA LYS E 345 -17.43 87.00 9.59
C LYS E 345 -17.69 86.81 11.08
N GLY E 346 -18.18 85.64 11.48
CA GLY E 346 -18.52 85.39 12.87
C GLY E 346 -17.93 84.12 13.44
N GLY E 347 -17.50 83.20 12.59
CA GLY E 347 -16.99 81.92 13.03
C GLY E 347 -18.00 80.81 12.86
N GLY E 348 -17.53 79.62 12.49
CA GLY E 348 -18.38 78.47 12.27
C GLY E 348 -18.62 77.68 13.53
N SER E 349 -19.25 76.52 13.36
CA SER E 349 -19.55 75.63 14.46
C SER E 349 -18.33 74.78 14.79
N GLU E 350 -18.48 73.86 15.76
CA GLU E 350 -17.39 72.99 16.14
C GLU E 350 -16.95 72.11 14.99
N ALA E 351 -17.90 71.55 14.24
CA ALA E 351 -17.56 70.68 13.13
C ALA E 351 -16.78 71.42 12.05
N GLU E 352 -17.21 72.63 11.72
CA GLU E 352 -16.51 73.41 10.70
C GLU E 352 -15.08 73.72 11.13
N LYS E 353 -14.90 74.14 12.38
CA LYS E 353 -13.55 74.42 12.87
C LYS E 353 -12.69 73.16 12.83
N ALA E 354 -13.24 72.03 13.28
CA ALA E 354 -12.47 70.79 13.30
C ALA E 354 -12.05 70.39 11.89
N ILE E 355 -12.99 70.45 10.94
CA ILE E 355 -12.68 69.99 9.58
C ILE E 355 -11.70 70.93 8.90
N VAL E 356 -11.85 72.25 9.11
CA VAL E 356 -10.91 73.18 8.48
C VAL E 356 -9.53 73.04 9.09
N THR E 357 -9.44 72.80 10.40
CA THR E 357 -8.15 72.56 11.03
C THR E 357 -7.51 71.28 10.50
N LEU E 358 -8.31 70.22 10.34
CA LEU E 358 -7.77 68.97 9.81
C LEU E 358 -7.28 69.14 8.38
N LYS E 359 -8.01 69.90 7.57
CA LYS E 359 -7.60 70.12 6.19
C LYS E 359 -6.23 70.77 6.10
N ASN E 360 -5.89 71.62 7.09
CA ASN E 360 -4.59 72.30 7.05
C ASN E 360 -3.42 71.32 7.17
N MET E 361 -3.65 70.14 7.72
CA MET E 361 -2.57 69.17 7.85
C MET E 361 -2.07 68.74 6.48
N ALA E 362 -0.75 68.61 6.36
CA ALA E 362 -0.12 68.24 5.08
C ALA E 362 -0.08 66.72 4.95
N PHE E 363 -1.26 66.15 4.75
CA PHE E 363 -1.43 64.72 4.54
C PHE E 363 -1.97 64.48 3.15
N ASN E 364 -1.34 63.55 2.42
CA ASN E 364 -1.72 63.24 1.05
C ASN E 364 -2.76 62.13 0.95
N GLN E 365 -3.21 61.59 2.08
CA GLN E 365 -4.19 60.51 2.08
C GLN E 365 -5.63 61.02 2.14
N VAL E 366 -5.84 62.34 2.12
CA VAL E 366 -7.17 62.94 2.17
C VAL E 366 -7.51 63.46 0.78
N THR E 367 -8.68 63.07 0.28
CA THR E 367 -9.16 63.48 -1.03
C THR E 367 -10.46 64.25 -0.88
N VAL E 368 -10.64 65.23 -1.76
CA VAL E 368 -11.83 66.08 -1.77
C VAL E 368 -12.37 66.12 -3.19
N VAL E 369 -13.69 65.97 -3.33
CA VAL E 369 -14.35 65.96 -4.62
C VAL E 369 -15.29 67.16 -4.70
N GLY E 370 -15.15 67.95 -5.77
CA GLY E 370 -15.97 69.12 -5.95
C GLY E 370 -16.11 69.50 -7.41
N GLY E 371 -16.64 70.70 -7.68
CA GLY E 371 -16.81 71.17 -9.04
C GLY E 371 -18.23 71.60 -9.34
N GLY E 372 -19.03 71.82 -8.30
CA GLY E 372 -20.40 72.26 -8.48
C GLY E 372 -21.27 71.24 -9.18
N SER E 373 -21.66 71.54 -10.42
CA SER E 373 -22.55 70.64 -11.15
C SER E 373 -21.95 69.26 -11.35
N LYS E 374 -20.62 69.13 -11.26
CA LYS E 374 -19.99 67.83 -11.41
C LYS E 374 -20.32 66.90 -10.26
N ALA E 375 -20.83 67.43 -9.15
CA ALA E 375 -21.14 66.62 -7.97
C ALA E 375 -22.56 66.08 -7.97
N TYR E 376 -23.18 65.95 -9.14
CA TYR E 376 -24.54 65.45 -9.22
C TYR E 376 -24.57 63.94 -9.11
N PHE E 377 -25.75 63.42 -8.75
CA PHE E 377 -25.92 61.98 -8.57
C PHE E 377 -25.65 61.23 -9.88
N ASN E 378 -26.18 61.76 -10.99
CA ASN E 378 -25.97 61.10 -12.27
C ASN E 378 -24.47 60.94 -12.56
N SER E 379 -23.69 62.01 -12.37
CA SER E 379 -22.25 61.92 -12.60
C SER E 379 -21.63 60.82 -11.76
N PHE E 380 -22.07 60.66 -10.51
CA PHE E 380 -21.62 59.53 -9.71
C PHE E 380 -21.97 58.21 -10.37
N VAL E 381 -23.16 58.13 -10.98
CA VAL E 381 -23.57 56.90 -11.65
C VAL E 381 -22.63 56.57 -12.81
N GLU E 382 -22.36 57.55 -13.68
CA GLU E 382 -21.52 57.26 -14.83
C GLU E 382 -20.05 57.04 -14.43
N HIS E 383 -19.59 57.69 -13.37
CA HIS E 383 -18.18 57.55 -12.98
C HIS E 383 -17.83 56.12 -12.62
N LEU E 384 -18.82 55.29 -12.28
CA LEU E 384 -18.55 53.90 -11.95
C LEU E 384 -18.23 53.10 -13.21
N PRO E 385 -17.58 51.95 -13.06
CA PRO E 385 -17.24 51.15 -14.25
C PRO E 385 -18.48 50.71 -15.00
N TYR E 386 -18.35 50.60 -16.32
CA TYR E 386 -19.43 50.19 -17.20
C TYR E 386 -19.00 48.97 -18.01
N PRO E 387 -19.77 47.89 -18.01
CA PRO E 387 -19.38 46.72 -18.81
C PRO E 387 -19.26 47.07 -20.28
N VAL E 388 -18.26 46.47 -20.93
CA VAL E 388 -18.03 46.75 -22.34
C VAL E 388 -19.12 46.10 -23.20
N LEU E 389 -19.49 44.86 -22.87
CA LEU E 389 -20.43 44.11 -23.69
C LEU E 389 -21.88 44.50 -23.47
N PHE E 390 -22.17 45.34 -22.48
CA PHE E 390 -23.55 45.75 -22.25
C PHE E 390 -24.08 46.52 -23.46
N PRO E 391 -25.31 46.26 -23.91
CA PRO E 391 -25.83 47.00 -25.07
C PRO E 391 -26.18 48.43 -24.74
N ARG E 392 -25.40 49.37 -25.27
CA ARG E 392 -25.61 50.80 -25.02
C ARG E 392 -26.58 51.36 -26.06
N ASP E 393 -27.84 50.96 -25.92
CA ASP E 393 -28.89 51.42 -26.81
C ASP E 393 -30.22 51.39 -26.07
N ASN E 394 -31.20 52.11 -26.60
CA ASN E 394 -32.52 52.25 -25.99
C ASN E 394 -33.50 51.39 -26.79
N ILE E 395 -33.77 50.18 -26.29
CA ILE E 395 -34.76 49.30 -26.90
C ILE E 395 -35.81 48.81 -25.92
N VAL E 396 -35.54 48.81 -24.61
CA VAL E 396 -36.52 48.31 -23.64
C VAL E 396 -37.75 49.22 -23.60
N ASP E 397 -37.54 50.53 -23.75
CA ASP E 397 -38.64 51.47 -23.63
C ASP E 397 -39.69 51.22 -24.70
N GLU E 398 -39.26 51.01 -25.95
CA GLU E 398 -40.22 50.79 -27.04
C GLU E 398 -41.01 49.50 -26.82
N LEU E 399 -40.33 48.43 -26.41
CA LEU E 399 -41.03 47.17 -26.16
C LEU E 399 -42.01 47.31 -25.01
N VAL E 400 -41.62 48.00 -23.95
CA VAL E 400 -42.52 48.20 -22.81
C VAL E 400 -43.74 49.00 -23.24
N GLU E 401 -43.53 50.05 -24.02
CA GLU E 401 -44.66 50.85 -24.49
C GLU E 401 -45.59 50.02 -25.37
N ALA E 402 -45.03 49.22 -26.26
CA ALA E 402 -45.85 48.37 -27.13
C ALA E 402 -46.65 47.37 -26.30
N ILE E 403 -46.02 46.76 -25.29
CA ILE E 403 -46.74 45.80 -24.46
C ILE E 403 -47.86 46.49 -23.70
N ALA E 404 -47.58 47.68 -23.15
CA ALA E 404 -48.60 48.39 -22.39
C ALA E 404 -49.76 48.80 -23.29
N ASN E 405 -49.47 49.18 -24.54
CA ASN E 405 -50.54 49.61 -25.44
C ASN E 405 -51.57 48.52 -25.65
N LEU E 406 -51.13 47.26 -25.72
CA LEU E 406 -52.06 46.16 -25.92
C LEU E 406 -53.05 46.09 -24.76
N SER E 407 -54.32 45.90 -25.09
CA SER E 407 -55.38 45.82 -24.09
C SER E 407 -55.42 47.09 -23.24
N SER F 2 -28.50 14.79 40.53
CA SER F 2 -28.26 13.68 39.62
C SER F 2 -28.65 14.05 38.20
N ILE F 3 -28.61 13.06 37.30
CA ILE F 3 -28.94 13.25 35.90
C ILE F 3 -30.03 12.24 35.54
N TYR F 4 -31.09 12.72 34.87
CA TYR F 4 -32.21 11.90 34.46
C TYR F 4 -32.36 11.94 32.95
N GLN F 5 -32.71 10.80 32.36
CA GLN F 5 -32.89 10.68 30.91
C GLN F 5 -34.07 9.74 30.67
N GLY F 6 -35.24 10.32 30.44
CA GLY F 6 -36.43 9.52 30.20
C GLY F 6 -36.98 8.84 31.42
N GLY F 7 -36.71 9.36 32.61
CA GLY F 7 -37.20 8.78 33.84
C GLY F 7 -36.29 7.74 34.47
N ASN F 8 -35.09 7.54 33.94
CA ASN F 8 -34.13 6.57 34.45
C ASN F 8 -32.90 7.29 34.98
N LYS F 9 -32.39 6.81 36.12
CA LYS F 9 -31.22 7.43 36.72
C LYS F 9 -29.98 7.19 35.88
N LEU F 10 -28.98 8.05 36.09
CA LEU F 10 -27.72 7.98 35.36
C LEU F 10 -26.56 7.94 36.36
N ASN F 11 -25.48 7.29 35.94
CA ASN F 11 -24.31 7.09 36.79
C ASN F 11 -23.25 8.14 36.50
N GLU F 12 -22.36 8.34 37.48
CA GLU F 12 -21.31 9.34 37.34
C GLU F 12 -20.28 8.94 36.30
N ASP F 13 -20.05 7.64 36.11
CA ASP F 13 -19.05 7.20 35.15
C ASP F 13 -19.37 7.68 33.74
N ASP F 14 -20.65 7.78 33.41
CA ASP F 14 -21.02 8.28 32.08
C ASP F 14 -20.51 9.70 31.88
N PHE F 15 -20.77 10.58 32.84
CA PHE F 15 -20.31 11.97 32.73
C PHE F 15 -18.78 12.04 32.78
N ARG F 16 -18.16 11.19 33.60
CA ARG F 16 -16.70 11.18 33.66
C ARG F 16 -16.09 10.83 32.31
N SER F 17 -16.59 9.75 31.68
CA SER F 17 -16.12 9.38 30.35
C SER F 17 -16.41 10.48 29.35
N HIS F 18 -17.59 11.11 29.47
CA HIS F 18 -17.93 12.22 28.59
C HIS F 18 -16.88 13.32 28.66
N VAL F 19 -16.58 13.80 29.88
CA VAL F 19 -15.65 14.91 30.01
C VAL F 19 -14.25 14.49 29.58
N TYR F 20 -13.87 13.25 29.86
CA TYR F 20 -12.57 12.76 29.41
C TYR F 20 -12.47 12.83 27.89
N SER F 21 -13.47 12.29 27.20
CA SER F 21 -13.45 12.31 25.73
C SER F 21 -13.48 13.74 25.20
N LEU F 22 -14.32 14.59 25.77
CA LEU F 22 -14.35 15.99 25.36
C LEU F 22 -12.97 16.64 25.50
N CYS F 23 -12.29 16.40 26.62
CA CYS F 23 -10.92 16.90 26.75
C CYS F 23 -10.04 16.32 25.65
N GLN F 24 -10.27 15.06 25.27
CA GLN F 24 -9.52 14.47 24.16
C GLN F 24 -9.85 15.11 22.81
N LEU F 25 -10.91 15.89 22.72
CA LEU F 25 -11.19 16.62 21.49
C LEU F 25 -10.09 17.66 21.23
N ASP F 26 -10.17 18.30 20.06
CA ASP F 26 -9.10 19.20 19.64
C ASP F 26 -8.93 20.36 20.59
N ASN F 27 -9.95 21.20 20.72
CA ASN F 27 -9.89 22.42 21.52
C ASN F 27 -10.80 22.31 22.74
N VAL F 28 -10.35 22.93 23.83
CA VAL F 28 -11.10 22.95 25.08
C VAL F 28 -11.04 24.35 25.67
N GLY F 29 -12.01 24.65 26.51
CA GLY F 29 -12.04 25.92 27.22
C GLY F 29 -12.69 25.75 28.57
N VAL F 30 -12.29 26.59 29.52
CA VAL F 30 -12.84 26.60 30.87
C VAL F 30 -13.43 27.99 31.13
N LEU F 31 -14.72 28.02 31.44
CA LEU F 31 -15.41 29.23 31.87
C LEU F 31 -15.44 29.25 33.38
N LEU F 32 -15.06 30.37 33.99
CA LEU F 32 -14.99 30.51 35.44
C LEU F 32 -15.70 31.79 35.86
N GLY F 33 -16.87 31.65 36.46
CA GLY F 33 -17.64 32.77 36.95
C GLY F 33 -17.33 33.09 38.40
N ALA F 34 -18.34 33.62 39.09
CA ALA F 34 -18.14 34.05 40.46
C ALA F 34 -17.64 32.92 41.34
N GLY F 35 -18.13 31.70 41.11
CA GLY F 35 -17.69 30.55 41.86
C GLY F 35 -16.25 30.13 41.62
N ALA F 36 -15.48 30.91 40.85
CA ALA F 36 -14.09 30.54 40.58
C ALA F 36 -13.29 30.47 41.88
N SER F 37 -13.51 31.42 42.79
CA SER F 37 -12.84 31.44 44.09
C SER F 37 -13.85 31.89 45.14
N VAL F 38 -14.39 30.92 45.89
CA VAL F 38 -15.28 31.20 47.01
C VAL F 38 -14.66 30.79 48.34
N GLY F 39 -13.90 29.69 48.36
CA GLY F 39 -13.27 29.21 49.57
C GLY F 39 -12.03 29.96 49.98
N CYS F 40 -11.47 30.79 49.10
CA CYS F 40 -10.28 31.57 49.42
C CYS F 40 -10.61 32.88 50.15
N GLY F 41 -11.89 33.19 50.33
CA GLY F 41 -12.29 34.41 51.00
C GLY F 41 -13.17 35.28 50.13
N GLY F 42 -13.58 34.76 48.97
CA GLY F 42 -14.42 35.53 48.08
C GLY F 42 -15.83 35.70 48.63
N LYS F 43 -16.47 36.78 48.18
CA LYS F 43 -17.83 37.11 48.59
C LYS F 43 -18.66 37.48 47.36
N THR F 44 -19.94 37.17 47.42
CA THR F 44 -20.84 37.46 46.32
C THR F 44 -21.31 38.93 46.38
N MET F 45 -21.96 39.35 45.30
CA MET F 45 -22.42 40.74 45.21
C MET F 45 -23.36 41.09 46.36
N LYS F 46 -24.12 40.12 46.86
CA LYS F 46 -25.02 40.39 47.98
C LYS F 46 -24.24 40.84 49.20
N ASP F 47 -23.11 40.19 49.48
CA ASP F 47 -22.29 40.60 50.61
C ASP F 47 -21.71 41.99 50.37
N VAL F 48 -21.35 42.31 49.13
CA VAL F 48 -20.86 43.65 48.81
C VAL F 48 -21.92 44.70 49.12
N TRP F 49 -23.16 44.44 48.71
CA TRP F 49 -24.24 45.36 48.98
C TRP F 49 -24.51 45.47 50.48
N LYS F 50 -24.44 44.35 51.19
CA LYS F 50 -24.67 44.38 52.64
C LYS F 50 -23.61 45.23 53.33
N SER F 51 -22.34 45.06 52.94
CA SER F 51 -21.29 45.88 53.52
C SER F 51 -21.46 47.35 53.16
N PHE F 52 -21.87 47.62 51.91
CA PHE F 52 -22.12 49.00 51.50
C PHE F 52 -23.19 49.66 52.35
N LYS F 53 -24.29 48.95 52.59
CA LYS F 53 -25.38 49.54 53.37
C LYS F 53 -25.01 49.67 54.83
N GLN F 54 -24.29 48.68 55.38
CA GLN F 54 -23.90 48.76 56.78
C GLN F 54 -22.91 49.90 57.01
N ASN F 55 -21.94 50.06 56.10
CA ASN F 55 -20.93 51.10 56.28
C ASN F 55 -21.55 52.50 56.22
N TYR F 56 -22.52 52.70 55.32
CA TYR F 56 -23.13 54.01 55.10
C TYR F 56 -24.64 53.88 55.20
N PRO F 57 -25.18 53.76 56.42
CA PRO F 57 -26.64 53.66 56.57
C PRO F 57 -27.39 54.88 56.11
N GLU F 58 -26.74 56.05 56.06
CA GLU F 58 -27.42 57.25 55.59
C GLU F 58 -27.90 57.08 54.16
N LEU F 59 -27.12 56.39 53.32
CA LEU F 59 -27.53 56.15 51.95
C LEU F 59 -28.78 55.29 51.88
N LEU F 60 -28.83 54.24 52.70
CA LEU F 60 -30.03 53.40 52.74
C LEU F 60 -31.23 54.19 53.21
N GLY F 61 -31.06 55.02 54.24
CA GLY F 61 -32.16 55.85 54.71
C GLY F 61 -32.65 56.80 53.63
N ALA F 62 -31.72 57.44 52.91
CA ALA F 62 -32.11 58.37 51.85
C ALA F 62 -32.84 57.62 50.73
N LEU F 63 -32.37 56.43 50.37
CA LEU F 63 -33.08 55.64 49.36
C LEU F 63 -34.48 55.29 49.83
N ILE F 64 -34.62 54.92 51.10
CA ILE F 64 -35.95 54.58 51.63
C ILE F 64 -36.86 55.80 51.60
N ASP F 65 -36.31 56.98 51.87
CA ASP F 65 -37.12 58.19 52.00
C ASP F 65 -37.23 58.97 50.70
N LYS F 66 -36.10 59.32 50.11
CA LYS F 66 -36.10 60.31 49.02
C LYS F 66 -36.65 59.72 47.73
N TYR F 67 -35.99 58.70 47.19
CA TYR F 67 -36.23 58.25 45.82
C TYR F 67 -36.73 56.82 45.69
N LEU F 68 -36.33 55.91 46.58
CA LEU F 68 -36.80 54.53 46.57
C LEU F 68 -36.40 53.82 45.27
N LEU F 69 -35.09 53.80 45.01
CA LEU F 69 -34.56 52.97 43.95
C LEU F 69 -34.48 51.50 44.34
N VAL F 70 -34.71 51.18 45.60
CA VAL F 70 -34.78 49.80 46.08
C VAL F 70 -35.77 49.76 47.23
N SER F 71 -36.53 48.67 47.33
CA SER F 71 -37.56 48.52 48.35
C SER F 71 -37.13 47.46 49.37
N GLN F 72 -37.58 47.65 50.61
CA GLN F 72 -37.22 46.71 51.67
C GLN F 72 -37.77 45.32 51.38
N ILE F 73 -39.00 45.24 50.87
CA ILE F 73 -39.59 43.94 50.56
C ILE F 73 -38.78 43.23 49.47
N ASP F 74 -38.30 43.99 48.48
CA ASP F 74 -37.47 43.39 47.42
C ASP F 74 -36.18 42.84 48.00
N SER F 75 -35.56 43.57 48.93
CA SER F 75 -34.36 43.05 49.59
C SER F 75 -34.68 41.79 50.38
N ASP F 76 -35.81 41.77 51.07
CA ASP F 76 -36.24 40.57 51.78
C ASP F 76 -36.40 39.40 50.81
N ASN F 77 -36.85 39.67 49.59
CA ASN F 77 -36.96 38.63 48.57
C ASN F 77 -35.60 38.12 48.10
N ASN F 78 -34.51 38.78 48.47
CA ASN F 78 -33.16 38.37 48.12
C ASN F 78 -32.96 38.42 46.59
N LEU F 79 -33.21 39.60 46.03
CA LEU F 79 -33.00 39.83 44.60
C LEU F 79 -32.38 41.20 44.37
N VAL F 80 -31.66 41.74 45.35
CA VAL F 80 -31.08 43.06 45.23
C VAL F 80 -30.03 43.05 44.12
N ASN F 81 -30.11 44.04 43.23
CA ASN F 81 -29.20 44.17 42.10
C ASN F 81 -28.42 45.48 42.23
N VAL F 82 -27.10 45.39 42.10
CA VAL F 82 -26.24 46.56 42.17
C VAL F 82 -25.88 46.99 40.74
N GLU F 83 -25.87 46.02 39.83
CA GLU F 83 -25.41 46.30 38.47
C GLU F 83 -26.19 47.45 37.85
N LEU F 84 -27.48 47.55 38.15
CA LEU F 84 -28.28 48.67 37.65
C LEU F 84 -28.05 49.95 38.42
N LEU F 85 -27.55 49.86 39.66
CA LEU F 85 -27.46 51.05 40.50
C LEU F 85 -26.39 52.02 39.99
N ILE F 86 -25.25 51.50 39.53
CA ILE F 86 -24.20 52.37 39.02
C ILE F 86 -24.68 53.10 37.78
N ASP F 87 -25.37 52.42 36.88
CA ASP F 87 -25.88 53.07 35.68
C ASP F 87 -26.99 54.06 36.01
N GLU F 88 -27.84 53.72 36.99
CA GLU F 88 -28.81 54.70 37.47
C GLU F 88 -28.12 55.95 37.97
N ALA F 89 -27.05 55.78 38.75
CA ALA F 89 -26.33 56.94 39.28
C ALA F 89 -25.70 57.76 38.17
N THR F 90 -25.11 57.09 37.17
CA THR F 90 -24.46 57.83 36.09
C THR F 90 -25.48 58.59 35.25
N LYS F 91 -26.62 57.97 34.96
CA LYS F 91 -27.67 58.68 34.23
C LYS F 91 -28.22 59.85 35.05
N PHE F 92 -28.43 59.62 36.35
CA PHE F 92 -28.84 60.69 37.25
C PHE F 92 -27.86 61.85 37.19
N LEU F 93 -26.56 61.54 37.20
CA LEU F 93 -25.55 62.59 37.29
C LEU F 93 -25.41 63.33 35.97
N SER F 94 -25.59 62.64 34.85
CA SER F 94 -25.64 63.34 33.57
C SER F 94 -26.86 64.27 33.51
N VAL F 95 -28.00 63.80 34.02
CA VAL F 95 -29.19 64.64 34.08
C VAL F 95 -28.92 65.88 34.92
N ALA F 96 -28.29 65.70 36.09
CA ALA F 96 -27.98 66.83 36.95
C ALA F 96 -26.93 67.75 36.32
N LYS F 97 -25.99 67.19 35.57
CA LYS F 97 -24.98 67.98 34.90
C LYS F 97 -25.59 68.84 33.81
N THR F 98 -26.66 68.36 33.19
CA THR F 98 -27.43 69.19 32.27
C THR F 98 -28.46 70.06 33.00
N ARG F 99 -28.70 69.82 34.29
CA ARG F 99 -29.68 70.55 35.07
C ARG F 99 -29.07 71.49 36.10
N ARG F 100 -27.84 71.23 36.54
CA ARG F 100 -27.15 72.07 37.52
C ARG F 100 -27.90 72.11 38.85
N CYS F 101 -28.02 70.94 39.47
CA CYS F 101 -28.51 70.79 40.84
C CYS F 101 -27.34 70.35 41.70
N GLU F 102 -26.81 71.26 42.51
CA GLU F 102 -25.57 71.02 43.24
C GLU F 102 -25.80 70.43 44.63
N ASP F 103 -26.76 70.95 45.39
CA ASP F 103 -26.95 70.53 46.76
C ASP F 103 -27.39 69.08 46.89
N GLU F 104 -27.82 68.44 45.79
CA GLU F 104 -28.25 67.06 45.81
C GLU F 104 -27.20 66.10 45.25
N GLU F 105 -26.05 66.62 44.82
CA GLU F 105 -25.02 65.78 44.22
C GLU F 105 -24.27 64.97 45.26
N GLU F 106 -23.95 65.57 46.41
CA GLU F 106 -23.07 64.94 47.38
C GLU F 106 -23.51 63.53 47.71
N GLU F 107 -24.82 63.34 47.92
CA GLU F 107 -25.34 62.02 48.25
C GLU F 107 -24.90 60.97 47.23
N PHE F 108 -25.15 61.24 45.95
CA PHE F 108 -24.88 60.24 44.93
C PHE F 108 -23.38 60.13 44.63
N ARG F 109 -22.63 61.22 44.66
CA ARG F 109 -21.19 61.10 44.44
C ARG F 109 -20.54 60.27 45.54
N LYS F 110 -20.94 60.49 46.79
CA LYS F 110 -20.47 59.65 47.88
C LYS F 110 -20.94 58.22 47.71
N ILE F 111 -22.15 58.03 47.18
CA ILE F 111 -22.64 56.68 46.90
C ILE F 111 -21.70 55.97 45.92
N LEU F 112 -21.34 56.65 44.83
CA LEU F 112 -20.40 56.07 43.88
C LEU F 112 -19.08 55.72 44.55
N SER F 113 -18.50 56.68 45.27
CA SER F 113 -17.20 56.44 45.91
C SER F 113 -17.26 55.22 46.82
N SER F 114 -18.27 55.16 47.68
CA SER F 114 -18.35 54.10 48.68
C SER F 114 -18.67 52.76 48.04
N LEU F 115 -19.52 52.75 47.00
CA LEU F 115 -19.85 51.50 46.32
C LEU F 115 -18.62 50.92 45.64
N TYR F 116 -17.85 51.77 44.96
CA TYR F 116 -16.63 51.29 44.32
C TYR F 116 -15.62 50.84 45.35
N LYS F 117 -15.51 51.55 46.47
CA LYS F 117 -14.64 51.09 47.56
C LYS F 117 -15.03 49.69 48.01
N GLU F 118 -16.33 49.47 48.27
CA GLU F 118 -16.79 48.18 48.74
C GLU F 118 -16.53 47.09 47.71
N VAL F 119 -16.81 47.37 46.45
CA VAL F 119 -16.62 46.37 45.40
C VAL F 119 -15.15 45.99 45.29
N THR F 120 -14.26 46.99 45.32
CA THR F 120 -12.83 46.70 45.28
C THR F 120 -12.35 46.02 46.55
N LYS F 121 -13.09 46.14 47.66
CA LYS F 121 -12.65 45.56 48.92
C LYS F 121 -13.02 44.08 49.05
N ALA F 122 -13.97 43.58 48.25
CA ALA F 122 -14.44 42.21 48.38
C ALA F 122 -13.71 41.25 47.46
N ALA F 123 -12.44 41.53 47.15
CA ALA F 123 -11.69 40.70 46.22
C ALA F 123 -10.26 40.40 46.65
N LEU F 124 -9.72 41.08 47.66
CA LEU F 124 -8.35 40.79 48.09
C LEU F 124 -8.24 39.38 48.68
N LEU F 125 -9.23 38.97 49.46
CA LEU F 125 -9.43 37.64 50.02
C LEU F 125 -8.48 37.34 51.19
N THR F 126 -7.54 38.22 51.52
CA THR F 126 -6.59 37.94 52.60
C THR F 126 -6.29 39.14 53.48
N GLY F 127 -6.90 40.30 53.24
CA GLY F 127 -6.64 41.44 54.09
C GLY F 127 -5.17 41.83 54.08
N GLU F 128 -4.64 42.09 55.28
CA GLU F 128 -3.24 42.53 55.39
C GLU F 128 -2.29 41.47 54.86
N GLN F 129 -2.58 40.19 55.12
CA GLN F 129 -1.76 39.11 54.58
C GLN F 129 -1.55 39.25 53.08
N PHE F 130 -2.43 39.97 52.38
CA PHE F 130 -2.29 40.17 50.95
C PHE F 130 -0.94 40.80 50.60
N ARG F 131 -0.49 41.76 51.40
CA ARG F 131 0.61 42.61 50.97
C ARG F 131 1.93 41.85 50.88
N GLU F 132 2.19 40.96 51.83
CA GLU F 132 3.49 40.31 51.90
C GLU F 132 3.59 39.18 50.87
N LYS F 133 4.81 38.69 50.69
CA LYS F 133 5.11 37.67 49.69
C LYS F 133 4.95 36.28 50.29
N ASN F 134 5.32 35.25 49.51
CA ASN F 134 5.18 33.84 49.83
C ASN F 134 3.71 33.41 49.81
N GLN F 135 2.78 34.31 49.50
CA GLN F 135 1.37 33.93 49.40
C GLN F 135 1.15 32.93 48.28
N GLY F 136 1.87 33.06 47.16
CA GLY F 136 1.65 32.18 46.02
C GLY F 136 1.74 30.71 46.35
N LYS F 137 2.35 30.35 47.48
CA LYS F 137 2.51 28.96 47.88
C LYS F 137 1.52 28.53 48.95
N LYS F 138 0.54 29.37 49.28
CA LYS F 138 -0.44 29.00 50.28
C LYS F 138 -1.32 27.86 49.79
N ASP F 139 -1.83 27.08 50.74
CA ASP F 139 -2.70 25.97 50.39
C ASP F 139 -3.99 26.41 49.70
N ALA F 140 -4.36 27.69 49.84
CA ALA F 140 -5.60 28.16 49.25
C ALA F 140 -5.56 28.07 47.73
N PHE F 141 -4.41 28.39 47.12
CA PHE F 141 -4.27 28.45 45.68
C PHE F 141 -3.74 27.15 45.08
N LYS F 142 -4.03 26.01 45.71
CA LYS F 142 -3.51 24.74 45.23
C LYS F 142 -4.25 24.27 43.98
N TYR F 143 -5.57 24.41 43.97
CA TYR F 143 -6.36 23.88 42.85
C TYR F 143 -6.02 24.60 41.56
N HIS F 144 -5.74 25.90 41.63
CA HIS F 144 -5.32 26.62 40.44
C HIS F 144 -4.04 26.03 39.86
N LYS F 145 -3.12 25.59 40.73
CA LYS F 145 -1.95 24.86 40.26
C LYS F 145 -2.35 23.57 39.56
N GLU F 146 -3.31 22.84 40.12
CA GLU F 146 -3.77 21.60 39.51
C GLU F 146 -4.28 21.85 38.09
N LEU F 147 -5.10 22.89 37.91
CA LEU F 147 -5.60 23.21 36.58
C LEU F 147 -4.48 23.67 35.67
N ILE F 148 -3.56 24.48 36.20
CA ILE F 148 -2.44 24.98 35.42
C ILE F 148 -1.58 23.84 34.92
N SER F 149 -1.61 22.70 35.61
CA SER F 149 -0.84 21.53 35.18
C SER F 149 -1.65 20.62 34.24
N LYS F 150 -2.83 20.19 34.66
CA LYS F 150 -3.55 19.15 33.93
C LYS F 150 -3.72 19.50 32.45
N LEU F 151 -4.47 20.56 32.16
CA LEU F 151 -4.88 20.83 30.78
C LEU F 151 -3.75 21.36 29.92
N ILE F 152 -2.64 21.81 30.51
CA ILE F 152 -1.56 22.42 29.74
C ILE F 152 -0.65 21.40 29.09
N SER F 153 -0.71 20.12 29.51
CA SER F 153 0.13 19.08 28.95
C SER F 153 -0.64 18.07 28.11
N ASN F 154 -1.97 18.04 28.22
CA ASN F 154 -2.80 17.18 27.36
C ASN F 154 -2.95 17.82 25.98
N ARG F 155 -1.79 18.07 25.34
CA ARG F 155 -1.74 18.74 24.05
C ARG F 155 -0.73 18.00 23.19
N GLN F 156 -1.19 16.99 22.46
CA GLN F 156 -0.36 16.32 21.48
C GLN F 156 -0.18 17.22 20.26
N PRO F 157 0.87 17.02 19.48
CA PRO F 157 1.12 17.92 18.34
C PRO F 157 -0.09 18.00 17.43
N GLY F 158 -0.41 19.22 17.00
CA GLY F 158 -1.59 19.48 16.20
C GLY F 158 -2.80 19.97 16.97
N GLN F 159 -2.64 20.32 18.24
CA GLN F 159 -3.75 20.81 19.05
C GLN F 159 -3.32 22.08 19.79
N SER F 160 -4.28 22.99 19.98
CA SER F 160 -4.01 24.26 20.62
C SER F 160 -4.19 24.16 22.13
N ALA F 161 -3.58 25.11 22.84
CA ALA F 161 -3.57 25.08 24.30
C ALA F 161 -4.95 25.45 24.85
N PRO F 162 -5.26 25.00 26.07
CA PRO F 162 -6.59 25.29 26.65
C PRO F 162 -6.81 26.78 26.86
N ALA F 163 -8.08 27.16 26.85
CA ALA F 163 -8.48 28.55 26.99
C ALA F 163 -8.95 28.83 28.42
N ILE F 164 -8.47 29.95 28.97
CA ILE F 164 -8.89 30.42 30.29
C ILE F 164 -9.98 31.47 30.10
N PHE F 165 -11.15 31.23 30.69
CA PHE F 165 -12.25 32.19 30.68
C PHE F 165 -12.73 32.35 32.12
N THR F 166 -12.13 33.29 32.84
CA THR F 166 -12.48 33.59 34.22
C THR F 166 -12.82 35.07 34.35
N THR F 167 -13.90 35.37 35.06
CA THR F 167 -14.50 36.70 35.03
C THR F 167 -14.85 37.20 36.44
N ASN F 168 -13.91 37.11 37.37
CA ASN F 168 -14.11 37.63 38.72
C ASN F 168 -13.08 38.69 39.07
N TYR F 169 -13.36 39.39 40.18
CA TYR F 169 -12.46 40.44 40.66
C TYR F 169 -11.13 39.85 41.10
N ASP F 170 -11.17 38.71 41.79
CA ASP F 170 -10.06 38.27 42.63
C ASP F 170 -8.80 38.00 41.81
N LEU F 171 -7.68 37.92 42.53
CA LEU F 171 -6.37 37.65 41.95
C LEU F 171 -5.95 36.25 42.41
N ALA F 172 -6.19 35.24 41.57
CA ALA F 172 -5.80 33.88 41.89
C ALA F 172 -5.23 33.10 40.71
N LEU F 173 -5.09 33.69 39.53
CA LEU F 173 -4.65 32.96 38.35
C LEU F 173 -3.19 33.23 37.99
N GLU F 174 -2.67 34.41 38.32
CA GLU F 174 -1.30 34.78 37.98
C GLU F 174 -0.32 34.58 39.13
N TRP F 175 -0.74 33.89 40.20
CA TRP F 175 0.13 33.62 41.33
C TRP F 175 0.47 32.15 41.48
N ALA F 176 -0.29 31.26 40.82
CA ALA F 176 0.08 29.87 40.67
C ALA F 176 0.82 29.61 39.36
N ALA F 177 1.19 30.67 38.65
CA ALA F 177 1.83 30.51 37.34
C ALA F 177 3.30 30.16 37.48
N GLU F 178 4.10 31.05 38.06
CA GLU F 178 5.51 30.80 38.29
C GLU F 178 5.77 30.08 39.61
N ASP F 179 4.74 29.83 40.41
CA ASP F 179 4.90 28.91 41.53
C ASP F 179 5.33 27.55 41.04
N LEU F 180 4.68 27.05 39.99
CA LEU F 180 5.09 25.84 39.30
C LEU F 180 5.81 26.14 37.99
N GLY F 181 6.06 27.42 37.68
CA GLY F 181 6.79 27.81 36.50
C GLY F 181 5.97 27.89 35.23
N ILE F 182 4.67 27.63 35.29
CA ILE F 182 3.82 27.61 34.11
C ILE F 182 3.19 28.99 33.95
N GLN F 183 3.46 29.64 32.82
CA GLN F 183 3.03 31.02 32.58
C GLN F 183 1.66 31.00 31.90
N LEU F 184 0.63 31.42 32.64
CA LEU F 184 -0.70 31.66 32.06
C LEU F 184 -0.64 33.08 31.51
N PHE F 185 -0.23 33.18 30.25
CA PHE F 185 0.24 34.44 29.67
C PHE F 185 -0.60 35.64 30.10
N ASN F 186 0.07 36.61 30.72
CA ASN F 186 -0.55 37.88 31.07
C ASN F 186 -0.07 39.04 30.21
N GLY F 187 1.08 38.89 29.55
CA GLY F 187 1.48 39.81 28.51
C GLY F 187 1.81 41.22 28.98
N PHE F 188 2.92 41.36 29.70
CA PHE F 188 3.41 42.68 30.11
C PHE F 188 4.93 42.60 30.15
N SER F 189 5.57 43.08 29.08
CA SER F 189 7.00 42.96 28.95
C SER F 189 7.71 44.08 29.71
N GLY F 190 8.94 43.79 30.14
CA GLY F 190 9.74 44.76 30.86
C GLY F 190 9.77 44.50 32.36
N LEU F 191 10.54 45.34 33.04
CA LEU F 191 10.70 45.25 34.49
C LEU F 191 10.20 46.48 35.23
N HIS F 192 10.29 47.67 34.64
CA HIS F 192 9.86 48.90 35.30
C HIS F 192 8.66 49.53 34.61
N THR F 193 8.76 49.85 33.32
CA THR F 193 7.68 50.51 32.58
C THR F 193 7.02 49.48 31.68
N ARG F 194 5.87 48.97 32.11
CA ARG F 194 5.13 47.96 31.37
C ARG F 194 3.87 48.57 30.79
N GLN F 195 3.64 48.32 29.50
CA GLN F 195 2.48 48.84 28.79
C GLN F 195 1.67 47.69 28.21
N PHE F 196 0.37 47.91 28.08
CA PHE F 196 -0.54 46.89 27.55
C PHE F 196 -0.55 46.99 26.03
N TYR F 197 -0.24 45.88 25.37
CA TYR F 197 -0.22 45.79 23.91
C TYR F 197 -1.09 44.62 23.48
N PRO F 198 -2.33 44.86 23.03
CA PRO F 198 -3.19 43.73 22.64
C PRO F 198 -2.66 42.93 21.48
N GLN F 199 -1.70 43.45 20.71
CA GLN F 199 -1.13 42.74 19.57
C GLN F 199 -0.23 41.57 19.99
N ASN F 200 -0.18 41.21 21.27
CA ASN F 200 0.63 40.09 21.75
C ASN F 200 -0.16 38.79 21.80
N PHE F 201 -1.14 38.62 20.90
CA PHE F 201 -2.00 37.44 20.90
C PHE F 201 -1.38 36.26 20.13
N ASP F 202 -0.06 36.27 19.91
CA ASP F 202 0.63 35.25 19.13
C ASP F 202 1.80 34.67 19.93
N LEU F 203 1.54 34.31 21.18
CA LEU F 203 2.58 33.79 22.08
C LEU F 203 2.48 32.27 22.15
N ALA F 204 3.60 31.60 21.84
CA ALA F 204 3.67 30.15 21.96
C ALA F 204 5.12 29.68 21.95
N PHE F 205 5.54 29.00 23.02
CA PHE F 205 6.89 28.44 23.07
C PHE F 205 7.01 27.24 22.15
N ARG F 206 8.15 27.15 21.47
CA ARG F 206 8.47 25.99 20.64
C ARG F 206 9.96 25.69 20.79
N ASN F 207 10.28 24.41 20.92
CA ASN F 207 11.66 23.99 21.13
C ASN F 207 12.39 23.95 19.80
N VAL F 208 13.32 24.88 19.60
CA VAL F 208 14.08 24.93 18.34
C VAL F 208 15.46 24.29 18.51
N ASN F 209 16.12 24.56 19.63
CA ASN F 209 17.44 23.97 19.91
C ASN F 209 17.86 24.23 21.34
N GLY F 217 9.64 23.15 29.51
CA GLY F 217 9.96 23.09 28.10
C GLY F 217 8.74 22.92 27.23
N HIS F 218 8.52 23.86 26.32
CA HIS F 218 7.37 23.84 25.41
C HIS F 218 6.06 23.91 26.20
N TYR F 219 6.01 24.82 27.17
CA TYR F 219 4.86 24.97 28.06
C TYR F 219 4.23 26.34 27.82
N HIS F 220 2.94 26.36 27.52
CA HIS F 220 2.21 27.61 27.45
C HIS F 220 0.73 27.36 27.69
N ALA F 221 0.04 28.40 28.15
CA ALA F 221 -1.40 28.39 28.33
C ALA F 221 -1.95 29.70 27.80
N TYR F 222 -3.27 29.87 27.88
CA TYR F 222 -3.95 31.02 27.30
C TYR F 222 -4.81 31.70 28.35
N LEU F 223 -4.61 33.01 28.52
CA LEU F 223 -5.39 33.82 29.44
C LEU F 223 -6.43 34.62 28.66
N TYR F 224 -7.68 34.57 29.12
CA TYR F 224 -8.73 35.42 28.55
C TYR F 224 -9.76 35.66 29.64
N LYS F 225 -9.64 36.78 30.34
CA LYS F 225 -10.54 37.13 31.43
C LYS F 225 -11.64 38.05 30.91
N LEU F 226 -12.88 37.72 31.24
CA LEU F 226 -14.05 38.50 30.86
C LEU F 226 -14.49 39.43 31.98
N HIS F 227 -13.54 39.98 32.75
CA HIS F 227 -13.86 40.86 33.86
C HIS F 227 -12.96 42.10 33.93
N GLY F 228 -11.89 42.16 33.14
CA GLY F 228 -10.91 43.21 33.31
C GLY F 228 -9.83 42.77 34.27
N SER F 229 -9.62 43.55 35.33
CA SER F 229 -8.71 43.14 36.39
C SER F 229 -8.88 44.06 37.58
N LEU F 230 -8.57 43.55 38.77
CA LEU F 230 -8.62 44.35 39.98
C LEU F 230 -7.53 45.42 40.01
N THR F 231 -6.64 45.42 39.03
CA THR F 231 -5.54 46.39 38.97
C THR F 231 -5.37 46.93 37.56
N TRP F 232 -6.48 47.24 36.89
CA TRP F 232 -6.47 47.87 35.57
C TRP F 232 -7.05 49.28 35.68
N TYR F 233 -6.31 50.26 35.20
CA TYR F 233 -6.68 51.66 35.37
C TYR F 233 -6.28 52.46 34.14
N GLN F 234 -6.95 53.59 33.95
CA GLN F 234 -6.64 54.53 32.89
C GLN F 234 -5.93 55.73 33.49
N ASN F 235 -4.81 56.12 32.86
CA ASN F 235 -3.98 57.22 33.35
C ASN F 235 -4.21 58.50 32.54
N ASP F 236 -5.38 58.65 31.93
CA ASP F 236 -5.75 59.77 31.07
C ASP F 236 -5.07 59.73 29.72
N SER F 237 -4.19 58.76 29.48
CA SER F 237 -3.51 58.60 28.20
C SER F 237 -4.09 57.46 27.37
N LEU F 238 -5.28 56.97 27.73
CA LEU F 238 -5.93 55.87 27.02
C LEU F 238 -5.05 54.62 27.03
N THR F 239 -4.79 54.14 28.25
CA THR F 239 -3.99 52.93 28.44
C THR F 239 -4.53 52.16 29.63
N VAL F 240 -4.22 50.85 29.64
CA VAL F 240 -4.59 49.97 30.74
C VAL F 240 -3.34 49.21 31.16
N ASN F 241 -3.26 48.88 32.45
CA ASN F 241 -2.06 48.27 33.00
C ASN F 241 -2.40 47.47 34.24
N GLU F 242 -1.84 46.25 34.33
CA GLU F 242 -1.74 45.51 35.57
C GLU F 242 -0.27 45.37 35.93
N VAL F 243 0.06 45.72 37.17
CA VAL F 243 1.42 45.59 37.69
C VAL F 243 1.33 44.82 39.00
N SER F 244 2.46 44.71 39.71
CA SER F 244 2.52 43.88 40.91
C SER F 244 1.39 44.24 41.87
N ALA F 245 1.06 43.31 42.76
CA ALA F 245 -0.10 43.47 43.62
C ALA F 245 0.19 44.38 44.81
N SER F 246 1.18 44.03 45.62
CA SER F 246 1.53 44.85 46.78
C SER F 246 1.98 46.23 46.35
N GLN F 247 2.54 46.36 45.15
CA GLN F 247 2.86 47.68 44.61
C GLN F 247 1.60 48.53 44.54
N ALA F 248 0.54 48.00 43.93
CA ALA F 248 -0.71 48.73 43.84
C ALA F 248 -1.30 49.00 45.23
N TYR F 249 -1.21 48.01 46.12
CA TYR F 249 -1.71 48.19 47.49
C TYR F 249 -1.05 49.40 48.14
N ASP F 250 0.28 49.44 48.12
CA ASP F 250 1.00 50.57 48.70
C ASP F 250 0.85 51.85 47.89
N GLU F 251 0.36 51.76 46.65
CA GLU F 251 0.29 52.94 45.79
C GLU F 251 -1.07 53.65 45.85
N TYR F 252 -2.14 52.95 45.47
CA TYR F 252 -3.42 53.62 45.20
C TYR F 252 -4.65 53.01 45.86
N ILE F 253 -4.60 51.76 46.32
CA ILE F 253 -5.78 51.19 46.96
C ILE F 253 -6.10 51.93 48.25
N ASN F 254 -5.06 52.32 49.01
CA ASN F 254 -5.29 53.02 50.26
C ASN F 254 -5.98 54.35 50.03
N ASP F 255 -5.60 55.06 48.96
CA ASP F 255 -6.24 56.34 48.66
C ASP F 255 -7.74 56.17 48.46
N ILE F 256 -8.13 55.19 47.66
CA ILE F 256 -9.56 54.95 47.42
C ILE F 256 -10.25 54.53 48.71
N ILE F 257 -9.59 53.67 49.50
CA ILE F 257 -10.23 53.15 50.71
C ILE F 257 -10.49 54.27 51.71
N ASN F 258 -9.52 55.15 51.92
CA ASN F 258 -9.60 56.14 53.00
C ASN F 258 -10.03 57.53 52.52
N LYS F 259 -9.29 58.10 51.57
CA LYS F 259 -9.52 59.50 51.19
C LYS F 259 -10.94 59.71 50.68
N ASP F 260 -11.49 58.74 49.95
CA ASP F 260 -12.85 58.83 49.39
C ASP F 260 -13.10 60.19 48.76
N ASP F 261 -12.15 60.64 47.96
CA ASP F 261 -12.26 61.91 47.26
C ASP F 261 -13.38 61.84 46.22
N PHE F 262 -13.67 62.98 45.60
CA PHE F 262 -14.61 63.01 44.49
C PHE F 262 -14.16 62.01 43.42
N TYR F 263 -15.00 61.00 43.18
CA TYR F 263 -14.58 59.82 42.44
C TYR F 263 -14.49 60.12 40.95
N ARG F 264 -13.29 59.94 40.41
CA ARG F 264 -13.10 59.67 39.00
C ARG F 264 -12.84 58.17 38.83
N GLY F 265 -13.04 57.67 37.62
CA GLY F 265 -12.90 56.25 37.39
C GLY F 265 -11.45 55.83 37.48
N GLN F 266 -10.90 55.87 38.71
CA GLN F 266 -9.47 55.68 38.91
C GLN F 266 -8.98 54.42 38.21
N HIS F 267 -9.47 53.26 38.63
CA HIS F 267 -9.14 52.00 37.98
C HIS F 267 -10.42 51.42 37.37
N LEU F 268 -10.37 51.12 36.08
CA LEU F 268 -11.56 50.86 35.29
C LEU F 268 -11.81 49.35 35.20
N ILE F 269 -12.87 48.90 35.88
CA ILE F 269 -13.53 47.65 35.56
C ILE F 269 -15.03 47.94 35.59
N TYR F 270 -15.81 47.04 34.98
CA TYR F 270 -17.19 47.33 34.62
C TYR F 270 -18.14 46.28 35.22
N PRO F 271 -18.26 46.23 36.53
CA PRO F 271 -19.41 45.56 37.15
C PRO F 271 -20.62 46.48 37.16
N GLY F 272 -21.57 46.22 36.27
CA GLY F 272 -22.71 47.10 36.13
C GLY F 272 -23.77 46.44 35.27
N ALA F 273 -24.85 47.19 35.02
CA ALA F 273 -25.97 46.64 34.25
C ALA F 273 -25.70 46.69 32.76
N ASN F 274 -25.52 47.87 32.21
CA ASN F 274 -25.35 48.07 30.78
C ASN F 274 -23.87 48.31 30.49
N LYS F 275 -23.24 47.34 29.80
CA LYS F 275 -21.83 47.48 29.46
C LYS F 275 -21.62 48.65 28.50
N TYR F 276 -22.48 48.77 27.48
CA TYR F 276 -22.29 49.82 26.49
C TYR F 276 -22.40 51.21 27.08
N SER F 277 -23.01 51.34 28.27
CA SER F 277 -22.89 52.59 29.00
C SER F 277 -21.45 52.83 29.44
N HIS F 278 -20.62 51.79 29.44
CA HIS F 278 -19.18 51.89 29.68
C HIS F 278 -18.39 51.66 28.39
N THR F 279 -18.93 52.11 27.25
CA THR F 279 -18.35 51.79 25.95
C THR F 279 -16.94 52.37 25.78
N ILE F 280 -16.45 53.14 26.74
CA ILE F 280 -15.10 53.70 26.62
C ILE F 280 -14.07 52.59 26.47
N GLY F 281 -14.32 51.43 27.09
CA GLY F 281 -13.39 50.32 27.01
C GLY F 281 -13.80 49.28 25.98
N PHE F 282 -13.09 49.23 24.86
CA PHE F 282 -13.39 48.29 23.79
C PHE F 282 -12.74 46.93 24.00
N VAL F 283 -11.90 46.78 25.04
CA VAL F 283 -11.35 45.47 25.36
C VAL F 283 -12.46 44.46 25.62
N TYR F 284 -13.62 44.93 26.08
CA TYR F 284 -14.83 44.12 26.04
C TYR F 284 -15.04 43.54 24.65
N GLY F 285 -14.82 44.36 23.63
CA GLY F 285 -14.93 43.87 22.26
C GLY F 285 -14.00 42.70 21.99
N GLU F 286 -12.74 42.81 22.41
CA GLU F 286 -11.78 41.74 22.17
C GLU F 286 -12.16 40.47 22.94
N MET F 287 -12.49 40.61 24.22
CA MET F 287 -12.77 39.42 25.02
C MET F 287 -13.99 38.68 24.51
N PHE F 288 -15.06 39.42 24.16
CA PHE F 288 -16.24 38.73 23.64
C PHE F 288 -16.08 38.36 22.18
N ARG F 289 -15.15 38.98 21.45
CA ARG F 289 -14.72 38.44 20.17
C ARG F 289 -14.18 37.04 20.36
N ARG F 290 -13.31 36.85 21.35
CA ARG F 290 -12.80 35.52 21.66
C ARG F 290 -13.94 34.57 22.02
N PHE F 291 -14.80 34.98 22.95
CA PHE F 291 -15.80 34.04 23.46
C PHE F 291 -16.93 33.77 22.46
N GLY F 292 -17.11 34.62 21.45
CA GLY F 292 -18.06 34.34 20.40
C GLY F 292 -17.42 33.65 19.21
N GLU F 293 -16.08 33.73 19.15
CA GLU F 293 -15.32 33.08 18.09
C GLU F 293 -14.87 31.68 18.49
N PHE F 294 -15.08 31.29 19.75
CA PHE F 294 -14.65 29.98 20.22
C PHE F 294 -15.79 28.98 20.18
N ILE F 295 -17.02 29.44 20.46
CA ILE F 295 -18.17 28.55 20.48
C ILE F 295 -18.40 27.91 19.12
N SER F 296 -18.05 28.59 18.04
CA SER F 296 -18.29 28.07 16.70
C SER F 296 -17.29 27.00 16.28
N LYS F 297 -16.19 26.83 17.02
CA LYS F 297 -15.16 25.89 16.61
C LYS F 297 -15.69 24.46 16.70
N PRO F 298 -15.56 23.66 15.64
CA PRO F 298 -16.01 22.27 15.73
C PRO F 298 -15.06 21.42 16.57
N GLN F 299 -15.60 20.33 17.12
CA GLN F 299 -14.84 19.40 17.94
C GLN F 299 -14.20 20.12 19.13
N THR F 300 -14.95 21.05 19.73
CA THR F 300 -14.48 21.82 20.86
C THR F 300 -15.40 21.61 22.04
N ALA F 301 -14.82 21.65 23.25
CA ALA F 301 -15.53 21.38 24.48
C ALA F 301 -15.39 22.57 25.42
N LEU F 302 -16.47 22.86 26.17
CA LEU F 302 -16.48 23.95 27.13
C LEU F 302 -16.89 23.40 28.49
N PHE F 303 -16.11 23.73 29.52
CA PHE F 303 -16.36 23.31 30.89
C PHE F 303 -16.71 24.56 31.69
N ILE F 304 -17.98 24.70 32.05
CA ILE F 304 -18.53 25.95 32.58
C ILE F 304 -18.73 25.77 34.07
N ASN F 305 -17.83 26.38 34.87
CA ASN F 305 -17.90 26.35 36.33
C ASN F 305 -18.19 27.77 36.81
N GLY F 306 -19.46 28.06 37.05
CA GLY F 306 -19.86 29.30 37.66
C GLY F 306 -20.59 30.31 36.77
N PHE F 307 -21.17 29.87 35.65
CA PHE F 307 -21.90 30.78 34.77
C PHE F 307 -23.16 31.24 35.51
N GLY F 308 -23.14 32.49 35.98
CA GLY F 308 -24.23 33.01 36.78
C GLY F 308 -25.53 33.17 36.02
N PHE F 309 -25.49 33.12 34.70
CA PHE F 309 -26.65 33.31 33.82
C PHE F 309 -27.25 34.71 33.94
N GLY F 310 -26.52 35.66 34.53
CA GLY F 310 -27.06 36.98 34.77
C GLY F 310 -26.75 37.99 33.68
N ASP F 311 -25.56 37.89 33.08
CA ASP F 311 -25.12 38.87 32.10
C ASP F 311 -25.87 38.67 30.78
N TYR F 312 -25.97 39.75 30.00
CA TYR F 312 -26.72 39.74 28.76
C TYR F 312 -25.91 39.15 27.60
N HIS F 313 -24.77 39.77 27.29
CA HIS F 313 -24.02 39.36 26.10
C HIS F 313 -23.58 37.91 26.18
N ILE F 314 -23.23 37.43 27.38
CA ILE F 314 -22.85 36.03 27.51
C ILE F 314 -24.02 35.13 27.14
N ASN F 315 -25.20 35.44 27.67
CA ASN F 315 -26.35 34.56 27.49
C ASN F 315 -27.02 34.74 26.14
N ARG F 316 -26.64 35.76 25.36
CA ARG F 316 -27.15 35.94 24.01
C ARG F 316 -26.16 35.58 22.93
N ILE F 317 -24.87 35.44 23.26
CA ILE F 317 -23.87 35.00 22.29
C ILE F 317 -23.31 33.66 22.74
N ILE F 318 -24.14 32.88 23.43
CA ILE F 318 -23.94 31.45 23.56
C ILE F 318 -24.90 30.69 22.66
N LEU F 319 -26.21 30.80 22.91
CA LEU F 319 -27.19 30.08 22.12
C LEU F 319 -27.21 30.56 20.67
N GLY F 320 -27.09 31.87 20.46
CA GLY F 320 -27.15 32.42 19.12
C GLY F 320 -26.20 31.80 18.12
N ALA F 321 -25.20 31.04 18.60
CA ALA F 321 -24.20 30.44 17.70
C ALA F 321 -23.88 28.99 18.06
N LEU F 322 -24.80 28.27 18.73
CA LEU F 322 -24.60 26.86 19.02
C LEU F 322 -25.09 25.94 17.92
N LEU F 323 -25.50 26.47 16.77
CA LEU F 323 -26.32 25.72 15.83
C LEU F 323 -25.50 24.80 14.92
N ASN F 324 -24.26 24.47 15.29
CA ASN F 324 -23.45 23.50 14.56
C ASN F 324 -23.03 22.38 15.51
N PRO F 325 -23.50 21.14 15.33
CA PRO F 325 -23.27 20.10 16.35
C PRO F 325 -21.88 19.50 16.30
N SER F 326 -20.86 20.35 16.44
CA SER F 326 -19.50 19.91 16.71
C SER F 326 -18.86 20.62 17.89
N PHE F 327 -19.47 21.70 18.38
CA PHE F 327 -19.08 22.34 19.63
C PHE F 327 -19.98 21.83 20.75
N HIS F 328 -19.37 21.39 21.85
CA HIS F 328 -20.07 20.68 22.90
C HIS F 328 -19.92 21.42 24.22
N VAL F 329 -21.02 21.50 24.98
CA VAL F 329 -21.08 22.29 26.20
C VAL F 329 -21.73 21.51 27.33
N VAL F 330 -21.44 21.93 28.56
CA VAL F 330 -22.13 21.46 29.75
C VAL F 330 -21.79 22.40 30.89
N ILE F 331 -22.71 22.55 31.85
CA ILE F 331 -22.56 23.49 32.94
C ILE F 331 -22.72 22.74 34.25
N TYR F 332 -22.09 23.28 35.30
CA TYR F 332 -22.15 22.73 36.64
C TYR F 332 -23.10 23.61 37.45
N TYR F 333 -24.38 23.21 37.50
CA TYR F 333 -25.40 23.99 38.16
C TYR F 333 -25.73 23.35 39.50
N PRO F 334 -25.43 23.98 40.64
CA PRO F 334 -25.61 23.31 41.94
C PRO F 334 -27.02 22.81 42.19
N GLU F 335 -27.99 23.72 42.18
CA GLU F 335 -29.37 23.40 42.57
C GLU F 335 -30.17 23.06 41.32
N LEU F 336 -30.41 21.77 41.12
CA LEU F 336 -31.17 21.33 39.94
C LEU F 336 -32.67 21.31 40.24
N LYS F 337 -33.09 20.52 41.23
CA LYS F 337 -34.52 20.38 41.51
C LYS F 337 -35.11 21.67 42.04
N GLU F 338 -34.40 22.35 42.94
CA GLU F 338 -34.91 23.61 43.49
C GLU F 338 -35.06 24.65 42.38
N ALA F 339 -34.05 24.78 41.51
CA ALA F 339 -34.14 25.74 40.43
C ALA F 339 -35.25 25.38 39.45
N ILE F 340 -35.42 24.09 39.16
CA ILE F 340 -36.50 23.67 38.26
C ILE F 340 -37.85 24.02 38.85
N THR F 341 -38.03 23.75 40.15
CA THR F 341 -39.29 24.10 40.80
C THR F 341 -39.54 25.60 40.78
N LYS F 342 -38.50 26.40 41.05
CA LYS F 342 -38.65 27.84 41.02
C LYS F 342 -39.02 28.34 39.63
N VAL F 343 -38.37 27.79 38.60
CA VAL F 343 -38.64 28.23 37.24
C VAL F 343 -40.04 27.82 36.80
N SER F 344 -40.51 26.66 37.26
CA SER F 344 -41.83 26.19 36.86
C SER F 344 -42.93 27.14 37.29
N LYS F 345 -42.68 28.02 38.26
CA LYS F 345 -43.68 28.94 38.77
C LYS F 345 -43.48 30.37 38.29
N GLY F 346 -42.77 30.55 37.16
CA GLY F 346 -42.64 31.88 36.59
C GLY F 346 -41.26 32.19 36.02
N GLY F 347 -40.22 31.63 36.63
CA GLY F 347 -38.85 31.90 36.22
C GLY F 347 -38.15 32.87 37.15
N GLY F 348 -36.86 33.05 36.90
CA GLY F 348 -36.04 33.93 37.71
C GLY F 348 -35.78 35.26 37.06
N SER F 349 -34.51 35.55 36.80
CA SER F 349 -34.12 36.82 36.20
C SER F 349 -34.44 36.84 34.71
N GLU F 350 -34.03 37.91 34.05
CA GLU F 350 -34.31 38.08 32.63
C GLU F 350 -33.50 37.10 31.78
N ALA F 351 -32.22 36.95 32.10
CA ALA F 351 -31.31 36.16 31.27
C ALA F 351 -31.26 34.69 31.67
N GLU F 352 -31.37 34.38 32.96
CA GLU F 352 -31.23 33.00 33.41
C GLU F 352 -32.29 32.10 32.80
N LYS F 353 -33.40 32.66 32.30
CA LYS F 353 -34.41 31.85 31.64
C LYS F 353 -33.83 31.09 30.45
N ALA F 354 -32.68 31.52 29.93
CA ALA F 354 -32.05 30.78 28.84
C ALA F 354 -31.76 29.34 29.23
N ILE F 355 -31.63 29.06 30.53
CA ILE F 355 -31.42 27.67 30.96
C ILE F 355 -32.57 26.80 30.46
N VAL F 356 -33.80 27.32 30.50
CA VAL F 356 -34.94 26.58 29.99
C VAL F 356 -34.70 26.17 28.55
N THR F 357 -34.11 27.06 27.75
CA THR F 357 -33.77 26.70 26.38
C THR F 357 -32.88 25.46 26.35
N LEU F 358 -31.81 25.44 27.14
CA LEU F 358 -30.99 24.25 27.24
C LEU F 358 -31.70 23.12 27.95
N LYS F 359 -32.71 23.43 28.78
CA LYS F 359 -33.57 22.38 29.30
C LYS F 359 -34.45 21.78 28.22
N ASN F 360 -34.63 22.49 27.10
CA ASN F 360 -35.52 22.05 26.04
C ASN F 360 -34.97 22.29 24.64
N MET F 361 -33.69 22.67 24.51
CA MET F 361 -33.15 22.93 23.17
C MET F 361 -33.13 21.63 22.35
N ALA F 362 -33.12 21.80 21.03
CA ALA F 362 -33.20 20.69 20.10
C ALA F 362 -31.84 20.07 19.80
N PHE F 363 -30.85 20.27 20.67
CA PHE F 363 -29.54 19.65 20.54
C PHE F 363 -29.46 18.47 21.50
N ASN F 364 -29.50 17.25 20.95
CA ASN F 364 -29.28 16.05 21.74
C ASN F 364 -27.78 15.73 21.84
N GLN F 365 -27.02 16.74 22.27
CA GLN F 365 -25.57 16.61 22.43
C GLN F 365 -25.08 17.16 23.76
N VAL F 366 -25.99 17.41 24.71
CA VAL F 366 -25.63 17.93 26.02
C VAL F 366 -26.55 17.32 27.06
N THR F 367 -26.25 17.59 28.33
CA THR F 367 -27.08 17.19 29.45
C THR F 367 -26.60 17.93 30.69
N VAL F 368 -27.56 18.46 31.45
CA VAL F 368 -27.23 19.30 32.59
C VAL F 368 -26.46 18.51 33.64
N VAL F 369 -25.59 19.19 34.38
CA VAL F 369 -24.80 18.61 35.46
C VAL F 369 -25.00 19.44 36.70
N GLY F 370 -25.27 18.77 37.82
CA GLY F 370 -25.45 19.46 39.08
C GLY F 370 -25.15 18.55 40.25
N GLY F 371 -25.73 18.89 41.39
CA GLY F 371 -25.55 18.09 42.60
C GLY F 371 -25.47 18.93 43.86
N GLY F 372 -25.15 20.22 43.72
CA GLY F 372 -25.06 21.12 44.84
C GLY F 372 -23.68 21.78 44.90
N SER F 373 -23.17 21.96 46.12
CA SER F 373 -21.89 22.62 46.33
C SER F 373 -20.70 21.79 45.89
N LYS F 374 -20.92 20.52 45.50
CA LYS F 374 -19.84 19.62 45.15
C LYS F 374 -19.41 19.74 43.69
N ALA F 375 -19.66 20.89 43.06
CA ALA F 375 -19.33 21.10 41.66
C ALA F 375 -18.65 22.45 41.46
N TYR F 376 -17.70 22.78 42.33
CA TYR F 376 -16.95 24.01 42.25
C TYR F 376 -15.56 23.75 41.65
N PHE F 377 -14.70 24.78 41.68
CA PHE F 377 -13.37 24.66 41.11
C PHE F 377 -12.63 23.43 41.62
N ASN F 378 -12.76 23.13 42.91
CA ASN F 378 -12.03 22.00 43.49
C ASN F 378 -12.34 20.71 42.74
N SER F 379 -13.60 20.28 42.75
CA SER F 379 -13.97 19.06 42.05
C SER F 379 -13.80 19.21 40.55
N PHE F 380 -14.06 20.41 40.02
CA PHE F 380 -13.96 20.63 38.57
C PHE F 380 -12.56 20.29 38.07
N VAL F 381 -11.53 20.73 38.80
CA VAL F 381 -10.16 20.41 38.41
C VAL F 381 -9.68 19.07 38.97
N GLU F 382 -10.39 18.51 39.96
CA GLU F 382 -9.98 17.23 40.51
C GLU F 382 -10.54 16.07 39.70
N HIS F 383 -11.76 16.21 39.17
CA HIS F 383 -12.41 15.14 38.45
C HIS F 383 -11.78 14.87 37.09
N LEU F 384 -10.91 15.75 36.61
CA LEU F 384 -10.24 15.51 35.33
C LEU F 384 -9.14 14.47 35.50
N PRO F 385 -8.79 13.76 34.43
CA PRO F 385 -7.71 12.78 34.51
C PRO F 385 -6.37 13.39 34.11
N TYR F 386 -5.32 12.58 34.27
CA TYR F 386 -3.98 12.96 33.85
C TYR F 386 -3.58 12.19 32.60
N PRO F 387 -2.70 12.75 31.77
CA PRO F 387 -2.35 12.08 30.51
C PRO F 387 -1.72 10.72 30.77
N VAL F 388 -2.02 9.77 29.88
CA VAL F 388 -1.52 8.40 29.99
C VAL F 388 -0.54 8.16 28.85
N LEU F 389 0.61 7.59 29.17
CA LEU F 389 1.68 7.35 28.21
C LEU F 389 1.84 5.85 27.95
N PHE F 390 2.22 5.53 26.71
CA PHE F 390 2.50 4.16 26.31
C PHE F 390 1.25 3.30 26.46
N PRO F 391 0.21 3.53 25.66
CA PRO F 391 -0.97 2.66 25.71
C PRO F 391 -0.62 1.23 25.31
N ARG F 392 -1.32 0.29 25.93
CA ARG F 392 -1.08 -1.14 25.72
C ARG F 392 -2.42 -1.82 25.47
N ASP F 393 -2.40 -2.87 24.63
CA ASP F 393 -3.64 -3.43 24.13
C ASP F 393 -4.54 -3.92 25.25
N ASN F 394 -3.98 -4.63 26.22
CA ASN F 394 -4.65 -5.13 27.42
C ASN F 394 -5.42 -6.42 27.15
N SER G 2 43.78 57.52 9.34
CA SER G 2 42.47 57.05 9.77
C SER G 2 42.54 55.60 10.23
N ILE G 3 42.71 54.68 9.28
CA ILE G 3 42.80 53.25 9.55
C ILE G 3 44.15 52.77 9.07
N TYR G 4 44.92 52.14 9.96
CA TYR G 4 46.25 51.64 9.67
C TYR G 4 46.27 50.13 9.89
N GLN G 5 46.95 49.41 8.99
CA GLN G 5 47.09 47.95 9.09
C GLN G 5 48.51 47.60 8.65
N GLY G 6 49.42 47.53 9.63
CA GLY G 6 50.79 47.19 9.33
C GLY G 6 51.46 48.14 8.37
N GLY G 7 51.16 49.43 8.47
CA GLY G 7 51.73 50.43 7.59
C GLY G 7 51.05 50.56 6.25
N ASN G 8 50.03 49.75 5.97
CA ASN G 8 49.30 49.81 4.71
C ASN G 8 48.00 50.57 4.89
N LYS G 9 47.31 50.82 3.79
CA LYS G 9 46.06 51.56 3.79
C LYS G 9 45.03 50.83 2.93
N LEU G 10 43.77 50.94 3.32
CA LEU G 10 42.66 50.35 2.58
C LEU G 10 41.53 51.37 2.48
N ASN G 11 40.77 51.27 1.40
CA ASN G 11 39.67 52.19 1.18
C ASN G 11 38.49 51.86 2.10
N GLU G 12 37.61 52.85 2.28
CA GLU G 12 36.49 52.68 3.18
C GLU G 12 35.53 51.60 2.69
N ASP G 13 35.32 51.52 1.39
CA ASP G 13 34.33 50.58 0.85
C ASP G 13 34.68 49.14 1.18
N ASP G 14 35.94 48.76 1.02
CA ASP G 14 36.33 47.38 1.27
C ASP G 14 36.12 47.00 2.74
N PHE G 15 36.56 47.86 3.65
CA PHE G 15 36.38 47.56 5.07
C PHE G 15 34.91 47.54 5.44
N ARG G 16 34.12 48.46 4.89
CA ARG G 16 32.68 48.47 5.17
C ARG G 16 32.03 47.17 4.70
N SER G 17 32.39 46.70 3.50
CA SER G 17 31.84 45.45 3.01
C SER G 17 32.27 44.29 3.88
N HIS G 18 33.54 44.27 4.31
CA HIS G 18 34.03 43.19 5.16
C HIS G 18 33.28 43.14 6.47
N VAL G 19 33.09 44.30 7.12
CA VAL G 19 32.41 44.31 8.41
C VAL G 19 30.94 43.96 8.23
N TYR G 20 30.32 44.41 7.12
CA TYR G 20 28.93 44.04 6.87
C TYR G 20 28.79 42.54 6.70
N SER G 21 29.70 41.92 5.92
CA SER G 21 29.65 40.48 5.74
C SER G 21 29.86 39.75 7.05
N LEU G 22 30.79 40.23 7.88
CA LEU G 22 31.01 39.61 9.18
C LEU G 22 29.77 39.72 10.05
N CYS G 23 29.08 40.86 10.00
CA CYS G 23 27.84 41.02 10.77
C CYS G 23 26.77 40.07 10.28
N GLN G 24 26.68 39.87 8.95
CA GLN G 24 25.70 38.95 8.41
C GLN G 24 26.04 37.49 8.66
N LEU G 25 27.25 37.19 9.15
CA LEU G 25 27.62 35.81 9.40
C LEU G 25 26.75 35.20 10.49
N ASP G 26 26.66 33.87 10.47
CA ASP G 26 25.81 33.15 11.42
C ASP G 26 26.15 33.53 12.86
N ASN G 27 27.40 33.30 13.27
CA ASN G 27 27.84 33.53 14.64
C ASN G 27 28.87 34.65 14.63
N VAL G 28 28.41 35.87 14.85
CA VAL G 28 29.27 37.05 14.97
C VAL G 28 28.85 37.81 16.21
N GLY G 29 29.83 38.22 17.01
CA GLY G 29 29.56 38.87 18.27
C GLY G 29 30.30 40.18 18.40
N VAL G 30 29.68 41.12 19.09
CA VAL G 30 30.24 42.45 19.36
C VAL G 30 30.30 42.64 20.87
N LEU G 31 31.49 42.95 21.38
CA LEU G 31 31.70 43.16 22.80
C LEU G 31 31.90 44.65 23.07
N LEU G 32 31.15 45.17 24.04
CA LEU G 32 31.22 46.58 24.40
C LEU G 32 31.45 46.72 25.91
N GLY G 33 31.36 47.94 26.42
CA GLY G 33 31.55 48.17 27.83
C GLY G 33 30.87 49.44 28.28
N ALA G 34 31.25 49.90 29.47
CA ALA G 34 30.68 51.13 30.00
C ALA G 34 30.95 52.31 29.08
N GLY G 35 32.05 52.26 28.33
CA GLY G 35 32.38 53.35 27.42
C GLY G 35 31.30 53.61 26.37
N ALA G 36 30.48 52.60 26.08
CA ALA G 36 29.37 52.81 25.15
C ALA G 36 28.40 53.87 25.63
N SER G 37 28.36 54.13 26.94
CA SER G 37 27.51 55.17 27.50
C SER G 37 28.19 56.53 27.58
N VAL G 38 29.42 56.64 27.07
CA VAL G 38 30.15 57.91 27.16
C VAL G 38 29.36 59.01 26.48
N GLY G 39 28.73 58.71 25.35
CA GLY G 39 27.93 59.70 24.64
C GLY G 39 26.58 59.97 25.26
N CYS G 40 26.19 59.20 26.27
CA CYS G 40 24.91 59.40 26.95
C CYS G 40 25.08 59.95 28.36
N GLY G 41 26.27 60.47 28.68
CA GLY G 41 26.53 61.02 29.99
C GLY G 41 27.12 60.02 30.95
N GLY G 42 28.10 59.26 30.49
CA GLY G 42 28.74 58.25 31.31
C GLY G 42 29.83 58.83 32.20
N LYS G 43 30.49 57.93 32.93
CA LYS G 43 31.56 58.28 33.84
C LYS G 43 32.67 57.24 33.74
N THR G 44 33.74 57.44 34.50
CA THR G 44 34.89 56.55 34.49
C THR G 44 35.17 56.05 35.90
N MET G 45 35.96 54.98 35.97
CA MET G 45 36.32 54.41 37.27
C MET G 45 37.04 55.44 38.14
N LYS G 46 37.76 56.37 37.51
CA LYS G 46 38.43 57.42 38.27
C LYS G 46 37.42 58.23 39.07
N ASP G 47 36.25 58.51 38.48
CA ASP G 47 35.25 59.30 39.18
C ASP G 47 34.77 58.60 40.44
N VAL G 48 34.43 57.31 40.33
CA VAL G 48 33.92 56.59 41.49
C VAL G 48 35.01 56.42 42.54
N TRP G 49 36.25 56.17 42.12
CA TRP G 49 37.32 56.02 43.10
C TRP G 49 37.60 57.33 43.82
N LYS G 50 37.59 58.45 43.10
CA LYS G 50 37.76 59.74 43.74
C LYS G 50 36.61 60.03 44.69
N SER G 51 35.38 59.68 44.29
CA SER G 51 34.24 59.83 45.20
C SER G 51 34.46 59.02 46.47
N PHE G 52 34.96 57.79 46.33
CA PHE G 52 35.27 56.98 47.51
C PHE G 52 36.28 57.70 48.40
N LYS G 53 37.39 58.15 47.83
CA LYS G 53 38.48 58.70 48.64
C LYS G 53 38.15 60.07 49.20
N GLN G 54 37.13 60.76 48.66
CA GLN G 54 36.74 62.06 49.19
C GLN G 54 35.54 61.99 50.12
N ASN G 55 34.71 60.94 50.04
CA ASN G 55 33.53 60.86 50.89
C ASN G 55 33.87 60.37 52.29
N TYR G 56 34.76 59.38 52.40
CA TYR G 56 35.19 58.85 53.69
C TYR G 56 36.71 58.81 53.73
N PRO G 57 37.37 59.97 53.64
CA PRO G 57 38.83 59.98 53.68
C PRO G 57 39.40 59.60 55.03
N GLU G 58 38.65 59.80 56.11
CA GLU G 58 39.19 59.53 57.44
C GLU G 58 39.63 58.09 57.59
N LEU G 59 38.96 57.15 56.92
CA LEU G 59 39.29 55.74 56.99
C LEU G 59 40.13 55.28 55.80
N LEU G 60 40.65 56.21 55.00
CA LEU G 60 41.50 55.82 53.88
C LEU G 60 42.66 54.96 54.36
N GLY G 61 43.37 55.42 55.40
CA GLY G 61 44.47 54.64 55.93
C GLY G 61 44.05 53.25 56.36
N ALA G 62 42.79 53.08 56.75
CA ALA G 62 42.33 51.75 57.15
C ALA G 62 42.59 50.74 56.04
N LEU G 63 42.44 51.16 54.79
CA LEU G 63 42.70 50.24 53.67
C LEU G 63 44.19 49.98 53.51
N ILE G 64 45.02 51.00 53.71
CA ILE G 64 46.45 50.86 53.51
C ILE G 64 47.17 50.48 54.79
N ASP G 65 46.89 51.20 55.88
CA ASP G 65 47.59 50.95 57.13
C ASP G 65 47.00 49.76 57.89
N LYS G 66 45.72 49.84 58.25
CA LYS G 66 45.12 48.84 59.12
C LYS G 66 44.75 47.56 58.36
N TYR G 67 44.60 47.61 57.04
CA TYR G 67 44.14 46.45 56.29
C TYR G 67 44.97 46.13 55.05
N LEU G 68 45.72 47.09 54.49
CA LEU G 68 46.63 46.83 53.38
C LEU G 68 45.87 46.28 52.16
N LEU G 69 45.00 47.13 51.62
CA LEU G 69 44.13 46.76 50.51
C LEU G 69 44.41 47.50 49.22
N VAL G 70 45.13 48.62 49.27
CA VAL G 70 45.25 49.52 48.12
C VAL G 70 46.71 49.60 47.73
N SER G 71 46.97 49.44 46.43
CA SER G 71 48.27 49.77 45.86
C SER G 71 48.41 51.28 45.82
N GLN G 72 49.27 51.83 46.69
CA GLN G 72 49.33 53.28 46.85
C GLN G 72 49.64 53.98 45.53
N ILE G 73 50.57 53.42 44.75
CA ILE G 73 50.92 54.04 43.48
C ILE G 73 49.72 54.07 42.55
N ASP G 74 49.01 52.94 42.46
CA ASP G 74 47.83 52.88 41.60
C ASP G 74 46.74 53.84 42.05
N SER G 75 46.50 53.91 43.37
CA SER G 75 45.49 54.82 43.88
C SER G 75 45.86 56.27 43.59
N ASP G 76 47.14 56.62 43.77
CA ASP G 76 47.58 57.98 43.43
C ASP G 76 47.38 58.26 41.96
N ASN G 77 47.70 57.29 41.09
CA ASN G 77 47.43 57.42 39.67
C ASN G 77 45.97 57.15 39.32
N ASN G 78 45.18 56.63 40.26
CA ASN G 78 43.76 56.36 40.04
C ASN G 78 43.58 55.40 38.86
N LEU G 79 44.16 54.22 38.99
CA LEU G 79 44.13 53.19 37.95
C LEU G 79 43.71 51.86 38.54
N VAL G 80 42.65 51.87 39.34
CA VAL G 80 42.10 50.67 39.95
C VAL G 80 40.61 50.61 39.65
N ASN G 81 40.06 49.40 39.73
CA ASN G 81 38.65 49.16 39.48
C ASN G 81 37.92 48.97 40.80
N VAL G 82 36.89 49.78 41.03
CA VAL G 82 36.22 49.81 42.34
C VAL G 82 35.52 48.50 42.67
N GLU G 83 35.22 47.68 41.66
CA GLU G 83 34.57 46.40 41.94
C GLU G 83 35.45 45.51 42.82
N LEU G 84 36.75 45.51 42.57
CA LEU G 84 37.66 44.70 43.38
C LEU G 84 37.60 45.11 44.84
N LEU G 85 37.71 46.41 45.11
CA LEU G 85 37.68 46.88 46.49
C LEU G 85 36.31 46.71 47.11
N ILE G 86 35.25 46.76 46.31
CA ILE G 86 33.90 46.48 46.82
C ILE G 86 33.82 45.04 47.31
N ASP G 87 34.31 44.11 46.50
CA ASP G 87 34.35 42.71 46.93
C ASP G 87 35.21 42.55 48.17
N GLU G 88 36.34 43.28 48.23
CA GLU G 88 37.20 43.22 49.41
C GLU G 88 36.45 43.68 50.66
N ALA G 89 35.70 44.78 50.55
CA ALA G 89 34.94 45.28 51.68
C ALA G 89 33.87 44.29 52.11
N THR G 90 33.21 43.64 51.15
CA THR G 90 32.25 42.60 51.51
C THR G 90 32.92 41.46 52.27
N LYS G 91 34.09 41.03 51.79
CA LYS G 91 34.80 39.94 52.46
C LYS G 91 35.22 40.36 53.86
N PHE G 92 35.58 41.62 54.05
CA PHE G 92 35.99 42.08 55.38
C PHE G 92 34.80 42.25 56.32
N LEU G 93 33.63 42.60 55.78
CA LEU G 93 32.43 42.55 56.61
C LEU G 93 32.15 41.12 57.04
N SER G 94 32.35 40.16 56.15
CA SER G 94 32.27 38.76 56.54
C SER G 94 33.27 38.43 57.65
N VAL G 95 34.50 38.94 57.51
CA VAL G 95 35.52 38.73 58.52
C VAL G 95 35.04 39.24 59.88
N ALA G 96 34.53 40.47 59.90
CA ALA G 96 34.07 41.07 61.15
C ALA G 96 32.90 40.28 61.74
N LYS G 97 31.96 39.86 60.89
CA LYS G 97 30.82 39.10 61.37
C LYS G 97 31.25 37.76 61.97
N THR G 98 32.28 37.14 61.40
CA THR G 98 32.67 35.80 61.83
C THR G 98 33.59 35.81 63.04
N ARG G 99 34.57 36.72 63.08
CA ARG G 99 35.55 36.73 64.16
C ARG G 99 35.09 37.51 65.39
N ARG G 100 33.88 38.07 65.37
CA ARG G 100 33.32 38.76 66.54
C ARG G 100 34.26 39.86 67.03
N CYS G 101 34.88 40.59 66.11
CA CYS G 101 35.72 41.73 66.45
C CYS G 101 34.80 42.92 66.63
N GLU G 102 34.33 43.11 67.86
CA GLU G 102 33.22 44.04 68.12
C GLU G 102 33.55 45.45 67.64
N ASP G 103 34.71 45.97 68.04
CA ASP G 103 35.04 47.35 67.69
C ASP G 103 35.19 47.53 66.19
N GLU G 104 35.69 46.51 65.49
CA GLU G 104 35.90 46.60 64.05
C GLU G 104 34.61 46.65 63.25
N GLU G 105 33.45 46.41 63.88
CA GLU G 105 32.21 46.34 63.13
C GLU G 105 31.94 47.62 62.35
N GLU G 106 32.19 48.78 62.98
CA GLU G 106 31.77 50.05 62.41
C GLU G 106 32.83 50.69 61.53
N GLU G 107 33.94 50.02 61.27
CA GLU G 107 34.90 50.51 60.29
C GLU G 107 34.56 50.09 58.87
N PHE G 108 33.60 49.18 58.69
CA PHE G 108 33.30 48.63 57.36
C PHE G 108 31.86 48.83 56.93
N ARG G 109 30.90 48.74 57.85
CA ARG G 109 29.51 49.03 57.48
C ARG G 109 29.41 50.39 56.81
N LYS G 110 30.05 51.40 57.40
CA LYS G 110 30.11 52.71 56.76
C LYS G 110 30.85 52.63 55.43
N ILE G 111 31.93 51.84 55.38
CA ILE G 111 32.67 51.70 54.13
C ILE G 111 31.80 51.07 53.04
N LEU G 112 31.02 50.05 53.40
CA LEU G 112 30.18 49.40 52.41
C LEU G 112 29.03 50.30 51.97
N SER G 113 28.50 51.11 52.88
CA SER G 113 27.52 52.12 52.47
C SER G 113 28.16 53.12 51.52
N SER G 114 29.39 53.54 51.81
CA SER G 114 30.10 54.45 50.93
C SER G 114 30.29 53.84 49.55
N LEU G 115 30.65 52.56 49.50
CA LEU G 115 30.82 51.89 48.21
C LEU G 115 29.50 51.79 47.46
N TYR G 116 28.41 51.47 48.17
CA TYR G 116 27.09 51.54 47.56
C TYR G 116 26.87 52.89 46.88
N LYS G 117 27.12 53.96 47.63
CA LYS G 117 26.85 55.30 47.10
C LYS G 117 27.77 55.64 45.93
N GLU G 118 29.03 55.24 46.02
CA GLU G 118 29.97 55.51 44.94
C GLU G 118 29.57 54.80 43.66
N VAL G 119 29.18 53.53 43.77
CA VAL G 119 28.71 52.80 42.59
C VAL G 119 27.44 53.42 42.05
N THR G 120 26.55 53.87 42.93
CA THR G 120 25.31 54.50 42.49
C THR G 120 25.61 55.79 41.72
N LYS G 121 26.58 56.58 42.19
CA LYS G 121 26.85 57.88 41.59
C LYS G 121 27.15 57.76 40.10
N ALA G 122 27.79 56.66 39.69
CA ALA G 122 28.17 56.45 38.29
C ALA G 122 27.21 55.50 37.59
N ALA G 123 26.02 55.29 38.13
CA ALA G 123 25.05 54.35 37.57
C ALA G 123 23.70 54.97 37.31
N LEU G 124 23.26 55.93 38.14
CA LEU G 124 21.91 56.46 38.00
C LEU G 124 21.71 57.12 36.64
N LEU G 125 22.58 58.05 36.28
CA LEU G 125 22.51 58.87 35.08
C LEU G 125 21.33 59.84 35.10
N THR G 126 20.44 59.74 36.09
CA THR G 126 19.32 60.67 36.21
C THR G 126 19.04 61.10 37.64
N GLY G 127 19.84 60.66 38.61
CA GLY G 127 19.64 61.10 39.98
C GLY G 127 18.34 60.56 40.55
N GLU G 128 17.58 61.45 41.18
CA GLU G 128 16.37 61.08 41.92
C GLU G 128 15.38 60.32 41.06
N GLN G 129 15.56 60.33 39.75
CA GLN G 129 14.69 59.60 38.84
C GLN G 129 15.02 58.11 38.78
N PHE G 130 15.80 57.59 39.72
CA PHE G 130 16.14 56.17 39.69
C PHE G 130 14.90 55.29 39.81
N ARG G 131 13.84 55.80 40.46
CA ARG G 131 12.60 55.03 40.61
C ARG G 131 11.61 55.29 39.49
N GLU G 132 11.71 56.43 38.80
CA GLU G 132 10.67 56.85 37.88
C GLU G 132 10.65 55.97 36.62
N LYS G 133 9.52 55.99 35.94
CA LYS G 133 9.31 55.26 34.71
C LYS G 133 9.55 56.17 33.50
N ASN G 134 9.59 55.56 32.32
CA ASN G 134 9.66 56.29 31.06
C ASN G 134 10.80 57.30 31.05
N GLN G 135 11.97 56.84 31.50
CA GLN G 135 13.15 57.71 31.51
C GLN G 135 13.71 57.92 30.10
N GLY G 136 13.38 57.04 29.16
CA GLY G 136 13.86 57.12 27.79
C GLY G 136 13.02 57.98 26.87
N LYS G 137 11.99 58.66 27.39
CA LYS G 137 11.15 59.51 26.55
C LYS G 137 11.89 60.72 26.00
N LYS G 138 13.06 61.04 26.53
CA LYS G 138 13.82 62.19 26.05
C LYS G 138 14.27 61.97 24.62
N ASP G 139 14.45 63.08 23.89
CA ASP G 139 14.83 63.00 22.49
C ASP G 139 16.19 62.33 22.29
N ALA G 140 17.01 62.27 23.34
CA ALA G 140 18.34 61.66 23.19
C ALA G 140 18.24 60.19 22.82
N PHE G 141 17.30 59.46 23.44
CA PHE G 141 17.14 58.03 23.20
C PHE G 141 16.06 57.84 22.14
N LYS G 142 16.45 58.02 20.88
CA LYS G 142 15.56 57.85 19.75
C LYS G 142 16.12 56.90 18.69
N TYR G 143 17.43 56.94 18.47
CA TYR G 143 18.06 56.08 17.45
C TYR G 143 18.16 54.62 17.88
N HIS G 144 17.95 54.33 19.17
CA HIS G 144 18.02 52.94 19.62
C HIS G 144 16.95 52.09 18.95
N LYS G 145 15.75 52.67 18.74
CA LYS G 145 14.69 51.94 18.06
C LYS G 145 15.14 51.48 16.68
N GLU G 146 15.66 52.41 15.87
CA GLU G 146 16.11 52.07 14.52
C GLU G 146 17.30 51.11 14.57
N LEU G 147 18.21 51.31 15.50
CA LEU G 147 19.36 50.41 15.61
C LEU G 147 18.92 48.98 15.86
N ILE G 148 18.02 48.78 16.84
CA ILE G 148 17.54 47.44 17.15
C ILE G 148 16.76 46.87 15.97
N SER G 149 15.94 47.70 15.33
CA SER G 149 15.14 47.22 14.20
C SER G 149 16.05 46.73 13.07
N LYS G 150 17.07 47.51 12.71
CA LYS G 150 17.97 47.09 11.64
C LYS G 150 18.79 45.88 12.05
N LEU G 151 19.23 45.82 13.31
CA LEU G 151 20.00 44.66 13.77
C LEU G 151 19.18 43.38 13.65
N ILE G 152 17.90 43.44 14.04
CA ILE G 152 17.05 42.25 13.94
C ILE G 152 16.75 41.93 12.48
N SER G 153 16.48 42.95 11.67
CA SER G 153 16.11 42.72 10.28
C SER G 153 17.28 42.27 9.41
N ASN G 154 18.51 42.46 9.88
CA ASN G 154 19.66 42.05 9.08
C ASN G 154 19.64 40.54 8.83
N ARG G 155 19.31 39.75 9.85
CA ARG G 155 19.26 38.31 9.71
C ARG G 155 17.92 37.88 9.15
N GLN G 156 17.96 36.94 8.20
CA GLN G 156 16.73 36.39 7.63
C GLN G 156 16.06 35.46 8.62
N PRO G 157 14.78 35.16 8.42
CA PRO G 157 14.09 34.24 9.35
C PRO G 157 14.77 32.88 9.40
N GLY G 158 14.79 32.29 10.59
CA GLY G 158 15.38 30.98 10.78
C GLY G 158 16.89 30.97 10.76
N GLN G 159 17.53 32.10 11.06
CA GLN G 159 18.98 32.21 11.04
C GLN G 159 19.50 32.46 12.46
N SER G 160 20.58 31.76 12.84
CA SER G 160 21.20 31.97 14.13
C SER G 160 21.64 33.42 14.26
N ALA G 161 21.03 34.15 15.19
CA ALA G 161 21.25 35.58 15.29
C ALA G 161 22.63 35.89 15.85
N PRO G 162 23.16 37.10 15.60
CA PRO G 162 24.44 37.49 16.19
C PRO G 162 24.32 37.72 17.68
N ALA G 163 25.41 38.16 18.33
CA ALA G 163 25.44 38.35 19.77
C ALA G 163 26.01 39.71 20.12
N ILE G 164 25.45 40.32 21.17
CA ILE G 164 25.95 41.57 21.73
C ILE G 164 26.24 41.34 23.20
N PHE G 165 27.49 41.51 23.59
CA PHE G 165 27.95 41.33 24.95
C PHE G 165 28.36 42.68 25.53
N THR G 166 28.06 42.90 26.80
CA THR G 166 28.49 44.12 27.48
C THR G 166 28.79 43.79 28.92
N THR G 167 29.85 44.39 29.45
CA THR G 167 30.29 44.18 30.83
C THR G 167 29.82 45.29 31.76
N ASN G 168 28.68 45.92 31.45
CA ASN G 168 28.15 47.03 32.24
C ASN G 168 26.87 46.60 32.94
N TYR G 169 26.81 46.81 34.25
CA TYR G 169 25.59 46.58 35.00
C TYR G 169 24.56 47.69 34.80
N ASP G 170 24.99 48.86 34.32
CA ASP G 170 24.07 49.96 34.12
C ASP G 170 22.93 49.56 33.17
N LEU G 171 21.71 49.90 33.57
CA LEU G 171 20.51 49.56 32.80
C LEU G 171 20.15 50.71 31.84
N ALA G 172 21.09 50.98 30.93
CA ALA G 172 20.81 51.90 29.84
C ALA G 172 19.98 51.23 28.75
N LEU G 173 20.28 49.98 28.41
CA LEU G 173 19.53 49.28 27.37
C LEU G 173 18.18 48.79 27.86
N GLU G 174 18.05 48.47 29.15
CA GLU G 174 16.79 47.99 29.67
C GLU G 174 15.69 49.05 29.54
N TRP G 175 16.02 50.31 29.82
CA TRP G 175 15.03 51.37 29.71
C TRP G 175 14.52 51.48 28.27
N ALA G 176 15.42 51.50 27.29
CA ALA G 176 15.01 51.58 25.91
C ALA G 176 14.20 50.36 25.49
N ALA G 177 14.63 49.16 25.91
CA ALA G 177 13.91 47.95 25.56
C ALA G 177 12.49 47.99 26.12
N GLU G 178 12.34 48.41 27.37
CA GLU G 178 11.00 48.52 27.96
C GLU G 178 10.16 49.55 27.21
N ASP G 179 10.77 50.69 26.86
CA ASP G 179 10.03 51.69 26.09
C ASP G 179 9.59 51.15 24.75
N LEU G 180 10.38 50.26 24.14
CA LEU G 180 9.96 49.63 22.89
C LEU G 180 8.72 48.78 23.10
N GLY G 181 8.65 48.03 24.20
CA GLY G 181 7.56 47.12 24.42
C GLY G 181 7.80 45.76 23.79
N ILE G 182 8.97 45.18 24.07
CA ILE G 182 9.36 43.89 23.51
C ILE G 182 9.74 42.95 24.64
N GLN G 183 9.69 41.66 24.35
CA GLN G 183 9.97 40.62 25.34
C GLN G 183 11.36 40.03 25.08
N LEU G 184 12.16 39.95 26.15
CA LEU G 184 13.46 39.28 26.12
C LEU G 184 13.41 38.10 27.07
N PHE G 185 13.83 36.93 26.56
CA PHE G 185 13.83 35.70 27.36
C PHE G 185 15.11 35.59 28.19
N ASN G 186 15.41 36.65 28.95
CA ASN G 186 16.66 36.70 29.70
C ASN G 186 16.69 35.65 30.81
N GLY G 187 15.57 35.45 31.50
CA GLY G 187 15.53 34.53 32.62
C GLY G 187 14.69 35.06 33.77
N PHE G 188 14.68 36.37 33.98
CA PHE G 188 13.76 36.98 34.94
C PHE G 188 12.43 37.17 34.22
N SER G 189 11.45 36.35 34.57
CA SER G 189 10.15 36.36 33.89
C SER G 189 9.04 36.64 34.88
N GLY G 190 7.94 37.21 34.38
CA GLY G 190 6.82 37.59 35.21
C GLY G 190 6.99 38.98 35.80
N LEU G 191 6.01 39.36 36.62
CA LEU G 191 6.21 40.51 37.52
C LEU G 191 5.63 40.31 38.91
N HIS G 192 4.74 39.35 39.13
CA HIS G 192 4.13 39.20 40.44
C HIS G 192 4.97 38.32 41.36
N THR G 193 5.74 37.40 40.78
CA THR G 193 6.85 36.74 41.48
C THR G 193 7.88 36.36 40.41
N ARG G 194 8.83 37.26 40.17
CA ARG G 194 9.84 37.03 39.15
C ARG G 194 10.95 36.14 39.67
N GLN G 195 11.44 35.25 38.82
CA GLN G 195 12.52 34.34 39.16
C GLN G 195 13.39 34.12 37.95
N PHE G 196 14.61 33.62 38.20
CA PHE G 196 15.57 33.33 37.14
C PHE G 196 15.43 31.87 36.72
N TYR G 197 15.23 31.65 35.42
CA TYR G 197 15.19 30.28 34.92
C TYR G 197 16.20 30.11 33.80
N PRO G 198 17.11 29.13 33.90
CA PRO G 198 18.31 29.15 33.03
C PRO G 198 18.02 29.01 31.55
N GLN G 199 17.11 28.10 31.19
CA GLN G 199 16.93 27.67 29.81
C GLN G 199 16.10 28.64 28.96
N ASN G 200 15.72 29.80 29.50
CA ASN G 200 14.93 30.73 28.72
C ASN G 200 15.64 31.16 27.44
N PHE G 201 16.98 31.11 27.43
CA PHE G 201 17.73 31.46 26.24
C PHE G 201 17.47 30.51 25.09
N ASP G 202 16.99 29.30 25.36
CA ASP G 202 16.80 28.28 24.33
C ASP G 202 15.41 28.31 23.72
N LEU G 203 14.56 29.24 24.11
CA LEU G 203 13.21 29.34 23.58
C LEU G 203 13.02 30.70 22.92
N ALA G 204 12.23 30.72 21.84
CA ALA G 204 11.99 31.94 21.08
C ALA G 204 10.59 31.89 20.49
N PHE G 205 10.08 33.07 20.17
CA PHE G 205 8.76 33.22 19.57
C PHE G 205 8.91 33.69 18.12
N ARG G 206 8.26 33.00 17.20
CA ARG G 206 8.30 33.31 15.78
C ARG G 206 6.93 33.79 15.31
N ASN G 207 6.83 34.04 14.02
CA ASN G 207 5.61 34.56 13.41
C ASN G 207 4.92 33.45 12.63
N VAL G 208 3.60 33.33 12.83
CA VAL G 208 2.83 32.32 12.11
C VAL G 208 2.87 32.59 10.61
N ASN G 209 2.72 33.85 10.22
CA ASN G 209 2.75 34.23 8.81
C ASN G 209 3.69 35.41 8.59
N HIS G 218 7.82 39.98 19.05
CA HIS G 218 8.07 40.03 17.61
C HIS G 218 9.23 39.13 17.23
N TYR G 219 10.44 39.53 17.63
CA TYR G 219 11.65 38.78 17.31
C TYR G 219 12.52 38.63 18.54
N HIS G 220 13.74 38.11 18.37
CA HIS G 220 14.63 37.84 19.48
C HIS G 220 16.06 38.05 19.04
N ALA G 221 16.94 38.26 20.03
CA ALA G 221 18.36 38.46 19.76
C ALA G 221 19.15 38.07 21.00
N TYR G 222 20.45 37.88 20.82
CA TYR G 222 21.34 37.47 21.89
C TYR G 222 21.98 38.72 22.50
N LEU G 223 21.62 39.01 23.75
CA LEU G 223 22.17 40.14 24.48
C LEU G 223 22.59 39.69 25.87
N TYR G 224 23.83 39.98 26.24
CA TYR G 224 24.40 39.57 27.51
C TYR G 224 24.90 40.78 28.27
N LYS G 225 24.56 40.86 29.56
CA LYS G 225 25.13 41.83 30.49
C LYS G 225 26.07 41.05 31.39
N LEU G 226 27.36 41.05 31.03
CA LEU G 226 28.32 40.11 31.58
C LEU G 226 28.60 40.32 33.07
N HIS G 227 28.19 41.44 33.66
CA HIS G 227 28.45 41.71 35.07
C HIS G 227 27.16 42.03 35.79
N GLY G 228 26.11 41.23 35.56
CA GLY G 228 24.87 41.39 36.28
C GLY G 228 24.07 42.60 35.85
N SER G 229 23.53 43.33 36.81
CA SER G 229 22.67 44.46 36.51
C SER G 229 22.49 45.34 37.74
N LEU G 230 22.05 46.57 37.49
CA LEU G 230 21.77 47.49 38.60
C LEU G 230 20.65 46.96 39.48
N THR G 231 19.56 46.52 38.87
CA THR G 231 18.35 46.15 39.59
C THR G 231 18.28 44.67 39.94
N TRP G 232 19.26 43.87 39.53
CA TRP G 232 19.21 42.44 39.81
C TRP G 232 19.50 42.25 41.30
N TYR G 233 18.43 42.13 42.10
CA TYR G 233 18.55 41.96 43.54
C TYR G 233 17.60 40.90 44.03
N GLN G 234 17.93 40.33 45.18
CA GLN G 234 17.17 39.24 45.77
C GLN G 234 16.02 39.77 46.60
N ASN G 235 15.36 38.88 47.33
CA ASN G 235 14.52 39.21 48.48
C ASN G 235 15.18 38.61 49.71
N ASP G 236 14.68 39.03 50.88
CA ASP G 236 15.31 38.60 52.13
C ASP G 236 15.46 37.09 52.19
N SER G 237 14.46 36.35 51.71
CA SER G 237 14.56 34.91 51.65
C SER G 237 15.61 34.50 50.61
N LEU G 238 16.30 33.39 50.86
CA LEU G 238 17.37 32.92 49.98
C LEU G 238 16.77 32.19 48.78
N THR G 239 15.92 32.91 48.05
CA THR G 239 15.33 32.41 46.82
C THR G 239 15.12 33.63 45.92
N VAL G 240 15.92 33.72 44.85
CA VAL G 240 15.98 34.96 44.07
C VAL G 240 14.56 35.38 43.67
N ASN G 241 14.17 36.58 44.09
CA ASN G 241 12.90 37.17 43.75
C ASN G 241 13.15 38.51 43.07
N GLU G 242 12.06 39.12 42.57
CA GLU G 242 12.17 40.40 41.90
C GLU G 242 10.77 40.95 41.69
N VAL G 243 10.60 42.24 41.96
CA VAL G 243 9.29 42.91 41.87
C VAL G 243 9.46 44.25 41.17
N SER G 244 8.37 44.99 41.08
CA SER G 244 8.35 46.26 40.37
C SER G 244 9.14 47.31 41.13
N ALA G 245 9.58 48.33 40.39
CA ALA G 245 10.43 49.37 40.97
C ALA G 245 9.73 50.14 42.07
N SER G 246 8.45 50.48 41.86
CA SER G 246 7.75 51.32 42.83
C SER G 246 7.64 50.61 44.18
N GLN G 247 7.30 49.32 44.18
CA GLN G 247 7.22 48.58 45.44
C GLN G 247 8.58 48.52 46.13
N ALA G 248 9.64 48.31 45.36
CA ALA G 248 10.98 48.26 45.95
C ALA G 248 11.33 49.59 46.60
N TYR G 249 11.07 50.69 45.90
CA TYR G 249 11.29 52.01 46.51
C TYR G 249 10.41 52.21 47.73
N ASP G 250 9.22 51.60 47.74
CA ASP G 250 8.32 51.78 48.88
C ASP G 250 8.82 51.03 50.10
N GLU G 251 9.41 49.85 49.91
CA GLU G 251 9.71 48.98 51.04
C GLU G 251 11.12 49.18 51.59
N TYR G 252 12.16 48.87 50.80
CA TYR G 252 13.51 48.86 51.34
C TYR G 252 14.57 49.54 50.49
N ILE G 253 14.38 49.76 49.18
CA ILE G 253 15.42 50.42 48.40
C ILE G 253 15.62 51.85 48.87
N ASN G 254 14.54 52.52 49.27
CA ASN G 254 14.64 53.91 49.68
C ASN G 254 15.59 54.08 50.85
N ASP G 255 15.50 53.20 51.84
CA ASP G 255 16.37 53.30 53.02
C ASP G 255 17.83 53.33 52.62
N ILE G 256 18.21 52.55 51.60
CA ILE G 256 19.60 52.47 51.19
C ILE G 256 20.12 53.83 50.77
N ILE G 257 19.26 54.70 50.26
CA ILE G 257 19.71 55.93 49.61
C ILE G 257 20.00 57.02 50.64
N ASN G 258 18.98 57.45 51.38
CA ASN G 258 19.07 58.65 52.20
C ASN G 258 18.47 58.43 53.59
N LYS G 259 18.88 57.35 54.26
CA LYS G 259 18.60 57.18 55.68
C LYS G 259 19.89 57.36 56.47
N ASP G 260 19.74 57.80 57.72
CA ASP G 260 20.89 58.27 58.49
C ASP G 260 21.93 57.17 58.70
N ASP G 261 21.50 56.03 59.21
CA ASP G 261 22.46 54.98 59.57
C ASP G 261 21.72 53.65 59.72
N PHE G 262 22.17 52.64 58.97
CA PHE G 262 21.68 51.28 59.06
C PHE G 262 22.49 50.44 58.09
N TYR G 263 22.37 49.12 58.20
CA TYR G 263 22.99 48.22 57.24
C TYR G 263 22.11 47.01 57.02
N ARG G 264 21.99 46.60 55.76
CA ARG G 264 21.16 45.47 55.36
C ARG G 264 21.98 44.21 55.13
N GLY G 265 22.94 44.26 54.20
CA GLY G 265 23.79 43.11 53.93
C GLY G 265 23.93 42.77 52.46
N GLN G 266 23.74 41.50 52.12
CA GLN G 266 24.02 40.97 50.79
C GLN G 266 22.71 40.65 50.06
N HIS G 267 22.33 41.51 49.11
CA HIS G 267 21.23 41.24 48.21
C HIS G 267 21.64 41.32 46.74
N LEU G 268 22.37 42.36 46.36
CA LEU G 268 22.49 42.74 44.96
C LEU G 268 23.27 41.69 44.17
N ILE G 269 23.29 41.90 42.86
CA ILE G 269 24.02 41.04 41.93
C ILE G 269 25.14 41.79 41.21
N TYR G 270 25.16 43.12 41.27
CA TYR G 270 26.23 43.92 40.69
C TYR G 270 26.97 44.68 41.78
N PRO G 271 28.28 44.89 41.63
CA PRO G 271 29.18 44.32 40.63
C PRO G 271 29.80 43.04 41.16
N GLY G 272 29.42 41.87 40.63
CA GLY G 272 29.83 40.60 41.21
C GLY G 272 29.83 40.67 42.72
N ALA G 273 28.79 41.29 43.29
CA ALA G 273 28.83 41.71 44.67
C ALA G 273 29.03 40.53 45.61
N ASN G 274 28.07 39.61 45.65
CA ASN G 274 28.06 38.51 46.60
C ASN G 274 28.28 37.20 45.85
N LYS G 275 29.47 36.61 46.03
CA LYS G 275 29.78 35.30 45.49
C LYS G 275 30.06 34.25 46.56
N TYR G 276 30.32 34.66 47.80
CA TYR G 276 30.84 33.78 48.84
C TYR G 276 29.72 33.14 49.67
N SER G 277 28.54 32.95 49.09
CA SER G 277 27.47 32.20 49.74
C SER G 277 26.91 31.18 48.75
N HIS G 278 26.32 30.13 49.30
CA HIS G 278 25.88 28.98 48.49
C HIS G 278 24.51 29.19 47.86
N THR G 279 23.96 30.40 47.86
CA THR G 279 22.65 30.63 47.27
C THR G 279 22.62 31.94 46.49
N ILE G 280 23.77 32.37 45.96
CA ILE G 280 23.83 33.53 45.08
C ILE G 280 24.62 33.26 43.81
N GLY G 281 25.23 32.08 43.68
CA GLY G 281 26.26 31.89 42.68
C GLY G 281 25.84 31.29 41.36
N PHE G 282 24.65 30.68 41.28
CA PHE G 282 24.33 29.88 40.11
C PHE G 282 24.19 30.74 38.87
N VAL G 283 23.64 31.95 39.00
CA VAL G 283 23.45 32.81 37.85
C VAL G 283 24.79 33.19 37.22
N TYR G 284 25.79 33.46 38.06
CA TYR G 284 27.10 33.83 37.55
C TYR G 284 27.70 32.69 36.74
N GLY G 285 27.63 31.47 37.27
CA GLY G 285 28.11 30.31 36.53
C GLY G 285 27.33 30.05 35.26
N GLU G 286 26.01 30.31 35.29
CA GLU G 286 25.22 30.17 34.08
C GLU G 286 25.70 31.12 33.00
N MET G 287 25.93 32.39 33.36
CA MET G 287 26.46 33.33 32.38
C MET G 287 27.82 32.87 31.87
N PHE G 288 28.70 32.44 32.78
CA PHE G 288 30.01 31.96 32.37
C PHE G 288 29.91 30.84 31.35
N ARG G 289 29.13 29.80 31.68
CA ARG G 289 29.05 28.64 30.81
C ARG G 289 28.36 28.97 29.49
N ARG G 290 27.31 29.80 29.52
CA ARG G 290 26.64 30.16 28.28
C ARG G 290 27.56 30.94 27.35
N PHE G 291 28.30 31.91 27.90
CA PHE G 291 29.24 32.67 27.07
C PHE G 291 30.33 31.76 26.52
N GLY G 292 30.87 30.86 27.36
CA GLY G 292 31.89 29.95 26.89
C GLY G 292 31.39 29.04 25.79
N GLU G 293 30.17 28.50 25.95
CA GLU G 293 29.61 27.63 24.93
C GLU G 293 29.38 28.39 23.62
N PHE G 294 28.86 29.62 23.72
CA PHE G 294 28.63 30.40 22.50
C PHE G 294 29.93 30.70 21.78
N ILE G 295 30.98 31.08 22.53
CA ILE G 295 32.23 31.46 21.89
C ILE G 295 33.06 30.25 21.49
N SER G 296 32.78 29.07 22.03
CA SER G 296 33.55 27.86 21.76
C SER G 296 33.04 27.08 20.55
N LYS G 297 32.35 27.73 19.63
CA LYS G 297 31.80 27.10 18.45
C LYS G 297 32.62 27.46 17.21
N PRO G 298 32.57 26.63 16.16
CA PRO G 298 33.33 26.94 14.95
C PRO G 298 32.66 28.00 14.11
N GLN G 299 33.44 28.57 13.19
CA GLN G 299 32.97 29.60 12.28
C GLN G 299 32.36 30.77 13.06
N THR G 300 33.16 31.31 13.97
CA THR G 300 32.74 32.39 14.85
C THR G 300 33.61 33.62 14.63
N ALA G 301 32.96 34.79 14.63
CA ALA G 301 33.64 36.07 14.54
C ALA G 301 33.38 36.87 15.80
N LEU G 302 34.41 37.55 16.30
CA LEU G 302 34.31 38.31 17.53
C LEU G 302 34.99 39.66 17.36
N PHE G 303 34.30 40.72 17.79
CA PHE G 303 34.86 42.07 17.81
C PHE G 303 34.97 42.53 19.26
N ILE G 304 36.15 43.02 19.63
CA ILE G 304 36.45 43.43 20.99
C ILE G 304 36.89 44.88 20.98
N ASN G 305 36.62 45.58 22.08
CA ASN G 305 36.91 47.01 22.16
C ASN G 305 37.16 47.42 23.61
N GLY G 306 38.36 47.93 23.87
CA GLY G 306 38.64 48.63 25.11
C GLY G 306 38.46 47.84 26.39
N PHE G 307 39.31 46.83 26.62
CA PHE G 307 39.33 46.14 27.89
C PHE G 307 40.79 45.83 28.26
N GLY G 308 41.07 45.85 29.56
CA GLY G 308 42.42 45.65 30.05
C GLY G 308 42.79 44.21 30.32
N PHE G 309 41.80 43.37 30.61
CA PHE G 309 42.04 41.95 30.92
C PHE G 309 43.00 41.81 32.09
N GLY G 310 42.68 42.52 33.19
CA GLY G 310 43.60 42.57 34.31
C GLY G 310 43.85 41.23 34.99
N ASP G 311 42.80 40.47 35.24
CA ASP G 311 42.89 39.25 36.03
C ASP G 311 43.15 38.05 35.12
N TYR G 312 43.74 37.01 35.71
CA TYR G 312 44.17 35.85 34.92
C TYR G 312 43.00 34.99 34.48
N HIS G 313 41.87 35.04 35.19
CA HIS G 313 40.72 34.22 34.82
C HIS G 313 40.24 34.58 33.41
N ILE G 314 40.18 35.88 33.10
CA ILE G 314 39.73 36.30 31.78
C ILE G 314 40.69 35.82 30.71
N ASN G 315 41.99 35.90 30.97
CA ASN G 315 42.97 35.41 30.01
C ASN G 315 42.82 33.92 29.77
N ARG G 316 42.61 33.15 30.85
CA ARG G 316 42.40 31.71 30.70
C ARG G 316 41.15 31.42 29.89
N ILE G 317 40.07 32.16 30.15
CA ILE G 317 38.83 31.95 29.41
C ILE G 317 39.03 32.26 27.93
N ILE G 318 39.74 33.34 27.63
CA ILE G 318 40.00 33.71 26.25
C ILE G 318 40.85 32.65 25.56
N LEU G 319 41.87 32.13 26.27
CA LEU G 319 42.69 31.07 25.68
C LEU G 319 41.85 29.84 25.39
N GLY G 320 40.95 29.47 26.31
CA GLY G 320 40.07 28.34 26.07
C GLY G 320 39.16 28.57 24.87
N ALA G 321 38.62 29.78 24.74
CA ALA G 321 37.75 30.10 23.62
C ALA G 321 38.50 30.18 22.29
N LEU G 322 39.80 30.44 22.34
CA LEU G 322 40.60 30.56 21.11
C LEU G 322 40.78 29.24 20.38
N LEU G 323 40.37 28.12 20.99
CA LEU G 323 40.59 26.81 20.38
C LEU G 323 39.93 26.69 19.02
N ASN G 324 38.92 27.51 18.72
CA ASN G 324 38.25 27.43 17.44
C ASN G 324 39.25 27.69 16.32
N PRO G 325 39.29 26.86 15.27
CA PRO G 325 40.30 27.06 14.22
C PRO G 325 39.91 28.13 13.21
N SER G 326 38.61 28.35 13.03
CA SER G 326 38.09 29.33 12.10
C SER G 326 37.62 30.60 12.80
N PHE G 327 38.33 31.01 13.85
CA PHE G 327 37.94 32.16 14.65
C PHE G 327 38.44 33.44 14.01
N HIS G 328 37.53 34.37 13.76
CA HIS G 328 37.87 35.70 13.25
C HIS G 328 37.87 36.68 14.41
N VAL G 329 38.92 37.50 14.51
CA VAL G 329 39.11 38.41 15.63
C VAL G 329 39.33 39.81 15.10
N VAL G 330 38.55 40.77 15.59
CA VAL G 330 38.75 42.18 15.33
C VAL G 330 38.89 42.89 16.66
N ILE G 331 39.84 43.81 16.74
CA ILE G 331 40.16 44.51 17.98
C ILE G 331 40.20 46.01 17.71
N TYR G 332 39.59 46.78 18.60
CA TYR G 332 39.62 48.24 18.56
C TYR G 332 40.06 48.74 19.93
N TYR G 333 41.34 49.12 20.04
CA TYR G 333 41.91 49.56 21.31
C TYR G 333 42.06 51.07 21.29
N PRO G 334 41.21 51.82 22.00
CA PRO G 334 41.29 53.29 21.90
C PRO G 334 42.60 53.87 22.41
N GLU G 335 43.27 53.19 23.35
CA GLU G 335 44.49 53.72 23.95
C GLU G 335 45.67 53.40 23.03
N LEU G 336 45.98 54.32 22.12
CA LEU G 336 47.10 54.20 21.22
C LEU G 336 48.33 54.94 21.75
N LYS G 337 48.19 56.24 21.99
CA LYS G 337 49.30 57.01 22.56
C LYS G 337 49.66 56.51 23.95
N GLU G 338 48.66 56.22 24.78
CA GLU G 338 48.94 55.70 26.12
C GLU G 338 49.64 54.35 26.04
N ALA G 339 49.20 53.47 25.14
CA ALA G 339 49.83 52.16 25.01
C ALA G 339 51.28 52.31 24.57
N ILE G 340 51.55 53.19 23.60
CA ILE G 340 52.92 53.40 23.15
C ILE G 340 53.78 53.94 24.27
N THR G 341 53.25 54.91 25.03
CA THR G 341 54.02 55.48 26.14
C THR G 341 54.33 54.42 27.18
N LYS G 342 53.35 53.59 27.52
CA LYS G 342 53.57 52.54 28.51
C LYS G 342 54.60 51.52 28.01
N VAL G 343 54.52 51.15 26.73
CA VAL G 343 55.46 50.17 26.18
C VAL G 343 56.87 50.75 26.16
N SER G 344 57.00 52.04 25.87
CA SER G 344 58.33 52.65 25.81
C SER G 344 59.04 52.57 27.15
N LYS G 345 58.33 52.84 28.24
CA LYS G 345 58.92 52.78 29.56
C LYS G 345 58.99 51.33 30.05
N GLY G 346 59.95 51.08 30.95
CA GLY G 346 60.10 49.74 31.49
C GLY G 346 58.90 49.28 32.29
N GLY G 347 58.24 50.20 32.99
CA GLY G 347 57.11 49.82 33.81
C GLY G 347 55.98 49.23 32.99
N GLY G 348 55.26 48.30 33.61
CA GLY G 348 54.13 47.67 32.95
C GLY G 348 53.37 46.81 33.93
N SER G 349 52.19 46.37 33.50
CA SER G 349 51.32 45.51 34.29
C SER G 349 51.27 44.12 33.68
N GLU G 350 50.78 43.17 34.48
CA GLU G 350 50.75 41.77 34.02
C GLU G 350 49.89 41.62 32.78
N ALA G 351 48.70 42.22 32.79
CA ALA G 351 47.85 42.19 31.60
C ALA G 351 48.50 42.96 30.45
N GLU G 352 49.07 44.12 30.74
CA GLU G 352 49.77 44.88 29.70
C GLU G 352 50.98 44.11 29.18
N LYS G 353 51.72 43.45 30.08
CA LYS G 353 52.85 42.63 29.64
C LYS G 353 52.38 41.51 28.72
N ALA G 354 51.29 40.83 29.09
CA ALA G 354 50.78 39.75 28.27
C ALA G 354 50.34 40.25 26.90
N ILE G 355 49.63 41.38 26.86
CA ILE G 355 49.11 41.86 25.59
C ILE G 355 50.25 42.35 24.70
N VAL G 356 51.26 43.02 25.27
CA VAL G 356 52.39 43.46 24.44
C VAL G 356 53.17 42.26 23.95
N THR G 357 53.30 41.21 24.78
CA THR G 357 53.96 40.00 24.31
C THR G 357 53.19 39.36 23.16
N LEU G 358 51.86 39.29 23.26
CA LEU G 358 51.05 38.74 22.19
C LEU G 358 51.03 39.63 20.95
N LYS G 359 51.36 40.91 21.11
CA LYS G 359 51.37 41.82 19.97
C LYS G 359 52.40 41.43 18.92
N ASN G 360 53.35 40.55 19.27
CA ASN G 360 54.37 40.09 18.34
C ASN G 360 53.87 39.00 17.40
N MET G 361 52.56 38.85 17.24
CA MET G 361 52.01 37.83 16.36
C MET G 361 52.48 38.04 14.93
N ALA G 362 52.67 36.94 14.21
CA ALA G 362 53.13 36.95 12.83
C ALA G 362 52.19 36.17 11.93
N PHE G 363 50.88 36.27 12.21
CA PHE G 363 49.86 35.63 11.40
C PHE G 363 48.74 36.61 11.11
N ASN G 364 48.12 36.45 9.95
CA ASN G 364 47.05 37.35 9.51
C ASN G 364 45.69 36.74 9.87
N GLN G 365 45.42 36.71 11.17
CA GLN G 365 44.15 36.21 11.70
C GLN G 365 43.46 37.18 12.64
N VAL G 366 44.16 38.15 13.21
CA VAL G 366 43.59 39.14 14.11
C VAL G 366 43.78 40.51 13.47
N THR G 367 42.70 41.26 13.31
CA THR G 367 42.73 42.59 12.70
C THR G 367 42.57 43.62 13.80
N VAL G 368 43.65 44.36 14.08
CA VAL G 368 43.67 45.36 15.13
C VAL G 368 43.68 46.74 14.49
N VAL G 369 42.76 47.60 14.92
CA VAL G 369 42.65 48.96 14.41
C VAL G 369 42.79 49.92 15.58
N GLY G 370 43.73 50.85 15.48
CA GLY G 370 43.99 51.80 16.53
C GLY G 370 43.40 53.18 16.23
N GLY G 371 43.57 54.08 17.18
CA GLY G 371 43.07 55.43 17.05
C GLY G 371 42.86 56.05 18.41
N GLY G 372 42.35 57.29 18.38
CA GLY G 372 42.07 58.03 19.59
C GLY G 372 40.60 58.34 19.76
N SER G 373 40.23 59.60 19.59
CA SER G 373 38.84 60.02 19.71
C SER G 373 37.98 59.54 18.55
N LYS G 374 38.59 58.99 17.48
CA LYS G 374 37.81 58.52 16.34
C LYS G 374 36.89 57.38 16.75
N ALA G 375 37.37 56.46 17.58
CA ALA G 375 36.60 55.29 17.98
C ALA G 375 35.68 55.69 19.13
N TYR G 376 34.45 56.06 18.77
CA TYR G 376 33.42 56.43 19.73
C TYR G 376 32.12 55.73 19.36
N PHE G 377 31.11 55.88 20.22
CA PHE G 377 29.81 55.26 19.95
C PHE G 377 29.18 55.81 18.68
N ASN G 378 29.32 57.11 18.44
CA ASN G 378 28.78 57.71 17.22
C ASN G 378 29.44 57.12 15.99
N SER G 379 30.75 56.89 16.06
CA SER G 379 31.45 56.26 14.93
C SER G 379 30.92 54.86 14.67
N PHE G 380 30.69 54.09 15.75
CA PHE G 380 30.13 52.76 15.57
C PHE G 380 28.75 52.81 14.95
N VAL G 381 27.92 53.76 15.40
CA VAL G 381 26.58 53.91 14.81
C VAL G 381 26.68 54.24 13.33
N GLU G 382 27.57 55.16 12.97
CA GLU G 382 27.74 55.52 11.57
C GLU G 382 28.26 54.34 10.74
N HIS G 383 29.07 53.48 11.36
CA HIS G 383 29.63 52.33 10.66
C HIS G 383 28.56 51.31 10.27
N LEU G 384 27.36 51.39 10.84
CA LEU G 384 26.33 50.42 10.53
C LEU G 384 25.88 50.57 9.07
N PRO G 385 25.38 49.49 8.47
CA PRO G 385 24.94 49.58 7.07
C PRO G 385 23.83 50.61 6.91
N TYR G 386 23.85 51.33 5.79
CA TYR G 386 22.85 52.34 5.52
C TYR G 386 21.53 51.68 5.13
N PRO G 387 20.41 52.40 5.27
CA PRO G 387 19.09 51.84 4.91
C PRO G 387 19.05 51.30 3.48
N ILE G 395 7.34 64.09 12.00
CA ILE G 395 6.26 64.94 12.49
C ILE G 395 5.40 64.16 13.48
N VAL G 396 6.01 63.25 14.22
CA VAL G 396 5.28 62.47 15.21
C VAL G 396 4.76 63.37 16.32
N ASP G 397 5.54 64.39 16.69
CA ASP G 397 5.11 65.29 17.75
C ASP G 397 3.82 66.01 17.38
N GLU G 398 3.66 66.39 16.11
CA GLU G 398 2.44 67.05 15.67
C GLU G 398 1.24 66.14 15.87
N LEU G 399 1.36 64.88 15.46
CA LEU G 399 0.26 63.93 15.64
C LEU G 399 -0.04 63.70 17.11
N VAL G 400 1.01 63.59 17.93
CA VAL G 400 0.81 63.35 19.36
C VAL G 400 0.07 64.51 20.00
N GLU G 401 0.47 65.75 19.68
CA GLU G 401 -0.19 66.90 20.27
C GLU G 401 -1.62 67.05 19.74
N ALA G 402 -1.84 66.72 18.47
CA ALA G 402 -3.20 66.75 17.92
C ALA G 402 -4.09 65.74 18.64
N ILE G 403 -3.58 64.53 18.90
CA ILE G 403 -4.35 63.53 19.63
C ILE G 403 -4.63 64.02 21.05
N ALA G 404 -3.63 64.60 21.70
CA ALA G 404 -3.81 65.10 23.06
C ALA G 404 -4.87 66.19 23.11
N ASN G 405 -4.86 67.09 22.12
CA ASN G 405 -5.85 68.18 22.11
C ASN G 405 -7.26 67.64 22.01
N LEU G 406 -7.48 66.65 21.17
CA LEU G 406 -8.81 66.06 21.00
C LEU G 406 -9.19 65.25 22.24
N SER H 2 2.98 2.46 54.49
CA SER H 2 2.33 3.72 54.18
C SER H 2 2.60 4.14 52.74
N ILE H 3 1.74 3.69 51.83
CA ILE H 3 1.86 3.99 50.41
C ILE H 3 0.62 4.79 50.01
N TYR H 4 0.83 5.98 49.46
CA TYR H 4 -0.27 6.85 49.04
C TYR H 4 0.14 7.56 47.75
N GLN H 5 -0.62 7.28 46.68
CA GLN H 5 -0.44 7.95 45.39
C GLN H 5 -1.83 8.35 44.91
N GLY H 6 -2.28 9.53 45.30
CA GLY H 6 -3.62 9.96 44.96
C GLY H 6 -4.73 9.13 45.55
N GLY H 7 -4.45 8.45 46.67
CA GLY H 7 -5.44 7.61 47.30
C GLY H 7 -5.62 6.25 46.67
N ASN H 8 -4.76 5.87 45.72
CA ASN H 8 -4.86 4.60 45.02
C ASN H 8 -3.51 3.89 45.07
N LYS H 9 -3.47 2.67 44.52
CA LYS H 9 -2.27 1.87 44.48
C LYS H 9 -2.10 1.28 43.09
N LEU H 10 -0.89 0.78 42.83
CA LEU H 10 -0.54 0.19 41.54
C LEU H 10 0.02 -1.21 41.76
N ASN H 11 -0.18 -2.07 40.76
CA ASN H 11 0.25 -3.46 40.84
C ASN H 11 1.67 -3.61 40.30
N GLU H 12 2.22 -4.82 40.42
CA GLU H 12 3.57 -5.09 39.94
C GLU H 12 3.66 -5.01 38.42
N ASP H 13 2.56 -5.30 37.71
CA ASP H 13 2.58 -5.24 36.26
C ASP H 13 2.87 -3.84 35.77
N ASP H 14 2.28 -2.83 36.43
CA ASP H 14 2.54 -1.45 36.03
C ASP H 14 4.01 -1.10 36.19
N PHE H 15 4.63 -1.50 37.29
CA PHE H 15 6.04 -1.22 37.50
C PHE H 15 6.92 -1.96 36.50
N ARG H 16 6.56 -3.21 36.19
CA ARG H 16 7.34 -3.96 35.20
C ARG H 16 7.26 -3.31 33.83
N SER H 17 6.06 -2.87 33.44
CA SER H 17 5.92 -2.16 32.17
C SER H 17 6.69 -0.85 32.19
N HIS H 18 6.65 -0.13 33.31
CA HIS H 18 7.46 1.07 33.46
C HIS H 18 8.93 0.78 33.19
N VAL H 19 9.48 -0.24 33.86
CA VAL H 19 10.89 -0.55 33.70
C VAL H 19 11.20 -0.91 32.25
N TYR H 20 10.35 -1.76 31.66
CA TYR H 20 10.58 -2.19 30.28
C TYR H 20 10.58 -0.99 29.33
N SER H 21 9.58 -0.12 29.45
CA SER H 21 9.49 1.02 28.55
C SER H 21 10.66 1.98 28.76
N LEU H 22 10.97 2.30 30.02
CA LEU H 22 12.05 3.23 30.30
C LEU H 22 13.38 2.72 29.78
N CYS H 23 13.64 1.42 29.96
CA CYS H 23 14.86 0.83 29.40
C CYS H 23 14.84 0.88 27.88
N GLN H 24 13.68 0.61 27.27
CA GLN H 24 13.56 0.57 25.82
C GLN H 24 13.46 1.95 25.19
N LEU H 25 13.38 3.02 25.99
CA LEU H 25 13.40 4.37 25.44
C LEU H 25 14.74 4.63 24.75
N ASP H 26 14.88 5.80 24.13
CA ASP H 26 16.12 6.12 23.44
C ASP H 26 17.30 6.14 24.41
N ASN H 27 17.10 6.68 25.60
CA ASN H 27 18.18 6.85 26.57
C ASN H 27 17.72 6.42 27.95
N VAL H 28 18.70 6.07 28.79
CA VAL H 28 18.46 5.61 30.15
C VAL H 28 19.37 6.40 31.08
N GLY H 29 18.99 6.43 32.36
CA GLY H 29 19.70 7.23 33.33
C GLY H 29 19.97 6.47 34.61
N VAL H 30 20.99 6.95 35.33
CA VAL H 30 21.41 6.38 36.61
C VAL H 30 22.38 7.33 37.29
N LEU H 31 22.31 7.41 38.61
CA LEU H 31 23.21 8.27 39.39
C LEU H 31 23.54 7.56 40.69
N LEU H 32 24.83 7.45 41.00
CA LEU H 32 25.32 6.63 42.09
C LEU H 32 25.98 7.49 43.15
N GLY H 33 25.59 7.28 44.41
CA GLY H 33 26.22 7.96 45.52
C GLY H 33 26.50 6.98 46.65
N ALA H 34 27.27 7.45 47.62
CA ALA H 34 27.69 6.64 48.77
C ALA H 34 26.56 6.33 49.75
N GLY H 35 25.30 6.63 49.43
CA GLY H 35 24.21 6.38 50.35
C GLY H 35 24.20 4.98 50.94
N ALA H 36 23.96 3.97 50.11
CA ALA H 36 23.83 2.60 50.58
C ALA H 36 25.16 1.85 50.57
N SER H 37 26.29 2.58 50.58
CA SER H 37 27.61 1.94 50.60
C SER H 37 28.08 1.68 52.03
N VAL H 38 27.26 0.97 52.80
CA VAL H 38 27.57 0.69 54.20
C VAL H 38 27.63 -0.80 54.43
N GLY H 39 26.91 -1.57 53.61
CA GLY H 39 26.82 -3.01 53.78
C GLY H 39 27.89 -3.82 53.09
N CYS H 40 28.90 -3.17 52.52
CA CYS H 40 29.97 -3.86 51.79
C CYS H 40 31.23 -4.02 52.63
N GLY H 41 31.15 -3.77 53.93
CA GLY H 41 32.32 -3.90 54.80
C GLY H 41 33.23 -2.70 54.81
N GLY H 42 32.83 -1.59 54.21
CA GLY H 42 33.63 -0.38 54.18
C GLY H 42 33.43 0.48 55.41
N LYS H 43 33.81 1.75 55.28
CA LYS H 43 33.70 2.72 56.36
C LYS H 43 32.94 3.94 55.86
N THR H 44 32.23 4.58 56.79
CA THR H 44 31.49 5.80 56.51
C THR H 44 32.22 7.00 57.10
N MET H 45 31.85 8.19 56.62
CA MET H 45 32.46 9.42 57.14
C MET H 45 32.07 9.69 58.59
N LYS H 46 31.07 9.00 59.13
CA LYS H 46 30.70 9.20 60.52
C LYS H 46 31.85 8.80 61.45
N ASP H 47 32.45 7.64 61.20
CA ASP H 47 33.59 7.21 62.00
C ASP H 47 34.78 8.14 61.82
N VAL H 48 34.99 8.62 60.59
CA VAL H 48 36.08 9.56 60.33
C VAL H 48 35.90 10.82 61.15
N TRP H 49 34.68 11.38 61.14
CA TRP H 49 34.42 12.59 61.92
C TRP H 49 34.57 12.33 63.41
N LYS H 50 34.07 11.19 63.89
CA LYS H 50 34.18 10.86 65.30
C LYS H 50 35.63 10.78 65.73
N SER H 51 36.48 10.15 64.90
CA SER H 51 37.90 10.11 65.20
C SER H 51 38.51 11.51 65.15
N PHE H 52 38.13 12.31 64.16
CA PHE H 52 38.73 13.63 63.99
C PHE H 52 38.44 14.51 65.21
N LYS H 53 37.22 14.43 65.75
CA LYS H 53 36.88 15.29 66.88
C LYS H 53 37.67 14.92 68.12
N GLN H 54 37.91 13.63 68.35
CA GLN H 54 38.53 13.14 69.58
C GLN H 54 39.98 12.70 69.35
N ASN H 55 40.65 13.23 68.33
CA ASN H 55 42.06 12.96 68.11
C ASN H 55 42.90 14.20 67.87
N TYR H 56 42.28 15.38 67.75
CA TYR H 56 43.00 16.64 67.52
C TYR H 56 42.48 17.68 68.50
N PRO H 57 42.81 17.54 69.78
CA PRO H 57 42.20 18.43 70.80
C PRO H 57 42.47 19.90 70.58
N GLU H 58 43.63 20.27 70.06
CA GLU H 58 44.00 21.68 69.96
C GLU H 58 43.00 22.46 69.10
N LEU H 59 42.73 21.96 67.89
CA LEU H 59 41.87 22.71 66.98
C LEU H 59 40.41 22.68 67.42
N LEU H 60 39.96 21.55 67.96
CA LEU H 60 38.59 21.50 68.48
C LEU H 60 38.40 22.48 69.63
N GLY H 61 39.37 22.53 70.56
CA GLY H 61 39.28 23.48 71.65
C GLY H 61 39.32 24.92 71.17
N ALA H 62 40.19 25.22 70.20
CA ALA H 62 40.25 26.57 69.66
C ALA H 62 38.93 26.94 68.99
N LEU H 63 38.34 26.01 68.24
CA LEU H 63 37.06 26.28 67.58
C LEU H 63 35.96 26.55 68.60
N ILE H 64 35.91 25.73 69.66
CA ILE H 64 34.89 25.92 70.69
C ILE H 64 35.10 27.26 71.39
N ASP H 65 36.35 27.61 71.69
CA ASP H 65 36.66 28.77 72.52
C ASP H 65 37.08 29.98 71.68
N LYS H 66 38.13 29.84 70.87
CA LYS H 66 38.72 31.00 70.22
C LYS H 66 37.95 31.40 68.96
N TYR H 67 37.89 30.52 67.96
CA TYR H 67 37.32 30.90 66.67
C TYR H 67 35.82 31.11 66.76
N LEU H 68 35.12 30.32 67.57
CA LEU H 68 33.66 30.36 67.65
C LEU H 68 33.01 30.05 66.32
N LEU H 69 33.73 29.35 65.44
CA LEU H 69 33.21 29.01 64.12
C LEU H 69 32.18 27.89 64.15
N VAL H 70 31.99 27.24 65.30
CA VAL H 70 31.04 26.14 65.45
C VAL H 70 30.32 26.32 66.79
N SER H 71 29.42 25.39 67.08
CA SER H 71 28.66 25.40 68.33
C SER H 71 28.84 24.06 69.03
N GLN H 72 28.90 24.11 70.36
CA GLN H 72 29.10 22.88 71.13
C GLN H 72 27.93 21.93 70.97
N ILE H 73 26.70 22.46 70.91
CA ILE H 73 25.53 21.61 70.81
C ILE H 73 25.56 20.80 69.51
N ASP H 74 25.90 21.46 68.41
CA ASP H 74 25.96 20.75 67.13
C ASP H 74 26.99 19.63 67.16
N SER H 75 28.17 19.90 67.74
CA SER H 75 29.19 18.86 67.85
C SER H 75 28.70 17.71 68.72
N ASP H 76 28.02 18.02 69.82
CA ASP H 76 27.51 16.97 70.71
C ASP H 76 26.48 16.11 69.98
N ASN H 77 25.60 16.73 69.21
CA ASN H 77 24.57 15.99 68.49
C ASN H 77 25.11 15.28 67.25
N ASN H 78 26.34 15.59 66.83
CA ASN H 78 26.96 14.95 65.68
C ASN H 78 26.16 15.20 64.39
N LEU H 79 25.42 16.32 64.35
CA LEU H 79 24.66 16.71 63.17
C LEU H 79 25.29 17.86 62.41
N VAL H 80 26.52 18.23 62.75
CA VAL H 80 27.17 19.38 62.13
C VAL H 80 27.71 18.99 60.75
N ASN H 81 28.04 20.00 59.96
CA ASN H 81 28.57 19.83 58.62
C ASN H 81 29.96 20.44 58.53
N VAL H 82 30.82 19.82 57.72
CA VAL H 82 32.17 20.29 57.53
C VAL H 82 32.35 21.05 56.22
N GLU H 83 31.51 20.79 55.21
CA GLU H 83 31.67 21.44 53.91
C GLU H 83 31.62 22.95 54.05
N LEU H 84 30.64 23.46 54.80
CA LEU H 84 30.61 24.89 55.10
C LEU H 84 31.87 25.31 55.83
N LEU H 85 32.40 24.43 56.69
CA LEU H 85 33.64 24.75 57.38
C LEU H 85 34.82 24.77 56.42
N ILE H 86 34.82 23.91 55.40
CA ILE H 86 35.87 23.95 54.39
C ILE H 86 35.82 25.27 53.62
N ASP H 87 34.60 25.69 53.23
CA ASP H 87 34.47 26.95 52.51
C ASP H 87 34.90 28.12 53.39
N GLU H 88 34.53 28.09 54.67
CA GLU H 88 34.96 29.13 55.60
C GLU H 88 36.48 29.13 55.74
N ALA H 89 37.09 27.96 55.74
CA ALA H 89 38.55 27.88 55.80
C ALA H 89 39.18 28.52 54.57
N THR H 90 38.61 28.25 53.39
CA THR H 90 39.14 28.87 52.17
C THR H 90 39.01 30.38 52.22
N LYS H 91 37.85 30.88 52.66
CA LYS H 91 37.65 32.33 52.75
C LYS H 91 38.59 32.96 53.77
N PHE H 92 38.75 32.30 54.92
CA PHE H 92 39.68 32.80 55.94
C PHE H 92 41.11 32.84 55.41
N LEU H 93 41.52 31.79 54.69
CA LEU H 93 42.86 31.80 54.12
C LEU H 93 43.03 32.93 53.13
N SER H 94 42.02 33.16 52.29
CA SER H 94 42.10 34.26 51.33
C SER H 94 42.28 35.60 52.05
N VAL H 95 41.42 35.88 53.04
CA VAL H 95 41.50 37.17 53.72
C VAL H 95 42.81 37.31 54.48
N ALA H 96 43.24 36.25 55.17
CA ALA H 96 44.48 36.32 55.94
C ALA H 96 45.67 36.54 55.03
N LYS H 97 45.71 35.85 53.88
CA LYS H 97 46.79 36.07 52.92
C LYS H 97 46.77 37.50 52.41
N THR H 98 45.59 38.03 52.12
CA THR H 98 45.50 39.39 51.60
C THR H 98 46.00 40.41 52.62
N ARG H 99 45.62 40.23 53.90
CA ARG H 99 45.94 41.23 54.91
C ARG H 99 47.38 41.14 55.41
N ARG H 100 48.13 40.10 55.04
CA ARG H 100 49.54 39.92 55.39
C ARG H 100 49.74 39.45 56.84
N CYS H 101 48.75 38.79 57.44
CA CYS H 101 48.97 38.15 58.73
C CYS H 101 49.86 36.92 58.55
N GLU H 102 50.50 36.51 59.63
CA GLU H 102 51.51 35.45 59.60
C GLU H 102 51.06 34.19 60.33
N ASP H 103 50.72 34.29 61.62
CA ASP H 103 50.36 33.09 62.38
C ASP H 103 49.07 32.48 61.86
N GLU H 104 48.07 33.31 61.55
CA GLU H 104 46.81 32.79 61.04
C GLU H 104 47.02 32.06 59.73
N GLU H 105 47.94 32.55 58.90
CA GLU H 105 48.29 31.85 57.66
C GLU H 105 48.74 30.42 57.96
N GLU H 106 49.65 30.27 58.92
CA GLU H 106 50.15 28.94 59.26
C GLU H 106 49.03 28.06 59.79
N GLU H 107 48.20 28.59 60.69
CA GLU H 107 47.15 27.76 61.28
C GLU H 107 46.15 27.31 60.22
N PHE H 108 45.76 28.21 59.32
CA PHE H 108 44.77 27.83 58.32
C PHE H 108 45.37 26.93 57.24
N ARG H 109 46.66 27.09 56.93
CA ARG H 109 47.31 26.12 56.05
C ARG H 109 47.31 24.74 56.68
N LYS H 110 47.62 24.66 57.98
CA LYS H 110 47.56 23.38 58.68
C LYS H 110 46.16 22.79 58.61
N ILE H 111 45.15 23.61 58.86
CA ILE H 111 43.77 23.12 58.82
C ILE H 111 43.44 22.57 57.44
N LEU H 112 43.75 23.34 56.39
CA LEU H 112 43.43 22.93 55.03
C LEU H 112 44.11 21.61 54.68
N SER H 113 45.41 21.50 54.98
CA SER H 113 46.15 20.32 54.55
C SER H 113 45.75 19.10 55.37
N SER H 114 45.60 19.25 56.69
CA SER H 114 45.20 18.12 57.52
C SER H 114 43.74 17.75 57.34
N LEU H 115 42.96 18.60 56.66
CA LEU H 115 41.62 18.20 56.25
C LEU H 115 41.62 17.48 54.91
N TYR H 116 42.47 17.93 53.97
CA TYR H 116 42.60 17.21 52.71
C TYR H 116 43.13 15.80 52.93
N LYS H 117 44.05 15.64 53.89
CA LYS H 117 44.56 14.31 54.20
C LYS H 117 43.42 13.36 54.55
N GLU H 118 42.56 13.77 55.48
CA GLU H 118 41.44 12.92 55.88
C GLU H 118 40.42 12.79 54.74
N VAL H 119 40.28 13.82 53.91
CA VAL H 119 39.35 13.74 52.78
C VAL H 119 39.75 12.60 51.86
N THR H 120 41.05 12.48 51.57
CA THR H 120 41.52 11.36 50.76
C THR H 120 41.56 10.05 51.53
N LYS H 121 41.71 10.10 52.85
CA LYS H 121 41.90 8.88 53.64
C LYS H 121 40.70 7.96 53.65
N ALA H 122 39.53 8.43 53.23
CA ALA H 122 38.29 7.66 53.35
C ALA H 122 37.84 7.05 52.02
N ALA H 123 38.78 6.57 51.21
CA ALA H 123 38.46 6.01 49.91
C ALA H 123 39.29 4.76 49.64
N LEU H 124 39.45 3.89 50.64
CA LEU H 124 40.20 2.66 50.49
C LEU H 124 39.29 1.43 50.56
N LEU H 125 38.57 1.25 51.66
CA LEU H 125 37.61 0.17 51.88
C LEU H 125 38.26 -1.21 51.89
N THR H 126 39.57 -1.31 51.70
CA THR H 126 40.24 -2.61 51.61
C THR H 126 41.42 -2.76 52.55
N GLY H 127 42.20 -1.70 52.75
CA GLY H 127 43.36 -1.76 53.60
C GLY H 127 44.68 -1.77 52.85
N GLU H 128 45.57 -2.70 53.21
CA GLU H 128 46.89 -2.74 52.60
C GLU H 128 46.87 -3.32 51.18
N GLN H 129 45.97 -4.27 50.91
CA GLN H 129 45.88 -4.92 49.60
C GLN H 129 45.34 -3.99 48.50
N PHE H 130 45.15 -2.70 48.79
CA PHE H 130 44.63 -1.78 47.78
C PHE H 130 45.56 -1.62 46.60
N ARG H 131 46.82 -2.04 46.73
CA ARG H 131 47.83 -1.82 45.69
C ARG H 131 48.16 -3.16 45.03
N GLU H 132 47.37 -3.52 44.02
CA GLU H 132 47.61 -4.71 43.22
C GLU H 132 46.86 -4.55 41.89
N LYS H 133 46.93 -5.59 41.07
CA LYS H 133 46.23 -5.64 39.79
C LYS H 133 45.16 -6.74 39.84
N ASN H 134 44.43 -6.89 38.73
CA ASN H 134 43.27 -7.78 38.70
C ASN H 134 42.31 -7.45 39.84
N GLN H 135 42.08 -6.14 40.03
CA GLN H 135 41.35 -5.67 41.20
C GLN H 135 39.90 -6.11 41.22
N GLY H 136 39.33 -6.47 40.06
CA GLY H 136 37.94 -6.87 40.01
C GLY H 136 37.71 -8.33 40.29
N LYS H 137 38.27 -8.83 41.40
CA LYS H 137 38.19 -10.24 41.78
C LYS H 137 37.84 -10.37 43.25
N LYS H 138 36.83 -9.61 43.70
CA LYS H 138 36.41 -9.62 45.09
C LYS H 138 34.89 -9.65 45.16
N ASP H 139 34.38 -10.02 46.34
CA ASP H 139 32.95 -10.18 46.54
C ASP H 139 32.19 -8.86 46.56
N ALA H 140 32.89 -7.73 46.57
CA ALA H 140 32.25 -6.43 46.67
C ALA H 140 31.83 -5.86 45.32
N PHE H 141 32.03 -6.59 44.23
CA PHE H 141 31.76 -6.08 42.89
C PHE H 141 30.75 -6.92 42.11
N LYS H 142 30.17 -7.95 42.72
CA LYS H 142 29.20 -8.78 42.00
C LYS H 142 28.00 -7.94 41.55
N TYR H 143 27.46 -7.11 42.45
CA TYR H 143 26.34 -6.27 42.09
C TYR H 143 26.72 -5.24 41.04
N HIS H 144 27.94 -4.71 41.13
CA HIS H 144 28.41 -3.78 40.10
C HIS H 144 28.48 -4.47 38.74
N LYS H 145 29.01 -5.70 38.70
CA LYS H 145 29.04 -6.45 37.45
C LYS H 145 27.64 -6.68 36.91
N GLU H 146 26.70 -7.05 37.78
CA GLU H 146 25.33 -7.28 37.35
C GLU H 146 24.73 -6.02 36.75
N LEU H 147 24.88 -4.89 37.45
CA LEU H 147 24.30 -3.64 36.98
C LEU H 147 24.90 -3.24 35.63
N ILE H 148 26.22 -3.32 35.52
CA ILE H 148 26.86 -2.89 34.27
C ILE H 148 26.45 -3.79 33.12
N SER H 149 26.42 -5.11 33.34
CA SER H 149 26.01 -6.02 32.27
C SER H 149 24.57 -5.76 31.85
N LYS H 150 23.67 -5.54 32.82
CA LYS H 150 22.29 -5.24 32.48
C LYS H 150 22.18 -3.93 31.70
N LEU H 151 22.90 -2.89 32.14
CA LEU H 151 22.82 -1.60 31.49
C LEU H 151 23.41 -1.62 30.09
N ILE H 152 24.36 -2.52 29.84
CA ILE H 152 25.06 -2.55 28.56
C ILE H 152 24.35 -3.50 27.60
N SER H 153 23.63 -4.48 28.14
CA SER H 153 22.93 -5.45 27.29
C SER H 153 21.65 -4.88 26.70
N ASN H 154 21.00 -3.95 27.38
CA ASN H 154 19.65 -3.51 27.04
C ASN H 154 19.60 -2.62 25.80
N ARG H 155 20.69 -2.51 25.05
CA ARG H 155 20.75 -1.65 23.87
C ARG H 155 20.68 -2.53 22.62
N GLN H 156 19.46 -2.71 22.11
CA GLN H 156 19.24 -3.40 20.85
C GLN H 156 19.74 -2.50 19.72
N PRO H 157 19.71 -2.95 18.47
CA PRO H 157 20.15 -2.06 17.38
C PRO H 157 19.34 -0.77 17.38
N GLY H 158 20.04 0.34 17.13
CA GLY H 158 19.41 1.66 17.15
C GLY H 158 19.30 2.28 18.52
N GLN H 159 19.84 1.65 19.56
CA GLN H 159 19.79 2.17 20.92
C GLN H 159 21.20 2.33 21.44
N SER H 160 21.48 3.46 22.09
CA SER H 160 22.83 3.81 22.53
C SER H 160 23.06 3.36 23.96
N ALA H 161 24.33 3.51 24.43
CA ALA H 161 24.71 3.05 25.75
C ALA H 161 24.20 4.01 26.84
N PRO H 162 23.85 3.50 28.01
CA PRO H 162 23.37 4.38 29.08
C PRO H 162 24.49 5.26 29.64
N ALA H 163 24.08 6.33 30.30
CA ALA H 163 24.99 7.25 30.96
C ALA H 163 24.95 7.01 32.47
N ILE H 164 26.12 6.94 33.09
CA ILE H 164 26.25 6.63 34.51
C ILE H 164 26.92 7.80 35.21
N PHE H 165 26.42 8.13 36.40
CA PHE H 165 26.99 9.16 37.25
C PHE H 165 27.54 8.52 38.52
N THR H 166 28.80 8.82 38.83
CA THR H 166 29.38 8.45 40.12
C THR H 166 29.57 9.71 40.96
N THR H 167 29.35 9.58 42.27
CA THR H 167 29.41 10.73 43.16
C THR H 167 30.13 10.38 44.46
N ASN H 168 31.14 9.51 44.39
CA ASN H 168 31.97 9.18 45.53
C ASN H 168 33.45 9.23 45.17
N TYR H 169 34.31 8.76 46.07
CA TYR H 169 35.75 8.87 45.91
C TYR H 169 36.39 7.64 45.28
N ASP H 170 36.00 6.44 45.71
CA ASP H 170 36.61 5.22 45.22
C ASP H 170 36.23 4.96 43.76
N LEU H 171 36.87 3.94 43.19
CA LEU H 171 36.62 3.55 41.80
C LEU H 171 36.13 2.11 41.72
N ALA H 172 35.16 1.76 42.57
CA ALA H 172 34.63 0.41 42.55
C ALA H 172 34.06 0.03 41.19
N LEU H 173 33.48 0.99 40.48
CA LEU H 173 32.83 0.67 39.21
C LEU H 173 33.85 0.38 38.12
N GLU H 174 34.94 1.16 38.06
CA GLU H 174 36.01 0.82 37.13
C GLU H 174 36.60 -0.54 37.44
N TRP H 175 36.60 -0.92 38.72
CA TRP H 175 37.17 -2.21 39.11
C TRP H 175 36.23 -3.35 38.73
N ALA H 176 34.92 -3.13 38.79
CA ALA H 176 33.99 -4.10 38.24
C ALA H 176 34.08 -4.15 36.72
N ALA H 177 34.47 -3.03 36.09
CA ALA H 177 34.66 -3.02 34.65
C ALA H 177 35.87 -3.85 34.23
N GLU H 178 36.94 -3.80 35.03
CA GLU H 178 38.15 -4.56 34.70
C GLU H 178 37.85 -6.02 34.45
N ASP H 179 36.95 -6.61 35.24
CA ASP H 179 36.82 -8.06 35.30
C ASP H 179 35.97 -8.67 34.19
N LEU H 180 35.29 -7.86 33.38
CA LEU H 180 34.38 -8.40 32.37
C LEU H 180 34.67 -7.83 30.98
N GLY H 181 35.91 -7.41 30.71
CA GLY H 181 36.20 -6.79 29.45
C GLY H 181 35.47 -5.48 29.21
N ILE H 182 34.81 -4.95 30.23
CA ILE H 182 34.07 -3.70 30.13
C ILE H 182 35.02 -2.55 30.39
N GLN H 183 34.98 -1.55 29.51
CA GLN H 183 35.68 -0.29 29.75
C GLN H 183 34.63 0.81 29.79
N LEU H 184 34.18 1.14 30.99
CA LEU H 184 33.18 2.19 31.16
C LEU H 184 33.82 3.53 30.85
N PHE H 185 33.64 4.00 29.62
CA PHE H 185 34.30 5.24 29.21
C PHE H 185 33.76 6.40 30.04
N ASN H 186 34.57 6.87 30.98
CA ASN H 186 34.18 7.90 31.92
C ASN H 186 34.69 9.28 31.53
N GLY H 187 35.21 9.42 30.31
CA GLY H 187 35.74 10.67 29.83
C GLY H 187 37.22 10.71 29.62
N PHE H 188 37.89 9.56 29.58
CA PHE H 188 39.34 9.52 29.43
C PHE H 188 39.72 8.20 28.77
N SER H 189 40.44 8.29 27.64
CA SER H 189 40.90 7.10 26.91
C SER H 189 42.39 7.25 26.64
N GLY H 190 43.19 6.42 27.29
CA GLY H 190 44.64 6.49 27.12
C GLY H 190 45.32 5.50 28.04
N LEU H 191 46.56 5.17 27.66
CA LEU H 191 47.39 4.26 28.45
C LEU H 191 48.46 5.01 29.24
N HIS H 192 49.28 5.81 28.55
CA HIS H 192 50.33 6.57 29.20
C HIS H 192 49.83 7.93 29.68
N THR H 193 49.11 8.64 28.81
CA THR H 193 48.52 9.93 29.16
C THR H 193 47.09 9.96 28.66
N ARG H 194 46.15 10.22 29.57
CA ARG H 194 44.74 10.34 29.23
C ARG H 194 44.36 11.81 29.19
N GLN H 195 44.00 12.28 28.01
CA GLN H 195 43.61 13.67 27.79
C GLN H 195 42.14 13.73 27.38
N PHE H 196 41.49 14.83 27.76
CA PHE H 196 40.06 15.00 27.51
C PHE H 196 39.85 15.41 26.04
N TYR H 197 39.37 14.47 25.23
CA TYR H 197 39.01 14.75 23.85
C TYR H 197 37.50 14.88 23.74
N PRO H 198 36.97 16.04 23.33
CA PRO H 198 35.50 16.16 23.24
C PRO H 198 34.87 15.17 22.28
N GLN H 199 35.63 14.63 21.33
CA GLN H 199 35.12 13.71 20.33
C GLN H 199 35.24 12.25 20.75
N ASN H 200 35.66 11.98 21.98
CA ASN H 200 35.83 10.60 22.44
C ASN H 200 34.52 9.93 22.84
N PHE H 201 33.41 10.66 22.81
CA PHE H 201 32.12 10.12 23.22
C PHE H 201 31.41 9.34 22.11
N ASP H 202 32.00 9.27 20.93
CA ASP H 202 31.39 8.62 19.77
C ASP H 202 32.35 7.59 19.19
N LEU H 203 32.94 6.77 20.06
CA LEU H 203 33.86 5.71 19.66
C LEU H 203 33.41 4.40 20.28
N ALA H 204 33.33 3.36 19.45
CA ALA H 204 32.91 2.04 19.92
C ALA H 204 33.40 0.98 18.94
N PHE H 205 33.40 -0.25 19.39
CA PHE H 205 33.87 -1.37 18.58
C PHE H 205 32.79 -1.81 17.60
N ARG H 206 33.22 -2.32 16.45
CA ARG H 206 32.32 -2.77 15.40
C ARG H 206 32.83 -4.09 14.82
N ASN H 207 31.89 -4.92 14.37
CA ASN H 207 32.22 -6.18 13.70
C ASN H 207 32.57 -5.87 12.25
N VAL H 208 33.83 -5.47 12.04
CA VAL H 208 34.25 -5.00 10.73
C VAL H 208 34.22 -6.14 9.71
N ASN H 209 34.80 -7.28 10.06
CA ASN H 209 34.94 -8.41 9.15
C ASN H 209 34.21 -9.61 9.74
N ALA H 210 33.27 -10.16 8.97
CA ALA H 210 32.49 -11.30 9.41
C ALA H 210 33.30 -12.59 9.27
N GLY H 217 32.07 -7.85 20.86
CA GLY H 217 32.26 -6.93 21.95
C GLY H 217 31.84 -5.51 21.62
N HIS H 218 30.66 -5.13 22.09
CA HIS H 218 30.08 -3.80 21.86
C HIS H 218 29.54 -3.24 23.17
N TYR H 219 30.37 -3.30 24.22
CA TYR H 219 29.96 -3.02 25.58
C TYR H 219 30.63 -1.75 26.09
N HIS H 220 29.83 -0.82 26.60
CA HIS H 220 30.35 0.42 27.17
C HIS H 220 29.18 1.24 27.72
N ALA H 221 29.52 2.29 28.44
CA ALA H 221 28.55 3.26 28.96
C ALA H 221 29.27 4.59 29.11
N TYR H 222 28.62 5.56 29.75
CA TYR H 222 29.18 6.89 30.00
C TYR H 222 29.15 7.17 31.50
N LEU H 223 30.22 6.78 32.19
CA LEU H 223 30.37 7.01 33.62
C LEU H 223 30.82 8.45 33.86
N TYR H 224 29.90 9.38 33.62
CA TYR H 224 30.18 10.80 33.87
C TYR H 224 30.62 11.02 35.31
N LYS H 225 31.81 11.59 35.46
CA LYS H 225 32.33 11.97 36.77
C LYS H 225 32.16 13.48 36.92
N LEU H 226 31.39 13.89 37.94
CA LEU H 226 31.25 15.29 38.28
C LEU H 226 31.83 15.60 39.66
N HIS H 227 32.66 14.70 40.20
CA HIS H 227 33.46 14.98 41.38
C HIS H 227 34.95 14.89 41.09
N GLY H 228 35.35 14.98 39.83
CA GLY H 228 36.75 14.74 39.49
C GLY H 228 37.07 13.28 39.69
N SER H 229 38.15 13.01 40.44
CA SER H 229 38.52 11.63 40.72
C SER H 229 39.62 11.61 41.77
N LEU H 230 39.60 10.56 42.60
CA LEU H 230 40.68 10.34 43.56
C LEU H 230 41.99 10.03 42.85
N THR H 231 41.91 9.47 41.64
CA THR H 231 43.09 9.01 40.90
C THR H 231 43.70 10.12 40.03
N TRP H 232 43.47 11.39 40.38
CA TRP H 232 43.99 12.52 39.64
C TRP H 232 45.15 13.13 40.40
N TYR H 233 46.25 13.39 39.70
CA TYR H 233 47.34 14.20 40.25
C TYR H 233 47.64 15.31 39.25
N GLN H 234 47.56 16.56 39.70
CA GLN H 234 47.60 17.72 38.83
C GLN H 234 49.03 18.23 38.74
N ASN H 235 49.58 18.22 37.54
CA ASN H 235 50.94 18.68 37.29
C ASN H 235 50.91 20.09 36.69
N ASP H 236 52.11 20.67 36.53
CA ASP H 236 52.22 22.00 35.97
C ASP H 236 51.90 22.05 34.48
N SER H 237 51.75 20.89 33.83
CA SER H 237 51.47 20.84 32.40
C SER H 237 49.99 20.96 32.08
N LEU H 238 49.13 21.10 33.09
CA LEU H 238 47.69 21.22 32.90
C LEU H 238 47.10 19.97 32.23
N THR H 239 47.69 18.81 32.52
CA THR H 239 47.19 17.54 32.00
C THR H 239 47.21 16.52 33.13
N VAL H 240 46.31 15.55 33.04
CA VAL H 240 46.20 14.51 34.05
C VAL H 240 46.66 13.18 33.48
N ASN H 241 47.95 12.88 33.61
CA ASN H 241 48.40 11.50 33.49
C ASN H 241 47.80 10.69 34.64
N GLU H 242 47.39 9.46 34.34
CA GLU H 242 46.61 8.67 35.27
C GLU H 242 47.37 7.41 35.67
N VAL H 243 47.10 6.94 36.89
CA VAL H 243 47.85 5.88 37.52
C VAL H 243 46.89 4.80 38.02
N SER H 244 47.45 3.67 38.39
CA SER H 244 46.68 2.57 38.95
C SER H 244 46.50 2.78 40.45
N ALA H 245 45.79 1.83 41.09
CA ALA H 245 45.63 1.89 42.53
C ALA H 245 46.97 1.71 43.25
N SER H 246 47.79 0.78 42.78
CA SER H 246 49.08 0.54 43.42
C SER H 246 50.05 1.68 43.17
N GLN H 247 50.14 2.14 41.92
CA GLN H 247 50.94 3.32 41.62
C GLN H 247 50.47 4.51 42.44
N ALA H 248 49.15 4.63 42.64
CA ALA H 248 48.62 5.69 43.49
C ALA H 248 49.16 5.56 44.91
N TYR H 249 48.96 4.39 45.53
CA TYR H 249 49.47 4.17 46.89
C TYR H 249 50.95 4.44 46.96
N ASP H 250 51.67 4.24 45.85
CA ASP H 250 53.11 4.41 45.85
C ASP H 250 53.52 5.88 45.85
N GLU H 251 53.10 6.62 44.82
CA GLU H 251 53.81 7.85 44.48
C GLU H 251 53.12 9.15 44.91
N TYR H 252 51.84 9.14 45.29
CA TYR H 252 51.21 10.40 45.67
C TYR H 252 50.30 10.35 46.89
N ILE H 253 50.08 9.19 47.51
CA ILE H 253 49.30 9.15 48.75
C ILE H 253 50.08 8.41 49.84
N ASN H 254 51.40 8.45 49.76
CA ASN H 254 52.26 7.98 50.85
C ASN H 254 52.58 9.09 51.85
N ASP H 255 52.04 10.29 51.64
CA ASP H 255 52.30 11.42 52.53
C ASP H 255 51.58 11.29 53.86
N ILE H 256 50.66 10.33 54.00
CA ILE H 256 49.89 10.22 55.23
C ILE H 256 50.80 9.90 56.41
N ILE H 257 51.76 8.99 56.19
CA ILE H 257 52.62 8.51 57.27
C ILE H 257 53.94 9.27 57.28
N ASN H 258 54.65 9.24 56.15
CA ASN H 258 56.01 9.79 56.13
C ASN H 258 56.01 11.29 56.40
N LYS H 259 55.22 12.05 55.68
CA LYS H 259 55.19 13.50 55.78
C LYS H 259 53.86 13.96 56.37
N ASP H 260 53.71 15.28 56.50
CA ASP H 260 52.50 15.86 57.08
C ASP H 260 52.28 17.24 56.51
N ASP H 261 51.11 17.44 55.89
CA ASP H 261 50.63 18.76 55.50
C ASP H 261 51.60 19.47 54.55
N PHE H 262 51.77 18.87 53.36
CA PHE H 262 52.56 19.48 52.30
C PHE H 262 51.84 19.38 50.95
N TYR H 263 50.52 19.27 50.98
CA TYR H 263 49.71 19.07 49.79
C TYR H 263 49.21 20.42 49.27
N ARG H 264 49.51 20.73 48.01
CA ARG H 264 49.06 21.95 47.36
C ARG H 264 48.54 21.59 45.96
N GLY H 265 47.24 21.32 45.88
CA GLY H 265 46.59 21.12 44.60
C GLY H 265 47.23 20.06 43.72
N GLN H 266 47.15 18.79 44.14
CA GLN H 266 47.60 17.67 43.33
C GLN H 266 46.42 16.84 42.84
N HIS H 267 45.59 16.34 43.74
CA HIS H 267 44.35 15.65 43.37
C HIS H 267 43.16 16.60 43.49
N LEU H 268 42.11 16.29 42.74
CA LEU H 268 41.01 17.22 42.47
C LEU H 268 39.69 16.60 42.89
N ILE H 269 39.30 16.83 44.14
CA ILE H 269 37.98 16.44 44.64
C ILE H 269 37.59 17.43 45.72
N TYR H 270 36.31 17.82 45.73
CA TYR H 270 35.86 18.86 46.64
C TYR H 270 34.50 18.54 47.25
N PRO H 271 34.43 18.18 48.53
CA PRO H 271 33.13 18.13 49.21
C PRO H 271 32.48 19.49 49.40
N GLY H 272 33.24 20.58 49.25
CA GLY H 272 32.69 21.89 49.54
C GLY H 272 31.50 22.22 48.64
N ALA H 273 30.57 22.99 49.20
CA ALA H 273 29.37 23.36 48.46
C ALA H 273 29.68 24.34 47.34
N ASN H 274 30.60 25.26 47.58
CA ASN H 274 30.90 26.30 46.61
C ASN H 274 31.49 25.68 45.34
N LYS H 275 31.12 26.25 44.19
CA LYS H 275 31.61 25.82 42.90
C LYS H 275 32.36 26.93 42.17
N TYR H 276 32.62 28.06 42.83
CA TYR H 276 33.29 29.19 42.21
C TYR H 276 34.59 29.57 42.90
N SER H 277 34.87 29.04 44.10
CA SER H 277 36.23 29.11 44.61
C SER H 277 37.16 28.28 43.74
N HIS H 278 36.69 27.12 43.28
CA HIS H 278 37.43 26.26 42.35
C HIS H 278 36.98 26.53 40.91
N THR H 279 37.17 27.77 40.48
CA THR H 279 36.69 28.23 39.18
C THR H 279 37.68 27.98 38.06
N ILE H 280 38.89 27.51 38.35
CA ILE H 280 39.92 27.42 37.33
C ILE H 280 39.49 26.47 36.21
N GLY H 281 38.92 25.32 36.58
CA GLY H 281 38.53 24.35 35.57
C GLY H 281 37.47 24.88 34.64
N PHE H 282 37.62 24.57 33.34
CA PHE H 282 36.63 24.88 32.33
C PHE H 282 36.03 23.66 31.66
N VAL H 283 36.69 22.50 31.72
CA VAL H 283 36.08 21.26 31.30
C VAL H 283 34.86 20.93 32.16
N TYR H 284 34.82 21.47 33.38
CA TYR H 284 33.69 21.23 34.27
C TYR H 284 32.41 21.78 33.67
N GLY H 285 32.48 22.98 33.09
CA GLY H 285 31.35 23.49 32.34
C GLY H 285 30.97 22.60 31.18
N GLU H 286 31.94 21.88 30.62
CA GLU H 286 31.62 20.94 29.54
C GLU H 286 30.90 19.70 30.07
N MET H 287 31.26 19.23 31.26
CA MET H 287 30.46 18.18 31.89
C MET H 287 29.04 18.65 32.14
N PHE H 288 28.88 19.88 32.63
CA PHE H 288 27.54 20.42 32.82
C PHE H 288 26.81 20.56 31.49
N ARG H 289 27.54 20.89 30.41
CA ARG H 289 26.91 20.97 29.09
C ARG H 289 26.45 19.61 28.62
N ARG H 290 27.22 18.56 28.91
CA ARG H 290 26.77 17.21 28.58
C ARG H 290 25.51 16.86 29.36
N PHE H 291 25.46 17.24 30.64
CA PHE H 291 24.22 17.04 31.40
C PHE H 291 23.05 17.79 30.77
N GLY H 292 23.30 19.02 30.33
CA GLY H 292 22.24 19.79 29.69
C GLY H 292 21.77 19.19 28.38
N GLU H 293 22.70 18.63 27.61
CA GLU H 293 22.31 17.88 26.42
C GLU H 293 21.47 16.68 26.79
N PHE H 294 21.80 16.02 27.90
CA PHE H 294 20.99 14.91 28.37
C PHE H 294 19.57 15.36 28.71
N ILE H 295 19.43 16.52 29.35
CA ILE H 295 18.11 16.95 29.77
C ILE H 295 17.20 17.32 28.59
N SER H 296 17.78 17.68 27.45
CA SER H 296 17.03 18.33 26.37
C SER H 296 16.58 17.35 25.29
N LYS H 297 16.25 16.11 25.64
CA LYS H 297 15.74 15.15 24.69
C LYS H 297 14.53 14.43 25.26
N PRO H 298 13.57 14.05 24.42
CA PRO H 298 12.40 13.32 24.90
C PRO H 298 12.69 11.85 25.10
N GLN H 299 11.79 11.19 25.82
CA GLN H 299 11.95 9.78 26.19
C GLN H 299 13.31 9.55 26.83
N THR H 300 13.71 10.47 27.71
CA THR H 300 14.96 10.37 28.46
C THR H 300 14.63 10.44 29.94
N ALA H 301 15.29 9.60 30.73
CA ALA H 301 15.02 9.51 32.15
C ALA H 301 16.31 9.47 32.94
N LEU H 302 16.30 10.12 34.10
CA LEU H 302 17.40 10.08 35.05
C LEU H 302 16.93 9.40 36.33
N PHE H 303 17.77 8.51 36.86
CA PHE H 303 17.50 7.80 38.10
C PHE H 303 18.56 8.18 39.13
N ILE H 304 18.10 8.57 40.31
CA ILE H 304 18.98 9.05 41.38
C ILE H 304 18.94 8.06 42.52
N ASN H 305 20.09 7.46 42.83
CA ASN H 305 20.24 6.64 44.03
C ASN H 305 21.61 6.96 44.63
N GLY H 306 21.60 7.56 45.82
CA GLY H 306 22.81 7.94 46.51
C GLY H 306 23.00 9.45 46.64
N PHE H 307 22.28 10.24 45.87
CA PHE H 307 22.38 11.69 45.99
C PHE H 307 21.94 12.14 47.38
N GLY H 308 22.72 13.02 47.99
CA GLY H 308 22.47 13.43 49.36
C GLY H 308 21.86 14.81 49.51
N PHE H 309 21.27 15.33 48.44
CA PHE H 309 20.63 16.65 48.46
C PHE H 309 21.65 17.73 48.83
N GLY H 310 22.71 17.83 48.01
CA GLY H 310 23.81 18.71 48.32
C GLY H 310 24.39 19.48 47.14
N ASP H 311 23.56 19.86 46.18
CA ASP H 311 24.02 20.60 45.02
C ASP H 311 23.16 21.85 44.83
N TYR H 312 23.71 22.81 44.08
CA TYR H 312 23.03 24.06 43.81
C TYR H 312 23.01 24.36 42.32
N HIS H 313 24.01 23.86 41.59
CA HIS H 313 24.05 24.03 40.14
C HIS H 313 23.28 22.91 39.44
N ILE H 314 23.65 21.67 39.71
CA ILE H 314 22.99 20.52 39.09
C ILE H 314 21.52 20.48 39.49
N ASN H 315 21.22 20.73 40.77
CA ASN H 315 19.82 20.68 41.22
C ASN H 315 19.01 21.85 40.66
N ARG H 316 19.62 23.01 40.47
CA ARG H 316 18.93 24.10 39.81
C ARG H 316 18.64 23.76 38.36
N ILE H 317 19.58 23.11 37.68
CA ILE H 317 19.31 22.61 36.34
C ILE H 317 18.21 21.57 36.38
N ILE H 318 18.13 20.80 37.46
CA ILE H 318 17.07 19.79 37.60
C ILE H 318 15.71 20.48 37.65
N LEU H 319 15.59 21.52 38.50
CA LEU H 319 14.34 22.27 38.56
C LEU H 319 14.00 22.87 37.20
N GLY H 320 14.92 23.61 36.60
CA GLY H 320 14.65 24.24 35.32
C GLY H 320 14.39 23.26 34.21
N ALA H 321 14.84 22.01 34.37
CA ALA H 321 14.74 20.98 33.34
C ALA H 321 13.59 20.02 33.55
N LEU H 322 13.12 19.87 34.79
CA LEU H 322 11.98 19.00 35.06
C LEU H 322 10.79 19.34 34.19
N LEU H 323 10.75 20.54 33.62
CA LEU H 323 9.68 20.96 32.73
C LEU H 323 9.80 20.33 31.34
N ASN H 324 10.67 19.35 31.18
CA ASN H 324 10.76 18.58 29.94
C ASN H 324 9.66 17.52 29.92
N PRO H 325 8.83 17.46 28.88
CA PRO H 325 7.68 16.54 28.92
C PRO H 325 8.03 15.08 29.16
N SER H 326 9.30 14.68 29.11
CA SER H 326 9.68 13.30 29.34
C SER H 326 10.80 13.10 30.35
N PHE H 327 11.58 14.13 30.66
CA PHE H 327 12.62 13.99 31.67
C PHE H 327 12.01 13.54 33.00
N HIS H 328 12.63 12.54 33.62
CA HIS H 328 12.15 11.98 34.87
C HIS H 328 13.18 12.21 35.96
N VAL H 329 12.70 12.27 37.20
CA VAL H 329 13.57 12.37 38.36
C VAL H 329 12.96 11.56 39.48
N VAL H 330 13.71 10.59 40.00
CA VAL H 330 13.21 9.67 41.02
C VAL H 330 14.36 9.36 41.98
N ILE H 331 14.02 9.25 43.27
CA ILE H 331 15.00 8.98 44.32
C ILE H 331 14.44 7.89 45.22
N TYR H 332 15.30 6.92 45.57
CA TYR H 332 14.95 5.85 46.50
C TYR H 332 15.50 6.23 47.87
N TYR H 333 14.66 6.84 48.69
CA TYR H 333 15.07 7.38 49.99
C TYR H 333 14.13 6.83 51.06
N PRO H 334 14.57 5.88 51.90
CA PRO H 334 13.64 5.31 52.89
C PRO H 334 13.02 6.33 53.81
N GLU H 335 13.77 7.36 54.21
CA GLU H 335 13.27 8.37 55.16
C GLU H 335 12.41 9.38 54.40
N LEU H 336 11.22 8.94 54.03
CA LEU H 336 10.24 9.79 53.35
C LEU H 336 9.18 10.32 54.30
N LYS H 337 8.55 9.44 55.08
CA LYS H 337 7.55 9.88 56.04
C LYS H 337 8.16 10.78 57.11
N GLU H 338 9.35 10.42 57.61
CA GLU H 338 9.95 11.17 58.70
C GLU H 338 10.25 12.60 58.29
N ALA H 339 10.82 12.79 57.10
CA ALA H 339 11.16 14.14 56.65
C ALA H 339 9.90 14.99 56.48
N ILE H 340 8.86 14.42 55.87
CA ILE H 340 7.63 15.17 55.66
C ILE H 340 7.00 15.55 57.00
N THR H 341 6.97 14.60 57.94
CA THR H 341 6.40 14.90 59.26
C THR H 341 7.20 15.98 59.97
N LYS H 342 8.53 15.90 59.90
CA LYS H 342 9.36 16.91 60.55
C LYS H 342 9.15 18.28 59.94
N VAL H 343 9.04 18.35 58.61
CA VAL H 343 8.78 19.63 57.95
C VAL H 343 7.42 20.17 58.37
N SER H 344 6.41 19.31 58.44
CA SER H 344 5.09 19.73 58.90
C SER H 344 5.14 20.20 60.34
N LYS H 345 6.07 19.68 61.13
CA LYS H 345 6.22 20.05 62.54
C LYS H 345 7.08 21.29 62.73
N GLY H 346 7.60 21.87 61.65
CA GLY H 346 8.43 23.06 61.73
C GLY H 346 9.91 22.83 61.56
N GLY H 347 10.34 21.61 61.23
CA GLY H 347 11.75 21.32 61.05
C GLY H 347 12.22 21.55 59.63
N GLY H 348 12.78 20.51 59.01
CA GLY H 348 13.26 20.60 57.66
C GLY H 348 14.75 20.91 57.60
N SER H 349 15.39 20.43 56.54
CA SER H 349 16.81 20.62 56.33
C SER H 349 17.04 21.72 55.30
N GLU H 350 18.31 21.90 54.91
CA GLU H 350 18.64 22.94 53.94
C GLU H 350 17.98 22.67 52.60
N ALA H 351 18.00 21.42 52.15
CA ALA H 351 17.48 21.05 50.84
C ALA H 351 16.31 20.08 50.89
N GLU H 352 16.00 19.49 52.04
CA GLU H 352 14.89 18.53 52.11
C GLU H 352 13.60 19.14 51.62
N LYS H 353 13.40 20.45 51.83
CA LYS H 353 12.24 21.12 51.29
C LYS H 353 12.19 21.01 49.76
N ALA H 354 13.35 21.03 49.11
CA ALA H 354 13.39 20.94 47.66
C ALA H 354 12.86 19.59 47.18
N ILE H 355 13.31 18.51 47.80
CA ILE H 355 12.83 17.19 47.41
C ILE H 355 11.36 17.03 47.76
N VAL H 356 10.93 17.62 48.89
CA VAL H 356 9.51 17.59 49.24
C VAL H 356 8.70 18.27 48.16
N THR H 357 9.16 19.42 47.68
CA THR H 357 8.46 20.13 46.61
C THR H 357 8.44 19.30 45.33
N LEU H 358 9.59 18.73 44.96
CA LEU H 358 9.65 17.93 43.74
C LEU H 358 8.69 16.75 43.81
N LYS H 359 8.54 16.15 44.99
CA LYS H 359 7.48 15.16 45.18
C LYS H 359 6.12 15.80 45.01
N ASN H 360 5.95 17.03 45.52
CA ASN H 360 4.67 17.73 45.46
C ASN H 360 4.43 18.41 44.13
N MET H 361 5.41 18.46 43.24
CA MET H 361 5.19 19.04 41.92
C MET H 361 4.07 18.30 41.22
N ALA H 362 3.19 19.06 40.56
CA ALA H 362 1.97 18.53 39.97
C ALA H 362 2.21 17.74 38.68
N PHE H 363 3.46 17.43 38.37
CA PHE H 363 3.77 16.69 37.15
C PHE H 363 3.70 15.19 37.42
N ASN H 364 2.88 14.49 36.63
CA ASN H 364 2.86 13.03 36.69
C ASN H 364 4.11 12.41 36.08
N GLN H 365 4.91 13.20 35.35
CA GLN H 365 6.19 12.71 34.85
C GLN H 365 7.08 12.22 35.98
N VAL H 366 6.88 12.76 37.18
CA VAL H 366 7.64 12.38 38.36
C VAL H 366 6.69 11.72 39.35
N THR H 367 7.08 10.55 39.85
CA THR H 367 6.35 9.85 40.89
C THR H 367 7.34 9.33 41.92
N VAL H 368 6.98 9.47 43.19
CA VAL H 368 7.84 9.06 44.30
C VAL H 368 7.29 7.75 44.86
N VAL H 369 8.11 6.71 44.83
CA VAL H 369 7.71 5.38 45.29
C VAL H 369 8.73 4.92 46.32
N GLY H 370 8.23 4.41 47.45
CA GLY H 370 9.09 3.93 48.51
C GLY H 370 8.93 2.45 48.77
N GLY H 371 8.89 2.05 50.04
CA GLY H 371 8.74 0.66 50.41
C GLY H 371 9.62 0.27 51.57
N GLY H 372 10.74 0.98 51.75
CA GLY H 372 11.63 0.71 52.86
C GLY H 372 12.71 -0.30 52.53
N SER H 373 12.52 -1.54 52.97
CA SER H 373 13.53 -2.58 52.77
C SER H 373 13.78 -2.87 51.30
N LYS H 374 12.81 -2.56 50.42
CA LYS H 374 12.94 -2.84 49.00
C LYS H 374 13.51 -1.67 48.21
N ALA H 375 13.95 -0.61 48.89
CA ALA H 375 14.46 0.60 48.24
C ALA H 375 15.97 0.74 48.39
N TYR H 376 16.67 -0.37 48.54
CA TYR H 376 18.12 -0.35 48.72
C TYR H 376 18.82 -0.52 47.37
N PHE H 377 20.14 -0.28 47.38
CA PHE H 377 20.91 -0.38 46.15
C PHE H 377 20.83 -1.77 45.54
N ASN H 378 20.72 -2.81 46.38
CA ASN H 378 20.57 -4.17 45.85
C ASN H 378 19.30 -4.28 45.02
N SER H 379 18.19 -3.72 45.53
CA SER H 379 16.94 -3.73 44.77
C SER H 379 17.08 -2.95 43.47
N PHE H 380 17.77 -1.82 43.51
CA PHE H 380 17.99 -1.04 42.29
C PHE H 380 18.76 -1.85 41.25
N VAL H 381 19.82 -2.54 41.68
CA VAL H 381 20.60 -3.37 40.75
C VAL H 381 19.73 -4.49 40.19
N GLU H 382 18.94 -5.13 41.04
CA GLU H 382 18.12 -6.24 40.58
C GLU H 382 16.97 -5.79 39.69
N HIS H 383 16.57 -4.51 39.78
CA HIS H 383 15.39 -4.05 39.07
C HIS H 383 15.60 -4.11 37.55
N LEU H 384 16.73 -3.65 37.07
CA LEU H 384 16.95 -3.56 35.62
C LEU H 384 16.98 -4.95 35.02
N PRO H 385 16.10 -5.28 34.08
CA PRO H 385 16.14 -6.59 33.43
C PRO H 385 16.94 -6.58 32.12
N TYR H 386 17.30 -7.79 31.69
CA TYR H 386 18.06 -7.98 30.47
C TYR H 386 17.14 -7.90 29.25
N PRO H 387 17.70 -7.65 28.06
CA PRO H 387 16.89 -7.74 26.85
C PRO H 387 16.37 -9.15 26.64
N VAL H 388 15.16 -9.25 26.11
CA VAL H 388 14.52 -10.54 25.86
C VAL H 388 14.02 -10.52 24.42
N LEU H 389 14.85 -10.99 23.49
CA LEU H 389 14.44 -11.18 22.10
C LEU H 389 14.00 -12.61 21.82
N PHE H 390 14.92 -13.57 21.99
CA PHE H 390 14.64 -14.98 21.80
C PHE H 390 13.95 -15.59 23.03
N PRO H 391 14.32 -15.19 24.25
CA PRO H 391 13.69 -15.80 25.44
C PRO H 391 12.20 -15.52 25.54
N ARG H 392 11.59 -15.97 26.63
CA ARG H 392 10.15 -15.94 26.82
C ARG H 392 9.53 -14.68 26.24
N ASP H 393 8.47 -14.87 25.46
CA ASP H 393 7.74 -13.81 24.77
C ASP H 393 6.27 -13.88 25.18
N ASN H 394 5.43 -13.13 24.47
CA ASN H 394 4.00 -13.07 24.75
C ASN H 394 3.22 -13.67 23.58
N ILE H 395 1.89 -13.61 23.70
CA ILE H 395 0.96 -14.19 22.73
C ILE H 395 1.07 -15.71 22.75
N SER I 2 68.95 6.23 -6.70
CA SER I 2 70.28 5.71 -6.38
C SER I 2 70.31 4.19 -6.53
N ILE I 3 69.78 3.70 -7.64
CA ILE I 3 69.72 2.28 -7.94
C ILE I 3 70.54 2.03 -9.21
N TYR I 4 71.46 1.08 -9.14
CA TYR I 4 72.37 0.77 -10.24
C TYR I 4 72.03 -0.59 -10.82
N GLN I 5 71.98 -0.66 -12.16
CA GLN I 5 71.70 -1.91 -12.85
C GLN I 5 72.49 -1.89 -14.16
N GLY I 6 73.62 -2.58 -14.17
CA GLY I 6 74.47 -2.64 -15.34
C GLY I 6 75.41 -1.46 -15.51
N GLY I 7 75.46 -0.55 -14.55
CA GLY I 7 76.37 0.58 -14.62
C GLY I 7 75.80 1.83 -15.25
N ASN I 8 74.48 1.92 -15.42
CA ASN I 8 73.83 3.08 -16.00
C ASN I 8 73.05 3.83 -14.94
N LYS I 9 73.09 5.16 -15.01
CA LYS I 9 72.41 5.99 -14.04
C LYS I 9 70.90 5.95 -14.24
N LEU I 10 70.17 6.05 -13.13
CA LEU I 10 68.72 6.10 -13.14
C LEU I 10 68.24 7.22 -12.22
N ASN I 11 67.07 7.77 -12.53
CA ASN I 11 66.53 8.89 -11.78
C ASN I 11 65.69 8.41 -10.60
N GLU I 12 65.71 9.19 -9.53
CA GLU I 12 64.93 8.88 -8.34
C GLU I 12 63.46 9.27 -8.48
N ASP I 13 63.13 10.13 -9.46
CA ASP I 13 61.76 10.58 -9.62
C ASP I 13 60.84 9.42 -9.96
N ASP I 14 61.29 8.51 -10.85
CA ASP I 14 60.47 7.37 -11.22
C ASP I 14 60.18 6.48 -10.01
N PHE I 15 61.21 6.20 -9.20
CA PHE I 15 61.00 5.38 -8.01
C PHE I 15 60.08 6.08 -7.02
N ARG I 16 60.23 7.40 -6.86
CA ARG I 16 59.35 8.15 -5.96
C ARG I 16 57.90 8.05 -6.43
N SER I 17 57.67 8.22 -7.73
CA SER I 17 56.32 8.12 -8.26
C SER I 17 55.75 6.72 -8.08
N HIS I 18 56.57 5.70 -8.32
CA HIS I 18 56.11 4.33 -8.13
C HIS I 18 55.74 4.06 -6.68
N VAL I 19 56.56 4.54 -5.74
CA VAL I 19 56.26 4.34 -4.32
C VAL I 19 54.97 5.09 -3.95
N TYR I 20 54.80 6.30 -4.46
CA TYR I 20 53.59 7.05 -4.18
C TYR I 20 52.36 6.33 -4.71
N SER I 21 52.45 5.78 -5.92
CA SER I 21 51.33 5.04 -6.48
C SER I 21 51.03 3.79 -5.66
N LEU I 22 52.08 3.09 -5.21
CA LEU I 22 51.87 1.88 -4.43
C LEU I 22 51.29 2.19 -3.05
N CYS I 23 51.61 3.36 -2.49
CA CYS I 23 51.13 3.72 -1.17
C CYS I 23 49.64 4.04 -1.16
N GLN I 24 48.99 4.17 -2.31
CA GLN I 24 47.58 4.50 -2.37
C GLN I 24 46.68 3.28 -2.20
N LEU I 25 47.25 2.08 -2.09
CA LEU I 25 46.45 0.88 -1.93
C LEU I 25 45.73 0.88 -0.58
N ASP I 26 44.61 0.17 -0.52
CA ASP I 26 43.84 0.08 0.70
C ASP I 26 44.59 -0.64 1.82
N ASN I 27 45.61 -1.43 1.47
CA ASN I 27 46.41 -2.16 2.46
C ASN I 27 47.87 -1.80 2.25
N VAL I 28 48.40 -0.94 3.12
CA VAL I 28 49.78 -0.49 3.04
C VAL I 28 50.34 -0.37 4.45
N GLY I 29 51.65 -0.56 4.55
CA GLY I 29 52.32 -0.45 5.84
C GLY I 29 53.80 -0.18 5.66
N VAL I 30 54.43 0.24 6.75
CA VAL I 30 55.85 0.56 6.76
C VAL I 30 56.51 -0.17 7.93
N LEU I 31 57.81 -0.39 7.79
CA LEU I 31 58.60 -1.09 8.80
C LEU I 31 59.85 -0.28 9.11
N LEU I 32 60.22 -0.26 10.39
CA LEU I 32 61.42 0.43 10.86
C LEU I 32 62.47 -0.60 11.27
N GLY I 33 63.67 -0.45 10.72
CA GLY I 33 64.74 -1.39 11.02
C GLY I 33 65.34 -1.18 12.39
N ALA I 34 65.98 -2.24 12.90
CA ALA I 34 66.62 -2.17 14.20
C ALA I 34 67.89 -1.34 14.16
N GLY I 35 68.64 -1.38 13.06
CA GLY I 35 69.88 -0.64 12.96
C GLY I 35 69.70 0.86 12.77
N ALA I 36 68.49 1.29 12.36
CA ALA I 36 68.26 2.71 12.14
C ALA I 36 68.50 3.53 13.40
N SER I 37 68.32 2.92 14.57
CA SER I 37 68.53 3.61 15.84
C SER I 37 69.98 3.59 16.30
N VAL I 38 70.87 2.88 15.59
CA VAL I 38 72.26 2.80 16.02
C VAL I 38 72.88 4.18 16.09
N GLY I 39 72.42 5.12 15.26
CA GLY I 39 72.94 6.47 15.26
C GLY I 39 72.34 7.39 16.30
N CYS I 40 71.41 6.91 17.12
CA CYS I 40 70.76 7.70 18.14
C CYS I 40 70.97 7.10 19.54
N GLY I 41 72.16 6.54 19.77
CA GLY I 41 72.47 5.95 21.05
C GLY I 41 71.98 4.54 21.24
N GLY I 42 71.47 3.90 20.20
CA GLY I 42 71.00 2.54 20.33
C GLY I 42 72.13 1.55 20.51
N LYS I 43 71.78 0.39 21.07
CA LYS I 43 72.74 -0.67 21.34
C LYS I 43 72.15 -2.01 20.91
N THR I 44 73.04 -2.94 20.59
CA THR I 44 72.66 -4.29 20.19
C THR I 44 73.11 -5.29 21.25
N MET I 45 72.29 -6.31 21.48
CA MET I 45 72.61 -7.30 22.50
C MET I 45 73.89 -8.05 22.18
N LYS I 46 74.29 -8.12 20.91
CA LYS I 46 75.51 -8.83 20.56
C LYS I 46 76.73 -8.17 21.18
N ASP I 47 76.79 -6.83 21.16
CA ASP I 47 77.94 -6.13 21.72
C ASP I 47 78.08 -6.40 23.22
N VAL I 48 76.96 -6.30 23.94
CA VAL I 48 77.00 -6.55 25.39
C VAL I 48 77.36 -8.00 25.66
N TRP I 49 76.81 -8.92 24.86
CA TRP I 49 77.11 -10.34 25.04
C TRP I 49 78.60 -10.60 24.88
N LYS I 50 79.20 -10.08 23.81
CA LYS I 50 80.62 -10.32 23.58
C LYS I 50 81.47 -9.63 24.65
N SER I 51 81.08 -8.42 25.07
CA SER I 51 81.83 -7.75 26.12
C SER I 51 81.81 -8.56 27.41
N PHE I 52 80.64 -9.07 27.80
CA PHE I 52 80.55 -9.87 29.01
C PHE I 52 81.34 -11.16 28.88
N LYS I 53 81.24 -11.84 27.74
CA LYS I 53 81.96 -13.10 27.58
C LYS I 53 83.47 -12.89 27.62
N GLN I 54 83.95 -11.79 27.02
CA GLN I 54 85.37 -11.49 27.08
C GLN I 54 85.79 -11.12 28.50
N ASN I 55 84.95 -10.38 29.21
CA ASN I 55 85.33 -9.91 30.55
C ASN I 55 85.39 -11.06 31.55
N TYR I 56 84.61 -12.12 31.35
CA TYR I 56 84.52 -13.25 32.27
C TYR I 56 84.73 -14.54 31.50
N PRO I 57 85.98 -14.83 31.10
CA PRO I 57 86.25 -16.09 30.39
C PRO I 57 86.33 -17.31 31.29
N GLU I 58 86.31 -17.13 32.61
CA GLU I 58 86.41 -18.28 33.51
C GLU I 58 85.25 -19.25 33.31
N LEU I 59 84.04 -18.72 33.07
CA LEU I 59 82.87 -19.55 32.86
C LEU I 59 82.78 -20.12 31.45
N LEU I 60 83.58 -19.61 30.51
CA LEU I 60 83.43 -20.00 29.11
C LEU I 60 83.64 -21.49 28.92
N GLY I 61 84.61 -22.07 29.63
CA GLY I 61 84.87 -23.50 29.47
C GLY I 61 83.64 -24.35 29.74
N ALA I 62 82.90 -24.01 30.79
CA ALA I 62 81.71 -24.77 31.13
C ALA I 62 80.60 -24.57 30.09
N LEU I 63 80.53 -23.36 29.51
CA LEU I 63 79.40 -23.03 28.64
C LEU I 63 79.32 -23.91 27.41
N ILE I 64 80.45 -24.32 26.85
CA ILE I 64 80.49 -25.06 25.58
C ILE I 64 80.82 -26.53 25.83
N ASP I 65 81.89 -26.81 26.58
CA ASP I 65 82.32 -28.19 26.76
C ASP I 65 81.27 -29.01 27.49
N LYS I 66 80.66 -28.45 28.54
CA LYS I 66 79.74 -29.19 29.39
C LYS I 66 78.28 -29.06 28.96
N TYR I 67 77.97 -28.15 28.04
CA TYR I 67 76.60 -27.94 27.61
C TYR I 67 76.41 -28.03 26.11
N LEU I 68 77.40 -27.57 25.32
CA LEU I 68 77.44 -27.71 23.87
C LEU I 68 76.32 -26.94 23.16
N LEU I 69 75.63 -26.03 23.86
CA LEU I 69 74.62 -25.22 23.18
C LEU I 69 75.25 -24.39 22.07
N VAL I 70 76.54 -24.11 22.17
CA VAL I 70 77.27 -23.34 21.17
C VAL I 70 78.68 -23.90 21.09
N SER I 71 79.34 -23.65 19.97
CA SER I 71 80.75 -23.97 19.79
C SER I 71 81.55 -22.68 19.76
N GLN I 72 82.82 -22.76 20.19
CA GLN I 72 83.65 -21.57 20.25
C GLN I 72 83.65 -20.82 18.93
N ILE I 73 83.75 -21.57 17.82
CA ILE I 73 83.70 -20.94 16.49
C ILE I 73 82.34 -20.29 16.27
N ASP I 74 81.26 -21.01 16.63
CA ASP I 74 79.92 -20.45 16.48
C ASP I 74 79.73 -19.24 17.36
N SER I 75 80.21 -19.31 18.61
CA SER I 75 80.06 -18.17 19.52
C SER I 75 80.81 -16.95 19.00
N ASP I 76 82.03 -17.15 18.48
CA ASP I 76 82.83 -16.02 18.02
C ASP I 76 82.32 -15.48 16.68
N ASN I 77 81.68 -16.32 15.88
CA ASN I 77 81.22 -15.91 14.54
C ASN I 77 79.87 -15.21 14.58
N ASN I 78 79.25 -15.06 15.74
CA ASN I 78 77.94 -14.41 15.86
C ASN I 78 76.89 -15.09 15.00
N LEU I 79 77.00 -16.41 14.87
CA LEU I 79 76.02 -17.23 14.14
C LEU I 79 75.10 -17.98 15.10
N VAL I 80 74.77 -17.36 16.22
CA VAL I 80 74.01 -18.01 17.28
C VAL I 80 72.82 -17.12 17.66
N ASN I 81 71.78 -17.75 18.17
CA ASN I 81 70.60 -17.05 18.68
C ASN I 81 70.72 -17.03 20.20
N VAL I 82 71.46 -16.04 20.71
CA VAL I 82 71.70 -15.97 22.15
C VAL I 82 70.38 -15.89 22.91
N GLU I 83 69.37 -15.26 22.31
CA GLU I 83 68.03 -15.30 22.91
C GLU I 83 67.56 -16.74 23.03
N LEU I 84 67.81 -17.56 22.00
CA LEU I 84 67.46 -18.97 22.08
C LEU I 84 68.35 -19.71 23.06
N LEU I 85 69.60 -19.28 23.22
CA LEU I 85 70.46 -19.87 24.24
C LEU I 85 69.85 -19.68 25.62
N ILE I 86 69.42 -18.45 25.93
CA ILE I 86 68.83 -18.19 27.24
C ILE I 86 67.48 -18.89 27.37
N ASP I 87 66.71 -18.93 26.28
CA ASP I 87 65.43 -19.65 26.32
C ASP I 87 65.65 -21.12 26.61
N GLU I 88 66.72 -21.71 26.06
CA GLU I 88 67.02 -23.11 26.34
C GLU I 88 67.50 -23.26 27.77
N ALA I 89 68.24 -22.29 28.29
CA ALA I 89 68.56 -22.28 29.71
C ALA I 89 67.30 -22.28 30.56
N THR I 90 66.22 -21.63 30.08
CA THR I 90 64.98 -21.60 30.83
C THR I 90 64.46 -23.00 31.11
N LYS I 91 64.76 -23.97 30.24
CA LYS I 91 64.37 -25.35 30.48
C LYS I 91 65.50 -26.17 31.10
N PHE I 92 66.75 -25.80 30.84
CA PHE I 92 67.85 -26.43 31.57
C PHE I 92 67.68 -26.27 33.07
N LEU I 93 67.12 -25.14 33.49
CA LEU I 93 66.90 -24.92 34.92
C LEU I 93 65.96 -25.98 35.50
N SER I 94 64.85 -26.23 34.81
CA SER I 94 63.93 -27.28 35.25
C SER I 94 64.56 -28.66 35.14
N VAL I 95 65.39 -28.88 34.11
CA VAL I 95 66.09 -30.16 33.99
C VAL I 95 66.94 -30.42 35.23
N ALA I 96 67.72 -29.40 35.62
CA ALA I 96 68.57 -29.54 36.81
C ALA I 96 67.73 -29.72 38.07
N LYS I 97 66.64 -28.96 38.19
CA LYS I 97 65.79 -29.09 39.38
C LYS I 97 65.21 -30.49 39.48
N THR I 98 64.74 -31.04 38.37
CA THR I 98 64.22 -32.41 38.37
C THR I 98 65.33 -33.40 38.71
N ARG I 99 66.52 -33.18 38.17
CA ARG I 99 67.68 -34.04 38.46
C ARG I 99 68.39 -33.64 39.74
N ARG I 100 67.93 -32.59 40.42
CA ARG I 100 68.57 -32.10 41.63
C ARG I 100 70.04 -31.75 41.37
N CYS I 101 70.30 -31.23 40.17
CA CYS I 101 71.66 -30.84 39.77
C CYS I 101 71.90 -29.40 40.23
N GLU I 102 72.28 -29.28 41.51
CA GLU I 102 72.34 -27.96 42.14
C GLU I 102 73.45 -27.10 41.54
N ASP I 103 74.61 -27.68 41.27
CA ASP I 103 75.73 -26.88 40.76
C ASP I 103 75.40 -26.28 39.39
N GLU I 104 74.83 -27.08 38.49
CA GLU I 104 74.39 -26.54 37.21
C GLU I 104 73.29 -25.51 37.39
N GLU I 105 72.40 -25.72 38.37
CA GLU I 105 71.37 -24.74 38.67
C GLU I 105 72.00 -23.39 39.03
N GLU I 106 72.99 -23.42 39.91
CA GLU I 106 73.67 -22.19 40.30
C GLU I 106 74.38 -21.55 39.12
N GLU I 107 75.03 -22.35 38.29
CA GLU I 107 75.71 -21.83 37.10
C GLU I 107 74.72 -21.11 36.19
N PHE I 108 73.58 -21.76 35.91
CA PHE I 108 72.57 -21.16 35.05
C PHE I 108 72.03 -19.87 35.66
N ARG I 109 71.72 -19.89 36.96
CA ARG I 109 71.16 -18.72 37.61
C ARG I 109 72.13 -17.55 37.58
N LYS I 110 73.40 -17.81 37.91
CA LYS I 110 74.40 -16.75 37.90
C LYS I 110 74.53 -16.14 36.52
N ILE I 111 74.60 -16.97 35.49
CA ILE I 111 74.76 -16.43 34.13
C ILE I 111 73.52 -15.66 33.71
N LEU I 112 72.34 -16.18 34.03
CA LEU I 112 71.11 -15.49 33.68
C LEU I 112 71.06 -14.11 34.32
N SER I 113 71.37 -14.03 35.62
CA SER I 113 71.31 -12.76 36.31
C SER I 113 72.38 -11.80 35.78
N SER I 114 73.59 -12.30 35.53
CA SER I 114 74.65 -11.44 35.02
C SER I 114 74.26 -10.84 33.67
N LEU I 115 73.78 -11.68 32.76
CA LEU I 115 73.38 -11.18 31.45
C LEU I 115 72.20 -10.22 31.56
N TYR I 116 71.23 -10.53 32.43
CA TYR I 116 70.09 -9.65 32.61
C TYR I 116 70.54 -8.26 33.07
N LYS I 117 71.40 -8.20 34.09
CA LYS I 117 71.83 -6.92 34.59
C LYS I 117 72.68 -6.18 33.56
N GLU I 118 73.53 -6.92 32.82
CA GLU I 118 74.35 -6.29 31.80
C GLU I 118 73.49 -5.64 30.73
N VAL I 119 72.44 -6.33 30.27
CA VAL I 119 71.57 -5.75 29.26
C VAL I 119 70.77 -4.59 29.83
N THR I 120 70.33 -4.71 31.09
CA THR I 120 69.44 -3.70 31.66
C THR I 120 70.16 -2.39 31.94
N LYS I 121 71.35 -2.46 32.55
CA LYS I 121 72.00 -1.24 33.04
C LYS I 121 72.24 -0.24 31.91
N ALA I 122 72.54 -0.71 30.70
CA ALA I 122 72.79 0.17 29.58
C ALA I 122 71.54 0.58 28.82
N ALA I 123 70.38 0.01 29.17
CA ALA I 123 69.14 0.28 28.46
C ALA I 123 68.23 1.28 29.17
N LEU I 124 68.64 1.79 30.33
CA LEU I 124 67.79 2.74 31.05
C LEU I 124 67.58 4.02 30.24
N LEU I 125 68.68 4.63 29.80
CA LEU I 125 68.66 5.84 28.96
C LEU I 125 67.93 7.00 29.61
N THR I 126 67.59 6.91 30.90
CA THR I 126 66.85 7.96 31.57
C THR I 126 67.37 8.29 32.97
N GLY I 127 68.44 7.66 33.43
CA GLY I 127 68.95 7.96 34.76
C GLY I 127 67.92 7.60 35.82
N GLU I 128 67.86 8.43 36.86
CA GLU I 128 66.93 8.21 37.97
C GLU I 128 65.51 8.67 37.66
N GLN I 129 65.31 9.36 36.54
CA GLN I 129 63.98 9.85 36.16
C GLN I 129 63.25 8.90 35.22
N PHE I 130 63.54 7.60 35.31
CA PHE I 130 62.94 6.65 34.38
C PHE I 130 61.43 6.61 34.52
N ARG I 131 60.93 6.53 35.76
CA ARG I 131 59.50 6.30 35.97
C ARG I 131 58.65 7.48 35.53
N GLU I 132 59.24 8.64 35.24
CA GLU I 132 58.48 9.74 34.68
C GLU I 132 57.86 9.30 33.35
N LYS I 133 56.58 9.60 33.18
CA LYS I 133 55.82 9.11 32.03
C LYS I 133 56.02 10.03 30.82
N ASN I 134 56.12 9.41 29.64
CA ASN I 134 56.22 10.14 28.38
C ASN I 134 57.40 11.10 28.40
N GLN I 135 58.59 10.54 28.51
CA GLN I 135 59.84 11.29 28.48
C GLN I 135 60.35 11.54 27.06
N GLY I 136 59.48 11.42 26.06
CA GLY I 136 59.85 11.61 24.68
C GLY I 136 59.91 13.05 24.23
N LYS I 137 59.63 14.01 25.11
CA LYS I 137 59.67 15.42 24.75
C LYS I 137 61.09 15.93 24.50
N LYS I 138 62.11 15.14 24.83
CA LYS I 138 63.48 15.58 24.63
C LYS I 138 63.77 15.82 23.16
N ASP I 139 64.63 16.80 22.89
CA ASP I 139 64.97 17.17 21.53
C ASP I 139 65.88 16.16 20.83
N ALA I 140 66.39 15.17 21.56
CA ALA I 140 67.28 14.18 20.96
C ALA I 140 66.62 13.49 19.77
N PHE I 141 65.31 13.23 19.88
CA PHE I 141 64.55 12.61 18.81
C PHE I 141 63.73 13.62 18.00
N LYS I 142 64.03 14.92 18.16
CA LYS I 142 63.26 15.94 17.46
C LYS I 142 63.19 15.67 15.96
N TYR I 143 64.33 15.34 15.36
CA TYR I 143 64.35 15.05 13.93
C TYR I 143 63.36 13.96 13.57
N HIS I 144 63.29 12.90 14.39
CA HIS I 144 62.38 11.81 14.11
C HIS I 144 60.94 12.31 14.01
N LYS I 145 60.58 13.30 14.82
CA LYS I 145 59.23 13.85 14.76
C LYS I 145 58.88 14.29 13.35
N GLU I 146 59.83 14.93 12.65
CA GLU I 146 59.57 15.37 11.29
C GLU I 146 59.09 14.22 10.42
N LEU I 147 59.68 13.04 10.58
CA LEU I 147 59.25 11.88 9.80
C LEU I 147 57.77 11.62 10.01
N ILE I 148 57.31 11.65 11.26
CA ILE I 148 55.89 11.41 11.52
C ILE I 148 55.03 12.45 10.84
N SER I 149 55.54 13.68 10.71
CA SER I 149 54.77 14.72 10.03
C SER I 149 54.48 14.34 8.59
N LYS I 150 55.31 13.48 7.99
CA LYS I 150 55.07 13.05 6.63
C LYS I 150 53.91 12.08 6.51
N LEU I 151 53.51 11.45 7.62
CA LEU I 151 52.44 10.47 7.61
C LEU I 151 51.07 11.09 7.87
N ILE I 152 50.99 12.39 8.13
CA ILE I 152 49.73 13.06 8.41
C ILE I 152 49.18 13.75 7.16
N SER I 153 50.04 14.43 6.41
CA SER I 153 49.60 15.14 5.21
C SER I 153 49.37 14.23 4.02
N ASN I 154 49.80 12.96 4.09
CA ASN I 154 49.64 12.02 3.00
C ASN I 154 48.39 11.17 3.12
N ARG I 155 47.57 11.40 4.14
CA ARG I 155 46.34 10.63 4.36
C ARG I 155 45.16 11.49 3.92
N GLN I 156 44.51 11.09 2.83
CA GLN I 156 43.36 11.81 2.31
C GLN I 156 42.07 11.31 2.96
N PRO I 157 41.02 12.12 2.96
CA PRO I 157 39.74 11.67 3.52
C PRO I 157 39.21 10.46 2.77
N GLY I 158 38.52 9.59 3.51
CA GLY I 158 37.95 8.39 2.91
C GLY I 158 38.99 7.43 2.37
N GLN I 159 40.05 7.20 3.15
CA GLN I 159 41.12 6.30 2.76
C GLN I 159 41.47 5.40 3.94
N SER I 160 42.10 4.27 3.63
CA SER I 160 42.48 3.32 4.66
C SER I 160 43.38 3.98 5.70
N ALA I 161 43.10 3.69 6.98
CA ALA I 161 43.82 4.34 8.06
C ALA I 161 45.27 3.85 8.11
N PRO I 162 46.16 4.64 8.71
CA PRO I 162 47.57 4.23 8.78
C PRO I 162 47.76 3.03 9.70
N ALA I 163 48.84 2.28 9.43
CA ALA I 163 49.25 1.17 10.27
C ALA I 163 50.68 1.40 10.73
N ILE I 164 50.93 1.13 12.01
CA ILE I 164 52.22 1.41 12.64
C ILE I 164 52.80 0.09 13.13
N PHE I 165 54.05 -0.19 12.72
CA PHE I 165 54.78 -1.38 13.16
C PHE I 165 56.12 -0.93 13.73
N THR I 166 56.40 -1.32 14.97
CA THR I 166 57.65 -0.99 15.63
C THR I 166 58.45 -2.26 15.86
N THR I 167 59.76 -2.18 15.67
CA THR I 167 60.65 -3.34 15.77
C THR I 167 61.33 -3.46 17.11
N ASN I 168 61.62 -2.35 17.80
CA ASN I 168 62.32 -2.39 19.07
C ASN I 168 61.38 -2.87 20.18
N TYR I 169 61.98 -3.29 21.29
CA TYR I 169 61.25 -3.78 22.44
C TYR I 169 61.12 -2.73 23.54
N ASP I 170 61.54 -1.50 23.29
CA ASP I 170 61.45 -0.42 24.25
C ASP I 170 60.39 0.58 23.82
N LEU I 171 59.98 1.42 24.76
CA LEU I 171 58.93 2.41 24.53
C LEU I 171 59.48 3.82 24.29
N ALA I 172 60.78 3.94 24.03
CA ALA I 172 61.35 5.26 23.80
C ALA I 172 60.71 5.93 22.59
N LEU I 173 60.56 5.19 21.49
CA LEU I 173 59.85 5.73 20.34
C LEU I 173 58.34 5.72 20.56
N GLU I 174 57.81 4.70 21.23
CA GLU I 174 56.38 4.63 21.50
C GLU I 174 55.93 5.74 22.43
N TRP I 175 56.75 6.11 23.42
CA TRP I 175 56.38 7.21 24.31
C TRP I 175 56.23 8.50 23.52
N ALA I 176 57.16 8.79 22.61
CA ALA I 176 57.01 9.96 21.75
C ALA I 176 55.75 9.84 20.91
N ALA I 177 55.57 8.69 20.25
CA ALA I 177 54.41 8.50 19.38
C ALA I 177 53.11 8.79 20.12
N GLU I 178 53.01 8.35 21.37
CA GLU I 178 51.86 8.69 22.19
C GLU I 178 51.82 10.17 22.50
N ASP I 179 52.97 10.78 22.75
CA ASP I 179 53.01 12.20 23.13
C ASP I 179 52.52 13.09 22.01
N LEU I 180 52.66 12.66 20.75
CA LEU I 180 52.12 13.45 19.65
C LEU I 180 50.63 13.72 19.80
N GLY I 181 49.92 12.87 20.54
CA GLY I 181 48.52 13.13 20.83
C GLY I 181 47.56 12.33 19.98
N ILE I 182 47.84 11.05 19.79
CA ILE I 182 46.98 10.15 19.03
C ILE I 182 46.74 8.89 19.86
N GLN I 183 45.61 8.24 19.59
CA GLN I 183 45.23 7.03 20.30
C GLN I 183 45.78 5.83 19.53
N LEU I 184 46.67 5.07 20.18
CA LEU I 184 47.26 3.88 19.59
C LEU I 184 47.06 2.70 20.52
N PHE I 185 46.71 1.55 19.95
CA PHE I 185 46.50 0.33 20.70
C PHE I 185 47.64 -0.65 20.41
N ASN I 186 48.21 -1.20 21.48
CA ASN I 186 49.32 -2.15 21.41
C ASN I 186 48.85 -3.57 21.69
N GLY I 187 47.66 -3.92 21.20
CA GLY I 187 47.08 -5.22 21.44
C GLY I 187 46.24 -5.33 22.71
N PHE I 188 46.36 -4.38 23.62
CA PHE I 188 45.66 -4.38 24.88
C PHE I 188 44.74 -3.16 24.97
N SER I 189 43.77 -3.23 25.89
CA SER I 189 42.89 -2.12 26.18
C SER I 189 42.75 -2.00 27.69
N GLY I 190 42.90 -0.78 28.20
CA GLY I 190 42.80 -0.54 29.63
C GLY I 190 43.84 0.43 30.16
N LEU I 191 43.70 0.82 31.41
CA LEU I 191 44.59 1.78 32.06
C LEU I 191 45.35 1.19 33.23
N HIS I 192 44.65 0.59 34.19
CA HIS I 192 45.31 -0.03 35.33
C HIS I 192 45.80 -1.43 34.99
N THR I 193 44.89 -2.31 34.58
CA THR I 193 45.19 -3.68 34.21
C THR I 193 44.87 -3.83 32.73
N ARG I 194 45.87 -3.57 31.89
CA ARG I 194 45.71 -3.59 30.43
C ARG I 194 46.02 -5.01 29.95
N GLN I 195 44.99 -5.74 29.54
CA GLN I 195 45.11 -7.18 29.27
C GLN I 195 45.11 -7.44 27.76
N PHE I 196 45.33 -8.72 27.42
CA PHE I 196 45.31 -9.19 26.05
C PHE I 196 43.92 -9.70 25.68
N TYR I 197 43.44 -9.28 24.52
CA TYR I 197 42.11 -9.66 24.07
C TYR I 197 42.12 -9.83 22.55
N PRO I 198 42.03 -11.07 22.04
CA PRO I 198 42.17 -11.26 20.59
C PRO I 198 41.07 -10.61 19.77
N GLN I 199 39.92 -10.29 20.38
CA GLN I 199 38.83 -9.67 19.63
C GLN I 199 39.26 -8.36 18.98
N ASN I 200 40.13 -7.59 19.65
CA ASN I 200 40.54 -6.30 19.15
C ASN I 200 41.37 -6.39 17.87
N PHE I 201 41.83 -7.59 17.50
CA PHE I 201 42.58 -7.75 16.26
C PHE I 201 41.71 -7.65 15.02
N ASP I 202 40.39 -7.76 15.16
CA ASP I 202 39.46 -7.70 14.04
C ASP I 202 38.30 -6.77 14.35
N LEU I 203 38.59 -5.65 15.00
CA LEU I 203 37.57 -4.66 15.33
C LEU I 203 38.13 -3.27 15.06
N ALA I 204 37.24 -2.36 14.67
CA ALA I 204 37.62 -0.97 14.40
C ALA I 204 36.70 -0.02 15.15
N PHE I 205 36.80 1.28 14.84
CA PHE I 205 36.05 2.31 15.53
C PHE I 205 35.41 3.25 14.51
N ARG I 206 34.24 3.76 14.86
CA ARG I 206 33.51 4.68 13.99
C ARG I 206 32.52 5.47 14.86
N ASN I 207 31.76 6.35 14.21
CA ASN I 207 30.74 7.15 14.88
C ASN I 207 29.38 6.49 14.67
N VAL I 208 28.69 6.20 15.78
CA VAL I 208 27.40 5.53 15.68
C VAL I 208 26.38 6.42 14.97
N ASN I 209 26.42 7.72 15.24
CA ASN I 209 25.49 8.67 14.64
C ASN I 209 26.11 9.29 13.40
N ALA I 210 25.37 9.27 12.29
CA ALA I 210 25.84 9.83 11.04
C ALA I 210 25.75 11.35 11.07
N HIS I 218 36.79 8.52 14.33
CA HIS I 218 36.65 7.94 13.00
C HIS I 218 38.00 7.42 12.49
N TYR I 219 39.08 7.97 13.03
CA TYR I 219 40.43 7.58 12.64
C TYR I 219 41.03 6.69 13.73
N HIS I 220 41.47 5.50 13.34
CA HIS I 220 42.07 4.54 14.26
C HIS I 220 43.32 3.96 13.62
N ALA I 221 44.30 3.63 14.46
CA ALA I 221 45.55 3.04 14.01
C ALA I 221 45.93 1.90 14.94
N TYR I 222 46.68 0.95 14.41
CA TYR I 222 47.11 -0.24 15.13
C TYR I 222 48.62 -0.21 15.28
N LEU I 223 49.09 -0.37 16.52
CA LEU I 223 50.52 -0.44 16.82
C LEU I 223 50.90 -1.90 17.02
N TYR I 224 51.81 -2.39 16.19
CA TYR I 224 52.27 -3.78 16.23
C TYR I 224 53.72 -3.80 16.72
N LYS I 225 53.92 -4.33 17.92
CA LYS I 225 55.26 -4.50 18.48
C LYS I 225 55.81 -5.84 18.03
N LEU I 226 56.95 -5.82 17.35
CA LEU I 226 57.54 -7.01 16.75
C LEU I 226 58.60 -7.65 17.63
N HIS I 227 58.81 -7.16 18.86
CA HIS I 227 59.79 -7.73 19.78
C HIS I 227 59.21 -7.83 21.18
N GLY I 228 57.93 -8.17 21.27
CA GLY I 228 57.30 -8.35 22.57
C GLY I 228 57.21 -7.06 23.35
N SER I 229 57.89 -7.01 24.50
CA SER I 229 57.82 -5.84 25.36
C SER I 229 58.77 -6.02 26.54
N LEU I 230 59.21 -4.89 27.09
CA LEU I 230 59.81 -4.86 28.42
C LEU I 230 58.79 -4.64 29.51
N THR I 231 57.55 -4.33 29.15
CA THR I 231 56.47 -4.14 30.11
C THR I 231 55.62 -5.38 30.31
N TRP I 232 55.48 -6.22 29.28
CA TRP I 232 54.62 -7.39 29.38
C TRP I 232 55.17 -8.33 30.42
N TYR I 233 54.35 -8.65 31.43
CA TYR I 233 54.77 -9.47 32.55
C TYR I 233 53.56 -10.24 33.05
N GLN I 234 53.78 -11.09 34.05
CA GLN I 234 52.75 -12.04 34.49
C GLN I 234 52.87 -12.22 36.00
N ASN I 235 52.04 -11.48 36.74
CA ASN I 235 52.00 -11.58 38.20
C ASN I 235 51.06 -12.69 38.66
N ASP I 236 51.26 -13.89 38.13
CA ASP I 236 50.40 -15.04 38.40
C ASP I 236 48.95 -14.77 38.06
N SER I 237 48.70 -13.75 37.23
CA SER I 237 47.34 -13.42 36.81
C SER I 237 46.79 -14.40 35.79
N LEU I 238 47.58 -15.38 35.35
CA LEU I 238 47.21 -16.30 34.28
C LEU I 238 46.92 -15.57 32.98
N THR I 239 47.46 -14.35 32.83
CA THR I 239 47.18 -13.50 31.70
C THR I 239 48.40 -12.62 31.45
N VAL I 240 48.26 -11.64 30.57
CA VAL I 240 49.32 -10.69 30.25
C VAL I 240 48.87 -9.32 30.71
N ASN I 241 49.67 -8.70 31.58
CA ASN I 241 49.36 -7.39 32.13
C ASN I 241 50.37 -6.37 31.62
N GLU I 242 49.88 -5.22 31.17
CA GLU I 242 50.73 -4.12 30.72
C GLU I 242 50.25 -2.84 31.37
N VAL I 243 51.19 -2.03 31.85
CA VAL I 243 50.91 -0.75 32.52
C VAL I 243 51.95 0.25 32.07
N SER I 244 51.96 1.41 32.73
CA SER I 244 52.96 2.43 32.47
C SER I 244 54.29 1.99 33.09
N ALA I 245 55.31 2.84 32.98
CA ALA I 245 56.67 2.43 33.34
C ALA I 245 56.94 2.50 34.83
N SER I 246 56.20 3.34 35.57
CA SER I 246 56.55 3.59 36.97
C SER I 246 56.39 2.33 37.82
N GLN I 247 55.20 1.71 37.78
CA GLN I 247 55.02 0.50 38.57
C GLN I 247 55.87 -0.65 38.05
N ALA I 248 56.27 -0.60 36.77
CA ALA I 248 57.24 -1.57 36.28
C ALA I 248 58.59 -1.36 36.96
N TYR I 249 59.01 -0.09 37.11
CA TYR I 249 60.24 0.22 37.83
C TYR I 249 60.13 -0.02 39.33
N ASP I 250 58.91 -0.22 39.85
CA ASP I 250 58.75 -0.53 41.26
C ASP I 250 58.49 -2.00 41.55
N GLU I 251 58.05 -2.78 40.56
CA GLU I 251 57.61 -4.16 40.82
C GLU I 251 58.71 -5.18 40.59
N TYR I 252 59.25 -5.26 39.37
CA TYR I 252 60.20 -6.31 39.05
C TYR I 252 61.43 -5.80 38.32
N ILE I 253 61.29 -4.67 37.60
CA ILE I 253 62.45 -4.10 36.91
C ILE I 253 63.48 -3.57 37.90
N ASN I 254 63.06 -3.20 39.11
CA ASN I 254 63.99 -2.64 40.07
C ASN I 254 65.12 -3.60 40.38
N ASP I 255 64.79 -4.85 40.72
CA ASP I 255 65.82 -5.83 41.05
C ASP I 255 66.65 -6.16 39.82
N ILE I 256 66.04 -6.24 38.65
CA ILE I 256 66.79 -6.45 37.42
C ILE I 256 67.76 -5.31 37.17
N ILE I 257 67.51 -4.15 37.75
CA ILE I 257 68.42 -3.01 37.62
C ILE I 257 69.46 -3.01 38.73
N ASN I 258 69.04 -3.16 39.98
CA ASN I 258 69.90 -2.97 41.14
C ASN I 258 70.55 -4.27 41.60
N LYS I 259 69.75 -5.28 41.94
CA LYS I 259 70.29 -6.50 42.51
C LYS I 259 71.31 -7.14 41.57
N ASP I 260 72.47 -7.51 42.13
CA ASP I 260 73.53 -8.11 41.32
C ASP I 260 73.16 -9.53 40.91
N ASP I 261 72.67 -10.33 41.85
CA ASP I 261 72.34 -11.74 41.60
C ASP I 261 71.01 -12.04 42.29
N PHE I 262 69.92 -11.99 41.53
CA PHE I 262 68.59 -12.24 42.08
C PHE I 262 67.65 -12.65 40.96
N TYR I 263 67.18 -13.88 41.02
CA TYR I 263 66.11 -14.35 40.15
C TYR I 263 65.18 -15.25 40.95
N ARG I 264 63.92 -15.32 40.52
CA ARG I 264 62.90 -16.07 41.24
C ARG I 264 62.47 -17.33 40.48
N GLY I 265 62.06 -17.20 39.22
CA GLY I 265 61.63 -18.35 38.46
C GLY I 265 60.88 -17.93 37.22
N GLN I 266 60.11 -18.88 36.68
CA GLN I 266 59.34 -18.65 35.45
C GLN I 266 58.06 -17.90 35.79
N HIS I 267 58.22 -16.59 35.97
CA HIS I 267 57.10 -15.70 36.27
C HIS I 267 56.85 -14.67 35.17
N LEU I 268 57.88 -13.95 34.75
CA LEU I 268 57.72 -12.89 33.77
C LEU I 268 57.50 -13.47 32.38
N ILE I 269 57.00 -12.62 31.48
CA ILE I 269 56.76 -13.01 30.08
C ILE I 269 57.59 -12.08 29.20
N TYR I 270 58.83 -12.48 28.93
CA TYR I 270 59.65 -11.88 27.89
C TYR I 270 60.98 -12.64 27.81
N PRO I 271 61.75 -12.48 26.73
CA PRO I 271 61.47 -11.76 25.49
C PRO I 271 61.19 -12.74 24.35
N GLY I 272 60.31 -13.71 24.60
CA GLY I 272 60.10 -14.80 23.68
C GLY I 272 60.47 -16.13 24.32
N ALA I 273 60.34 -16.19 25.64
CA ALA I 273 60.76 -17.33 26.43
C ALA I 273 59.55 -18.03 27.03
N ASN I 274 59.81 -19.14 27.73
CA ASN I 274 58.77 -19.92 28.39
C ASN I 274 57.74 -20.44 27.39
N LYS I 275 58.13 -20.59 26.13
CA LYS I 275 57.20 -21.07 25.12
C LYS I 275 56.62 -22.42 25.51
N TYR I 276 57.42 -23.29 26.10
CA TYR I 276 56.91 -24.59 26.54
C TYR I 276 55.83 -24.45 27.59
N SER I 277 55.80 -23.33 28.32
CA SER I 277 54.69 -23.03 29.19
C SER I 277 53.51 -22.52 28.36
N HIS I 278 52.31 -22.99 28.70
CA HIS I 278 51.14 -22.67 27.88
C HIS I 278 50.81 -21.18 27.91
N THR I 279 51.29 -20.47 28.93
CA THR I 279 50.81 -19.13 29.23
C THR I 279 51.48 -18.04 28.39
N ILE I 280 52.50 -18.38 27.61
CA ILE I 280 53.21 -17.37 26.83
C ILE I 280 53.24 -17.68 25.34
N GLY I 281 53.11 -18.93 24.91
CA GLY I 281 53.06 -19.22 23.49
C GLY I 281 51.78 -18.78 22.80
N PHE I 282 50.69 -18.64 23.57
CA PHE I 282 49.40 -18.30 22.97
C PHE I 282 49.43 -16.91 22.34
N VAL I 283 49.85 -15.90 23.10
CA VAL I 283 49.85 -14.54 22.58
C VAL I 283 50.87 -14.42 21.44
N TYR I 284 52.01 -15.08 21.57
CA TYR I 284 53.01 -15.03 20.52
C TYR I 284 52.48 -15.66 19.23
N GLY I 285 51.77 -16.78 19.35
CA GLY I 285 51.15 -17.37 18.18
C GLY I 285 50.10 -16.48 17.56
N GLU I 286 49.29 -15.83 18.40
CA GLU I 286 48.30 -14.88 17.87
C GLU I 286 48.98 -13.77 17.08
N MET I 287 50.04 -13.20 17.65
CA MET I 287 50.73 -12.09 16.99
C MET I 287 51.39 -12.55 15.69
N PHE I 288 52.01 -13.74 15.70
CA PHE I 288 52.61 -14.26 14.48
C PHE I 288 51.54 -14.53 13.41
N ARG I 289 50.40 -15.09 13.82
CA ARG I 289 49.30 -15.30 12.88
C ARG I 289 48.88 -13.99 12.22
N ARG I 290 48.65 -12.96 13.03
CA ARG I 290 48.22 -11.69 12.47
C ARG I 290 49.29 -11.08 11.58
N PHE I 291 50.56 -11.17 12.00
CA PHE I 291 51.65 -10.62 11.18
C PHE I 291 51.73 -11.32 9.84
N GLY I 292 51.55 -12.64 9.82
CA GLY I 292 51.68 -13.38 8.58
C GLY I 292 50.46 -13.32 7.68
N GLU I 293 49.28 -13.12 8.26
CA GLU I 293 48.03 -13.16 7.50
C GLU I 293 47.40 -11.79 7.32
N PHE I 294 48.06 -10.71 7.77
CA PHE I 294 47.52 -9.38 7.59
C PHE I 294 47.54 -8.95 6.12
N ILE I 295 48.33 -9.63 5.28
CA ILE I 295 48.46 -9.25 3.88
C ILE I 295 47.43 -10.00 3.05
N SER I 296 46.48 -10.66 3.71
CA SER I 296 45.47 -11.43 2.99
C SER I 296 44.48 -10.53 2.26
N LYS I 297 44.36 -9.27 2.65
CA LYS I 297 43.40 -8.38 2.01
C LYS I 297 43.84 -8.06 0.58
N PRO I 298 42.90 -7.82 -0.32
CA PRO I 298 43.26 -7.45 -1.70
C PRO I 298 43.93 -6.08 -1.75
N GLN I 299 44.71 -5.87 -2.81
CA GLN I 299 45.40 -4.60 -3.04
C GLN I 299 46.34 -4.28 -1.87
N THR I 300 47.35 -5.13 -1.70
CA THR I 300 48.29 -5.03 -0.61
C THR I 300 49.72 -4.90 -1.14
N ALA I 301 50.49 -4.02 -0.52
CA ALA I 301 51.92 -3.87 -0.80
C ALA I 301 52.67 -4.02 0.51
N LEU I 302 53.62 -4.94 0.57
CA LEU I 302 54.37 -5.24 1.76
C LEU I 302 55.86 -5.03 1.51
N PHE I 303 56.54 -4.44 2.50
CA PHE I 303 57.97 -4.18 2.43
C PHE I 303 58.64 -4.81 3.63
N ILE I 304 59.64 -5.66 3.38
CA ILE I 304 60.43 -6.31 4.42
C ILE I 304 61.87 -5.85 4.27
N ASN I 305 62.42 -5.30 5.36
CA ASN I 305 63.76 -4.73 5.34
C ASN I 305 64.53 -5.19 6.57
N GLY I 306 65.83 -5.42 6.39
CA GLY I 306 66.71 -5.74 7.50
C GLY I 306 66.68 -7.17 7.98
N PHE I 307 66.06 -8.08 7.23
CA PHE I 307 65.99 -9.48 7.61
C PHE I 307 67.09 -10.27 6.90
N GLY I 308 67.86 -11.03 7.68
CA GLY I 308 68.97 -11.78 7.13
C GLY I 308 68.61 -13.14 6.55
N PHE I 309 67.38 -13.60 6.74
CA PHE I 309 66.94 -14.90 6.24
C PHE I 309 67.83 -16.03 6.76
N GLY I 310 68.29 -15.88 8.00
CA GLY I 310 69.19 -16.83 8.64
C GLY I 310 68.54 -17.81 9.58
N ASP I 311 67.21 -17.87 9.63
CA ASP I 311 66.48 -18.77 10.52
C ASP I 311 65.72 -19.79 9.68
N TYR I 312 65.88 -21.07 10.02
CA TYR I 312 65.24 -22.12 9.24
C TYR I 312 63.71 -21.99 9.27
N HIS I 313 63.14 -21.88 10.46
CA HIS I 313 61.69 -21.83 10.58
C HIS I 313 61.13 -20.57 9.93
N ILE I 314 61.77 -19.42 10.17
CA ILE I 314 61.27 -18.18 9.58
C ILE I 314 61.44 -18.21 8.06
N ASN I 315 62.53 -18.77 7.58
CA ASN I 315 62.73 -18.90 6.14
C ASN I 315 61.63 -19.77 5.52
N ARG I 316 61.32 -20.89 6.16
CA ARG I 316 60.25 -21.76 5.66
C ARG I 316 58.91 -21.04 5.67
N ILE I 317 58.63 -20.29 6.74
CA ILE I 317 57.37 -19.56 6.83
C ILE I 317 57.29 -18.52 5.71
N ILE I 318 58.38 -17.80 5.46
CA ILE I 318 58.38 -16.79 4.41
C ILE I 318 58.17 -17.46 3.05
N LEU I 319 58.84 -18.60 2.82
CA LEU I 319 58.66 -19.31 1.55
C LEU I 319 57.21 -19.73 1.37
N GLY I 320 56.58 -20.24 2.43
CA GLY I 320 55.18 -20.63 2.34
C GLY I 320 54.23 -19.47 2.22
N ALA I 321 54.63 -18.29 2.68
CA ALA I 321 53.79 -17.10 2.61
C ALA I 321 53.88 -16.37 1.27
N LEU I 322 54.35 -17.04 0.22
CA LEU I 322 54.41 -16.45 -1.11
C LEU I 322 53.05 -16.41 -1.81
N LEU I 323 51.97 -16.70 -1.08
CA LEU I 323 50.64 -16.74 -1.70
C LEU I 323 50.27 -15.39 -2.31
N ASN I 324 50.72 -14.29 -1.72
CA ASN I 324 50.38 -12.97 -2.22
C ASN I 324 51.18 -12.67 -3.49
N PRO I 325 50.54 -12.38 -4.62
CA PRO I 325 51.28 -12.07 -5.86
C PRO I 325 51.64 -10.61 -6.03
N SER I 326 51.55 -9.78 -4.99
CA SER I 326 51.81 -8.35 -5.06
C SER I 326 52.86 -7.95 -4.03
N PHE I 327 53.95 -8.70 -3.97
CA PHE I 327 55.01 -8.48 -2.99
C PHE I 327 56.20 -7.81 -3.66
N HIS I 328 56.72 -6.76 -3.01
CA HIS I 328 57.89 -6.04 -3.48
C HIS I 328 58.89 -5.93 -2.34
N VAL I 329 60.17 -6.02 -2.69
CA VAL I 329 61.25 -6.01 -1.70
C VAL I 329 62.34 -5.03 -2.14
N VAL I 330 62.79 -4.22 -1.18
CA VAL I 330 63.91 -3.30 -1.38
C VAL I 330 64.99 -3.67 -0.37
N ILE I 331 66.21 -3.84 -0.86
CA ILE I 331 67.34 -4.28 -0.04
C ILE I 331 68.45 -3.24 -0.13
N TYR I 332 68.92 -2.78 1.02
CA TYR I 332 70.03 -1.85 1.12
C TYR I 332 71.26 -2.60 1.62
N TYR I 333 72.35 -2.55 0.84
CA TYR I 333 73.59 -3.23 1.19
C TYR I 333 74.72 -2.21 1.25
N PRO I 334 75.08 -1.72 2.43
CA PRO I 334 76.18 -0.74 2.51
C PRO I 334 77.52 -1.28 2.05
N GLU I 335 77.69 -2.61 2.03
CA GLU I 335 78.96 -3.25 1.68
C GLU I 335 78.85 -4.00 0.36
N LEU I 336 78.15 -3.42 -0.62
CA LEU I 336 78.02 -4.07 -1.92
C LEU I 336 79.38 -4.22 -2.60
N LYS I 337 80.23 -3.20 -2.49
CA LYS I 337 81.55 -3.29 -3.10
C LYS I 337 82.37 -4.41 -2.49
N GLU I 338 82.30 -4.56 -1.16
CA GLU I 338 83.03 -5.65 -0.51
C GLU I 338 82.54 -7.01 -0.99
N ALA I 339 81.23 -7.18 -1.11
CA ALA I 339 80.68 -8.45 -1.60
C ALA I 339 81.13 -8.71 -3.04
N ILE I 340 81.11 -7.68 -3.89
CA ILE I 340 81.55 -7.85 -5.27
C ILE I 340 83.01 -8.26 -5.32
N THR I 341 83.86 -7.60 -4.52
CA THR I 341 85.27 -7.94 -4.49
C THR I 341 85.47 -9.37 -4.00
N LYS I 342 84.74 -9.77 -2.97
CA LYS I 342 84.87 -11.13 -2.46
C LYS I 342 84.46 -12.16 -3.52
N VAL I 343 83.38 -11.88 -4.25
CA VAL I 343 82.97 -12.78 -5.32
C VAL I 343 84.04 -12.84 -6.41
N SER I 344 84.67 -11.69 -6.69
CA SER I 344 85.73 -11.67 -7.70
C SER I 344 86.91 -12.54 -7.28
N LYS I 345 87.07 -12.79 -5.98
CA LYS I 345 88.15 -13.62 -5.47
C LYS I 345 87.78 -15.09 -5.39
N GLY I 346 86.61 -15.47 -5.89
CA GLY I 346 86.19 -16.86 -5.83
C GLY I 346 85.93 -17.37 -4.43
N GLY I 347 85.26 -16.57 -3.60
CA GLY I 347 84.95 -16.97 -2.24
C GLY I 347 83.63 -16.42 -1.76
N GLY I 348 83.42 -16.43 -0.45
CA GLY I 348 82.20 -15.94 0.16
C GLY I 348 81.39 -17.05 0.79
N GLU I 350 77.35 -18.58 2.05
CA GLU I 350 76.10 -18.89 1.38
C GLU I 350 75.25 -17.64 1.18
N ALA I 351 75.14 -16.82 2.23
CA ALA I 351 74.30 -15.63 2.15
C ALA I 351 74.83 -14.63 1.13
N GLU I 352 76.14 -14.40 1.12
CA GLU I 352 76.72 -13.44 0.19
C GLU I 352 76.52 -13.91 -1.25
N LYS I 353 76.79 -15.18 -1.52
CA LYS I 353 76.60 -15.71 -2.87
C LYS I 353 75.14 -15.63 -3.29
N ALA I 354 74.22 -15.98 -2.38
CA ALA I 354 72.81 -15.94 -2.72
C ALA I 354 72.35 -14.52 -3.03
N ILE I 355 72.76 -13.56 -2.22
CA ILE I 355 72.32 -12.18 -2.44
C ILE I 355 72.94 -11.62 -3.72
N VAL I 356 74.20 -11.98 -4.00
CA VAL I 356 74.82 -11.53 -5.23
C VAL I 356 74.10 -12.11 -6.44
N THR I 357 73.76 -13.40 -6.38
CA THR I 357 73.01 -14.02 -7.47
C THR I 357 71.65 -13.34 -7.66
N LEU I 358 70.97 -13.04 -6.56
CA LEU I 358 69.68 -12.36 -6.65
C LEU I 358 69.84 -10.98 -7.29
N LYS I 359 70.89 -10.25 -6.91
CA LYS I 359 71.14 -8.93 -7.48
C LYS I 359 71.59 -9.00 -8.93
N ASN I 360 72.10 -10.15 -9.37
CA ASN I 360 72.61 -10.32 -10.73
C ASN I 360 71.63 -11.04 -11.63
N MET I 361 70.33 -10.79 -11.46
CA MET I 361 69.29 -11.38 -12.29
C MET I 361 68.32 -10.29 -12.75
N ALA I 362 67.71 -10.52 -13.90
CA ALA I 362 66.80 -9.55 -14.52
C ALA I 362 65.42 -9.71 -13.90
N PHE I 363 65.25 -9.10 -12.73
CA PHE I 363 63.97 -9.09 -12.02
C PHE I 363 63.73 -7.66 -11.52
N ASN I 364 62.86 -6.94 -12.22
CA ASN I 364 62.63 -5.52 -11.94
C ASN I 364 61.83 -5.28 -10.67
N GLN I 365 61.11 -6.28 -10.17
CA GLN I 365 60.30 -6.11 -8.97
C GLN I 365 61.13 -6.05 -7.69
N VAL I 366 62.41 -6.42 -7.75
CA VAL I 366 63.31 -6.37 -6.60
C VAL I 366 64.20 -5.15 -6.76
N THR I 367 64.27 -4.32 -5.71
CA THR I 367 65.07 -3.11 -5.73
C THR I 367 66.30 -3.30 -4.85
N VAL I 368 67.45 -2.88 -5.35
CA VAL I 368 68.72 -2.99 -4.64
C VAL I 368 69.38 -1.63 -4.61
N VAL I 369 69.82 -1.22 -3.42
CA VAL I 369 70.52 0.05 -3.23
C VAL I 369 71.91 -0.25 -2.66
N GLY I 370 72.94 0.25 -3.33
CA GLY I 370 74.30 0.02 -2.90
C GLY I 370 75.14 1.28 -2.90
N GLY I 371 74.52 2.42 -2.57
CA GLY I 371 75.24 3.67 -2.55
C GLY I 371 76.27 3.79 -1.45
N GLY I 372 76.11 3.01 -0.37
CA GLY I 372 77.05 3.05 0.73
C GLY I 372 76.81 4.19 1.69
N SER I 373 77.18 5.41 1.28
CA SER I 373 76.97 6.58 2.11
C SER I 373 75.62 7.25 1.89
N LYS I 374 74.84 6.80 0.90
CA LYS I 374 73.53 7.35 0.62
C LYS I 374 72.40 6.58 1.30
N ALA I 375 72.72 5.54 2.07
CA ALA I 375 71.73 4.73 2.76
C ALA I 375 71.50 5.17 4.19
N TYR I 376 72.09 6.30 4.60
CA TYR I 376 71.94 6.76 5.97
C TYR I 376 70.48 7.07 6.27
N PHE I 377 70.17 7.20 7.57
CA PHE I 377 68.81 7.47 8.00
C PHE I 377 68.31 8.80 7.44
N ASN I 378 69.16 9.83 7.49
CA ASN I 378 68.76 11.14 6.97
C ASN I 378 68.45 11.07 5.48
N SER I 379 69.29 10.35 4.71
CA SER I 379 69.04 10.21 3.29
C SER I 379 67.74 9.46 3.03
N PHE I 380 67.48 8.40 3.81
CA PHE I 380 66.23 7.66 3.65
C PHE I 380 65.02 8.53 3.93
N VAL I 381 65.10 9.34 4.99
CA VAL I 381 63.99 10.25 5.31
C VAL I 381 63.80 11.25 4.20
N GLU I 382 64.90 11.81 3.68
CA GLU I 382 64.79 12.79 2.60
C GLU I 382 64.17 12.17 1.35
N HIS I 383 64.50 10.92 1.06
CA HIS I 383 63.97 10.26 -0.13
C HIS I 383 62.45 10.17 -0.11
N LEU I 384 61.83 10.19 1.07
CA LEU I 384 60.38 10.11 1.15
C LEU I 384 59.76 11.39 0.59
N PRO I 385 58.59 11.28 -0.05
CA PRO I 385 57.97 12.48 -0.64
C PRO I 385 57.47 13.44 0.44
N TYR I 386 57.44 14.72 0.07
CA TYR I 386 56.95 15.77 0.94
C TYR I 386 56.10 16.73 0.12
N PRO I 387 55.14 17.41 0.74
CA PRO I 387 54.29 18.34 -0.02
C PRO I 387 55.10 19.50 -0.58
N VAL I 388 54.66 19.98 -1.74
CA VAL I 388 55.32 21.10 -2.40
C VAL I 388 54.43 21.65 -3.51
N ASN I 394 60.04 27.61 16.71
CA ASN I 394 59.92 28.70 17.67
C ASN I 394 58.58 28.64 18.41
N ILE I 395 57.92 27.49 18.34
CA ILE I 395 56.63 27.33 19.01
C ILE I 395 56.79 27.44 20.51
N VAL I 396 57.81 26.77 21.06
CA VAL I 396 58.04 26.77 22.51
C VAL I 396 59.05 27.84 22.94
N ASP I 397 59.62 28.58 22.00
CA ASP I 397 60.62 29.59 22.36
C ASP I 397 60.02 30.66 23.26
N GLU I 398 58.82 31.13 22.93
CA GLU I 398 58.20 32.20 23.71
C GLU I 398 57.67 31.73 25.06
N LEU I 399 57.43 30.42 25.21
CA LEU I 399 56.90 29.91 26.46
C LEU I 399 57.88 30.13 27.61
N VAL I 400 59.17 29.88 27.37
CA VAL I 400 60.18 30.06 28.41
C VAL I 400 60.25 31.52 28.81
N GLU I 401 60.26 32.43 27.83
CA GLU I 401 60.31 33.85 28.14
C GLU I 401 59.09 34.30 28.93
N ALA I 402 57.90 33.83 28.53
CA ALA I 402 56.69 34.20 29.25
C ALA I 402 56.71 33.68 30.68
N ILE I 403 57.17 32.44 30.88
CA ILE I 403 57.23 31.89 32.23
C ILE I 403 58.23 32.67 33.08
N ALA I 404 59.39 33.00 32.50
CA ALA I 404 60.41 33.71 33.27
C ALA I 404 59.98 35.13 33.59
N ASN I 405 59.22 35.77 32.71
CA ASN I 405 58.80 37.15 32.96
C ASN I 405 57.96 37.26 34.23
N LEU I 406 57.04 36.32 34.42
CA LEU I 406 56.18 36.34 35.61
C LEU I 406 57.00 35.90 36.82
N SER I 407 57.35 36.87 37.67
CA SER I 407 58.13 36.58 38.87
C SER I 407 57.24 35.98 39.96
N SER J 2 19.39 -28.31 41.78
CA SER J 2 20.23 -29.05 40.85
C SER J 2 20.73 -28.15 39.74
N ILE J 3 19.85 -27.30 39.23
CA ILE J 3 20.15 -26.36 38.16
C ILE J 3 19.92 -24.95 38.68
N TYR J 4 20.95 -24.11 38.58
CA TYR J 4 20.89 -22.73 39.04
C TYR J 4 21.19 -21.80 37.86
N GLN J 5 20.23 -20.94 37.54
CA GLN J 5 20.37 -19.93 36.49
C GLN J 5 19.92 -18.60 37.09
N GLY J 6 20.85 -17.89 37.74
CA GLY J 6 20.53 -16.63 38.38
C GLY J 6 19.45 -16.75 39.43
N GLY J 7 19.31 -17.91 40.06
CA GLY J 7 18.31 -18.13 41.08
C GLY J 7 16.93 -18.45 40.56
N ASN J 8 16.74 -18.54 39.25
CA ASN J 8 15.45 -18.83 38.63
C ASN J 8 15.45 -20.27 38.11
N LYS J 9 14.32 -20.65 37.51
CA LYS J 9 14.13 -22.00 36.98
C LYS J 9 13.70 -21.91 35.53
N LEU J 10 14.18 -22.87 34.73
CA LEU J 10 13.83 -22.96 33.32
C LEU J 10 13.51 -24.41 32.98
N ASN J 11 12.69 -24.60 31.96
CA ASN J 11 12.23 -25.92 31.55
C ASN J 11 12.75 -26.24 30.16
N GLU J 12 13.04 -27.52 29.93
CA GLU J 12 13.51 -27.97 28.62
C GLU J 12 12.42 -27.87 27.56
N ASP J 13 11.15 -27.84 27.96
CA ASP J 13 10.08 -27.68 26.98
C ASP J 13 10.22 -26.37 26.22
N ASP J 14 10.53 -25.29 26.92
CA ASP J 14 10.77 -24.01 26.25
C ASP J 14 12.11 -24.00 25.55
N PHE J 15 13.10 -24.74 26.07
CA PHE J 15 14.40 -24.77 25.41
C PHE J 15 14.33 -25.50 24.07
N ARG J 16 13.36 -26.41 23.91
CA ARG J 16 13.14 -27.03 22.61
C ARG J 16 12.82 -25.97 21.57
N SER J 17 11.87 -25.09 21.88
CA SER J 17 11.55 -24.00 20.97
C SER J 17 12.72 -23.03 20.84
N HIS J 18 13.47 -22.83 21.93
CA HIS J 18 14.67 -22.01 21.85
C HIS J 18 15.62 -22.52 20.78
N VAL J 19 15.94 -23.81 20.83
CA VAL J 19 16.84 -24.41 19.84
C VAL J 19 16.23 -24.34 18.45
N TYR J 20 14.93 -24.65 18.34
CA TYR J 20 14.29 -24.67 17.03
C TYR J 20 14.33 -23.31 16.36
N SER J 21 14.07 -22.24 17.12
CA SER J 21 14.10 -20.90 16.56
C SER J 21 15.52 -20.40 16.35
N LEU J 22 16.44 -20.74 17.25
CA LEU J 22 17.82 -20.29 17.12
C LEU J 22 18.48 -20.90 15.88
N CYS J 23 18.25 -22.19 15.63
CA CYS J 23 18.83 -22.82 14.45
C CYS J 23 18.41 -22.13 13.17
N GLN J 24 17.24 -21.49 13.18
CA GLN J 24 16.81 -20.72 12.00
C GLN J 24 17.69 -19.50 11.78
N LEU J 25 18.48 -19.09 12.77
CA LEU J 25 19.39 -17.98 12.58
C LEU J 25 20.46 -18.34 11.56
N ASP J 26 21.10 -17.31 11.00
CA ASP J 26 21.99 -17.52 9.87
C ASP J 26 23.11 -18.49 10.20
N ASN J 27 23.74 -18.33 11.37
CA ASN J 27 24.86 -19.17 11.75
C ASN J 27 24.37 -20.38 12.54
N VAL J 28 24.81 -21.57 12.14
CA VAL J 28 24.49 -22.81 12.83
C VAL J 28 25.76 -23.66 12.86
N GLY J 29 26.00 -24.31 14.00
CA GLY J 29 27.18 -25.13 14.14
C GLY J 29 27.13 -25.97 15.40
N VAL J 30 28.24 -26.63 15.68
CA VAL J 30 28.38 -27.44 16.89
C VAL J 30 29.86 -27.59 17.21
N LEU J 31 30.22 -27.38 18.48
CA LEU J 31 31.61 -27.40 18.95
C LEU J 31 31.79 -28.61 19.85
N LEU J 32 32.16 -29.74 19.25
CA LEU J 32 32.35 -30.99 19.97
C LEU J 32 33.83 -31.19 20.26
N GLY J 33 34.16 -32.37 20.78
CA GLY J 33 35.53 -32.73 21.08
C GLY J 33 35.76 -34.21 20.84
N ALA J 34 36.68 -34.79 21.61
CA ALA J 34 36.98 -36.20 21.49
C ALA J 34 35.93 -37.09 22.15
N GLY J 35 34.97 -36.51 22.87
CA GLY J 35 33.92 -37.32 23.47
C GLY J 35 33.08 -38.04 22.44
N ALA J 36 32.95 -37.48 21.24
CA ALA J 36 32.15 -38.12 20.20
C ALA J 36 32.74 -39.48 19.82
N SER J 37 34.08 -39.56 19.73
CA SER J 37 34.72 -40.82 19.38
C SER J 37 34.35 -41.94 20.35
N VAL J 38 34.13 -41.60 21.62
CA VAL J 38 33.80 -42.61 22.61
C VAL J 38 32.49 -43.30 22.26
N GLY J 39 31.51 -42.53 21.76
CA GLY J 39 30.22 -43.12 21.42
C GLY J 39 30.31 -44.18 20.35
N CYS J 40 31.33 -44.09 19.48
CA CYS J 40 31.52 -45.05 18.41
C CYS J 40 32.39 -46.23 18.80
N GLY J 41 32.82 -46.31 20.05
CA GLY J 41 33.66 -47.39 20.51
C GLY J 41 35.13 -47.07 20.63
N GLY J 42 35.50 -45.78 20.63
CA GLY J 42 36.88 -45.39 20.72
C GLY J 42 37.44 -45.53 22.12
N LYS J 43 38.74 -45.25 22.24
CA LYS J 43 39.46 -45.36 23.50
C LYS J 43 39.73 -43.97 24.05
N THR J 44 39.44 -43.79 25.35
CA THR J 44 39.65 -42.51 26.00
C THR J 44 41.13 -42.33 26.35
N MET J 45 41.46 -41.14 26.87
CA MET J 45 42.84 -40.86 27.27
C MET J 45 43.27 -41.80 28.39
N LYS J 46 42.36 -42.12 29.30
CA LYS J 46 42.70 -43.03 30.41
C LYS J 46 43.14 -44.38 29.88
N ASP J 47 42.41 -44.93 28.90
CA ASP J 47 42.77 -46.23 28.35
C ASP J 47 44.14 -46.20 27.69
N VAL J 48 44.42 -45.14 26.92
CA VAL J 48 45.72 -45.04 26.24
C VAL J 48 46.84 -44.93 27.26
N TRP J 49 46.66 -44.10 28.29
CA TRP J 49 47.68 -43.97 29.32
C TRP J 49 47.91 -45.29 30.05
N LYS J 50 46.83 -46.00 30.37
CA LYS J 50 46.96 -47.28 31.05
C LYS J 50 47.71 -48.27 30.16
N SER J 51 47.39 -48.30 28.86
CA SER J 51 48.09 -49.20 27.96
C SER J 51 49.57 -48.87 27.89
N PHE J 52 49.91 -47.59 27.79
CA PHE J 52 51.31 -47.20 27.71
C PHE J 52 52.06 -47.55 28.99
N LYS J 53 51.45 -47.31 30.15
CA LYS J 53 52.12 -47.58 31.41
C LYS J 53 52.23 -49.08 31.67
N GLN J 54 51.27 -49.87 31.18
CA GLN J 54 51.32 -51.31 31.38
C GLN J 54 52.32 -51.97 30.43
N ASN J 55 52.41 -51.46 29.20
CA ASN J 55 53.27 -52.07 28.18
C ASN J 55 54.73 -51.62 28.28
N TYR J 56 55.02 -50.59 29.06
CA TYR J 56 56.40 -50.13 29.27
C TYR J 56 56.66 -49.88 30.75
N PRO J 57 56.61 -50.94 31.57
CA PRO J 57 56.88 -50.75 33.01
C PRO J 57 58.28 -50.23 33.29
N GLU J 58 59.27 -50.61 32.49
CA GLU J 58 60.64 -50.23 32.79
C GLU J 58 60.83 -48.72 32.70
N LEU J 59 60.25 -48.08 31.68
CA LEU J 59 60.33 -46.62 31.59
C LEU J 59 59.65 -45.96 32.77
N LEU J 60 58.48 -46.47 33.18
CA LEU J 60 57.77 -45.88 34.30
C LEU J 60 58.59 -45.98 35.58
N GLY J 61 59.19 -47.14 35.83
CA GLY J 61 60.02 -47.30 37.01
C GLY J 61 61.25 -46.42 36.98
N ALA J 62 61.90 -46.32 35.81
CA ALA J 62 63.07 -45.46 35.68
C ALA J 62 62.71 -44.00 35.94
N LEU J 63 61.57 -43.55 35.40
CA LEU J 63 61.14 -42.17 35.64
C LEU J 63 60.82 -41.96 37.11
N ILE J 64 60.16 -42.93 37.74
CA ILE J 64 59.77 -42.78 39.14
C ILE J 64 61.01 -42.69 40.03
N ASP J 65 62.01 -43.53 39.77
CA ASP J 65 63.16 -43.63 40.67
C ASP J 65 64.26 -42.61 40.32
N LYS J 66 64.78 -42.66 39.09
CA LYS J 66 65.99 -41.92 38.77
C LYS J 66 65.77 -40.41 38.89
N TYR J 67 64.65 -39.90 38.36
CA TYR J 67 64.47 -38.46 38.20
C TYR J 67 63.24 -37.90 38.91
N LEU J 68 62.23 -38.71 39.20
CA LEU J 68 61.08 -38.29 40.00
C LEU J 68 60.36 -37.10 39.37
N LEU J 69 60.09 -37.20 38.06
CA LEU J 69 59.26 -36.20 37.41
C LEU J 69 57.83 -36.21 37.95
N VAL J 70 57.39 -37.34 38.52
CA VAL J 70 56.11 -37.44 39.20
C VAL J 70 56.27 -38.38 40.38
N SER J 71 55.34 -38.29 41.32
CA SER J 71 55.35 -39.12 42.51
C SER J 71 54.40 -40.29 42.37
N GLN J 72 54.69 -41.36 43.12
CA GLN J 72 53.84 -42.55 43.08
C GLN J 72 52.43 -42.26 43.57
N ILE J 73 52.25 -41.19 44.34
CA ILE J 73 50.91 -40.85 44.81
C ILE J 73 49.99 -40.54 43.64
N ASP J 74 50.50 -39.78 42.65
CA ASP J 74 49.69 -39.47 41.47
C ASP J 74 49.32 -40.74 40.72
N SER J 75 50.26 -41.67 40.56
CA SER J 75 49.96 -42.92 39.87
C SER J 75 48.92 -43.72 40.63
N ASP J 76 49.01 -43.76 41.96
CA ASP J 76 48.04 -44.51 42.74
C ASP J 76 46.64 -43.93 42.59
N ASN J 77 46.53 -42.60 42.54
CA ASN J 77 45.25 -41.93 42.44
C ASN J 77 44.80 -41.73 40.99
N ASN J 78 45.55 -42.23 40.01
CA ASN J 78 45.21 -42.09 38.60
C ASN J 78 45.06 -40.62 38.22
N LEU J 79 45.94 -39.78 38.77
CA LEU J 79 45.96 -38.34 38.48
C LEU J 79 47.11 -37.98 37.55
N VAL J 80 47.43 -38.84 36.60
CA VAL J 80 48.56 -38.66 35.69
C VAL J 80 48.05 -38.02 34.40
N ASN J 81 48.76 -37.01 33.94
CA ASN J 81 48.46 -36.34 32.67
C ASN J 81 49.40 -36.84 31.59
N VAL J 82 48.88 -36.90 30.36
CA VAL J 82 49.63 -37.48 29.25
C VAL J 82 50.38 -36.41 28.46
N GLU J 83 49.72 -35.27 28.18
CA GLU J 83 50.37 -34.25 27.37
C GLU J 83 51.63 -33.72 28.03
N LEU J 84 51.57 -33.48 29.34
CA LEU J 84 52.75 -32.98 30.05
C LEU J 84 53.93 -33.93 29.90
N LEU J 85 53.66 -35.24 29.92
CA LEU J 85 54.74 -36.21 29.72
C LEU J 85 55.38 -36.03 28.35
N ILE J 86 54.57 -35.85 27.32
CA ILE J 86 55.11 -35.71 25.96
C ILE J 86 55.93 -34.43 25.85
N ASP J 87 55.43 -33.33 26.44
CA ASP J 87 56.18 -32.07 26.36
C ASP J 87 57.49 -32.17 27.12
N GLU J 88 57.48 -32.79 28.30
CA GLU J 88 58.72 -33.03 29.03
C GLU J 88 59.68 -33.86 28.18
N ALA J 89 59.17 -34.91 27.55
CA ALA J 89 60.03 -35.74 26.71
C ALA J 89 60.65 -34.94 25.58
N THR J 90 59.87 -34.06 24.94
CA THR J 90 60.40 -33.27 23.85
C THR J 90 61.48 -32.31 24.33
N LYS J 91 61.26 -31.62 25.45
CA LYS J 91 62.27 -30.69 25.93
C LYS J 91 63.54 -31.43 26.33
N PHE J 92 63.41 -32.57 27.01
CA PHE J 92 64.58 -33.36 27.38
C PHE J 92 65.30 -33.87 26.14
N LEU J 93 64.55 -34.26 25.11
CA LEU J 93 65.17 -34.74 23.87
C LEU J 93 65.96 -33.64 23.20
N SER J 94 65.41 -32.42 23.15
CA SER J 94 66.16 -31.31 22.59
C SER J 94 67.41 -31.02 23.40
N VAL J 95 67.29 -31.06 24.73
CA VAL J 95 68.46 -30.87 25.59
C VAL J 95 69.53 -31.89 25.27
N ALA J 96 69.13 -33.15 25.10
CA ALA J 96 70.09 -34.21 24.77
C ALA J 96 70.72 -33.95 23.42
N LYS J 97 69.90 -33.65 22.40
CA LYS J 97 70.39 -33.46 21.06
C LYS J 97 71.41 -32.32 21.01
N THR J 98 71.20 -31.27 21.80
CA THR J 98 72.13 -30.15 21.78
C THR J 98 73.34 -30.40 22.67
N ARG J 99 73.20 -31.21 23.72
CA ARG J 99 74.33 -31.55 24.58
C ARG J 99 75.12 -32.74 24.08
N ARG J 100 74.61 -33.46 23.07
CA ARG J 100 75.27 -34.64 22.51
C ARG J 100 75.54 -35.68 23.60
N CYS J 101 74.46 -36.12 24.24
CA CYS J 101 74.51 -37.21 25.21
C CYS J 101 73.91 -38.44 24.54
N GLU J 102 74.78 -39.34 24.07
CA GLU J 102 74.33 -40.42 23.20
C GLU J 102 73.34 -41.35 23.91
N ASP J 103 73.62 -41.71 25.16
CA ASP J 103 72.75 -42.65 25.86
C ASP J 103 71.37 -42.04 26.11
N GLU J 104 71.33 -40.77 26.51
CA GLU J 104 70.05 -40.11 26.71
C GLU J 104 69.29 -39.99 25.40
N GLU J 105 69.98 -39.72 24.30
CA GLU J 105 69.33 -39.69 22.99
C GLU J 105 68.73 -41.05 22.65
N GLU J 106 69.49 -42.13 22.89
CA GLU J 106 68.99 -43.46 22.58
C GLU J 106 67.77 -43.80 23.42
N GLU J 107 67.80 -43.48 24.71
CA GLU J 107 66.70 -43.84 25.59
C GLU J 107 65.51 -42.89 25.45
N PHE J 108 65.70 -41.72 24.85
CA PHE J 108 64.61 -40.77 24.65
C PHE J 108 64.03 -40.82 23.25
N ARG J 109 64.78 -41.29 22.26
CA ARG J 109 64.22 -41.52 20.92
C ARG J 109 63.31 -42.74 20.89
N LYS J 110 63.10 -43.39 22.04
CA LYS J 110 62.10 -44.44 22.18
C LYS J 110 60.79 -43.92 22.76
N ILE J 111 60.86 -43.02 23.75
CA ILE J 111 59.64 -42.50 24.37
C ILE J 111 58.79 -41.77 23.34
N LEU J 112 59.42 -40.89 22.56
CA LEU J 112 58.68 -40.11 21.57
C LEU J 112 58.10 -41.02 20.49
N SER J 113 58.93 -41.90 19.92
CA SER J 113 58.48 -42.78 18.85
C SER J 113 57.39 -43.72 19.34
N SER J 114 57.59 -44.35 20.50
CA SER J 114 56.60 -45.27 21.03
C SER J 114 55.30 -44.54 21.36
N LEU J 115 55.40 -43.35 21.95
CA LEU J 115 54.21 -42.59 22.28
C LEU J 115 53.40 -42.26 21.04
N TYR J 116 54.06 -41.81 19.97
CA TYR J 116 53.32 -41.46 18.76
C TYR J 116 52.79 -42.69 18.05
N LYS J 117 53.54 -43.80 18.08
CA LYS J 117 53.01 -45.05 17.54
C LYS J 117 51.74 -45.45 18.27
N GLU J 118 51.74 -45.37 19.59
CA GLU J 118 50.54 -45.71 20.36
C GLU J 118 49.40 -44.73 20.08
N VAL J 119 49.72 -43.45 19.90
CA VAL J 119 48.69 -42.47 19.57
C VAL J 119 48.02 -42.84 18.26
N THR J 120 48.82 -43.16 17.24
CA THR J 120 48.26 -43.56 15.95
C THR J 120 47.44 -44.83 16.10
N LYS J 121 47.97 -45.84 16.79
CA LYS J 121 47.24 -47.10 16.96
C LYS J 121 45.90 -46.85 17.64
N ALA J 122 45.86 -45.94 18.60
CA ALA J 122 44.59 -45.60 19.26
C ALA J 122 43.70 -44.76 18.36
N ALA J 123 44.26 -44.10 17.35
CA ALA J 123 43.43 -43.31 16.44
C ALA J 123 42.40 -44.19 15.74
N LEU J 124 42.82 -45.35 15.25
CA LEU J 124 41.89 -46.24 14.56
C LEU J 124 40.84 -46.76 15.54
N LEU J 125 39.59 -46.80 15.08
CA LEU J 125 38.46 -47.21 15.91
C LEU J 125 38.04 -48.66 15.67
N THR J 126 38.66 -49.35 14.73
CA THR J 126 38.22 -50.70 14.36
C THR J 126 39.33 -51.74 14.44
N GLY J 127 40.55 -51.41 14.05
CA GLY J 127 41.64 -52.35 14.06
C GLY J 127 41.89 -52.95 12.68
N GLU J 128 41.97 -54.28 12.62
CA GLU J 128 42.20 -54.94 11.34
C GLU J 128 41.11 -54.61 10.33
N GLN J 129 39.90 -54.28 10.81
CA GLN J 129 38.83 -53.86 9.92
C GLN J 129 39.08 -52.47 9.35
N PHE J 130 40.05 -51.73 9.87
CA PHE J 130 40.31 -50.38 9.40
C PHE J 130 40.64 -50.36 7.91
N ARG J 131 41.17 -51.46 7.38
CA ARG J 131 41.49 -51.56 5.96
C ARG J 131 40.32 -52.11 5.14
N GLU J 132 39.24 -52.52 5.78
CA GLU J 132 38.07 -53.02 5.06
C GLU J 132 37.27 -51.87 4.47
N LYS J 133 36.63 -52.14 3.35
CA LYS J 133 35.79 -51.17 2.66
C LYS J 133 34.34 -51.32 3.13
N ASN J 134 33.40 -50.70 2.42
CA ASN J 134 32.02 -50.56 2.87
C ASN J 134 32.00 -49.77 4.18
N GLN J 135 32.83 -48.74 4.25
CA GLN J 135 33.00 -47.99 5.50
C GLN J 135 31.71 -47.31 5.92
N GLY J 136 30.97 -46.75 4.97
CA GLY J 136 29.69 -46.15 5.30
C GLY J 136 28.68 -47.15 5.80
N LYS J 137 28.72 -48.38 5.29
CA LYS J 137 27.69 -49.37 5.58
C LYS J 137 27.69 -49.83 7.03
N LYS J 138 28.71 -49.50 7.81
CA LYS J 138 28.78 -49.97 9.18
C LYS J 138 27.62 -49.41 10.01
N ASP J 139 27.18 -50.21 10.98
CA ASP J 139 26.00 -49.88 11.79
C ASP J 139 26.36 -49.12 13.06
N ALA J 140 27.63 -48.83 13.31
CA ALA J 140 28.03 -48.15 14.53
C ALA J 140 27.98 -46.63 14.41
N PHE J 141 27.75 -46.10 13.22
CA PHE J 141 27.76 -44.66 12.98
C PHE J 141 26.36 -44.06 12.87
N LYS J 142 25.38 -44.67 13.53
CA LYS J 142 24.04 -44.06 13.53
C LYS J 142 24.11 -42.62 14.01
N TYR J 143 25.00 -42.34 14.96
CA TYR J 143 25.16 -40.99 15.46
C TYR J 143 25.46 -40.01 14.32
N HIS J 144 26.60 -40.19 13.66
CA HIS J 144 26.99 -39.27 12.59
C HIS J 144 25.99 -39.31 11.43
N LYS J 145 25.55 -40.51 11.07
CA LYS J 145 24.65 -40.65 9.92
C LYS J 145 23.38 -39.85 10.12
N GLU J 146 22.80 -39.93 11.31
CA GLU J 146 21.61 -39.14 11.60
C GLU J 146 21.94 -37.66 11.75
N LEU J 147 23.03 -37.35 12.46
CA LEU J 147 23.31 -35.97 12.85
C LEU J 147 23.63 -35.10 11.66
N ILE J 148 24.38 -35.62 10.69
CA ILE J 148 24.75 -34.80 9.54
C ILE J 148 23.50 -34.37 8.77
N SER J 149 22.62 -35.33 8.48
CA SER J 149 21.38 -35.00 7.80
C SER J 149 20.51 -34.07 8.64
N LYS J 150 20.43 -34.33 9.94
CA LYS J 150 19.59 -33.49 10.80
C LYS J 150 20.07 -32.04 10.78
N LEU J 151 21.38 -31.84 10.90
CA LEU J 151 21.92 -30.49 10.83
C LEU J 151 21.63 -29.85 9.48
N ILE J 152 21.81 -30.62 8.40
CA ILE J 152 21.55 -30.04 7.08
C ILE J 152 20.06 -29.96 6.74
N SER J 153 19.21 -30.74 7.41
CA SER J 153 17.80 -30.83 7.07
C SER J 153 16.91 -30.00 7.97
N ASN J 154 17.46 -29.00 8.65
CA ASN J 154 16.70 -28.02 9.41
C ASN J 154 16.74 -26.66 8.72
N ARG J 155 16.68 -26.67 7.39
CA ARG J 155 16.95 -25.47 6.62
C ARG J 155 15.91 -25.33 5.51
N GLN J 156 15.70 -24.08 5.10
CA GLN J 156 14.92 -23.70 3.92
C GLN J 156 15.78 -22.80 3.06
N PRO J 157 15.48 -22.68 1.77
CA PRO J 157 16.44 -22.09 0.83
C PRO J 157 16.92 -20.72 1.29
N GLY J 158 18.23 -20.49 1.14
CA GLY J 158 18.83 -19.21 1.48
C GLY J 158 19.63 -19.19 2.77
N GLN J 159 19.80 -20.33 3.43
CA GLN J 159 20.46 -20.40 4.72
C GLN J 159 21.88 -20.95 4.56
N SER J 160 22.58 -21.12 5.68
CA SER J 160 24.00 -21.39 5.70
C SER J 160 24.28 -22.90 5.74
N ALA J 161 25.55 -23.25 5.91
CA ALA J 161 26.00 -24.64 5.93
C ALA J 161 26.36 -25.04 7.34
N PRO J 162 25.68 -26.01 7.96
CA PRO J 162 26.06 -26.41 9.32
C PRO J 162 27.51 -26.86 9.40
N ALA J 163 28.15 -26.54 10.53
CA ALA J 163 29.55 -26.85 10.76
C ALA J 163 29.69 -27.85 11.90
N ILE J 164 30.39 -28.94 11.64
CA ILE J 164 30.64 -29.99 12.63
C ILE J 164 32.10 -29.90 13.07
N PHE J 165 32.31 -29.91 14.38
CA PHE J 165 33.64 -29.83 14.98
C PHE J 165 34.04 -31.17 15.57
N THR J 166 35.02 -31.81 14.95
CA THR J 166 35.66 -33.00 15.48
C THR J 166 37.14 -32.71 15.69
N THR J 167 37.70 -33.28 16.75
CA THR J 167 39.10 -33.07 17.11
C THR J 167 39.78 -34.39 17.40
N ASN J 168 39.62 -35.36 16.50
CA ASN J 168 40.23 -36.68 16.64
C ASN J 168 40.89 -37.08 15.33
N TYR J 169 41.91 -37.93 15.46
CA TYR J 169 42.70 -38.32 14.29
C TYR J 169 41.86 -39.11 13.30
N ASP J 170 41.01 -40.00 13.79
CA ASP J 170 40.30 -40.94 12.91
C ASP J 170 39.53 -40.22 11.82
N LEU J 171 39.67 -40.72 10.59
CA LEU J 171 38.93 -40.21 9.45
C LEU J 171 37.50 -40.77 9.46
N ALA J 172 36.80 -40.45 10.54
CA ALA J 172 35.51 -41.05 10.84
C ALA J 172 34.33 -40.23 10.34
N LEU J 173 34.58 -39.11 9.65
CA LEU J 173 33.50 -38.24 9.19
C LEU J 173 33.16 -38.42 7.72
N GLU J 174 34.12 -38.85 6.90
CA GLU J 174 33.79 -39.20 5.52
C GLU J 174 33.07 -40.54 5.42
N TRP J 175 32.95 -41.28 6.52
CA TRP J 175 32.42 -42.64 6.45
C TRP J 175 30.89 -42.63 6.46
N ALA J 176 30.29 -41.91 7.43
CA ALA J 176 28.86 -41.69 7.38
C ALA J 176 28.46 -40.92 6.13
N ALA J 177 29.30 -39.98 5.72
CA ALA J 177 29.06 -39.25 4.47
C ALA J 177 29.02 -40.20 3.29
N GLU J 178 29.94 -41.17 3.26
CA GLU J 178 29.91 -42.20 2.24
C GLU J 178 28.61 -43.00 2.30
N ASP J 179 28.18 -43.36 3.51
CA ASP J 179 26.95 -44.14 3.65
C ASP J 179 25.76 -43.41 3.04
N LEU J 180 25.57 -42.15 3.41
CA LEU J 180 24.40 -41.40 2.96
C LEU J 180 24.64 -40.64 1.67
N GLY J 181 25.83 -40.75 1.06
CA GLY J 181 26.11 -40.00 -0.14
C GLY J 181 26.34 -38.53 0.09
N ILE J 182 26.41 -38.09 1.34
CA ILE J 182 26.63 -36.70 1.66
C ILE J 182 28.09 -36.34 1.43
N GLN J 183 28.35 -35.07 1.18
CA GLN J 183 29.69 -34.57 0.86
C GLN J 183 30.09 -33.52 1.90
N LEU J 184 30.77 -33.97 2.95
CA LEU J 184 31.26 -33.08 4.00
C LEU J 184 32.54 -32.42 3.50
N PHE J 185 32.39 -31.29 2.82
CA PHE J 185 33.51 -30.63 2.17
C PHE J 185 34.55 -30.19 3.19
N ASN J 186 35.83 -30.28 2.82
CA ASN J 186 36.91 -29.80 3.66
C ASN J 186 37.98 -29.05 2.86
N GLY J 187 37.65 -28.56 1.67
CA GLY J 187 38.61 -27.80 0.88
C GLY J 187 39.58 -28.63 0.09
N PHE J 188 39.22 -29.86 -0.27
CA PHE J 188 40.08 -30.72 -1.06
C PHE J 188 39.31 -31.20 -2.29
N SER J 189 40.02 -31.29 -3.42
CA SER J 189 39.42 -31.68 -4.69
C SER J 189 40.29 -32.75 -5.35
N GLY J 190 39.64 -33.72 -5.99
CA GLY J 190 40.35 -34.78 -6.67
C GLY J 190 40.72 -35.91 -5.73
N LEU J 191 40.44 -37.15 -6.14
CA LEU J 191 40.76 -38.29 -5.29
C LEU J 191 42.23 -38.71 -5.44
N HIS J 192 42.65 -38.95 -6.69
CA HIS J 192 44.00 -39.47 -6.91
C HIS J 192 45.06 -38.51 -6.39
N THR J 193 44.73 -37.23 -6.26
CA THR J 193 45.63 -36.23 -5.71
C THR J 193 44.87 -35.37 -4.73
N ARG J 194 45.44 -35.17 -3.55
CA ARG J 194 44.82 -34.40 -2.47
C ARG J 194 45.66 -33.18 -2.16
N GLN J 195 45.01 -32.01 -2.15
CA GLN J 195 45.70 -30.75 -1.92
C GLN J 195 44.70 -29.74 -1.38
N PHE J 196 45.23 -28.61 -0.89
CA PHE J 196 44.43 -27.56 -0.28
C PHE J 196 44.40 -26.34 -1.19
N TYR J 197 43.23 -25.69 -1.24
CA TYR J 197 43.05 -24.46 -2.00
C TYR J 197 41.91 -23.69 -1.35
N PRO J 198 42.12 -22.42 -0.94
CA PRO J 198 41.03 -21.69 -0.29
C PRO J 198 39.77 -21.59 -1.13
N GLN J 199 39.92 -21.39 -2.45
CA GLN J 199 38.74 -21.21 -3.30
C GLN J 199 37.84 -22.43 -3.27
N ASN J 200 38.41 -23.61 -3.03
CA ASN J 200 37.59 -24.83 -2.97
C ASN J 200 36.55 -24.76 -1.86
N PHE J 201 36.71 -23.85 -0.90
CA PHE J 201 35.74 -23.70 0.17
C PHE J 201 34.47 -22.99 -0.29
N ASP J 202 34.43 -22.51 -1.52
CA ASP J 202 33.32 -21.69 -2.01
C ASP J 202 32.45 -22.46 -3.01
N LEU J 203 32.22 -23.74 -2.75
CA LEU J 203 31.41 -24.59 -3.61
C LEU J 203 30.21 -25.11 -2.82
N ALA J 204 29.02 -25.02 -3.42
CA ALA J 204 27.79 -25.48 -2.77
C ALA J 204 26.87 -26.06 -3.83
N PHE J 205 26.23 -27.17 -3.49
CA PHE J 205 25.36 -27.86 -4.43
C PHE J 205 24.07 -27.08 -4.63
N ARG J 206 23.44 -27.31 -5.79
CA ARG J 206 22.20 -26.63 -6.15
C ARG J 206 21.44 -27.47 -7.17
N ASN J 207 20.12 -27.33 -7.15
CA ASN J 207 19.28 -27.96 -8.15
C ASN J 207 19.38 -27.19 -9.46
N VAL J 208 19.61 -27.91 -10.56
CA VAL J 208 19.90 -27.28 -11.84
C VAL J 208 18.63 -27.11 -12.68
N ASN J 209 17.85 -28.19 -12.83
CA ASN J 209 16.65 -28.15 -13.67
C ASN J 209 15.52 -27.49 -12.87
N ALA J 210 15.53 -26.16 -12.87
CA ALA J 210 14.53 -25.39 -12.16
C ALA J 210 14.36 -24.01 -12.79
N HIS J 218 19.91 -30.16 -2.07
CA HIS J 218 20.99 -31.07 -1.69
C HIS J 218 21.22 -31.02 -0.18
N TYR J 219 21.91 -32.03 0.34
CA TYR J 219 22.27 -32.11 1.76
C TYR J 219 23.77 -32.26 1.88
N HIS J 220 24.44 -31.25 2.42
CA HIS J 220 25.85 -31.38 2.78
C HIS J 220 26.20 -30.33 3.82
N ALA J 221 27.28 -30.58 4.54
CA ALA J 221 27.80 -29.70 5.57
C ALA J 221 29.26 -29.36 5.26
N TYR J 222 29.92 -28.68 6.20
CA TYR J 222 31.30 -28.26 6.03
C TYR J 222 32.15 -28.78 7.19
N LEU J 223 33.46 -28.82 6.94
CA LEU J 223 34.40 -29.54 7.79
C LEU J 223 35.51 -28.59 8.26
N TYR J 224 35.76 -28.59 9.56
CA TYR J 224 36.94 -27.93 10.13
C TYR J 224 37.75 -29.00 10.86
N LYS J 225 38.87 -29.42 10.27
CA LYS J 225 39.75 -30.41 10.88
C LYS J 225 40.70 -29.70 11.83
N LEU J 226 40.18 -29.32 12.99
CA LEU J 226 40.99 -28.63 13.99
C LEU J 226 42.13 -29.52 14.47
N HIS J 227 41.86 -30.79 14.74
CA HIS J 227 42.86 -31.71 15.28
C HIS J 227 43.60 -32.48 14.19
N GLY J 228 44.13 -31.74 13.20
CA GLY J 228 45.00 -32.33 12.22
C GLY J 228 44.35 -33.43 11.39
N SER J 229 45.19 -34.22 10.75
CA SER J 229 44.77 -35.32 9.89
C SER J 229 45.61 -36.56 10.19
N LEU J 230 45.02 -37.73 9.93
CA LEU J 230 45.71 -38.99 10.16
C LEU J 230 46.67 -39.37 9.04
N THR J 231 46.57 -38.73 7.87
CA THR J 231 47.37 -39.15 6.73
C THR J 231 47.92 -37.99 5.92
N TRP J 232 47.92 -36.77 6.45
CA TRP J 232 48.62 -35.65 5.82
C TRP J 232 50.05 -35.56 6.34
N TYR J 233 50.85 -36.55 5.96
CA TYR J 233 52.23 -36.64 6.43
C TYR J 233 53.09 -35.72 5.58
N GLN J 234 53.58 -34.64 6.18
CA GLN J 234 54.41 -33.68 5.47
C GLN J 234 55.83 -34.21 5.37
N ASN J 235 56.32 -34.39 4.16
CA ASN J 235 57.69 -34.84 3.92
C ASN J 235 58.72 -33.73 4.09
N ASP J 236 58.33 -32.59 4.67
CA ASP J 236 59.21 -31.45 4.85
C ASP J 236 59.74 -30.93 3.52
N SER J 237 58.91 -31.03 2.47
CA SER J 237 59.26 -30.54 1.15
C SER J 237 58.10 -29.79 0.51
N LEU J 238 57.31 -29.08 1.32
CA LEU J 238 56.17 -28.32 0.83
C LEU J 238 55.18 -29.23 0.10
N THR J 239 54.63 -30.19 0.84
CA THR J 239 53.71 -31.17 0.29
C THR J 239 52.64 -31.51 1.32
N VAL J 240 51.44 -31.78 0.83
CA VAL J 240 50.36 -32.33 1.63
C VAL J 240 49.58 -33.33 0.78
N ASN J 241 49.35 -34.51 1.32
CA ASN J 241 48.63 -35.55 0.59
C ASN J 241 47.82 -36.37 1.58
N GLU J 242 46.80 -37.06 1.07
CA GLU J 242 45.97 -37.95 1.87
C GLU J 242 45.88 -39.29 1.18
N VAL J 243 45.84 -40.35 1.98
CA VAL J 243 45.76 -41.72 1.50
C VAL J 243 44.61 -42.41 2.22
N SER J 244 43.76 -43.10 1.47
CA SER J 244 42.56 -43.68 2.02
C SER J 244 42.89 -44.57 3.22
N ALA J 245 41.85 -44.83 4.03
CA ALA J 245 42.01 -45.60 5.25
C ALA J 245 42.43 -47.04 5.00
N SER J 246 42.31 -47.53 3.77
CA SER J 246 42.76 -48.87 3.43
C SER J 246 44.03 -48.89 2.59
N GLN J 247 44.39 -47.75 1.98
CA GLN J 247 45.59 -47.68 1.16
C GLN J 247 46.83 -47.32 1.97
N ALA J 248 46.68 -46.44 2.97
CA ALA J 248 47.79 -46.09 3.84
C ALA J 248 48.13 -47.20 4.82
N TYR J 249 47.23 -48.17 4.97
CA TYR J 249 47.44 -49.27 5.92
C TYR J 249 48.70 -50.07 5.60
N ASP J 250 49.32 -49.86 4.43
CA ASP J 250 50.50 -50.60 4.04
C ASP J 250 51.64 -49.70 3.57
N GLU J 251 51.32 -48.56 2.96
CA GLU J 251 52.35 -47.74 2.33
C GLU J 251 53.39 -47.23 3.30
N TYR J 252 52.99 -46.38 4.25
CA TYR J 252 53.95 -45.75 5.16
C TYR J 252 53.63 -45.94 6.63
N ILE J 253 52.35 -46.08 7.02
CA ILE J 253 52.05 -46.38 8.41
C ILE J 253 52.68 -47.70 8.81
N ASN J 254 52.56 -48.72 7.95
CA ASN J 254 53.19 -50.01 8.23
C ASN J 254 54.71 -49.87 8.33
N ASP J 255 55.31 -49.11 7.42
CA ASP J 255 56.76 -48.95 7.43
C ASP J 255 57.23 -48.24 8.71
N ILE J 256 56.55 -47.16 9.11
CA ILE J 256 56.97 -46.42 10.29
C ILE J 256 56.58 -47.10 11.59
N ILE J 257 55.67 -48.08 11.54
CA ILE J 257 55.27 -48.80 12.74
C ILE J 257 55.97 -50.15 12.87
N ASN J 258 56.65 -50.62 11.82
CA ASN J 258 57.31 -51.92 11.85
C ASN J 258 58.80 -51.87 11.55
N LYS J 259 59.32 -50.79 10.96
CA LYS J 259 60.73 -50.72 10.62
C LYS J 259 61.61 -50.30 11.80
N ASP J 260 61.01 -49.88 12.91
CA ASP J 260 61.73 -49.49 14.12
C ASP J 260 62.97 -48.65 13.79
N ASP J 261 62.72 -47.51 13.15
CA ASP J 261 63.75 -46.56 12.77
C ASP J 261 63.62 -45.29 13.61
N PHE J 262 64.51 -44.34 13.35
CA PHE J 262 64.46 -43.06 14.03
C PHE J 262 63.13 -42.36 13.74
N TYR J 263 62.58 -41.70 14.74
CA TYR J 263 61.25 -41.11 14.66
C TYR J 263 61.33 -39.59 14.63
N ARG J 264 60.62 -38.99 13.67
CA ARG J 264 60.41 -37.55 13.62
C ARG J 264 58.90 -37.32 13.53
N GLY J 265 58.49 -36.09 13.27
CA GLY J 265 57.09 -35.87 12.95
C GLY J 265 56.79 -36.41 11.57
N GLN J 266 56.88 -37.74 11.43
CA GLN J 266 56.75 -38.35 10.11
C GLN J 266 55.43 -37.98 9.46
N HIS J 267 54.33 -38.19 10.17
CA HIS J 267 53.02 -37.67 9.77
C HIS J 267 52.52 -36.75 10.87
N LEU J 268 52.07 -35.56 10.46
CA LEU J 268 51.87 -34.46 11.41
C LEU J 268 50.69 -34.75 12.32
N ILE J 269 50.96 -34.79 13.63
CA ILE J 269 49.94 -34.98 14.66
C ILE J 269 50.46 -34.35 15.94
N TYR J 270 49.58 -33.63 16.64
CA TYR J 270 49.96 -32.86 17.83
C TYR J 270 49.04 -33.20 18.98
N PRO J 271 49.39 -34.19 19.80
CA PRO J 271 48.64 -34.45 21.05
C PRO J 271 49.24 -33.85 22.31
N GLY J 272 50.35 -33.12 22.22
CA GLY J 272 51.02 -32.60 23.40
C GLY J 272 51.02 -31.08 23.46
N ALA J 273 51.29 -30.53 24.65
CA ALA J 273 51.26 -29.08 24.80
C ALA J 273 52.33 -28.41 23.94
N ASN J 274 53.54 -28.96 23.91
CA ASN J 274 54.57 -28.46 23.02
C ASN J 274 54.06 -28.57 21.59
N LYS J 275 53.77 -27.44 20.96
CA LYS J 275 53.13 -27.41 19.66
C LYS J 275 54.06 -27.00 18.53
N TYR J 276 54.82 -25.93 18.71
CA TYR J 276 55.60 -25.34 17.62
C TYR J 276 57.11 -25.43 17.87
N SER J 277 57.55 -26.49 18.56
CA SER J 277 58.94 -26.90 18.43
C SER J 277 59.25 -27.40 17.03
N HIS J 278 58.20 -27.71 16.25
CA HIS J 278 58.31 -28.02 14.82
C HIS J 278 57.27 -27.15 14.13
N THR J 279 57.73 -26.13 13.41
CA THR J 279 56.89 -25.00 13.00
C THR J 279 56.41 -25.13 11.55
N ILE J 280 56.04 -26.32 11.10
CA ILE J 280 55.52 -26.52 9.76
C ILE J 280 54.11 -27.10 9.77
N GLY J 281 53.41 -26.99 10.90
CA GLY J 281 52.01 -27.39 10.96
C GLY J 281 51.09 -26.21 10.69
N PHE J 282 50.62 -26.09 9.45
CA PHE J 282 49.84 -24.92 9.03
C PHE J 282 48.34 -25.14 9.11
N VAL J 283 47.88 -26.36 9.38
CA VAL J 283 46.45 -26.57 9.62
C VAL J 283 46.02 -25.85 10.89
N TYR J 284 46.90 -25.85 11.90
CA TYR J 284 46.67 -25.07 13.12
C TYR J 284 46.24 -23.65 12.79
N GLY J 285 47.12 -22.91 12.10
CA GLY J 285 46.84 -21.50 11.85
C GLY J 285 45.59 -21.29 11.03
N GLU J 286 45.46 -22.02 9.93
CA GLU J 286 44.32 -21.83 9.04
C GLU J 286 43.00 -22.13 9.75
N MET J 287 42.91 -23.30 10.38
CA MET J 287 41.66 -23.69 11.03
C MET J 287 41.33 -22.75 12.18
N PHE J 288 42.33 -22.34 12.96
CA PHE J 288 42.03 -21.47 14.10
C PHE J 288 41.64 -20.08 13.64
N ARG J 289 42.28 -19.56 12.59
CA ARG J 289 41.87 -18.26 12.05
C ARG J 289 40.43 -18.33 11.55
N ARG J 290 40.08 -19.40 10.83
CA ARG J 290 38.72 -19.55 10.37
C ARG J 290 37.74 -19.64 11.54
N PHE J 291 38.12 -20.38 12.59
CA PHE J 291 37.27 -20.46 13.78
C PHE J 291 37.08 -19.09 14.40
N GLY J 292 38.14 -18.28 14.44
CA GLY J 292 38.01 -16.93 14.97
C GLY J 292 37.07 -16.08 14.15
N GLU J 293 37.14 -16.20 12.82
CA GLU J 293 36.27 -15.41 11.95
C GLU J 293 34.81 -15.80 12.06
N PHE J 294 34.49 -16.96 12.65
CA PHE J 294 33.13 -17.49 12.59
C PHE J 294 32.18 -16.68 13.47
N ILE J 295 32.63 -16.29 14.66
CA ILE J 295 31.75 -15.67 15.65
C ILE J 295 31.59 -14.18 15.37
N SER J 296 32.14 -13.71 14.25
CA SER J 296 32.14 -12.30 13.90
C SER J 296 30.82 -11.82 13.32
N LYS J 297 29.74 -12.57 13.47
CA LYS J 297 28.44 -12.24 12.90
C LYS J 297 27.39 -12.19 13.98
N PRO J 298 26.29 -11.46 13.76
CA PRO J 298 25.18 -11.48 14.72
C PRO J 298 24.23 -12.63 14.44
N GLN J 299 23.17 -12.74 15.24
CA GLN J 299 22.22 -13.84 15.14
C GLN J 299 22.94 -15.17 14.99
N THR J 300 23.76 -15.48 15.99
CA THR J 300 24.68 -16.61 15.95
C THR J 300 24.21 -17.73 16.88
N ALA J 301 24.67 -18.95 16.58
CA ALA J 301 24.27 -20.13 17.33
C ALA J 301 25.43 -21.12 17.36
N LEU J 302 25.41 -21.98 18.38
CA LEU J 302 26.44 -23.01 18.52
C LEU J 302 26.05 -23.91 19.68
N PHE J 303 26.63 -25.11 19.70
CA PHE J 303 26.37 -26.09 20.73
C PHE J 303 27.68 -26.79 21.09
N ILE J 304 27.71 -27.41 22.27
CA ILE J 304 28.89 -28.09 22.77
C ILE J 304 28.48 -29.42 23.39
N ASN J 305 29.29 -30.45 23.15
CA ASN J 305 29.06 -31.77 23.71
C ASN J 305 30.27 -32.63 23.37
N GLY J 306 30.49 -33.69 24.15
CA GLY J 306 31.58 -34.60 23.87
C GLY J 306 32.94 -33.94 23.87
N PHE J 307 33.13 -32.90 24.67
CA PHE J 307 34.38 -32.15 24.71
C PHE J 307 34.76 -31.88 26.16
N GLY J 308 36.02 -32.13 26.50
CA GLY J 308 36.54 -31.81 27.81
C GLY J 308 36.88 -30.34 27.92
N PHE J 309 37.59 -30.01 29.02
CA PHE J 309 37.99 -28.63 29.29
C PHE J 309 39.49 -28.64 29.61
N GLY J 310 40.30 -28.57 28.55
CA GLY J 310 41.73 -28.45 28.69
C GLY J 310 42.36 -27.69 27.54
N ASP J 311 41.55 -26.97 26.78
CA ASP J 311 41.98 -26.35 25.53
C ASP J 311 42.16 -24.85 25.77
N TYR J 312 43.40 -24.43 25.97
CA TYR J 312 43.68 -23.03 26.27
C TYR J 312 43.22 -22.11 25.14
N HIS J 313 43.50 -22.49 23.90
CA HIS J 313 43.32 -21.59 22.76
C HIS J 313 41.84 -21.44 22.39
N ILE J 314 41.17 -22.55 22.14
CA ILE J 314 39.75 -22.50 21.79
C ILE J 314 38.94 -21.91 22.94
N ASN J 315 39.26 -22.26 24.17
CA ASN J 315 38.52 -21.77 25.31
C ASN J 315 38.92 -20.36 25.73
N ARG J 316 39.97 -19.79 25.14
CA ARG J 316 40.13 -18.34 25.21
C ARG J 316 39.29 -17.65 24.15
N ILE J 317 39.31 -18.17 22.92
CA ILE J 317 38.47 -17.58 21.87
C ILE J 317 37.00 -17.63 22.26
N ILE J 318 36.59 -18.63 23.04
CA ILE J 318 35.18 -18.78 23.38
C ILE J 318 34.67 -17.55 24.12
N LEU J 319 35.24 -17.27 25.29
CA LEU J 319 34.84 -16.09 26.04
C LEU J 319 35.37 -14.79 25.43
N GLY J 320 36.28 -14.88 24.45
CA GLY J 320 36.77 -13.67 23.82
C GLY J 320 35.65 -12.78 23.31
N ALA J 321 34.70 -13.37 22.58
CA ALA J 321 33.60 -12.62 21.97
C ALA J 321 32.24 -13.17 22.42
N LEU J 322 32.19 -13.79 23.59
CA LEU J 322 30.89 -14.05 24.21
C LEU J 322 30.24 -12.76 24.70
N LEU J 323 30.89 -11.62 24.48
CA LEU J 323 30.35 -10.30 24.78
C LEU J 323 29.44 -9.79 23.68
N ASN J 324 28.87 -10.69 22.88
CA ASN J 324 27.88 -10.35 21.86
C ASN J 324 26.50 -10.80 22.32
N PRO J 325 25.44 -10.10 21.95
CA PRO J 325 24.08 -10.52 22.34
C PRO J 325 23.46 -11.58 21.44
N SER J 326 24.23 -12.19 20.55
CA SER J 326 23.73 -13.23 19.65
C SER J 326 24.50 -14.53 19.73
N PHE J 327 25.82 -14.48 19.92
CA PHE J 327 26.57 -15.70 20.17
C PHE J 327 26.17 -16.30 21.51
N HIS J 328 25.91 -17.59 21.52
CA HIS J 328 25.44 -18.30 22.70
C HIS J 328 26.32 -19.53 22.93
N VAL J 329 26.01 -20.24 24.01
CA VAL J 329 26.59 -21.56 24.26
C VAL J 329 25.57 -22.37 25.05
N VAL J 330 25.43 -23.63 24.69
CA VAL J 330 24.64 -24.59 25.45
C VAL J 330 25.61 -25.68 25.86
N ILE J 331 26.22 -25.52 27.03
CA ILE J 331 27.35 -26.34 27.47
C ILE J 331 26.91 -27.19 28.65
N TYR J 332 27.20 -28.48 28.56
CA TYR J 332 26.91 -29.44 29.63
C TYR J 332 28.22 -29.91 30.26
N TYR J 333 28.13 -30.31 31.53
CA TYR J 333 29.28 -30.86 32.25
C TYR J 333 28.74 -31.78 33.34
N PRO J 334 28.68 -33.09 33.07
CA PRO J 334 28.15 -34.00 34.11
C PRO J 334 28.91 -33.91 35.42
N GLU J 335 30.23 -33.72 35.36
CA GLU J 335 31.05 -33.59 36.57
C GLU J 335 31.18 -32.12 36.98
N LEU J 336 30.04 -31.44 37.09
CA LEU J 336 30.03 -30.05 37.53
C LEU J 336 29.85 -29.92 39.04
N LYS J 337 28.98 -30.76 39.63
CA LYS J 337 28.83 -30.76 41.08
C LYS J 337 30.13 -31.16 41.76
N GLU J 338 30.81 -32.18 41.25
CA GLU J 338 32.08 -32.60 41.82
C GLU J 338 33.13 -31.50 41.68
N ALA J 339 33.16 -30.83 40.53
CA ALA J 339 34.10 -29.74 40.33
C ALA J 339 33.83 -28.60 41.31
N ILE J 340 32.57 -28.25 41.51
CA ILE J 340 32.22 -27.20 42.47
C ILE J 340 32.64 -27.60 43.88
N THR J 341 32.38 -28.86 44.25
CA THR J 341 32.76 -29.33 45.58
C THR J 341 34.27 -29.25 45.77
N LYS J 342 35.03 -29.67 44.77
CA LYS J 342 36.48 -29.62 44.87
C LYS J 342 36.98 -28.18 44.96
N VAL J 343 36.41 -27.28 44.16
CA VAL J 343 36.85 -25.90 44.17
C VAL J 343 36.51 -25.22 45.48
N SER J 344 35.38 -25.59 46.10
CA SER J 344 34.96 -24.94 47.33
C SER J 344 35.99 -25.10 48.44
N LYS J 345 36.87 -26.10 48.35
CA LYS J 345 37.88 -26.34 49.36
C LYS J 345 39.15 -25.52 49.12
N GLY J 346 39.14 -24.61 48.14
CA GLY J 346 40.30 -23.79 47.86
C GLY J 346 40.54 -23.58 46.38
N GLY J 347 40.10 -24.54 45.56
CA GLY J 347 40.29 -24.45 44.13
C GLY J 347 40.76 -25.76 43.52
N GLY J 348 40.78 -25.83 42.20
CA GLY J 348 41.20 -27.02 41.48
C GLY J 348 42.29 -26.69 40.48
N SER J 349 42.33 -27.48 39.42
CA SER J 349 43.31 -27.32 38.36
C SER J 349 42.76 -26.36 37.30
N GLU J 350 43.41 -26.30 36.14
CA GLU J 350 42.95 -25.42 35.07
C GLU J 350 41.52 -25.76 34.66
N ALA J 351 41.20 -27.06 34.54
CA ALA J 351 39.88 -27.45 34.05
C ALA J 351 38.78 -27.02 35.01
N GLU J 352 38.96 -27.28 36.31
CA GLU J 352 37.92 -26.97 37.28
C GLU J 352 37.66 -25.47 37.36
N LYS J 353 38.73 -24.67 37.47
CA LYS J 353 38.55 -23.23 37.54
C LYS J 353 37.99 -22.68 36.24
N ALA J 354 38.40 -23.25 35.10
CA ALA J 354 37.87 -22.78 33.82
C ALA J 354 36.38 -23.05 33.70
N ILE J 355 35.94 -24.24 34.09
CA ILE J 355 34.50 -24.54 34.03
C ILE J 355 33.73 -23.68 35.03
N VAL J 356 34.32 -23.44 36.19
CA VAL J 356 33.66 -22.56 37.16
C VAL J 356 33.49 -21.17 36.59
N THR J 357 34.54 -20.64 35.94
CA THR J 357 34.44 -19.33 35.32
C THR J 357 33.40 -19.30 34.22
N LEU J 358 33.36 -20.36 33.39
CA LEU J 358 32.39 -20.42 32.31
C LEU J 358 30.97 -20.42 32.85
N LYS J 359 30.72 -21.18 33.92
CA LYS J 359 29.37 -21.28 34.48
C LYS J 359 28.98 -20.03 35.25
N ASN J 360 29.93 -19.36 35.88
CA ASN J 360 29.63 -18.23 36.77
C ASN J 360 29.52 -16.90 36.05
N MET J 361 29.72 -16.86 34.74
CA MET J 361 29.53 -15.61 34.00
C MET J 361 28.12 -15.10 34.23
N ALA J 362 28.02 -13.80 34.53
CA ALA J 362 26.75 -13.19 34.95
C ALA J 362 25.76 -13.00 33.81
N PHE J 363 25.99 -13.56 32.62
CA PHE J 363 25.10 -13.35 31.49
C PHE J 363 23.99 -14.39 31.46
N ASN J 364 22.91 -14.04 30.78
CA ASN J 364 21.88 -15.00 30.40
C ASN J 364 22.14 -15.61 29.03
N GLN J 365 23.14 -15.10 28.30
CA GLN J 365 23.51 -15.70 27.03
C GLN J 365 23.94 -17.15 27.17
N VAL J 366 24.26 -17.58 28.40
CA VAL J 366 24.76 -18.92 28.66
C VAL J 366 23.89 -19.57 29.73
N THR J 367 23.85 -20.90 29.69
CA THR J 367 23.11 -21.68 30.67
C THR J 367 23.72 -23.07 30.75
N VAL J 368 23.61 -23.68 31.93
CA VAL J 368 24.17 -25.00 32.19
C VAL J 368 23.06 -25.89 32.74
N VAL J 369 22.94 -27.09 32.17
CA VAL J 369 21.93 -28.07 32.58
C VAL J 369 22.63 -29.37 32.92
N GLY J 370 22.22 -29.98 34.04
CA GLY J 370 22.80 -31.24 34.47
C GLY J 370 21.76 -32.18 35.07
N GLY J 371 22.24 -33.22 35.74
CA GLY J 371 21.35 -34.18 36.36
C GLY J 371 21.84 -35.62 36.25
N GLY J 372 22.95 -35.82 35.55
CA GLY J 372 23.52 -37.15 35.41
C GLY J 372 22.94 -37.93 34.25
N SER J 373 22.03 -38.86 34.55
CA SER J 373 21.43 -39.68 33.50
C SER J 373 20.66 -38.85 32.50
N LYS J 374 20.19 -37.66 32.88
CA LYS J 374 19.42 -36.80 31.99
C LYS J 374 20.28 -36.12 30.93
N ALA J 375 21.59 -36.20 31.03
CA ALA J 375 22.51 -35.48 30.14
C ALA J 375 23.36 -36.45 29.33
N TYR J 376 22.74 -37.50 28.80
CA TYR J 376 23.44 -38.48 27.98
C TYR J 376 23.46 -38.06 26.52
N PHE J 377 24.35 -38.68 25.75
CA PHE J 377 24.48 -38.35 24.34
C PHE J 377 23.19 -38.66 23.58
N ASN J 378 22.56 -39.79 23.90
CA ASN J 378 21.28 -40.11 23.27
C ASN J 378 20.26 -39.01 23.56
N SER J 379 20.27 -38.45 24.76
CA SER J 379 19.39 -37.34 25.08
C SER J 379 19.69 -36.14 24.19
N PHE J 380 20.97 -35.85 23.98
CA PHE J 380 21.35 -34.74 23.09
C PHE J 380 20.83 -34.97 21.69
N VAL J 381 20.96 -36.19 21.19
CA VAL J 381 20.45 -36.51 19.85
C VAL J 381 18.94 -36.33 19.81
N GLU J 382 18.24 -36.76 20.87
CA GLU J 382 16.79 -36.71 20.87
C GLU J 382 16.24 -35.31 21.07
N HIS J 383 17.02 -34.38 21.63
CA HIS J 383 16.52 -33.02 21.84
C HIS J 383 16.12 -32.37 20.52
N LEU J 384 16.93 -32.55 19.49
CA LEU J 384 16.64 -31.93 18.21
C LEU J 384 15.29 -32.41 17.69
N PRO J 385 14.36 -31.52 17.38
CA PRO J 385 13.04 -31.95 16.90
C PRO J 385 13.01 -32.10 15.38
N TYR J 386 11.88 -32.62 14.90
CA TYR J 386 11.65 -32.75 13.47
C TYR J 386 11.06 -31.45 12.93
N PRO J 387 11.61 -30.88 11.85
CA PRO J 387 11.09 -29.60 11.36
C PRO J 387 9.61 -29.68 11.02
N VAL J 388 8.90 -28.60 11.32
CA VAL J 388 7.46 -28.52 11.11
C VAL J 388 7.18 -27.52 10.00
N LEU J 389 6.37 -27.93 9.03
CA LEU J 389 6.03 -27.04 7.92
C LEU J 389 5.24 -25.83 8.40
N PHE J 390 4.30 -26.04 9.33
CA PHE J 390 3.43 -24.98 9.84
C PHE J 390 3.61 -24.91 11.36
N PRO J 391 4.53 -24.08 11.85
CA PRO J 391 4.73 -23.96 13.31
C PRO J 391 3.62 -23.17 13.99
N SER K 2 42.17 -31.06 -48.69
CA SER K 2 42.31 -30.78 -47.27
C SER K 2 40.94 -30.74 -46.58
N ILE K 3 40.17 -29.70 -46.88
CA ILE K 3 38.82 -29.52 -46.33
C ILE K 3 37.84 -29.56 -47.49
N TYR K 4 36.84 -30.42 -47.38
CA TYR K 4 35.84 -30.62 -48.43
C TYR K 4 34.45 -30.50 -47.83
N GLN K 5 33.73 -29.44 -48.18
CA GLN K 5 32.34 -29.26 -47.79
C GLN K 5 31.50 -29.12 -49.06
N GLY K 6 30.47 -29.94 -49.16
CA GLY K 6 29.64 -29.94 -50.35
C GLY K 6 30.36 -30.39 -51.61
N GLY K 7 31.47 -31.12 -51.47
CA GLY K 7 32.21 -31.61 -52.61
C GLY K 7 33.17 -30.62 -53.23
N ASN K 8 33.41 -29.48 -52.58
CA ASN K 8 34.32 -28.46 -53.10
C ASN K 8 35.27 -28.02 -52.01
N LYS K 9 36.47 -27.60 -52.43
CA LYS K 9 37.48 -27.15 -51.49
C LYS K 9 37.11 -25.77 -50.92
N LEU K 10 37.75 -25.42 -49.81
CA LEU K 10 37.51 -24.16 -49.14
C LEU K 10 38.83 -23.55 -48.71
N ASN K 11 38.85 -22.23 -48.58
CA ASN K 11 40.05 -21.51 -48.18
C ASN K 11 40.15 -21.42 -46.66
N GLU K 12 41.35 -21.05 -46.20
CA GLU K 12 41.59 -20.98 -44.76
C GLU K 12 40.72 -19.91 -44.09
N ASP K 13 40.56 -18.76 -44.75
CA ASP K 13 39.80 -17.66 -44.15
C ASP K 13 38.36 -18.08 -43.87
N ASP K 14 37.72 -18.72 -44.84
CA ASP K 14 36.34 -19.14 -44.65
C ASP K 14 36.21 -20.17 -43.54
N PHE K 15 37.15 -21.13 -43.49
CA PHE K 15 37.13 -22.13 -42.44
C PHE K 15 37.29 -21.49 -41.06
N ARG K 16 38.22 -20.54 -40.95
CA ARG K 16 38.42 -19.85 -39.67
C ARG K 16 37.17 -19.07 -39.27
N SER K 17 36.55 -18.38 -40.22
CA SER K 17 35.34 -17.63 -39.91
C SER K 17 34.22 -18.56 -39.47
N HIS K 18 34.05 -19.70 -40.15
CA HIS K 18 33.02 -20.65 -39.76
C HIS K 18 33.28 -21.20 -38.37
N VAL K 19 34.54 -21.55 -38.06
CA VAL K 19 34.86 -22.06 -36.74
C VAL K 19 34.59 -21.02 -35.68
N TYR K 20 34.97 -19.77 -35.93
CA TYR K 20 34.73 -18.70 -34.97
C TYR K 20 33.23 -18.50 -34.73
N SER K 21 32.44 -18.51 -35.80
CA SER K 21 30.99 -18.34 -35.67
C SER K 21 30.33 -19.52 -35.00
N LEU K 22 30.92 -20.72 -35.10
CA LEU K 22 30.34 -21.91 -34.48
C LEU K 22 30.43 -21.90 -32.96
N CYS K 23 31.15 -20.95 -32.36
CA CYS K 23 31.36 -20.92 -30.92
C CYS K 23 30.18 -20.32 -30.15
N GLN K 24 29.00 -20.22 -30.78
CA GLN K 24 27.82 -19.68 -30.12
C GLN K 24 26.94 -20.78 -29.52
N LEU K 25 27.49 -21.98 -29.33
CA LEU K 25 26.72 -23.09 -28.81
C LEU K 25 26.30 -22.82 -27.36
N ASP K 26 25.10 -23.26 -27.01
CA ASP K 26 24.67 -23.22 -25.61
C ASP K 26 25.50 -24.17 -24.76
N ASN K 27 25.82 -25.35 -25.30
CA ASN K 27 26.64 -26.34 -24.62
C ASN K 27 27.78 -26.74 -25.55
N VAL K 28 28.96 -26.96 -24.97
CA VAL K 28 30.17 -27.28 -25.71
C VAL K 28 30.71 -28.62 -25.22
N GLY K 29 31.03 -29.51 -26.15
CA GLY K 29 31.58 -30.80 -25.81
C GLY K 29 32.56 -31.26 -26.87
N VAL K 30 33.50 -32.12 -26.46
CA VAL K 30 34.52 -32.64 -27.35
C VAL K 30 34.51 -34.16 -27.25
N LEU K 31 34.54 -34.83 -28.41
CA LEU K 31 34.55 -36.28 -28.49
C LEU K 31 35.94 -36.76 -28.89
N LEU K 32 36.47 -37.71 -28.14
CA LEU K 32 37.82 -38.23 -28.36
C LEU K 32 37.75 -39.76 -28.45
N GLY K 33 38.91 -40.38 -28.57
CA GLY K 33 38.98 -41.82 -28.67
C GLY K 33 40.39 -42.28 -28.91
N ALA K 34 40.53 -43.51 -29.40
CA ALA K 34 41.84 -44.08 -29.69
C ALA K 34 42.44 -43.56 -30.98
N GLY K 35 41.66 -42.89 -31.83
CA GLY K 35 42.20 -42.38 -33.07
C GLY K 35 43.27 -41.32 -32.87
N ALA K 36 43.09 -40.45 -31.88
CA ALA K 36 44.04 -39.37 -31.62
C ALA K 36 45.27 -39.82 -30.84
N SER K 37 45.27 -41.05 -30.31
CA SER K 37 46.38 -41.57 -29.54
C SER K 37 47.36 -42.39 -30.38
N VAL K 38 47.15 -42.46 -31.69
CA VAL K 38 48.04 -43.23 -32.55
C VAL K 38 49.40 -42.54 -32.66
N GLY K 39 49.40 -41.21 -32.78
CA GLY K 39 50.63 -40.48 -33.04
C GLY K 39 51.51 -40.22 -31.84
N CYS K 40 51.04 -40.54 -30.63
CA CYS K 40 51.82 -40.31 -29.41
C CYS K 40 52.46 -41.58 -28.88
N GLY K 41 52.52 -42.64 -29.68
CA GLY K 41 53.12 -43.89 -29.27
C GLY K 41 52.15 -44.94 -28.78
N GLY K 42 50.85 -44.77 -29.00
CA GLY K 42 49.87 -45.74 -28.55
C GLY K 42 49.88 -46.99 -29.41
N LYS K 43 49.02 -47.93 -29.00
CA LYS K 43 48.91 -49.22 -29.67
C LYS K 43 47.49 -49.39 -30.21
N THR K 44 47.40 -50.08 -31.35
CA THR K 44 46.13 -50.29 -32.03
C THR K 44 45.61 -51.70 -31.78
N MET K 45 44.40 -51.96 -32.29
CA MET K 45 43.81 -53.28 -32.13
C MET K 45 44.60 -54.35 -32.87
N LYS K 46 45.21 -54.00 -34.00
CA LYS K 46 46.02 -54.98 -34.73
C LYS K 46 47.20 -55.45 -33.87
N ASP K 47 47.83 -54.52 -33.14
CA ASP K 47 48.91 -54.91 -32.24
C ASP K 47 48.39 -55.83 -31.14
N VAL K 48 47.19 -55.56 -30.62
CA VAL K 48 46.61 -56.40 -29.58
C VAL K 48 46.39 -57.81 -30.10
N TRP K 49 45.84 -57.93 -31.32
CA TRP K 49 45.61 -59.25 -31.90
C TRP K 49 46.92 -59.97 -32.15
N LYS K 50 47.94 -59.26 -32.66
CA LYS K 50 49.24 -59.87 -32.88
C LYS K 50 49.83 -60.38 -31.57
N SER K 51 49.74 -59.58 -30.51
CA SER K 51 50.27 -59.99 -29.22
C SER K 51 49.53 -61.20 -28.68
N PHE K 52 48.21 -61.24 -28.84
CA PHE K 52 47.45 -62.40 -28.38
C PHE K 52 47.86 -63.66 -29.14
N LYS K 53 47.97 -63.56 -30.46
CA LYS K 53 48.32 -64.74 -31.24
C LYS K 53 49.73 -65.21 -30.91
N GLN K 54 50.66 -64.27 -30.71
CA GLN K 54 52.03 -64.64 -30.38
C GLN K 54 52.13 -65.28 -29.01
N ASN K 55 51.43 -64.71 -28.02
CA ASN K 55 51.54 -65.21 -26.65
C ASN K 55 50.91 -66.58 -26.50
N TYR K 56 49.69 -66.75 -27.00
CA TYR K 56 48.94 -68.00 -26.89
C TYR K 56 48.31 -68.34 -28.23
N PRO K 57 49.12 -68.69 -29.24
CA PRO K 57 48.54 -69.03 -30.55
C PRO K 57 47.58 -70.21 -30.49
N GLU K 58 47.87 -71.21 -29.66
CA GLU K 58 47.05 -72.42 -29.63
C GLU K 58 45.57 -72.09 -29.48
N LEU K 59 45.24 -71.17 -28.57
CA LEU K 59 43.84 -70.83 -28.33
C LEU K 59 43.11 -70.51 -29.62
N LEU K 60 43.75 -69.76 -30.52
CA LEU K 60 43.10 -69.33 -31.74
C LEU K 60 42.39 -70.50 -32.42
N GLY K 61 42.94 -71.71 -32.29
CA GLY K 61 42.30 -72.87 -32.90
C GLY K 61 40.89 -73.09 -32.37
N ALA K 62 40.76 -73.32 -31.06
CA ALA K 62 39.51 -73.82 -30.50
C ALA K 62 38.33 -72.95 -30.91
N LEU K 63 38.43 -71.64 -30.68
CA LEU K 63 37.33 -70.75 -31.06
C LEU K 63 37.14 -70.71 -32.58
N ILE K 64 38.23 -70.64 -33.33
CA ILE K 64 38.12 -70.35 -34.75
C ILE K 64 37.45 -71.51 -35.49
N ASP K 65 37.72 -72.74 -35.08
CA ASP K 65 37.25 -73.92 -35.80
C ASP K 65 36.15 -74.66 -35.05
N LYS K 66 36.38 -75.02 -33.78
CA LYS K 66 35.41 -75.84 -33.06
C LYS K 66 34.14 -75.05 -32.75
N TYR K 67 34.29 -73.85 -32.20
CA TYR K 67 33.15 -73.04 -31.79
C TYR K 67 32.68 -72.07 -32.86
N LEU K 68 33.43 -71.92 -33.96
CA LEU K 68 33.03 -71.06 -35.08
C LEU K 68 32.78 -69.63 -34.63
N LEU K 69 33.60 -69.15 -33.68
CA LEU K 69 33.50 -67.76 -33.26
C LEU K 69 33.99 -66.80 -34.33
N VAL K 70 34.77 -67.29 -35.29
CA VAL K 70 35.22 -66.48 -36.42
C VAL K 70 35.82 -67.41 -37.47
N SER K 71 35.74 -67.01 -38.74
CA SER K 71 36.39 -67.76 -39.79
C SER K 71 37.89 -67.50 -39.77
N GLN K 72 38.64 -68.45 -40.32
CA GLN K 72 40.10 -68.31 -40.35
C GLN K 72 40.51 -67.07 -41.13
N ILE K 73 39.91 -66.88 -42.31
CA ILE K 73 40.18 -65.67 -43.09
C ILE K 73 39.62 -64.45 -42.40
N ASP K 74 38.43 -64.59 -41.79
CA ASP K 74 37.84 -63.48 -41.05
C ASP K 74 38.74 -63.07 -39.88
N SER K 75 39.29 -64.05 -39.16
CA SER K 75 40.23 -63.74 -38.09
C SER K 75 41.49 -63.09 -38.64
N ASP K 76 42.01 -63.60 -39.75
CA ASP K 76 43.22 -63.02 -40.33
C ASP K 76 42.99 -61.58 -40.76
N ASN K 77 41.75 -61.23 -41.15
CA ASN K 77 41.43 -59.88 -41.54
C ASN K 77 41.28 -58.94 -40.34
N ASN K 78 41.30 -59.47 -39.12
CA ASN K 78 41.17 -58.66 -37.91
C ASN K 78 39.84 -57.92 -37.90
N LEU K 79 38.76 -58.70 -37.96
CA LEU K 79 37.40 -58.17 -37.99
C LEU K 79 36.55 -58.85 -36.93
N VAL K 80 37.08 -59.00 -35.72
CA VAL K 80 36.37 -59.53 -34.58
C VAL K 80 36.32 -58.46 -33.51
N ASN K 81 35.11 -58.18 -33.01
CA ASN K 81 34.95 -57.18 -31.96
C ASN K 81 35.43 -57.78 -30.65
N VAL K 82 36.45 -57.15 -30.05
CA VAL K 82 37.11 -57.73 -28.88
C VAL K 82 36.10 -57.95 -27.76
N GLU K 83 35.33 -56.92 -27.42
CA GLU K 83 34.40 -57.04 -26.31
C GLU K 83 33.32 -58.08 -26.60
N LEU K 84 32.87 -58.17 -27.86
CA LEU K 84 31.85 -59.16 -28.19
C LEU K 84 32.38 -60.57 -28.04
N LEU K 85 33.60 -60.82 -28.53
CA LEU K 85 34.18 -62.15 -28.38
C LEU K 85 34.41 -62.49 -26.91
N ILE K 86 34.86 -61.51 -26.13
CA ILE K 86 35.03 -61.73 -24.68
C ILE K 86 33.70 -62.09 -24.04
N ASP K 87 32.65 -61.34 -24.38
CA ASP K 87 31.34 -61.56 -23.78
C ASP K 87 30.80 -62.93 -24.14
N GLU K 88 30.94 -63.33 -25.40
CA GLU K 88 30.41 -64.63 -25.79
C GLU K 88 31.27 -65.78 -25.27
N ALA K 89 32.58 -65.56 -25.06
CA ALA K 89 33.36 -66.54 -24.34
C ALA K 89 32.85 -66.70 -22.90
N THR K 90 32.54 -65.58 -22.26
CA THR K 90 31.93 -65.65 -20.92
C THR K 90 30.58 -66.37 -20.97
N LYS K 91 29.82 -66.17 -22.04
CA LYS K 91 28.56 -66.87 -22.21
C LYS K 91 28.77 -68.38 -22.34
N PHE K 92 29.78 -68.78 -23.12
CA PHE K 92 30.18 -70.19 -23.15
C PHE K 92 30.54 -70.70 -21.76
N LEU K 93 31.25 -69.87 -20.99
CA LEU K 93 31.65 -70.27 -19.64
C LEU K 93 30.43 -70.48 -18.75
N SER K 94 29.44 -69.58 -18.86
CA SER K 94 28.20 -69.76 -18.11
C SER K 94 27.46 -71.01 -18.55
N VAL K 95 27.46 -71.29 -19.85
CA VAL K 95 26.85 -72.52 -20.36
C VAL K 95 27.52 -73.73 -19.71
N ALA K 96 28.86 -73.71 -19.66
CA ALA K 96 29.59 -74.82 -19.04
C ALA K 96 29.26 -74.94 -17.56
N LYS K 97 29.15 -73.80 -16.87
CA LYS K 97 28.80 -73.82 -15.45
C LYS K 97 27.43 -74.46 -15.25
N THR K 98 26.46 -74.11 -16.11
CA THR K 98 25.12 -74.64 -15.94
C THR K 98 25.06 -76.13 -16.29
N ARG K 99 25.64 -76.52 -17.42
CA ARG K 99 25.56 -77.90 -17.89
C ARG K 99 26.77 -78.74 -17.51
N ARG K 100 27.78 -78.15 -16.86
CA ARG K 100 28.90 -78.90 -16.29
C ARG K 100 29.63 -79.71 -17.37
N CYS K 101 30.26 -78.96 -18.28
CA CYS K 101 31.21 -79.52 -19.25
C CYS K 101 32.59 -78.97 -18.88
N GLU K 102 33.31 -79.74 -18.04
CA GLU K 102 34.55 -79.24 -17.46
C GLU K 102 35.61 -79.00 -18.53
N ASP K 103 35.67 -79.84 -19.56
CA ASP K 103 36.70 -79.69 -20.58
C ASP K 103 36.60 -78.32 -21.24
N GLU K 104 35.42 -77.96 -21.73
CA GLU K 104 35.24 -76.64 -22.32
C GLU K 104 35.36 -75.54 -21.27
N GLU K 105 34.98 -75.82 -20.03
CA GLU K 105 35.12 -74.83 -18.97
C GLU K 105 36.59 -74.42 -18.81
N GLU K 106 37.49 -75.39 -18.73
CA GLU K 106 38.91 -75.08 -18.61
C GLU K 106 39.46 -74.49 -19.91
N GLU K 107 39.03 -75.03 -21.05
CA GLU K 107 39.52 -74.52 -22.33
C GLU K 107 39.13 -73.06 -22.53
N PHE K 108 38.03 -72.63 -21.90
CA PHE K 108 37.60 -71.23 -21.97
C PHE K 108 38.20 -70.39 -20.85
N ARG K 109 38.45 -70.98 -19.68
CA ARG K 109 39.18 -70.26 -18.65
C ARG K 109 40.55 -69.85 -19.15
N LYS K 110 41.24 -70.75 -19.85
CA LYS K 110 42.55 -70.42 -20.42
C LYS K 110 42.42 -69.25 -21.40
N ILE K 111 41.43 -69.31 -22.27
CA ILE K 111 41.28 -68.27 -23.30
C ILE K 111 40.97 -66.92 -22.64
N LEU K 112 40.07 -66.91 -21.67
CA LEU K 112 39.72 -65.65 -20.99
C LEU K 112 40.91 -65.10 -20.22
N SER K 113 41.68 -65.98 -19.57
CA SER K 113 42.89 -65.53 -18.88
C SER K 113 43.86 -64.91 -19.87
N SER K 114 44.01 -65.51 -21.05
CA SER K 114 44.88 -64.93 -22.06
C SER K 114 44.36 -63.58 -22.53
N LEU K 115 43.05 -63.46 -22.73
CA LEU K 115 42.48 -62.20 -23.19
C LEU K 115 42.74 -61.08 -22.18
N TYR K 116 42.50 -61.36 -20.90
CA TYR K 116 42.72 -60.32 -19.90
C TYR K 116 44.20 -60.09 -19.65
N LYS K 117 45.05 -61.09 -19.79
CA LYS K 117 46.49 -60.86 -19.73
C LYS K 117 46.93 -59.94 -20.86
N GLU K 118 46.30 -60.08 -22.03
CA GLU K 118 46.66 -59.24 -23.17
C GLU K 118 46.17 -57.80 -22.97
N VAL K 119 44.93 -57.63 -22.53
CA VAL K 119 44.33 -56.30 -22.50
C VAL K 119 44.72 -55.54 -21.22
N THR K 120 44.57 -56.18 -20.06
CA THR K 120 44.86 -55.49 -18.81
C THR K 120 46.32 -55.11 -18.70
N LYS K 121 47.23 -56.02 -19.09
CA LYS K 121 48.65 -55.75 -18.95
C LYS K 121 49.07 -54.53 -19.76
N ALA K 122 48.57 -54.42 -20.99
CA ALA K 122 48.93 -53.32 -21.87
C ALA K 122 48.11 -52.06 -21.61
N ALA K 123 47.16 -52.09 -20.67
CA ALA K 123 46.28 -50.97 -20.43
C ALA K 123 46.72 -50.08 -19.26
N LEU K 124 47.53 -50.61 -18.33
CA LEU K 124 47.97 -49.79 -17.22
C LEU K 124 48.78 -48.59 -17.70
N LEU K 125 49.69 -48.82 -18.63
CA LEU K 125 50.49 -47.77 -19.26
C LEU K 125 51.38 -47.04 -18.27
N THR K 126 51.64 -47.63 -17.09
CA THR K 126 52.52 -47.02 -16.11
C THR K 126 53.47 -48.00 -15.45
N GLY K 127 53.39 -49.29 -15.75
CA GLY K 127 54.32 -50.25 -15.16
C GLY K 127 54.25 -50.23 -13.65
N GLU K 128 55.42 -50.16 -13.01
CA GLU K 128 55.48 -50.16 -11.56
C GLU K 128 54.94 -48.86 -10.95
N GLN K 129 54.79 -47.81 -11.76
CA GLN K 129 54.26 -46.55 -11.26
C GLN K 129 52.74 -46.58 -11.06
N PHE K 130 52.06 -47.65 -11.50
CA PHE K 130 50.62 -47.72 -11.31
C PHE K 130 50.25 -47.71 -9.84
N ARG K 131 51.01 -48.43 -9.02
CA ARG K 131 50.76 -48.44 -7.58
C ARG K 131 51.20 -47.15 -6.90
N GLU K 132 51.98 -46.32 -7.58
CA GLU K 132 52.43 -45.07 -6.98
C GLU K 132 51.33 -44.03 -7.02
N LYS K 133 51.51 -42.97 -6.25
CA LYS K 133 50.54 -41.89 -6.12
C LYS K 133 51.08 -40.62 -6.78
N ASN K 134 50.23 -39.60 -6.84
CA ASN K 134 50.58 -38.33 -7.48
C ASN K 134 51.05 -38.56 -8.92
N GLN K 135 50.34 -39.42 -9.63
CA GLN K 135 50.71 -39.77 -11.00
C GLN K 135 50.47 -38.64 -11.99
N GLY K 136 49.80 -37.57 -11.58
CA GLY K 136 49.55 -36.45 -12.48
C GLY K 136 50.73 -35.54 -12.72
N LYS K 137 51.84 -35.75 -12.01
CA LYS K 137 53.01 -34.90 -12.14
C LYS K 137 53.88 -35.26 -13.34
N LYS K 138 53.57 -36.34 -14.05
CA LYS K 138 54.37 -36.72 -15.21
C LYS K 138 54.25 -35.67 -16.31
N ASP K 139 55.39 -35.36 -16.94
CA ASP K 139 55.43 -34.35 -17.99
C ASP K 139 55.00 -34.89 -19.35
N ALA K 140 54.89 -36.22 -19.49
CA ALA K 140 54.52 -36.78 -20.79
C ALA K 140 53.17 -36.26 -21.27
N PHE K 141 52.28 -35.93 -20.34
CA PHE K 141 50.96 -35.41 -20.69
C PHE K 141 50.89 -33.90 -20.71
N LYS K 142 52.03 -33.21 -20.53
CA LYS K 142 52.01 -31.75 -20.43
C LYS K 142 51.26 -31.13 -21.60
N TYR K 143 51.59 -31.53 -22.83
CA TYR K 143 50.91 -30.99 -24.00
C TYR K 143 49.40 -31.13 -23.86
N HIS K 144 48.93 -32.33 -23.49
CA HIS K 144 47.50 -32.53 -23.32
C HIS K 144 46.92 -31.53 -22.35
N LYS K 145 47.61 -31.30 -21.22
CA LYS K 145 47.12 -30.33 -20.25
C LYS K 145 46.91 -28.98 -20.91
N GLU K 146 47.87 -28.54 -21.72
CA GLU K 146 47.74 -27.27 -22.41
C GLU K 146 46.45 -27.23 -23.23
N LEU K 147 46.13 -28.33 -23.91
CA LEU K 147 44.91 -28.37 -24.71
C LEU K 147 43.70 -28.03 -23.86
N ILE K 148 43.65 -28.54 -22.62
CA ILE K 148 42.51 -28.27 -21.75
C ILE K 148 42.34 -26.77 -21.59
N SER K 149 43.44 -26.04 -21.42
CA SER K 149 43.35 -24.59 -21.29
C SER K 149 42.66 -23.98 -22.51
N LYS K 150 43.03 -24.44 -23.71
CA LYS K 150 42.42 -23.90 -24.92
C LYS K 150 40.91 -24.11 -24.91
N LEU K 151 40.43 -25.15 -24.21
CA LEU K 151 39.00 -25.43 -24.18
C LEU K 151 38.27 -24.61 -23.11
N ILE K 152 39.00 -24.00 -22.18
CA ILE K 152 38.37 -23.30 -21.06
C ILE K 152 38.71 -21.83 -21.09
N SER K 153 39.87 -21.49 -21.66
CA SER K 153 40.31 -20.10 -21.69
C SER K 153 39.53 -19.26 -22.71
N ASN K 154 38.79 -19.88 -23.62
CA ASN K 154 38.04 -19.16 -24.64
C ASN K 154 36.59 -18.93 -24.25
N ARG K 155 36.18 -19.31 -23.05
CA ARG K 155 34.80 -19.15 -22.59
C ARG K 155 34.69 -17.94 -21.68
N GLN K 156 33.77 -17.03 -22.03
CA GLN K 156 33.56 -15.84 -21.22
C GLN K 156 32.92 -16.22 -19.89
N PRO K 157 33.10 -15.40 -18.85
CA PRO K 157 32.48 -15.72 -17.55
C PRO K 157 30.97 -15.79 -17.66
N GLY K 158 30.39 -16.71 -16.90
CA GLY K 158 28.96 -16.93 -16.93
C GLY K 158 28.47 -17.94 -17.95
N GLN K 159 29.36 -18.45 -18.80
CA GLN K 159 29.00 -19.43 -19.81
C GLN K 159 29.30 -20.85 -19.31
N SER K 160 28.66 -21.82 -19.95
CA SER K 160 28.83 -23.21 -19.55
C SER K 160 30.25 -23.68 -19.83
N ALA K 161 30.80 -24.45 -18.90
CA ALA K 161 32.13 -24.99 -19.04
C ALA K 161 32.14 -26.14 -20.03
N PRO K 162 33.28 -26.42 -20.66
CA PRO K 162 33.33 -27.51 -21.65
C PRO K 162 33.17 -28.88 -21.02
N ALA K 163 32.72 -29.82 -21.85
CA ALA K 163 32.56 -31.21 -21.45
C ALA K 163 33.46 -32.09 -22.30
N ILE K 164 33.85 -33.23 -21.73
CA ILE K 164 34.80 -34.14 -22.37
C ILE K 164 34.14 -35.50 -22.52
N PHE K 165 34.21 -36.07 -23.72
CA PHE K 165 33.73 -37.41 -24.00
C PHE K 165 34.87 -38.24 -24.57
N THR K 166 34.99 -39.48 -24.08
CA THR K 166 36.02 -40.40 -24.53
C THR K 166 35.38 -41.74 -24.87
N THR K 167 35.81 -42.32 -25.99
CA THR K 167 35.29 -43.62 -26.41
C THR K 167 36.09 -44.79 -25.85
N ASN K 168 37.36 -44.58 -25.52
CA ASN K 168 38.17 -45.61 -24.88
C ASN K 168 37.83 -45.68 -23.39
N TYR K 169 38.58 -46.51 -22.68
CA TYR K 169 38.28 -46.85 -21.29
C TYR K 169 39.56 -46.80 -20.44
N ASP K 170 40.34 -45.73 -20.60
CA ASP K 170 41.55 -45.52 -19.82
C ASP K 170 41.50 -44.14 -19.17
N LEU K 171 42.15 -44.02 -18.01
CA LEU K 171 42.12 -42.82 -17.20
C LEU K 171 43.34 -41.93 -17.42
N ALA K 172 44.12 -42.18 -18.48
CA ALA K 172 45.33 -41.40 -18.71
C ALA K 172 45.00 -39.92 -18.89
N LEU K 173 43.98 -39.62 -19.70
CA LEU K 173 43.58 -38.23 -19.88
C LEU K 173 43.08 -37.61 -18.58
N GLU K 174 42.33 -38.38 -17.79
CA GLU K 174 41.87 -37.87 -16.49
C GLU K 174 43.05 -37.61 -15.57
N TRP K 175 44.04 -38.51 -15.56
CA TRP K 175 45.24 -38.27 -14.75
C TRP K 175 45.95 -37.01 -15.19
N ALA K 176 46.08 -36.81 -16.49
CA ALA K 176 46.74 -35.60 -17.00
C ALA K 176 45.97 -34.35 -16.59
N ALA K 177 44.65 -34.38 -16.68
CA ALA K 177 43.84 -33.20 -16.36
C ALA K 177 43.85 -32.91 -14.87
N GLU K 178 43.89 -33.95 -14.03
CA GLU K 178 43.80 -33.74 -12.59
C GLU K 178 45.01 -33.02 -12.02
N ASP K 179 46.12 -32.94 -12.77
CA ASP K 179 47.30 -32.24 -12.28
C ASP K 179 47.06 -30.75 -12.09
N LEU K 180 46.05 -30.20 -12.76
CA LEU K 180 45.72 -28.78 -12.66
C LEU K 180 44.69 -28.48 -11.57
N GLY K 181 44.29 -29.49 -10.80
CA GLY K 181 43.29 -29.29 -9.77
C GLY K 181 41.92 -28.94 -10.32
N ILE K 182 41.49 -29.62 -11.37
CA ILE K 182 40.18 -29.39 -11.99
C ILE K 182 39.23 -30.48 -11.52
N GLN K 183 37.96 -30.10 -11.35
CA GLN K 183 36.94 -31.00 -10.85
C GLN K 183 36.05 -31.44 -12.00
N LEU K 184 35.82 -32.75 -12.11
CA LEU K 184 35.01 -33.33 -13.17
C LEU K 184 33.88 -34.14 -12.55
N PHE K 185 32.68 -34.01 -13.11
CA PHE K 185 31.49 -34.71 -12.64
C PHE K 185 31.16 -35.83 -13.64
N ASN K 186 31.48 -37.06 -13.28
CA ASN K 186 31.11 -38.23 -14.05
C ASN K 186 30.27 -39.20 -13.23
N GLY K 187 29.53 -38.68 -12.27
CA GLY K 187 28.70 -39.50 -11.42
C GLY K 187 29.46 -40.37 -10.44
N PHE K 188 30.48 -39.82 -9.80
CA PHE K 188 31.23 -40.54 -8.77
C PHE K 188 31.58 -39.59 -7.64
N SER K 189 31.70 -40.14 -6.43
CA SER K 189 32.02 -39.35 -5.25
C SER K 189 32.35 -40.28 -4.09
N GLY K 190 33.39 -39.95 -3.34
CA GLY K 190 33.77 -40.68 -2.15
C GLY K 190 35.27 -40.87 -2.05
N LEU K 191 35.70 -41.30 -0.87
CA LEU K 191 37.10 -41.60 -0.59
C LEU K 191 37.35 -43.06 -0.27
N HIS K 192 36.66 -43.61 0.73
CA HIS K 192 36.93 -44.96 1.21
C HIS K 192 36.03 -46.01 0.56
N THR K 193 34.88 -45.60 0.01
CA THR K 193 33.98 -46.51 -0.68
C THR K 193 33.42 -45.86 -1.94
N ARG K 194 34.22 -45.01 -2.57
CA ARG K 194 33.78 -44.14 -3.66
C ARG K 194 32.98 -44.92 -4.69
N GLN K 195 31.81 -44.38 -5.04
CA GLN K 195 30.83 -45.12 -5.84
C GLN K 195 30.43 -44.39 -7.10
N PHE K 196 29.40 -44.90 -7.78
CA PHE K 196 28.88 -44.35 -9.04
C PHE K 196 27.47 -43.84 -8.78
N TYR K 197 27.24 -42.55 -9.02
CA TYR K 197 25.97 -41.89 -8.71
C TYR K 197 25.45 -41.18 -9.95
N PRO K 198 24.26 -41.52 -10.46
CA PRO K 198 23.77 -40.83 -11.66
C PRO K 198 23.15 -39.46 -11.40
N GLN K 199 22.65 -39.20 -10.19
CA GLN K 199 22.05 -37.90 -9.92
C GLN K 199 23.01 -36.75 -10.13
N ASN K 200 24.32 -37.03 -10.10
CA ASN K 200 25.30 -35.98 -10.35
C ASN K 200 25.09 -35.34 -11.72
N PHE K 201 24.50 -36.09 -12.66
CA PHE K 201 24.25 -35.54 -13.99
C PHE K 201 23.17 -34.48 -14.00
N ASP K 202 22.41 -34.32 -12.91
CA ASP K 202 21.37 -33.31 -12.80
C ASP K 202 21.66 -32.35 -11.64
N LEU K 203 22.93 -32.06 -11.41
CA LEU K 203 23.34 -31.12 -10.38
C LEU K 203 24.58 -30.39 -10.84
N ALA K 204 24.77 -29.16 -10.34
CA ALA K 204 25.90 -28.35 -10.75
C ALA K 204 26.20 -27.32 -9.66
N PHE K 205 27.38 -26.73 -9.75
CA PHE K 205 27.83 -25.74 -8.79
C PHE K 205 27.49 -24.32 -9.30
N ARG K 206 27.64 -23.35 -8.40
CA ARG K 206 27.43 -21.95 -8.73
C ARG K 206 28.53 -21.12 -8.09
N ASN K 207 28.81 -19.97 -8.68
CA ASN K 207 29.84 -19.06 -8.19
C ASN K 207 29.19 -17.83 -7.58
N VAL K 208 29.62 -17.47 -6.37
CA VAL K 208 29.11 -16.31 -5.66
C VAL K 208 30.14 -15.18 -5.58
N ASN K 209 31.27 -15.34 -6.26
CA ASN K 209 32.34 -14.34 -6.26
C ASN K 209 32.85 -14.10 -7.67
N ALA K 210 31.93 -14.02 -8.63
CA ALA K 210 32.31 -13.79 -10.02
C ALA K 210 31.09 -13.40 -10.85
N HIS K 218 35.15 -22.55 -9.27
CA HIS K 218 35.36 -21.68 -10.41
C HIS K 218 35.43 -22.50 -11.70
N TYR K 219 35.90 -23.75 -11.59
CA TYR K 219 36.04 -24.64 -12.73
C TYR K 219 35.23 -25.90 -12.47
N HIS K 220 34.45 -26.31 -13.47
CA HIS K 220 33.66 -27.53 -13.38
C HIS K 220 33.44 -28.07 -14.79
N ALA K 221 33.07 -29.33 -14.87
CA ALA K 221 32.82 -29.99 -16.14
C ALA K 221 32.28 -31.39 -15.88
N TYR K 222 31.79 -32.02 -16.94
CA TYR K 222 31.24 -33.37 -16.87
C TYR K 222 32.05 -34.30 -17.76
N LEU K 223 32.44 -35.44 -17.21
CA LEU K 223 33.19 -36.47 -17.93
C LEU K 223 32.29 -37.69 -18.10
N TYR K 224 32.47 -38.38 -19.23
CA TYR K 224 31.66 -39.54 -19.57
C TYR K 224 32.57 -40.70 -19.94
N LYS K 225 32.37 -41.85 -19.28
CA LYS K 225 33.13 -43.05 -19.54
C LYS K 225 32.18 -44.13 -20.02
N LEU K 226 32.51 -44.78 -21.14
CA LEU K 226 31.62 -45.70 -21.81
C LEU K 226 32.11 -47.14 -21.80
N HIS K 227 33.37 -47.37 -22.17
CA HIS K 227 33.86 -48.72 -22.44
C HIS K 227 34.48 -49.40 -21.22
N GLY K 228 34.33 -48.81 -20.03
CA GLY K 228 34.88 -49.40 -18.82
C GLY K 228 35.92 -48.52 -18.19
N SER K 229 36.95 -49.13 -17.60
CA SER K 229 38.08 -48.39 -17.07
C SER K 229 39.16 -49.39 -16.68
N LEU K 230 40.28 -48.85 -16.20
CA LEU K 230 41.33 -49.71 -15.65
C LEU K 230 40.96 -50.19 -14.25
N THR K 231 40.03 -49.52 -13.59
CA THR K 231 39.70 -49.78 -12.19
C THR K 231 38.36 -50.49 -11.99
N TRP K 232 37.30 -50.04 -12.66
CA TRP K 232 35.92 -50.40 -12.29
C TRP K 232 35.82 -51.87 -11.91
N TYR K 233 35.37 -52.12 -10.69
CA TYR K 233 35.37 -53.48 -10.14
C TYR K 233 34.23 -53.64 -9.14
N GLN K 234 34.31 -54.71 -8.36
CA GLN K 234 33.12 -55.24 -7.70
C GLN K 234 33.59 -56.06 -6.50
N ASN K 235 32.69 -56.25 -5.53
CA ASN K 235 32.91 -57.29 -4.51
C ASN K 235 31.54 -57.65 -3.93
N ASP K 236 30.89 -58.64 -4.54
CA ASP K 236 29.66 -59.22 -4.00
C ASP K 236 28.66 -58.13 -3.62
N SER K 237 28.58 -57.06 -4.42
CA SER K 237 27.64 -55.97 -4.15
C SER K 237 26.98 -55.42 -5.39
N LEU K 238 27.46 -55.73 -6.59
CA LEU K 238 26.84 -55.22 -7.81
C LEU K 238 26.79 -53.68 -7.77
N THR K 239 27.99 -53.10 -7.85
CA THR K 239 28.20 -51.66 -7.76
C THR K 239 29.31 -51.26 -8.73
N VAL K 240 29.81 -50.04 -8.58
CA VAL K 240 31.04 -49.59 -9.25
C VAL K 240 31.87 -48.93 -8.16
N ASN K 241 32.78 -49.70 -7.55
CA ASN K 241 33.60 -49.23 -6.44
C ASN K 241 34.95 -48.78 -6.99
N GLU K 242 35.01 -47.49 -7.36
CA GLU K 242 36.27 -46.89 -7.80
C GLU K 242 37.10 -46.50 -6.58
N VAL K 243 38.39 -46.80 -6.65
CA VAL K 243 39.32 -46.43 -5.58
C VAL K 243 40.65 -46.02 -6.20
N SER K 244 41.61 -45.64 -5.37
CA SER K 244 42.91 -45.25 -5.88
C SER K 244 43.60 -46.44 -6.54
N ALA K 245 44.38 -46.15 -7.58
CA ALA K 245 44.99 -47.21 -8.38
C ALA K 245 45.84 -48.15 -7.55
N SER K 246 46.49 -47.63 -6.49
CA SER K 246 47.37 -48.47 -5.69
C SER K 246 46.59 -49.56 -4.97
N GLN K 247 45.41 -49.22 -4.44
CA GLN K 247 44.56 -50.23 -3.81
C GLN K 247 44.31 -51.39 -4.77
N ALA K 248 43.96 -51.07 -6.01
CA ALA K 248 43.70 -52.11 -7.00
C ALA K 248 44.96 -52.91 -7.28
N TYR K 249 46.09 -52.24 -7.49
CA TYR K 249 47.31 -52.96 -7.82
C TYR K 249 47.74 -53.89 -6.68
N ASP K 250 47.37 -53.55 -5.44
CA ASP K 250 47.75 -54.36 -4.30
C ASP K 250 46.70 -55.40 -3.92
N GLU K 251 45.47 -55.28 -4.42
CA GLU K 251 44.39 -56.18 -4.00
C GLU K 251 44.27 -57.40 -4.90
N TYR K 252 43.89 -57.19 -6.18
CA TYR K 252 43.65 -58.31 -7.09
C TYR K 252 44.37 -58.19 -8.43
N ILE K 253 44.68 -56.99 -8.91
CA ILE K 253 45.26 -56.84 -10.24
C ILE K 253 46.65 -57.45 -10.29
N ASN K 254 47.41 -57.32 -9.20
CA ASN K 254 48.74 -57.93 -9.11
C ASN K 254 48.65 -59.43 -9.41
N ASP K 255 47.71 -60.13 -8.77
CA ASP K 255 47.60 -61.56 -8.94
C ASP K 255 47.20 -61.95 -10.35
N ILE K 256 46.70 -61.01 -11.14
CA ILE K 256 46.19 -61.32 -12.47
C ILE K 256 47.21 -61.03 -13.56
N ILE K 257 47.81 -59.83 -13.57
CA ILE K 257 48.52 -59.40 -14.77
C ILE K 257 49.78 -60.23 -14.99
N ASN K 258 50.75 -60.11 -14.09
CA ASN K 258 52.09 -60.65 -14.33
C ASN K 258 52.24 -62.12 -13.96
N LYS K 259 51.25 -62.70 -13.31
CA LYS K 259 51.36 -64.08 -12.86
C LYS K 259 51.19 -65.04 -14.04
N ASP K 260 51.63 -66.29 -13.83
CA ASP K 260 51.60 -67.27 -14.91
C ASP K 260 50.18 -67.50 -15.41
N ASP K 261 49.23 -67.71 -14.50
CA ASP K 261 47.84 -67.93 -14.89
C ASP K 261 46.97 -67.71 -13.67
N PHE K 262 46.01 -66.80 -13.78
CA PHE K 262 45.11 -66.48 -12.67
C PHE K 262 43.92 -65.67 -13.16
N TYR K 263 42.71 -66.08 -12.78
CA TYR K 263 41.51 -65.33 -13.14
C TYR K 263 40.41 -65.61 -12.13
N ARG K 264 39.65 -64.57 -11.82
CA ARG K 264 38.54 -64.61 -10.87
C ARG K 264 37.22 -64.56 -11.62
N GLY K 265 36.12 -64.73 -10.89
CA GLY K 265 34.81 -64.73 -11.50
C GLY K 265 34.20 -63.36 -11.64
N GLN K 266 33.03 -63.15 -11.06
CA GLN K 266 32.28 -61.89 -11.19
C GLN K 266 32.97 -60.82 -10.35
N HIS K 267 34.10 -60.33 -10.86
CA HIS K 267 34.86 -59.30 -10.17
C HIS K 267 35.19 -58.11 -11.05
N LEU K 268 35.47 -58.33 -12.34
CA LEU K 268 35.96 -57.28 -13.21
C LEU K 268 34.81 -56.62 -13.97
N ILE K 269 34.89 -55.30 -14.14
CA ILE K 269 33.96 -54.56 -15.00
C ILE K 269 34.82 -53.74 -15.95
N TYR K 270 35.24 -54.36 -17.05
CA TYR K 270 35.69 -53.71 -18.28
C TYR K 270 36.13 -54.80 -19.25
N PRO K 271 36.25 -54.53 -20.56
CA PRO K 271 35.86 -53.32 -21.27
C PRO K 271 34.41 -53.41 -21.75
N GLY K 272 33.51 -53.86 -20.88
CA GLY K 272 32.18 -54.26 -21.31
C GLY K 272 32.02 -55.76 -21.19
N ALA K 273 32.57 -56.32 -20.11
CA ALA K 273 32.60 -57.76 -19.93
C ALA K 273 31.20 -58.34 -19.74
N ASN K 274 30.59 -58.08 -18.58
CA ASN K 274 29.37 -58.78 -18.19
C ASN K 274 28.15 -57.94 -18.56
N LYS K 275 27.96 -57.75 -19.88
CA LYS K 275 26.70 -57.22 -20.35
C LYS K 275 25.57 -58.24 -20.26
N TYR K 276 25.88 -59.51 -19.96
CA TYR K 276 24.83 -60.51 -19.79
C TYR K 276 24.15 -60.40 -18.43
N SER K 277 24.50 -59.39 -17.64
CA SER K 277 23.79 -59.07 -16.40
C SER K 277 23.57 -57.56 -16.31
N HIS K 278 22.62 -57.18 -15.47
CA HIS K 278 22.21 -55.78 -15.39
C HIS K 278 23.36 -54.86 -15.01
N THR K 279 24.36 -55.37 -14.29
CA THR K 279 25.30 -54.51 -13.58
C THR K 279 25.89 -53.43 -14.47
N ILE K 280 26.41 -53.81 -15.64
CA ILE K 280 27.01 -52.83 -16.53
C ILE K 280 26.00 -52.22 -17.50
N GLY K 281 24.86 -52.86 -17.73
CA GLY K 281 23.88 -52.31 -18.65
C GLY K 281 23.41 -50.93 -18.22
N PHE K 282 23.21 -50.73 -16.92
CA PHE K 282 22.86 -49.41 -16.42
C PHE K 282 24.02 -48.43 -16.58
N VAL K 283 25.25 -48.91 -16.44
CA VAL K 283 26.40 -48.01 -16.45
C VAL K 283 26.56 -47.44 -17.85
N TYR K 284 26.89 -48.30 -18.82
CA TYR K 284 27.11 -47.81 -20.17
C TYR K 284 25.83 -47.17 -20.71
N GLY K 285 24.69 -47.82 -20.48
CA GLY K 285 23.43 -47.30 -20.95
C GLY K 285 23.03 -45.99 -20.31
N GLU K 286 23.74 -45.55 -19.27
CA GLU K 286 23.51 -44.24 -18.68
C GLU K 286 24.72 -43.32 -18.81
N MET K 287 25.68 -43.67 -19.67
CA MET K 287 26.78 -42.77 -19.98
C MET K 287 26.79 -42.35 -21.44
N PHE K 288 26.46 -43.26 -22.36
CA PHE K 288 26.21 -42.88 -23.74
C PHE K 288 24.84 -42.21 -23.89
N ARG K 289 23.89 -42.56 -23.03
CA ARG K 289 22.54 -42.02 -23.14
C ARG K 289 22.57 -40.50 -23.15
N ARG K 290 23.25 -39.90 -22.18
CA ARG K 290 23.27 -38.44 -22.09
C ARG K 290 23.89 -37.83 -23.35
N PHE K 291 24.79 -38.56 -24.01
CA PHE K 291 25.35 -38.07 -25.26
C PHE K 291 24.24 -37.79 -26.27
N GLY K 292 23.31 -38.73 -26.40
CA GLY K 292 22.13 -38.47 -27.23
C GLY K 292 21.37 -37.25 -26.74
N GLU K 293 21.19 -37.14 -25.42
CA GLU K 293 20.51 -35.97 -24.86
C GLU K 293 21.24 -34.69 -25.21
N PHE K 294 22.54 -34.77 -25.51
CA PHE K 294 23.27 -33.57 -25.93
C PHE K 294 22.75 -33.04 -27.25
N ILE K 295 22.35 -33.92 -28.18
CA ILE K 295 21.85 -33.49 -29.47
C ILE K 295 20.34 -33.27 -29.48
N SER K 296 19.64 -33.61 -28.39
CA SER K 296 18.22 -33.36 -28.33
C SER K 296 17.92 -31.86 -28.39
N LYS K 297 18.71 -31.05 -27.69
CA LYS K 297 18.49 -29.62 -27.68
C LYS K 297 18.73 -29.03 -29.08
N PRO K 298 17.86 -28.15 -29.56
CA PRO K 298 18.08 -27.56 -30.88
C PRO K 298 19.29 -26.65 -30.91
N GLN K 299 19.89 -26.53 -32.09
CA GLN K 299 20.99 -25.60 -32.34
C GLN K 299 22.19 -25.90 -31.46
N THR K 300 22.73 -27.11 -31.64
CA THR K 300 23.95 -27.53 -30.96
C THR K 300 24.83 -28.26 -31.98
N ALA K 301 26.13 -27.98 -31.93
CA ALA K 301 27.09 -28.56 -32.86
C ALA K 301 28.04 -29.49 -32.13
N LEU K 302 28.42 -30.58 -32.80
CA LEU K 302 29.31 -31.58 -32.24
C LEU K 302 30.55 -31.71 -33.14
N PHE K 303 31.68 -31.97 -32.51
CA PHE K 303 32.95 -32.13 -33.19
C PHE K 303 33.48 -33.54 -32.93
N ILE K 304 33.93 -34.20 -33.99
CA ILE K 304 34.45 -35.57 -33.92
C ILE K 304 35.95 -35.53 -34.18
N ASN K 305 36.73 -36.09 -33.26
CA ASN K 305 38.17 -36.10 -33.39
C ASN K 305 38.72 -37.38 -32.77
N GLY K 306 39.67 -38.00 -33.47
CA GLY K 306 40.33 -39.19 -32.95
C GLY K 306 39.40 -40.36 -32.71
N PHE K 307 38.40 -40.53 -33.56
CA PHE K 307 37.46 -41.64 -33.45
C PHE K 307 37.28 -42.26 -34.84
N GLY K 308 37.34 -43.58 -34.90
CA GLY K 308 37.25 -44.32 -36.15
C GLY K 308 35.87 -44.76 -36.55
N PHE K 309 34.83 -44.32 -35.84
CA PHE K 309 33.46 -44.74 -36.14
C PHE K 309 33.35 -46.26 -36.13
N GLY K 310 33.87 -46.88 -35.08
CA GLY K 310 33.94 -48.31 -34.98
C GLY K 310 32.66 -49.01 -34.60
N ASP K 311 31.59 -48.27 -34.33
CA ASP K 311 30.30 -48.85 -33.96
C ASP K 311 29.26 -48.41 -34.98
N TYR K 312 28.50 -49.39 -35.50
CA TYR K 312 27.44 -49.07 -36.45
C TYR K 312 26.33 -48.26 -35.80
N HIS K 313 26.10 -48.46 -34.50
CA HIS K 313 25.04 -47.72 -33.82
C HIS K 313 25.32 -46.22 -33.83
N ILE K 314 26.59 -45.81 -33.79
CA ILE K 314 26.92 -44.39 -33.86
C ILE K 314 26.54 -43.81 -35.21
N ASN K 315 26.83 -44.54 -36.29
CA ASN K 315 26.39 -44.10 -37.61
C ASN K 315 24.87 -44.05 -37.70
N ARG K 316 24.20 -45.02 -37.07
CA ARG K 316 22.74 -45.01 -37.02
C ARG K 316 22.23 -43.74 -36.34
N ILE K 317 22.83 -43.38 -35.21
CA ILE K 317 22.42 -42.18 -34.49
C ILE K 317 22.66 -40.94 -35.34
N ILE K 318 23.82 -40.88 -36.01
CA ILE K 318 24.13 -39.73 -36.85
C ILE K 318 23.11 -39.59 -37.97
N LEU K 319 22.77 -40.71 -38.62
CA LEU K 319 21.80 -40.67 -39.71
C LEU K 319 20.42 -40.28 -39.19
N GLY K 320 20.03 -40.81 -38.03
CA GLY K 320 18.74 -40.44 -37.47
C GLY K 320 18.65 -38.98 -37.14
N ALA K 321 19.72 -38.41 -36.59
CA ALA K 321 19.76 -36.96 -36.37
C ALA K 321 19.69 -36.21 -37.70
N LEU K 322 20.36 -36.73 -38.73
CA LEU K 322 20.34 -36.08 -40.03
C LEU K 322 18.95 -36.08 -40.66
N LEU K 323 18.06 -36.98 -40.23
CA LEU K 323 16.71 -37.00 -40.79
C LEU K 323 15.99 -35.69 -40.53
N ASN K 324 16.23 -35.07 -39.37
CA ASN K 324 15.63 -33.79 -39.07
C ASN K 324 16.20 -32.72 -40.00
N PRO K 325 15.41 -31.69 -40.32
CA PRO K 325 15.88 -30.65 -41.24
C PRO K 325 16.74 -29.56 -40.59
N SER K 326 17.12 -29.72 -39.33
CA SER K 326 17.89 -28.72 -38.59
C SER K 326 19.05 -29.38 -37.86
N PHE K 327 19.78 -30.25 -38.54
CA PHE K 327 20.93 -30.94 -37.97
C PHE K 327 22.09 -30.88 -38.95
N HIS K 328 23.30 -30.66 -38.41
CA HIS K 328 24.53 -30.62 -39.18
C HIS K 328 25.55 -31.55 -38.54
N VAL K 329 26.34 -32.22 -39.38
CA VAL K 329 27.31 -33.21 -38.94
C VAL K 329 28.66 -32.89 -39.55
N VAL K 330 29.71 -32.99 -38.74
CA VAL K 330 31.09 -32.83 -39.19
C VAL K 330 31.82 -34.14 -38.93
N ILE K 331 32.49 -34.66 -39.96
CA ILE K 331 33.11 -35.98 -39.91
C ILE K 331 34.61 -35.83 -40.10
N TYR K 332 35.38 -36.46 -39.22
CA TYR K 332 36.84 -36.49 -39.31
C TYR K 332 37.27 -37.94 -39.46
N TYR K 333 37.99 -38.24 -40.53
CA TYR K 333 38.49 -39.59 -40.81
C TYR K 333 40.01 -39.55 -40.94
N PRO K 334 40.77 -40.05 -39.96
CA PRO K 334 42.24 -39.99 -40.08
C PRO K 334 42.77 -40.74 -41.29
N GLU K 335 42.09 -41.80 -41.73
CA GLU K 335 42.60 -42.64 -42.81
C GLU K 335 41.66 -42.66 -44.01
N LEU K 336 41.16 -41.48 -44.41
CA LEU K 336 40.26 -41.41 -45.55
C LEU K 336 40.94 -41.88 -46.83
N LYS K 337 42.18 -41.43 -47.06
CA LYS K 337 42.90 -41.84 -48.27
C LYS K 337 43.15 -43.34 -48.28
N GLU K 338 43.56 -43.89 -47.13
CA GLU K 338 43.80 -45.33 -47.06
C GLU K 338 42.51 -46.11 -47.29
N ALA K 339 41.40 -45.63 -46.71
CA ALA K 339 40.12 -46.29 -46.92
C ALA K 339 39.71 -46.27 -48.40
N ILE K 340 39.90 -45.12 -49.05
CA ILE K 340 39.57 -45.02 -50.47
C ILE K 340 40.43 -45.98 -51.28
N THR K 341 41.73 -46.02 -50.99
CA THR K 341 42.62 -46.92 -51.72
C THR K 341 42.21 -48.38 -51.52
N LYS K 342 41.88 -48.75 -50.28
CA LYS K 342 41.53 -50.14 -49.99
C LYS K 342 40.22 -50.53 -50.68
N VAL K 343 39.21 -49.67 -50.60
CA VAL K 343 37.93 -49.99 -51.23
C VAL K 343 38.00 -49.91 -52.75
N SER K 344 38.99 -49.20 -53.29
CA SER K 344 39.15 -49.14 -54.74
C SER K 344 39.40 -50.52 -55.34
N LYS K 345 39.87 -51.47 -54.54
CA LYS K 345 40.14 -52.83 -55.00
C LYS K 345 38.92 -53.73 -54.92
N GLY K 346 37.77 -53.22 -54.48
CA GLY K 346 36.57 -53.99 -54.36
C GLY K 346 36.34 -54.67 -53.03
N GLY K 347 37.25 -54.48 -52.07
CA GLY K 347 37.12 -55.06 -50.75
C GLY K 347 36.44 -54.13 -49.77
N GLY K 348 36.72 -54.33 -48.50
CA GLY K 348 36.17 -53.52 -47.44
C GLY K 348 35.01 -54.20 -46.73
N SER K 349 34.81 -53.81 -45.47
CA SER K 349 33.76 -54.37 -44.64
C SER K 349 32.51 -53.48 -44.71
N GLU K 350 31.51 -53.82 -43.90
CA GLU K 350 30.27 -53.06 -43.90
C GLU K 350 30.50 -51.63 -43.43
N ALA K 351 31.31 -51.44 -42.39
CA ALA K 351 31.60 -50.09 -41.91
C ALA K 351 32.31 -49.27 -42.98
N GLU K 352 33.29 -49.87 -43.66
CA GLU K 352 33.97 -49.17 -44.73
C GLU K 352 33.01 -48.82 -45.85
N LYS K 353 32.11 -49.74 -46.20
CA LYS K 353 31.10 -49.47 -47.22
C LYS K 353 30.25 -48.27 -46.83
N ALA K 354 29.78 -48.26 -45.58
CA ALA K 354 28.91 -47.19 -45.13
C ALA K 354 29.62 -45.84 -45.13
N ILE K 355 30.87 -45.81 -44.64
CA ILE K 355 31.59 -44.54 -44.57
C ILE K 355 31.90 -44.05 -45.98
N VAL K 356 32.27 -44.95 -46.89
CA VAL K 356 32.56 -44.55 -48.26
C VAL K 356 31.30 -44.01 -48.93
N THR K 357 30.17 -44.68 -48.72
CA THR K 357 28.92 -44.21 -49.31
C THR K 357 28.54 -42.83 -48.77
N LEU K 358 28.72 -42.63 -47.45
CA LEU K 358 28.42 -41.33 -46.86
C LEU K 358 29.33 -40.25 -47.43
N LYS K 359 30.61 -40.55 -47.59
CA LYS K 359 31.53 -39.59 -48.17
C LYS K 359 31.14 -39.24 -49.60
N ASN K 360 30.77 -40.25 -50.39
CA ASN K 360 30.36 -40.02 -51.77
C ASN K 360 29.06 -39.24 -51.85
N MET K 361 28.28 -39.19 -50.77
CA MET K 361 27.03 -38.45 -50.79
C MET K 361 27.28 -36.99 -51.13
N ALA K 362 26.50 -36.47 -52.08
CA ALA K 362 26.69 -35.11 -52.58
C ALA K 362 25.68 -34.18 -51.90
N PHE K 363 25.98 -33.83 -50.66
CA PHE K 363 25.18 -32.88 -49.90
C PHE K 363 26.11 -31.85 -49.26
N ASN K 364 25.61 -30.61 -49.16
CA ASN K 364 26.39 -29.54 -48.57
C ASN K 364 26.53 -29.66 -47.06
N GLN K 365 25.80 -30.59 -46.43
CA GLN K 365 25.86 -30.78 -44.99
C GLN K 365 26.99 -31.70 -44.56
N VAL K 366 27.78 -32.23 -45.50
CA VAL K 366 28.87 -33.15 -45.20
C VAL K 366 30.17 -32.38 -45.29
N THR K 367 30.94 -32.38 -44.20
CA THR K 367 32.25 -31.74 -44.14
C THR K 367 33.28 -32.80 -43.79
N VAL K 368 34.35 -32.88 -44.59
CA VAL K 368 35.40 -33.87 -44.42
C VAL K 368 36.74 -33.15 -44.34
N VAL K 369 37.50 -33.44 -43.29
CA VAL K 369 38.84 -32.89 -43.09
C VAL K 369 39.74 -34.07 -42.73
N GLY K 370 40.43 -34.61 -43.73
CA GLY K 370 41.31 -35.74 -43.51
C GLY K 370 42.49 -35.75 -44.47
N GLY K 371 43.70 -35.73 -43.92
CA GLY K 371 44.90 -35.76 -44.74
C GLY K 371 46.00 -36.61 -44.12
N GLY K 372 45.64 -37.49 -43.20
CA GLY K 372 46.62 -38.32 -42.53
C GLY K 372 47.19 -37.66 -41.29
N SER K 373 48.36 -37.04 -41.41
CA SER K 373 48.98 -36.38 -40.28
C SER K 373 48.15 -35.23 -39.75
N LYS K 374 47.28 -34.65 -40.58
CA LYS K 374 46.44 -33.54 -40.14
C LYS K 374 45.40 -33.95 -39.11
N ALA K 375 45.16 -35.24 -38.93
CA ALA K 375 44.19 -35.74 -37.97
C ALA K 375 44.83 -36.22 -36.68
N TYR K 376 46.11 -35.93 -36.47
CA TYR K 376 46.84 -36.37 -35.29
C TYR K 376 46.85 -35.27 -34.23
N PHE K 377 47.34 -35.62 -33.04
CA PHE K 377 47.35 -34.68 -31.93
C PHE K 377 48.22 -33.48 -32.23
N ASN K 378 49.41 -33.69 -32.79
CA ASN K 378 50.33 -32.58 -33.03
C ASN K 378 49.75 -31.60 -34.05
N SER K 379 49.27 -32.12 -35.19
CA SER K 379 48.70 -31.25 -36.21
C SER K 379 47.44 -30.56 -35.69
N PHE K 380 46.61 -31.29 -34.94
CA PHE K 380 45.39 -30.70 -34.39
C PHE K 380 45.72 -29.55 -33.46
N VAL K 381 46.72 -29.73 -32.59
CA VAL K 381 47.13 -28.66 -31.69
C VAL K 381 47.69 -27.48 -32.47
N GLU K 382 48.54 -27.76 -33.46
CA GLU K 382 49.16 -26.68 -34.23
C GLU K 382 48.12 -25.85 -34.97
N HIS K 383 47.12 -26.51 -35.55
CA HIS K 383 46.11 -25.80 -36.33
C HIS K 383 45.34 -24.82 -35.45
N LEU K 384 45.00 -25.22 -34.23
CA LEU K 384 44.22 -24.35 -33.36
C LEU K 384 45.04 -23.10 -33.00
N PRO K 385 44.37 -21.98 -32.75
CA PRO K 385 45.08 -20.75 -32.36
C PRO K 385 45.37 -20.76 -30.86
N TYR K 386 46.06 -19.71 -30.42
CA TYR K 386 46.40 -19.54 -29.01
C TYR K 386 45.68 -18.32 -28.45
N PRO K 387 45.45 -18.27 -27.13
CA PRO K 387 44.77 -17.11 -26.56
C PRO K 387 45.56 -15.82 -26.82
N VAL K 388 44.82 -14.74 -27.10
CA VAL K 388 45.47 -13.48 -27.41
C VAL K 388 46.19 -12.92 -26.19
N LEU K 389 45.61 -13.10 -25.00
CA LEU K 389 46.19 -12.56 -23.78
C LEU K 389 47.28 -13.45 -23.20
N PHE K 390 47.43 -14.67 -23.69
CA PHE K 390 48.47 -15.56 -23.16
C PHE K 390 49.84 -15.01 -23.56
N PRO K 391 50.79 -14.91 -22.63
CA PRO K 391 52.11 -14.38 -22.98
C PRO K 391 52.82 -15.29 -23.98
N ARG K 392 53.61 -14.67 -24.85
CA ARG K 392 54.35 -15.40 -25.87
C ARG K 392 55.79 -14.90 -25.95
N SER L 2 1.44 -48.69 11.79
CA SER L 2 0.84 -49.10 10.53
C SER L 2 1.24 -48.14 9.41
N ILE L 3 1.15 -46.84 9.70
CA ILE L 3 1.52 -45.78 8.77
C ILE L 3 2.69 -45.02 9.37
N TYR L 4 3.76 -44.85 8.59
CA TYR L 4 4.99 -44.25 9.07
C TYR L 4 5.45 -43.15 8.15
N GLN L 5 6.12 -42.16 8.73
CA GLN L 5 6.74 -41.06 7.98
C GLN L 5 8.05 -40.71 8.68
N GLY L 6 9.16 -40.96 8.00
CA GLY L 6 10.47 -40.67 8.57
C GLY L 6 10.85 -41.55 9.74
N GLY L 7 10.51 -42.85 9.67
CA GLY L 7 10.92 -43.80 10.68
C GLY L 7 10.01 -43.90 11.89
N ASN L 8 9.07 -42.97 12.05
CA ASN L 8 8.16 -42.97 13.18
C ASN L 8 6.75 -43.32 12.70
N LYS L 9 5.85 -43.47 13.67
CA LYS L 9 4.47 -43.83 13.37
C LYS L 9 3.64 -42.58 13.07
N LEU L 10 2.66 -42.74 12.19
CA LEU L 10 1.75 -41.66 11.83
C LEU L 10 0.34 -42.23 11.71
N ASN L 11 -0.64 -41.35 11.89
CA ASN L 11 -2.04 -41.73 11.84
C ASN L 11 -2.63 -41.42 10.46
N GLU L 12 -3.81 -41.99 10.20
CA GLU L 12 -4.46 -41.82 8.91
C GLU L 12 -4.84 -40.37 8.66
N ASP L 13 -5.29 -39.67 9.70
CA ASP L 13 -5.70 -38.27 9.53
C ASP L 13 -4.52 -37.40 9.10
N ASP L 14 -3.35 -37.61 9.71
CA ASP L 14 -2.17 -36.86 9.30
C ASP L 14 -1.79 -37.17 7.86
N PHE L 15 -1.92 -38.43 7.44
CA PHE L 15 -1.64 -38.78 6.05
C PHE L 15 -2.63 -38.09 5.10
N ARG L 16 -3.90 -38.03 5.48
CA ARG L 16 -4.88 -37.32 4.66
C ARG L 16 -4.55 -35.84 4.56
N SER L 17 -4.14 -35.23 5.67
CA SER L 17 -3.72 -33.84 5.63
C SER L 17 -2.52 -33.65 4.73
N HIS L 18 -1.58 -34.59 4.78
CA HIS L 18 -0.42 -34.54 3.89
C HIS L 18 -0.86 -34.60 2.43
N VAL L 19 -1.79 -35.50 2.10
CA VAL L 19 -2.27 -35.62 0.73
C VAL L 19 -2.93 -34.32 0.29
N TYR L 20 -3.77 -33.76 1.16
CA TYR L 20 -4.47 -32.52 0.82
C TYR L 20 -3.49 -31.38 0.59
N SER L 21 -2.45 -31.29 1.42
CA SER L 21 -1.43 -30.26 1.23
C SER L 21 -0.65 -30.48 -0.06
N LEU L 22 -0.30 -31.73 -0.37
CA LEU L 22 0.45 -32.02 -1.58
C LEU L 22 -0.36 -31.68 -2.83
N CYS L 23 -1.67 -31.93 -2.80
CA CYS L 23 -2.47 -31.78 -4.01
C CYS L 23 -2.35 -30.40 -4.63
N GLN L 24 -2.02 -29.39 -3.82
CA GLN L 24 -1.97 -28.01 -4.29
C GLN L 24 -0.56 -27.58 -4.72
N LEU L 25 0.40 -28.49 -4.74
CA LEU L 25 1.75 -28.15 -5.17
C LEU L 25 1.79 -27.92 -6.68
N ASP L 26 2.97 -27.53 -7.17
CA ASP L 26 3.12 -27.17 -8.57
C ASP L 26 2.92 -28.37 -9.50
N ASN L 27 3.46 -29.53 -9.13
CA ASN L 27 3.50 -30.68 -10.02
C ASN L 27 2.76 -31.86 -9.40
N VAL L 28 2.11 -32.64 -10.27
CA VAL L 28 1.40 -33.84 -9.84
C VAL L 28 1.49 -34.87 -10.96
N GLY L 29 1.44 -36.15 -10.57
CA GLY L 29 1.50 -37.26 -11.50
C GLY L 29 1.56 -38.57 -10.76
N VAL L 30 1.22 -39.68 -11.42
CA VAL L 30 1.12 -40.97 -10.76
C VAL L 30 1.87 -42.01 -11.57
N LEU L 31 2.47 -42.97 -10.86
CA LEU L 31 3.15 -44.11 -11.46
C LEU L 31 2.36 -45.36 -11.10
N LEU L 32 1.38 -45.68 -11.94
CA LEU L 32 0.51 -46.83 -11.71
C LEU L 32 1.32 -48.10 -11.94
N GLY L 33 1.67 -48.79 -10.86
CA GLY L 33 2.40 -50.04 -11.01
C GLY L 33 1.64 -51.05 -11.84
N ALA L 34 2.39 -51.93 -12.50
CA ALA L 34 1.78 -52.91 -13.38
C ALA L 34 0.62 -53.63 -12.70
N GLY L 35 0.73 -53.86 -11.39
CA GLY L 35 -0.35 -54.53 -10.68
C GLY L 35 -1.66 -53.77 -10.73
N ALA L 36 -1.63 -52.49 -11.06
CA ALA L 36 -2.87 -51.74 -11.26
C ALA L 36 -3.69 -52.32 -12.40
N SER L 37 -3.02 -52.75 -13.47
CA SER L 37 -3.72 -53.37 -14.60
C SER L 37 -4.00 -54.84 -14.39
N VAL L 38 -3.47 -55.46 -13.33
CA VAL L 38 -3.78 -56.85 -13.04
C VAL L 38 -5.27 -57.01 -12.77
N GLY L 39 -5.86 -56.09 -12.00
CA GLY L 39 -7.29 -56.12 -11.76
C GLY L 39 -8.13 -55.86 -12.98
N CYS L 40 -7.54 -55.26 -14.02
CA CYS L 40 -8.24 -55.00 -15.27
C CYS L 40 -8.11 -56.15 -16.27
N GLY L 41 -7.88 -57.36 -15.78
CA GLY L 41 -7.69 -58.52 -16.63
C GLY L 41 -6.25 -58.85 -16.96
N GLY L 42 -5.29 -58.11 -16.41
CA GLY L 42 -3.90 -58.36 -16.68
C GLY L 42 -3.31 -59.46 -15.82
N LYS L 43 -2.05 -59.76 -16.08
CA LYS L 43 -1.31 -60.79 -15.34
C LYS L 43 0.12 -60.32 -15.12
N THR L 44 0.75 -60.85 -14.08
CA THR L 44 2.10 -60.47 -13.71
C THR L 44 3.13 -61.40 -14.37
N MET L 45 4.39 -61.00 -14.28
CA MET L 45 5.47 -61.83 -14.83
C MET L 45 5.49 -63.20 -14.17
N LYS L 46 5.16 -63.28 -12.88
CA LYS L 46 5.04 -64.57 -12.22
C LYS L 46 3.90 -65.38 -12.83
N ASP L 47 2.79 -64.71 -13.15
CA ASP L 47 1.69 -65.39 -13.84
C ASP L 47 2.13 -65.87 -15.22
N VAL L 48 2.94 -65.07 -15.91
CA VAL L 48 3.48 -65.51 -17.19
C VAL L 48 4.33 -66.76 -17.02
N TRP L 49 5.16 -66.79 -15.97
CA TRP L 49 5.96 -67.98 -15.69
C TRP L 49 5.07 -69.18 -15.41
N LYS L 50 4.01 -68.99 -14.63
CA LYS L 50 3.10 -70.09 -14.33
C LYS L 50 2.45 -70.63 -15.59
N SER L 51 2.00 -69.72 -16.48
CA SER L 51 1.38 -70.15 -17.72
C SER L 51 2.37 -70.89 -18.61
N PHE L 52 3.60 -70.38 -18.71
CA PHE L 52 4.61 -71.03 -19.54
C PHE L 52 5.04 -72.36 -18.96
N LYS L 53 4.92 -72.53 -17.64
CA LYS L 53 5.18 -73.82 -17.03
C LYS L 53 4.05 -74.81 -17.30
N GLN L 54 2.80 -74.35 -17.19
CA GLN L 54 1.66 -75.24 -17.32
C GLN L 54 1.36 -75.62 -18.76
N ASN L 55 1.68 -74.76 -19.74
CA ASN L 55 1.41 -75.09 -21.13
C ASN L 55 2.41 -76.08 -21.72
N TYR L 56 3.63 -76.18 -21.15
CA TYR L 56 4.63 -77.15 -21.58
C TYR L 56 5.16 -77.88 -20.34
N PRO L 57 4.30 -78.69 -19.70
CA PRO L 57 4.74 -79.36 -18.46
C PRO L 57 5.81 -80.41 -18.72
N GLU L 58 5.56 -81.32 -19.66
CA GLU L 58 6.54 -82.36 -19.96
C GLU L 58 7.83 -81.76 -20.51
N LEU L 59 7.71 -80.81 -21.45
CA LEU L 59 8.90 -80.17 -22.00
C LEU L 59 9.66 -79.40 -20.93
N LEU L 60 8.94 -78.70 -20.05
CA LEU L 60 9.60 -77.96 -18.98
C LEU L 60 10.36 -78.91 -18.05
N GLY L 61 9.74 -80.03 -17.68
CA GLY L 61 10.42 -81.00 -16.84
C GLY L 61 11.64 -81.59 -17.52
N ALA L 62 11.53 -81.92 -18.80
CA ALA L 62 12.67 -82.46 -19.53
C ALA L 62 13.81 -81.46 -19.58
N LEU L 63 13.49 -80.19 -19.87
CA LEU L 63 14.53 -79.17 -19.90
C LEU L 63 15.17 -79.00 -18.53
N ILE L 64 14.36 -79.03 -17.47
CA ILE L 64 14.88 -78.84 -16.12
C ILE L 64 15.84 -79.98 -15.76
N ASP L 65 15.44 -81.22 -16.04
CA ASP L 65 16.26 -82.36 -15.65
C ASP L 65 17.37 -82.68 -16.64
N LYS L 66 17.40 -82.00 -17.80
CA LYS L 66 18.49 -82.19 -18.75
C LYS L 66 19.51 -81.06 -18.73
N TYR L 67 19.13 -79.86 -18.30
CA TYR L 67 20.06 -78.74 -18.21
C TYR L 67 20.00 -78.00 -16.88
N LEU L 68 18.89 -78.06 -16.15
CA LEU L 68 18.82 -77.54 -14.78
C LEU L 68 19.09 -76.03 -14.72
N LEU L 69 18.54 -75.28 -15.67
CA LEU L 69 18.59 -73.82 -15.57
C LEU L 69 17.80 -73.34 -14.36
N VAL L 70 16.62 -73.92 -14.14
CA VAL L 70 15.80 -73.62 -12.96
C VAL L 70 15.34 -74.94 -12.36
N SER L 71 15.61 -75.14 -11.09
CA SER L 71 15.23 -76.38 -10.42
C SER L 71 13.73 -76.41 -10.18
N GLN L 72 13.20 -77.63 -10.06
CA GLN L 72 11.76 -77.78 -9.81
C GLN L 72 11.37 -77.18 -8.48
N ILE L 73 12.23 -77.35 -7.46
CA ILE L 73 11.95 -76.77 -6.14
C ILE L 73 11.87 -75.25 -6.25
N ASP L 74 12.71 -74.65 -7.09
CA ASP L 74 12.67 -73.21 -7.26
C ASP L 74 11.31 -72.74 -7.77
N SER L 75 10.77 -73.44 -8.76
CA SER L 75 9.44 -73.10 -9.27
C SER L 75 8.35 -73.40 -8.24
N ASP L 76 8.54 -74.45 -7.44
CA ASP L 76 7.54 -74.80 -6.44
C ASP L 76 7.36 -73.67 -5.43
N ASN L 77 8.45 -73.05 -5.00
CA ASN L 77 8.39 -71.94 -4.07
C ASN L 77 8.02 -70.63 -4.75
N ASN L 78 7.90 -70.60 -6.08
CA ASN L 78 7.55 -69.39 -6.81
C ASN L 78 8.62 -68.32 -6.64
N LEU L 79 9.86 -68.72 -6.90
CA LEU L 79 11.03 -67.84 -6.80
C LEU L 79 11.83 -67.88 -8.09
N VAL L 80 11.13 -67.80 -9.23
CA VAL L 80 11.74 -67.84 -10.54
C VAL L 80 11.62 -66.47 -11.18
N ASN L 81 12.70 -66.01 -11.80
CA ASN L 81 12.76 -64.70 -12.45
C ASN L 81 12.90 -64.91 -13.96
N VAL L 82 11.77 -64.94 -14.65
CA VAL L 82 11.80 -65.07 -16.11
C VAL L 82 12.45 -63.86 -16.74
N GLU L 83 12.40 -62.72 -16.03
CA GLU L 83 13.08 -61.51 -16.52
C GLU L 83 14.55 -61.80 -16.79
N LEU L 84 15.19 -62.61 -15.94
CA LEU L 84 16.52 -63.09 -16.23
C LEU L 84 16.51 -64.22 -17.25
N LEU L 85 15.43 -65.01 -17.30
CA LEU L 85 15.39 -66.17 -18.18
C LEU L 85 15.46 -65.77 -19.65
N ILE L 86 14.84 -64.66 -20.04
CA ILE L 86 14.83 -64.30 -21.45
C ILE L 86 16.22 -63.83 -21.90
N ASP L 87 16.90 -63.06 -21.06
CA ASP L 87 18.30 -62.73 -21.36
C ASP L 87 19.14 -64.00 -21.41
N GLU L 88 18.92 -64.92 -20.47
CA GLU L 88 19.61 -66.20 -20.52
C GLU L 88 19.35 -66.92 -21.84
N ALA L 89 18.10 -66.86 -22.33
CA ALA L 89 17.73 -67.58 -23.53
C ALA L 89 18.40 -66.98 -24.76
N THR L 90 18.38 -65.66 -24.89
CA THR L 90 19.09 -65.04 -26.01
C THR L 90 20.59 -65.33 -25.92
N LYS L 91 21.14 -65.35 -24.71
CA LYS L 91 22.53 -65.72 -24.53
C LYS L 91 22.81 -67.13 -25.05
N PHE L 92 22.02 -68.10 -24.58
CA PHE L 92 22.19 -69.48 -25.01
C PHE L 92 22.07 -69.61 -26.52
N LEU L 93 21.07 -68.94 -27.10
CA LEU L 93 20.78 -69.15 -28.51
C LEU L 93 21.82 -68.47 -29.39
N SER L 94 22.35 -67.32 -28.96
CA SER L 94 23.45 -66.70 -29.71
C SER L 94 24.72 -67.54 -29.59
N VAL L 95 24.95 -68.12 -28.41
CA VAL L 95 26.07 -69.04 -28.24
C VAL L 95 25.95 -70.19 -29.23
N ALA L 96 24.74 -70.78 -29.32
CA ALA L 96 24.52 -71.89 -30.24
C ALA L 96 24.66 -71.45 -31.70
N LYS L 97 24.09 -70.29 -32.04
CA LYS L 97 24.12 -69.82 -33.42
C LYS L 97 25.54 -69.53 -33.87
N THR L 98 26.41 -69.15 -32.93
CA THR L 98 27.84 -69.12 -33.24
C THR L 98 28.42 -70.52 -33.28
N ARG L 99 27.83 -71.44 -32.51
CA ARG L 99 28.23 -72.85 -32.53
C ARG L 99 27.59 -73.61 -33.69
N ARG L 100 26.54 -73.07 -34.29
CA ARG L 100 25.83 -73.62 -35.44
C ARG L 100 25.09 -74.92 -35.14
N CYS L 101 25.05 -75.37 -33.88
CA CYS L 101 24.31 -76.58 -33.55
C CYS L 101 22.85 -76.43 -33.96
N GLU L 102 22.42 -77.21 -34.95
CA GLU L 102 21.07 -77.05 -35.50
C GLU L 102 20.02 -77.70 -34.61
N ASP L 103 20.34 -78.84 -33.98
CA ASP L 103 19.36 -79.51 -33.14
C ASP L 103 18.97 -78.63 -31.95
N GLU L 104 19.94 -77.96 -31.34
CA GLU L 104 19.67 -77.11 -30.19
C GLU L 104 18.99 -75.79 -30.57
N GLU L 105 18.88 -75.49 -31.87
CA GLU L 105 18.30 -74.24 -32.34
C GLU L 105 16.78 -74.26 -32.39
N GLU L 106 16.13 -75.21 -31.71
CA GLU L 106 14.68 -75.34 -31.76
C GLU L 106 14.01 -75.27 -30.39
N GLU L 107 14.60 -75.89 -29.37
CA GLU L 107 14.01 -75.81 -28.04
C GLU L 107 14.05 -74.38 -27.51
N PHE L 108 15.16 -73.68 -27.73
CA PHE L 108 15.23 -72.28 -27.33
C PHE L 108 14.26 -71.43 -28.14
N ARG L 109 14.10 -71.74 -29.42
CA ARG L 109 13.07 -71.09 -30.22
C ARG L 109 11.69 -71.31 -29.60
N LYS L 110 11.40 -72.56 -29.24
CA LYS L 110 10.13 -72.85 -28.56
C LYS L 110 9.97 -71.97 -27.33
N ILE L 111 10.98 -71.95 -26.46
CA ILE L 111 10.87 -71.23 -25.20
C ILE L 111 10.61 -69.74 -25.46
N LEU L 112 11.45 -69.13 -26.30
CA LEU L 112 11.35 -67.68 -26.52
C LEU L 112 10.03 -67.32 -27.19
N SER L 113 9.70 -68.00 -28.29
CA SER L 113 8.49 -67.63 -29.02
C SER L 113 7.24 -67.89 -28.19
N SER L 114 7.20 -69.00 -27.45
CA SER L 114 6.06 -69.26 -26.58
C SER L 114 5.96 -68.22 -25.47
N LEU L 115 7.10 -67.79 -24.92
CA LEU L 115 7.08 -66.74 -23.91
C LEU L 115 6.51 -65.44 -24.49
N TYR L 116 6.92 -65.10 -25.71
CA TYR L 116 6.39 -63.88 -26.34
C TYR L 116 4.89 -64.00 -26.57
N LYS L 117 4.44 -65.16 -27.07
CA LYS L 117 3.01 -65.39 -27.26
C LYS L 117 2.27 -65.23 -25.95
N GLU L 118 2.79 -65.83 -24.87
CA GLU L 118 2.13 -65.75 -23.57
C GLU L 118 2.07 -64.31 -23.07
N VAL L 119 3.17 -63.57 -23.19
CA VAL L 119 3.20 -62.19 -22.73
C VAL L 119 2.16 -61.37 -23.47
N THR L 120 2.15 -61.46 -24.80
CA THR L 120 1.21 -60.68 -25.59
C THR L 120 -0.22 -61.08 -25.27
N LYS L 121 -0.49 -62.38 -25.14
CA LYS L 121 -1.85 -62.84 -24.86
C LYS L 121 -2.32 -62.34 -23.51
N ALA L 122 -1.47 -62.39 -22.49
CA ALA L 122 -1.83 -61.87 -21.19
C ALA L 122 -1.95 -60.35 -21.20
N ALA L 123 -1.35 -59.68 -22.18
CA ALA L 123 -1.44 -58.23 -22.28
C ALA L 123 -2.67 -57.77 -23.05
N LEU L 124 -3.38 -58.67 -23.75
CA LEU L 124 -4.57 -58.25 -24.49
C LEU L 124 -5.67 -57.78 -23.53
N LEU L 125 -5.87 -58.51 -22.43
CA LEU L 125 -6.78 -58.22 -21.33
C LEU L 125 -8.25 -58.47 -21.68
N THR L 126 -8.59 -58.85 -22.91
CA THR L 126 -9.99 -59.01 -23.26
C THR L 126 -10.30 -60.32 -23.95
N GLY L 127 -9.43 -60.79 -24.84
CA GLY L 127 -9.68 -62.03 -25.56
C GLY L 127 -10.43 -61.84 -26.86
N GLU L 128 -11.38 -62.73 -27.15
CA GLU L 128 -12.10 -62.67 -28.42
C GLU L 128 -12.86 -61.36 -28.58
N GLN L 129 -13.51 -60.90 -27.50
CA GLN L 129 -14.24 -59.64 -27.55
C GLN L 129 -13.32 -58.44 -27.68
N PHE L 130 -12.01 -58.62 -27.55
CA PHE L 130 -11.05 -57.53 -27.61
C PHE L 130 -11.36 -56.56 -28.74
N ARG L 131 -11.68 -57.08 -29.93
CA ARG L 131 -11.90 -56.22 -31.07
C ARG L 131 -13.22 -55.47 -31.00
N GLU L 132 -14.17 -55.94 -30.18
CA GLU L 132 -15.44 -55.24 -30.05
C GLU L 132 -15.25 -53.88 -29.40
N LYS L 133 -16.09 -52.93 -29.81
CA LYS L 133 -15.98 -51.55 -29.36
C LYS L 133 -16.81 -51.36 -28.09
N ASN L 134 -17.00 -50.11 -27.66
CA ASN L 134 -17.67 -49.78 -26.42
C ASN L 134 -16.93 -50.38 -25.23
N GLN L 135 -15.66 -49.97 -25.09
CA GLN L 135 -14.82 -50.47 -24.01
C GLN L 135 -15.13 -49.78 -22.69
N GLY L 136 -15.00 -48.46 -22.65
CA GLY L 136 -15.07 -47.71 -21.41
C GLY L 136 -16.30 -48.00 -20.56
N LYS L 137 -17.35 -48.55 -21.14
CA LYS L 137 -18.58 -48.78 -20.39
C LYS L 137 -18.39 -49.82 -19.28
N LYS L 138 -17.30 -50.57 -19.30
CA LYS L 138 -17.07 -51.56 -18.26
C LYS L 138 -17.03 -50.90 -16.88
N ASP L 139 -17.69 -51.54 -15.91
CA ASP L 139 -17.72 -51.01 -14.55
C ASP L 139 -16.37 -51.09 -13.86
N ALA L 140 -15.49 -51.98 -14.32
CA ALA L 140 -14.22 -52.19 -13.61
C ALA L 140 -13.41 -50.91 -13.50
N PHE L 141 -13.41 -50.09 -14.55
CA PHE L 141 -12.65 -48.84 -14.56
C PHE L 141 -13.25 -47.78 -13.66
N LYS L 142 -14.34 -48.06 -12.92
CA LYS L 142 -14.98 -47.03 -12.10
C LYS L 142 -13.97 -46.23 -11.30
N TYR L 143 -12.86 -46.84 -10.89
CA TYR L 143 -11.80 -46.14 -10.20
C TYR L 143 -10.81 -45.52 -11.18
N HIS L 144 -10.26 -46.33 -12.09
CA HIS L 144 -9.30 -45.82 -13.06
C HIS L 144 -9.84 -44.60 -13.77
N LYS L 145 -11.08 -44.68 -14.26
CA LYS L 145 -11.75 -43.52 -14.84
C LYS L 145 -11.56 -42.29 -13.97
N GLU L 146 -12.06 -42.36 -12.72
CA GLU L 146 -11.98 -41.22 -11.83
C GLU L 146 -10.55 -40.73 -11.68
N LEU L 147 -9.58 -41.65 -11.71
CA LEU L 147 -8.18 -41.25 -11.49
C LEU L 147 -7.75 -40.18 -12.47
N ILE L 148 -8.31 -40.18 -13.69
CA ILE L 148 -7.89 -39.20 -14.69
C ILE L 148 -8.73 -37.93 -14.68
N SER L 149 -9.86 -37.94 -13.97
CA SER L 149 -10.67 -36.74 -13.82
C SER L 149 -10.24 -35.87 -12.65
N LYS L 150 -9.39 -36.38 -11.77
CA LYS L 150 -8.92 -35.62 -10.62
C LYS L 150 -7.64 -34.84 -10.92
N LEU L 151 -7.04 -35.02 -12.08
CA LEU L 151 -5.81 -34.33 -12.43
C LEU L 151 -6.07 -33.10 -13.31
N ILE L 152 -7.32 -32.78 -13.58
CA ILE L 152 -7.67 -31.56 -14.28
C ILE L 152 -8.50 -30.60 -13.44
N SER L 153 -9.17 -31.08 -12.39
CA SER L 153 -9.92 -30.22 -11.50
C SER L 153 -9.05 -29.64 -10.38
N ASN L 154 -7.93 -30.27 -10.07
CA ASN L 154 -7.02 -29.80 -9.03
C ASN L 154 -5.90 -28.93 -9.58
N ARG L 155 -6.17 -28.20 -10.66
CA ARG L 155 -5.17 -27.33 -11.27
C ARG L 155 -5.83 -26.02 -11.67
N GLN L 156 -5.01 -24.98 -11.78
CA GLN L 156 -5.48 -23.63 -12.05
C GLN L 156 -4.55 -22.97 -13.07
N PRO L 157 -4.93 -21.82 -13.63
CA PRO L 157 -4.05 -21.17 -14.62
C PRO L 157 -2.66 -20.92 -14.05
N GLY L 158 -1.65 -21.09 -14.90
CA GLY L 158 -0.28 -20.99 -14.47
C GLY L 158 0.31 -22.26 -13.93
N GLN L 159 -0.28 -23.41 -14.25
CA GLN L 159 0.17 -24.70 -13.74
C GLN L 159 0.45 -25.65 -14.90
N SER L 160 1.37 -26.58 -14.66
CA SER L 160 1.79 -27.51 -15.70
C SER L 160 0.75 -28.60 -15.92
N ALA L 161 0.92 -29.34 -17.02
CA ALA L 161 0.00 -30.42 -17.35
C ALA L 161 0.41 -31.70 -16.64
N PRO L 162 -0.42 -32.26 -15.77
CA PRO L 162 -0.02 -33.51 -15.09
C PRO L 162 0.22 -34.64 -16.07
N ALA L 163 1.14 -35.54 -15.69
CA ALA L 163 1.50 -36.69 -16.50
C ALA L 163 1.33 -37.97 -15.69
N ILE L 164 1.20 -39.09 -16.40
CA ILE L 164 0.92 -40.39 -15.78
C ILE L 164 2.04 -41.35 -16.15
N PHE L 165 2.70 -41.87 -15.13
CA PHE L 165 3.68 -42.95 -15.28
C PHE L 165 2.95 -44.29 -15.11
N THR L 166 3.55 -45.35 -15.66
CA THR L 166 2.96 -46.68 -15.53
C THR L 166 3.98 -47.71 -16.00
N THR L 167 3.66 -48.98 -15.74
CA THR L 167 4.51 -50.12 -16.09
C THR L 167 3.67 -51.22 -16.72
N ASN L 168 2.84 -50.86 -17.70
CA ASN L 168 1.80 -51.74 -18.21
C ASN L 168 1.98 -52.01 -19.69
N TYR L 169 1.75 -53.27 -20.08
CA TYR L 169 1.71 -53.61 -21.50
C TYR L 169 0.57 -52.89 -22.21
N ASP L 170 -0.59 -52.83 -21.57
CA ASP L 170 -1.84 -52.47 -22.24
C ASP L 170 -1.87 -50.98 -22.55
N LEU L 171 -2.98 -50.59 -23.19
CA LEU L 171 -3.25 -49.20 -23.56
C LEU L 171 -4.33 -48.58 -22.69
N ALA L 172 -4.52 -49.08 -21.46
CA ALA L 172 -5.69 -48.70 -20.67
C ALA L 172 -5.52 -47.32 -20.04
N LEU L 173 -5.18 -46.33 -20.86
CA LEU L 173 -5.31 -44.91 -20.55
C LEU L 173 -6.02 -44.17 -21.65
N GLU L 174 -5.81 -44.55 -22.91
CA GLU L 174 -6.65 -44.04 -23.99
C GLU L 174 -8.06 -44.60 -23.96
N TRP L 175 -8.27 -45.71 -23.25
CA TRP L 175 -9.62 -46.24 -23.10
C TRP L 175 -10.49 -45.27 -22.30
N ALA L 176 -9.99 -44.86 -21.13
CA ALA L 176 -10.68 -43.84 -20.35
C ALA L 176 -10.72 -42.52 -21.11
N ALA L 177 -9.64 -42.19 -21.82
CA ALA L 177 -9.61 -40.98 -22.64
C ALA L 177 -10.81 -40.95 -23.59
N GLU L 178 -11.01 -42.03 -24.34
CA GLU L 178 -12.17 -42.12 -25.22
C GLU L 178 -13.47 -42.04 -24.43
N ASP L 179 -13.57 -42.83 -23.37
CA ASP L 179 -14.82 -42.93 -22.62
C ASP L 179 -15.25 -41.59 -22.04
N LEU L 180 -14.31 -40.68 -21.78
CA LEU L 180 -14.63 -39.37 -21.21
C LEU L 180 -14.18 -38.22 -22.10
N GLY L 181 -13.78 -38.50 -23.34
CA GLY L 181 -13.38 -37.44 -24.24
C GLY L 181 -12.15 -36.69 -23.80
N ILE L 182 -11.34 -37.26 -22.91
CA ILE L 182 -10.18 -36.57 -22.37
C ILE L 182 -8.99 -36.80 -23.30
N GLN L 183 -8.25 -35.73 -23.58
CA GLN L 183 -7.08 -35.81 -24.45
C GLN L 183 -5.85 -36.13 -23.60
N LEU L 184 -5.57 -37.42 -23.45
CA LEU L 184 -4.36 -37.89 -22.80
C LEU L 184 -3.25 -37.97 -23.84
N PHE L 185 -2.64 -36.82 -24.12
CA PHE L 185 -1.61 -36.73 -25.15
C PHE L 185 -0.62 -37.87 -25.01
N ASN L 186 -0.52 -38.68 -26.06
CA ASN L 186 0.31 -39.87 -26.07
C ASN L 186 1.58 -39.69 -26.90
N GLY L 187 1.86 -38.48 -27.37
CA GLY L 187 3.06 -38.23 -28.14
C GLY L 187 2.96 -38.61 -29.60
N PHE L 188 1.79 -39.01 -30.08
CA PHE L 188 1.59 -39.41 -31.45
C PHE L 188 0.88 -38.31 -32.23
N SER L 189 1.09 -38.31 -33.54
CA SER L 189 0.48 -37.34 -34.44
C SER L 189 -0.09 -38.06 -35.66
N GLY L 190 -1.22 -37.54 -36.16
CA GLY L 190 -1.88 -38.13 -37.30
C GLY L 190 -2.68 -39.36 -36.93
N LEU L 191 -3.56 -39.80 -37.83
CA LEU L 191 -4.37 -41.00 -37.61
C LEU L 191 -4.09 -42.08 -38.64
N HIS L 192 -4.14 -41.75 -39.93
CA HIS L 192 -3.93 -42.75 -40.96
C HIS L 192 -2.59 -43.44 -40.78
N THR L 193 -1.53 -42.66 -40.53
CA THR L 193 -0.22 -43.17 -40.13
C THR L 193 0.14 -42.42 -38.86
N ARG L 194 -0.11 -43.04 -37.71
CA ARG L 194 0.04 -42.38 -36.42
C ARG L 194 1.40 -42.75 -35.83
N GLN L 195 2.32 -41.78 -35.80
CA GLN L 195 3.69 -42.01 -35.36
C GLN L 195 4.00 -41.16 -34.13
N PHE L 196 4.81 -41.72 -33.24
CA PHE L 196 5.19 -41.03 -32.02
C PHE L 196 6.21 -39.94 -32.31
N TYR L 197 6.12 -38.85 -31.55
CA TYR L 197 7.04 -37.74 -31.66
C TYR L 197 7.18 -37.03 -30.32
N PRO L 198 8.37 -37.02 -29.71
CA PRO L 198 8.53 -36.32 -28.42
C PRO L 198 8.22 -34.84 -28.50
N GLN L 199 8.31 -34.23 -29.69
CA GLN L 199 7.99 -32.81 -29.81
C GLN L 199 6.55 -32.51 -29.41
N ASN L 200 5.68 -33.51 -29.41
CA ASN L 200 4.30 -33.33 -28.98
C ASN L 200 4.17 -33.21 -27.46
N PHE L 201 5.27 -33.19 -26.72
CA PHE L 201 5.25 -33.00 -25.28
C PHE L 201 5.23 -31.53 -24.88
N ASP L 202 4.83 -30.64 -25.78
CA ASP L 202 4.80 -29.21 -25.53
C ASP L 202 3.51 -28.60 -26.04
N LEU L 203 2.38 -29.26 -25.78
CA LEU L 203 1.08 -28.79 -26.20
C LEU L 203 0.10 -28.93 -25.04
N ALA L 204 -0.75 -27.92 -24.87
CA ALA L 204 -1.76 -27.92 -23.82
C ALA L 204 -3.00 -27.19 -24.31
N PHE L 205 -4.15 -27.56 -23.76
CA PHE L 205 -5.43 -26.99 -24.16
C PHE L 205 -5.80 -25.82 -23.26
N ARG L 206 -6.60 -24.91 -23.81
CA ARG L 206 -7.10 -23.76 -23.06
C ARG L 206 -8.43 -23.33 -23.66
N ASN L 207 -9.20 -22.60 -22.85
CA ASN L 207 -10.48 -22.07 -23.29
C ASN L 207 -10.29 -20.68 -23.89
N VAL L 208 -10.78 -20.50 -25.12
CA VAL L 208 -10.55 -19.24 -25.82
C VAL L 208 -11.24 -18.09 -25.11
N ASN L 209 -12.46 -18.31 -24.64
CA ASN L 209 -13.25 -17.27 -24.01
C ASN L 209 -13.04 -17.18 -22.50
N ALA L 210 -12.15 -18.00 -21.95
CA ALA L 210 -11.89 -17.96 -20.51
C ALA L 210 -10.97 -16.78 -20.17
N HIS L 218 -9.58 -25.00 -21.34
CA HIS L 218 -10.21 -26.29 -21.48
C HIS L 218 -9.36 -27.36 -20.79
N TYR L 219 -9.78 -28.61 -20.88
CA TYR L 219 -9.14 -29.69 -20.15
C TYR L 219 -8.06 -30.36 -21.00
N HIS L 220 -7.14 -31.02 -20.31
CA HIS L 220 -6.07 -31.76 -20.99
C HIS L 220 -5.49 -32.77 -20.00
N ALA L 221 -4.56 -33.57 -20.49
CA ALA L 221 -3.81 -34.51 -19.67
C ALA L 221 -2.73 -35.17 -20.51
N TYR L 222 -1.65 -35.62 -19.88
CA TYR L 222 -0.49 -36.18 -20.58
C TYR L 222 -0.43 -37.69 -20.36
N LEU L 223 0.60 -38.30 -20.94
CA LEU L 223 0.76 -39.76 -20.90
C LEU L 223 2.24 -40.09 -20.89
N TYR L 224 2.64 -40.99 -19.99
CA TYR L 224 4.04 -41.43 -19.88
C TYR L 224 4.01 -42.94 -19.66
N LYS L 225 4.13 -43.69 -20.75
CA LYS L 225 4.03 -45.15 -20.71
C LYS L 225 5.42 -45.76 -20.82
N LEU L 226 5.91 -46.36 -19.73
CA LEU L 226 7.24 -46.93 -19.71
C LEU L 226 7.28 -48.30 -20.39
N HIS L 227 6.34 -49.17 -20.07
CA HIS L 227 6.41 -50.57 -20.48
C HIS L 227 5.85 -50.76 -21.88
N GLY L 228 6.30 -49.94 -22.84
CA GLY L 228 5.91 -50.08 -24.22
C GLY L 228 4.42 -50.21 -24.40
N SER L 229 4.01 -50.82 -25.51
CA SER L 229 2.61 -51.14 -25.74
C SER L 229 2.51 -52.16 -26.85
N LEU L 230 1.37 -52.87 -26.87
CA LEU L 230 1.16 -53.91 -27.87
C LEU L 230 1.11 -53.33 -29.28
N THR L 231 0.42 -52.20 -29.44
CA THR L 231 0.29 -51.57 -30.75
C THR L 231 1.63 -51.14 -31.32
N TRP L 232 2.68 -51.10 -30.51
CA TRP L 232 3.98 -50.56 -30.91
C TRP L 232 4.83 -51.71 -31.46
N TYR L 233 4.72 -51.93 -32.77
CA TYR L 233 5.51 -52.95 -33.45
C TYR L 233 6.07 -52.38 -34.74
N GLN L 234 7.29 -52.80 -35.09
CA GLN L 234 7.99 -52.29 -36.25
C GLN L 234 8.46 -53.44 -37.12
N ASN L 235 8.62 -53.17 -38.40
CA ASN L 235 9.01 -54.15 -39.42
C ASN L 235 10.43 -53.89 -39.90
N ASP L 236 11.33 -53.57 -38.98
CA ASP L 236 12.70 -53.14 -39.27
C ASP L 236 12.73 -51.77 -39.95
N SER L 237 11.64 -51.03 -39.87
CA SER L 237 11.59 -49.66 -40.38
C SER L 237 12.03 -48.64 -39.35
N LEU L 238 12.44 -49.08 -38.16
CA LEU L 238 12.90 -48.18 -37.11
C LEU L 238 11.83 -47.14 -36.79
N THR L 239 10.57 -47.56 -36.85
CA THR L 239 9.45 -46.66 -36.60
C THR L 239 8.32 -47.42 -35.93
N VAL L 240 7.55 -46.71 -35.12
CA VAL L 240 6.40 -47.26 -34.42
C VAL L 240 5.16 -46.52 -34.88
N ASN L 241 4.09 -47.26 -35.14
CA ASN L 241 2.84 -46.71 -35.65
C ASN L 241 1.69 -47.10 -34.74
N GLU L 242 0.67 -46.24 -34.69
CA GLU L 242 -0.49 -46.43 -33.81
C GLU L 242 -1.76 -46.53 -34.65
N VAL L 243 -2.14 -47.75 -34.98
CA VAL L 243 -3.45 -48.03 -35.53
C VAL L 243 -4.23 -48.83 -34.50
N SER L 244 -5.54 -48.91 -34.69
CA SER L 244 -6.40 -49.37 -33.62
C SER L 244 -6.05 -50.80 -33.21
N ALA L 245 -6.66 -51.24 -32.12
CA ALA L 245 -6.36 -52.55 -31.54
C ALA L 245 -7.32 -53.62 -32.04
N SER L 246 -8.61 -53.29 -32.16
CA SER L 246 -9.53 -54.19 -32.84
C SER L 246 -9.03 -54.52 -34.23
N GLN L 247 -8.46 -53.53 -34.92
CA GLN L 247 -7.81 -53.77 -36.19
C GLN L 247 -6.69 -54.79 -36.05
N ALA L 248 -6.05 -54.83 -34.89
CA ALA L 248 -4.91 -55.73 -34.69
C ALA L 248 -5.38 -57.18 -34.55
N TYR L 249 -6.44 -57.42 -33.78
CA TYR L 249 -6.82 -58.77 -33.37
C TYR L 249 -6.82 -59.74 -34.54
N ASP L 250 -7.21 -59.28 -35.72
CA ASP L 250 -7.13 -60.11 -36.92
C ASP L 250 -5.82 -59.93 -37.68
N GLU L 251 -5.15 -58.80 -37.50
CA GLU L 251 -3.92 -58.53 -38.25
C GLU L 251 -2.82 -59.54 -37.95
N TYR L 252 -2.31 -59.55 -36.71
CA TYR L 252 -1.10 -60.31 -36.42
C TYR L 252 -1.26 -61.21 -35.20
N ILE L 253 -2.15 -60.86 -34.28
CA ILE L 253 -2.26 -61.60 -33.02
C ILE L 253 -2.53 -63.07 -33.30
N ASN L 254 -3.67 -63.36 -33.93
CA ASN L 254 -3.98 -64.73 -34.28
C ASN L 254 -2.98 -65.28 -35.31
N ASP L 255 -2.60 -64.44 -36.29
CA ASP L 255 -1.62 -64.86 -37.28
C ASP L 255 -0.38 -65.46 -36.62
N ILE L 256 0.31 -64.65 -35.82
CA ILE L 256 1.51 -65.14 -35.14
C ILE L 256 1.17 -66.28 -34.21
N ILE L 257 0.02 -66.21 -33.54
CA ILE L 257 -0.41 -67.29 -32.66
C ILE L 257 -0.71 -68.55 -33.48
N ASN L 258 -1.04 -68.39 -34.76
CA ASN L 258 -1.40 -69.51 -35.63
C ASN L 258 -0.59 -69.47 -36.91
N LYS L 259 0.69 -69.10 -36.82
CA LYS L 259 1.60 -69.14 -37.96
C LYS L 259 2.84 -69.97 -37.62
N ASP L 260 3.26 -69.91 -36.35
CA ASP L 260 4.41 -70.68 -35.88
C ASP L 260 5.65 -70.37 -36.72
N ASP L 261 6.07 -69.11 -36.66
CA ASP L 261 7.23 -68.62 -37.40
C ASP L 261 8.35 -68.26 -36.44
N PHE L 262 9.55 -68.15 -36.99
CA PHE L 262 10.70 -67.74 -36.19
C PHE L 262 10.47 -66.33 -35.63
N TYR L 263 10.98 -66.10 -34.43
CA TYR L 263 10.79 -64.81 -33.78
C TYR L 263 11.67 -63.73 -34.40
N ARG L 264 11.14 -62.52 -34.44
CA ARG L 264 11.86 -61.33 -34.87
C ARG L 264 11.38 -60.20 -33.97
N GLY L 265 11.62 -58.96 -34.38
CA GLY L 265 11.09 -57.82 -33.64
C GLY L 265 9.58 -57.76 -33.79
N GLN L 266 8.91 -58.82 -33.31
CA GLN L 266 7.48 -59.00 -33.56
C GLN L 266 6.70 -57.75 -33.15
N HIS L 267 6.75 -57.40 -31.87
CA HIS L 267 6.22 -56.12 -31.42
C HIS L 267 7.02 -55.69 -30.19
N LEU L 268 7.20 -54.37 -30.06
CA LEU L 268 8.16 -53.81 -29.11
C LEU L 268 7.59 -53.90 -27.70
N ILE L 269 7.85 -55.02 -27.04
CA ILE L 269 7.53 -55.21 -25.63
C ILE L 269 8.72 -55.94 -25.00
N TYR L 270 8.96 -55.68 -23.72
CA TYR L 270 10.26 -56.03 -23.14
C TYR L 270 10.13 -56.97 -21.95
N PRO L 271 9.86 -58.25 -22.16
CA PRO L 271 10.09 -59.23 -21.10
C PRO L 271 11.53 -59.73 -21.16
N GLY L 272 12.27 -59.55 -20.09
CA GLY L 272 13.68 -59.88 -20.07
C GLY L 272 14.47 -58.92 -19.20
N ALA L 273 15.61 -59.41 -18.70
CA ALA L 273 16.38 -58.64 -17.73
C ALA L 273 17.07 -57.44 -18.37
N ASN L 274 17.48 -57.55 -19.63
CA ASN L 274 18.23 -56.46 -20.27
C ASN L 274 17.25 -55.39 -20.74
N LYS L 275 17.28 -54.25 -20.07
CA LYS L 275 16.49 -53.09 -20.48
C LYS L 275 17.14 -52.32 -21.63
N TYR L 276 18.46 -52.30 -21.69
CA TYR L 276 19.18 -51.64 -22.78
C TYR L 276 19.37 -52.56 -23.98
N SER L 277 18.67 -53.70 -24.02
CA SER L 277 18.58 -54.46 -25.27
C SER L 277 18.16 -53.57 -26.42
N HIS L 278 17.44 -52.49 -26.13
CA HIS L 278 17.01 -51.54 -27.15
C HIS L 278 18.18 -50.63 -27.51
N THR L 279 19.30 -51.22 -27.90
CA THR L 279 20.51 -50.49 -28.23
C THR L 279 20.50 -49.91 -29.63
N ILE L 280 19.37 -50.04 -30.35
CA ILE L 280 19.29 -49.60 -31.73
C ILE L 280 18.21 -48.54 -31.89
N GLY L 281 17.21 -48.56 -31.01
CA GLY L 281 16.06 -47.71 -31.12
C GLY L 281 16.10 -46.51 -30.20
N PHE L 282 14.95 -45.85 -30.07
CA PHE L 282 14.82 -44.60 -29.34
C PHE L 282 13.79 -44.63 -28.22
N VAL L 283 12.78 -45.51 -28.29
CA VAL L 283 11.72 -45.52 -27.27
C VAL L 283 12.33 -45.47 -25.88
N TYR L 284 13.25 -46.40 -25.60
CA TYR L 284 13.87 -46.45 -24.28
C TYR L 284 14.54 -45.12 -23.93
N GLY L 285 14.97 -44.36 -24.94
CA GLY L 285 15.65 -43.10 -24.70
C GLY L 285 14.74 -41.91 -24.49
N GLU L 286 13.41 -42.09 -24.53
CA GLU L 286 12.48 -40.97 -24.39
C GLU L 286 11.36 -41.25 -23.39
N MET L 287 11.55 -42.22 -22.48
CA MET L 287 10.61 -42.43 -21.39
C MET L 287 11.26 -42.34 -20.01
N PHE L 288 12.58 -42.26 -19.91
CA PHE L 288 13.27 -41.88 -18.69
C PHE L 288 13.72 -40.42 -18.71
N ARG L 289 14.27 -39.95 -19.83
CA ARG L 289 14.84 -38.61 -19.90
C ARG L 289 13.96 -37.60 -19.16
N ARG L 290 12.69 -37.56 -19.53
CA ARG L 290 11.74 -36.70 -18.83
C ARG L 290 11.43 -37.20 -17.43
N PHE L 291 11.58 -38.51 -17.17
CA PHE L 291 11.43 -38.99 -15.80
C PHE L 291 12.46 -38.35 -14.88
N GLY L 292 13.73 -38.30 -15.33
CA GLY L 292 14.75 -37.60 -14.57
C GLY L 292 14.52 -36.11 -14.53
N GLU L 293 14.07 -35.54 -15.65
CA GLU L 293 13.70 -34.12 -15.65
C GLU L 293 12.56 -33.83 -14.67
N PHE L 294 11.79 -34.86 -14.31
CA PHE L 294 10.65 -34.71 -13.41
C PHE L 294 11.04 -34.86 -11.93
N ILE L 295 11.59 -36.01 -11.54
CA ILE L 295 11.74 -36.30 -10.12
C ILE L 295 12.67 -35.32 -9.43
N SER L 296 13.54 -34.65 -10.18
CA SER L 296 14.46 -33.66 -9.64
C SER L 296 14.01 -32.28 -10.11
N LYS L 297 13.21 -31.61 -9.26
CA LYS L 297 12.73 -30.27 -9.56
C LYS L 297 12.02 -29.70 -8.34
N PRO L 298 12.04 -28.39 -8.12
CA PRO L 298 11.29 -27.83 -7.00
C PRO L 298 9.80 -28.12 -7.11
N GLN L 299 9.18 -28.38 -5.96
CA GLN L 299 7.73 -28.61 -5.87
C GLN L 299 7.31 -29.78 -6.77
N THR L 300 7.81 -30.97 -6.44
CA THR L 300 7.49 -32.17 -7.17
C THR L 300 7.15 -33.29 -6.19
N ALA L 301 6.38 -34.27 -6.68
CA ALA L 301 6.00 -35.43 -5.87
C ALA L 301 5.60 -36.55 -6.81
N LEU L 302 6.39 -37.63 -6.83
CA LEU L 302 6.10 -38.79 -7.67
C LEU L 302 5.25 -39.77 -6.87
N PHE L 303 4.02 -39.99 -7.33
CA PHE L 303 3.15 -40.97 -6.70
C PHE L 303 3.47 -42.37 -7.22
N ILE L 304 3.25 -43.37 -6.38
CA ILE L 304 3.56 -44.75 -6.71
C ILE L 304 2.55 -45.66 -6.04
N ASN L 305 2.31 -46.82 -6.65
CA ASN L 305 1.61 -47.92 -6.02
C ASN L 305 2.68 -48.89 -5.50
N GLY L 306 2.66 -49.14 -4.19
CA GLY L 306 3.82 -49.73 -3.54
C GLY L 306 3.82 -51.24 -3.38
N PHE L 307 4.60 -51.92 -4.22
CA PHE L 307 4.82 -53.36 -4.07
C PHE L 307 6.02 -53.75 -4.92
N GLY L 308 6.92 -54.55 -4.35
CA GLY L 308 8.03 -55.12 -5.09
C GLY L 308 9.23 -54.21 -5.22
N PHE L 309 9.14 -53.20 -6.09
CA PHE L 309 10.26 -52.30 -6.37
C PHE L 309 11.48 -53.08 -6.84
N GLY L 310 11.31 -53.78 -7.97
CA GLY L 310 12.30 -54.73 -8.44
C GLY L 310 13.02 -54.36 -9.72
N ASP L 311 13.53 -53.13 -9.82
CA ASP L 311 14.28 -52.68 -10.97
C ASP L 311 15.65 -52.17 -10.54
N TYR L 312 16.58 -52.11 -11.50
CA TYR L 312 17.93 -51.61 -11.27
C TYR L 312 18.10 -50.16 -11.70
N HIS L 313 17.23 -49.66 -12.58
CA HIS L 313 17.32 -48.32 -13.13
C HIS L 313 16.47 -47.30 -12.37
N ILE L 314 15.15 -47.51 -12.37
CA ILE L 314 14.23 -46.49 -11.89
C ILE L 314 14.42 -46.27 -10.39
N ASN L 315 14.47 -47.36 -9.61
CA ASN L 315 14.61 -47.22 -8.17
C ASN L 315 16.00 -46.70 -7.81
N ARG L 316 17.02 -47.12 -8.57
CA ARG L 316 18.37 -46.59 -8.36
C ARG L 316 18.37 -45.08 -8.47
N ILE L 317 17.74 -44.54 -9.52
CA ILE L 317 17.67 -43.09 -9.64
C ILE L 317 16.77 -42.50 -8.55
N ILE L 318 15.70 -43.21 -8.19
CA ILE L 318 14.68 -42.67 -7.30
C ILE L 318 15.28 -42.38 -5.92
N LEU L 319 15.98 -43.36 -5.35
CA LEU L 319 16.56 -43.15 -4.02
C LEU L 319 17.52 -41.98 -4.01
N GLY L 320 18.46 -41.96 -4.96
CA GLY L 320 19.43 -40.89 -5.00
C GLY L 320 18.84 -39.52 -5.28
N ALA L 321 17.66 -39.47 -5.91
CA ALA L 321 17.06 -38.18 -6.21
C ALA L 321 16.54 -37.44 -4.98
N LEU L 322 16.45 -38.10 -3.83
CA LEU L 322 15.84 -37.49 -2.65
C LEU L 322 16.72 -36.43 -1.98
N LEU L 323 17.87 -36.08 -2.54
CA LEU L 323 18.78 -35.16 -1.85
C LEU L 323 18.23 -33.74 -1.74
N ASN L 324 17.15 -33.41 -2.46
CA ASN L 324 16.56 -32.08 -2.37
C ASN L 324 15.24 -32.16 -1.61
N PRO L 325 14.94 -31.23 -0.70
CA PRO L 325 13.79 -31.43 0.19
C PRO L 325 12.44 -31.38 -0.51
N SER L 326 12.33 -30.63 -1.61
CA SER L 326 11.01 -30.40 -2.20
C SER L 326 10.34 -31.71 -2.61
N PHE L 327 11.09 -32.61 -3.24
CA PHE L 327 10.52 -33.88 -3.65
C PHE L 327 10.02 -34.66 -2.44
N HIS L 328 8.86 -35.29 -2.61
CA HIS L 328 8.30 -36.19 -1.60
C HIS L 328 7.78 -37.43 -2.30
N VAL L 329 7.78 -38.54 -1.57
CA VAL L 329 7.27 -39.81 -2.09
C VAL L 329 6.33 -40.40 -1.06
N VAL L 330 5.15 -40.82 -1.52
CA VAL L 330 4.14 -41.45 -0.67
C VAL L 330 3.83 -42.81 -1.26
N ILE L 331 4.08 -43.87 -0.48
CA ILE L 331 3.95 -45.24 -0.96
C ILE L 331 3.24 -46.07 0.10
N TYR L 332 2.70 -47.20 -0.33
CA TYR L 332 2.03 -48.16 0.54
C TYR L 332 2.86 -49.43 0.64
N TYR L 333 2.93 -50.02 1.83
CA TYR L 333 3.74 -51.22 2.04
C TYR L 333 3.21 -52.00 3.23
N PRO L 334 2.11 -52.75 3.06
CA PRO L 334 1.57 -53.51 4.21
C PRO L 334 2.54 -54.52 4.79
N GLU L 335 3.42 -55.09 3.96
CA GLU L 335 4.34 -56.12 4.43
C GLU L 335 5.45 -55.51 5.27
N LEU L 336 5.12 -55.08 6.48
CA LEU L 336 6.07 -54.44 7.39
C LEU L 336 6.56 -55.40 8.47
N LYS L 337 5.65 -55.99 9.23
CA LYS L 337 6.05 -56.83 10.35
C LYS L 337 6.76 -58.09 9.87
N GLU L 338 6.15 -58.80 8.91
CA GLU L 338 6.75 -60.04 8.43
C GLU L 338 8.10 -59.77 7.76
N ALA L 339 8.16 -58.74 6.92
CA ALA L 339 9.42 -58.41 6.26
C ALA L 339 10.49 -58.00 7.26
N ILE L 340 10.11 -57.20 8.26
CA ILE L 340 11.08 -56.77 9.26
C ILE L 340 11.60 -57.98 10.04
N THR L 341 10.71 -58.89 10.43
CA THR L 341 11.14 -60.07 11.16
C THR L 341 12.07 -60.94 10.31
N LYS L 342 11.73 -61.11 9.03
CA LYS L 342 12.56 -61.95 8.16
C LYS L 342 13.93 -61.33 7.93
N VAL L 343 13.99 -60.00 7.76
CA VAL L 343 15.26 -59.36 7.45
C VAL L 343 16.09 -59.09 8.70
N SER L 344 15.48 -59.12 9.89
CA SER L 344 16.24 -58.87 11.11
C SER L 344 17.35 -59.90 11.28
N LYS L 345 17.05 -61.17 11.03
CA LYS L 345 18.03 -62.24 11.07
C LYS L 345 18.16 -62.81 9.65
N GLY L 346 19.31 -62.60 9.03
CA GLY L 346 19.56 -63.01 7.66
C GLY L 346 19.35 -61.88 6.68
N GLY L 347 19.59 -62.21 5.40
CA GLY L 347 19.45 -61.25 4.32
C GLY L 347 18.29 -61.63 3.39
N GLY L 348 17.99 -60.72 2.49
CA GLY L 348 16.88 -60.91 1.57
C GLY L 348 17.23 -60.58 0.13
N SER L 349 16.21 -60.56 -0.74
CA SER L 349 16.42 -60.28 -2.15
C SER L 349 16.88 -58.84 -2.35
N GLU L 350 17.28 -58.54 -3.60
CA GLU L 350 17.69 -57.19 -3.93
C GLU L 350 16.54 -56.19 -3.72
N ALA L 351 15.34 -56.55 -4.19
CA ALA L 351 14.21 -55.64 -4.08
C ALA L 351 13.81 -55.41 -2.63
N GLU L 352 13.78 -56.47 -1.82
CA GLU L 352 13.40 -56.32 -0.42
C GLU L 352 14.40 -55.44 0.32
N LYS L 353 15.70 -55.65 0.09
CA LYS L 353 16.70 -54.80 0.71
C LYS L 353 16.56 -53.37 0.24
N ALA L 354 16.32 -53.16 -1.04
CA ALA L 354 16.17 -51.80 -1.56
C ALA L 354 14.99 -51.10 -0.90
N ILE L 355 13.86 -51.79 -0.76
CA ILE L 355 12.68 -51.15 -0.19
C ILE L 355 12.87 -50.88 1.31
N VAL L 356 13.46 -51.84 2.04
CA VAL L 356 13.73 -51.60 3.46
C VAL L 356 14.87 -50.63 3.68
N THR L 357 15.57 -50.23 2.62
CA THR L 357 16.61 -49.21 2.75
C THR L 357 16.10 -47.98 3.48
N LEU L 358 14.88 -47.55 3.17
CA LEU L 358 14.37 -46.30 3.70
C LEU L 358 13.87 -46.42 5.14
N LYS L 359 13.72 -47.64 5.67
CA LYS L 359 13.36 -47.78 7.07
C LYS L 359 14.44 -47.18 7.97
N ASN L 360 15.71 -47.47 7.67
CA ASN L 360 16.80 -46.84 8.40
C ASN L 360 16.83 -45.34 8.15
N MET L 361 16.39 -44.90 6.98
CA MET L 361 16.32 -43.48 6.68
C MET L 361 15.15 -42.86 7.42
N ALA L 362 15.41 -41.80 8.18
CA ALA L 362 14.41 -41.16 9.02
C ALA L 362 13.77 -39.95 8.35
N PHE L 363 14.05 -39.72 7.07
CA PHE L 363 13.50 -38.56 6.38
C PHE L 363 11.97 -38.61 6.39
N ASN L 364 11.36 -37.56 6.95
CA ASN L 364 9.91 -37.42 6.85
C ASN L 364 9.46 -37.22 5.40
N GLN L 365 10.40 -36.88 4.51
CA GLN L 365 10.06 -36.70 3.11
C GLN L 365 9.52 -37.98 2.48
N VAL L 366 9.79 -39.14 3.08
CA VAL L 366 9.32 -40.42 2.58
C VAL L 366 8.21 -40.90 3.50
N THR L 367 7.30 -41.70 2.95
CA THR L 367 6.13 -42.18 3.68
C THR L 367 5.89 -43.65 3.35
N VAL L 368 5.20 -44.33 4.27
CA VAL L 368 4.80 -45.72 4.09
C VAL L 368 3.46 -45.91 4.76
N VAL L 369 2.62 -46.76 4.17
CA VAL L 369 1.28 -47.02 4.68
C VAL L 369 1.06 -48.52 4.77
N GLY L 370 0.20 -48.94 5.69
CA GLY L 370 -0.14 -50.33 5.88
C GLY L 370 -1.45 -50.46 6.63
N GLY L 371 -1.87 -51.70 6.83
CA GLY L 371 -3.10 -51.98 7.55
C GLY L 371 -4.05 -52.88 6.76
N GLY L 372 -3.54 -53.56 5.75
CA GLY L 372 -4.34 -54.47 4.97
C GLY L 372 -5.29 -53.77 4.01
N SER L 373 -6.60 -53.93 4.25
CA SER L 373 -7.59 -53.33 3.35
C SER L 373 -7.45 -51.81 3.29
N LYS L 374 -6.92 -51.20 4.35
CA LYS L 374 -6.74 -49.76 4.37
C LYS L 374 -5.62 -49.28 3.45
N ALA L 375 -4.83 -50.20 2.89
CA ALA L 375 -3.69 -49.87 2.05
C ALA L 375 -3.85 -50.44 0.65
N TYR L 376 -5.03 -50.28 0.07
CA TYR L 376 -5.33 -50.77 -1.26
C TYR L 376 -5.32 -49.63 -2.28
N PHE L 377 -5.38 -50.00 -3.55
CA PHE L 377 -5.38 -49.01 -4.62
C PHE L 377 -6.61 -48.12 -4.56
N ASN L 378 -7.73 -48.65 -4.04
CA ASN L 378 -8.92 -47.83 -3.86
C ASN L 378 -8.64 -46.67 -2.90
N SER L 379 -7.85 -46.92 -1.86
CA SER L 379 -7.44 -45.84 -0.96
C SER L 379 -6.65 -44.78 -1.73
N PHE L 380 -5.75 -45.22 -2.61
CA PHE L 380 -5.01 -44.26 -3.43
C PHE L 380 -5.96 -43.42 -4.27
N VAL L 381 -6.93 -44.05 -4.93
CA VAL L 381 -7.84 -43.31 -5.80
C VAL L 381 -8.65 -42.32 -4.98
N GLU L 382 -9.23 -42.78 -3.87
CA GLU L 382 -10.03 -41.90 -3.04
C GLU L 382 -9.18 -40.83 -2.36
N HIS L 383 -7.88 -41.05 -2.24
CA HIS L 383 -6.99 -40.05 -1.64
C HIS L 383 -6.60 -39.01 -2.69
N LEU L 384 -7.60 -38.48 -3.39
CA LEU L 384 -7.42 -37.36 -4.31
C LEU L 384 -8.59 -36.40 -4.07
N PRO L 385 -8.61 -35.75 -2.91
CA PRO L 385 -9.81 -35.00 -2.50
C PRO L 385 -10.19 -33.93 -3.52
N TYR L 386 -11.48 -33.61 -3.54
CA TYR L 386 -12.00 -32.70 -4.54
C TYR L 386 -11.37 -31.32 -4.37
N PRO L 387 -11.16 -30.60 -5.48
CA PRO L 387 -10.58 -29.26 -5.37
C PRO L 387 -11.54 -28.32 -4.63
N VAL L 388 -10.95 -27.31 -3.98
CA VAL L 388 -11.75 -26.39 -3.19
C VAL L 388 -12.76 -25.69 -4.10
N LEU L 389 -14.03 -25.78 -3.73
CA LEU L 389 -15.11 -25.14 -4.47
C LEU L 389 -15.93 -24.29 -3.51
N PHE L 390 -16.18 -23.05 -3.88
CA PHE L 390 -16.94 -22.11 -3.06
C PHE L 390 -16.40 -22.09 -1.62
N PRO L 391 -15.14 -21.71 -1.44
CA PRO L 391 -14.57 -21.71 -0.08
C PRO L 391 -15.32 -20.78 0.84
N ARG L 392 -15.40 -21.18 2.11
CA ARG L 392 -16.09 -20.42 3.15
C ARG L 392 -15.21 -20.37 4.39
N ASP L 393 -15.70 -19.69 5.43
CA ASP L 393 -15.02 -19.57 6.70
C ASP L 393 -15.65 -20.54 7.69
N ASN L 394 -14.86 -21.51 8.16
CA ASN L 394 -15.33 -22.51 9.11
C ASN L 394 -15.12 -22.11 10.55
#